data_3S7V
#
_entry.id   3S7V
#
_cell.length_a   70.330
_cell.length_b   82.780
_cell.length_c   142.060
_cell.angle_alpha   87.01
_cell.angle_beta   98.23
_cell.angle_gamma   108.65
#
_symmetry.space_group_name_H-M   'P 1'
#
loop_
_entity.id
_entity.type
_entity.pdbx_description
1 polymer 'Major capsid protein VP1'
2 water water
#
_entity_poly.entity_id   1
_entity_poly.type   'polypeptide(L)'
_entity_poly.pdbx_seq_one_letter_code
;GSHMGGVEVLAAVPLSEETEFKVELFVKPVIGNTTAAQDGREPTPHYWSISSAIHDKESGSSIKVEETPDADTTVCYSLA
EIAPPDIPNQVSECDMKVWELYRMETELLVVPLVNALGNTNGVVHGLAGTQLYFWAVGGQPLDVVGVTPTDKYKGPTTYT
INPPGDPRTLHVYNSNTPKAKVTSERYSVESWAPDPSRNDNCRYFGRVVGGAATPPVVSYGNNSTIPLLDENGIGILCLQ
GRLYITCADMLGTANSRIHTPMARFFRLHFRQRRVKN
;
_entity_poly.pdbx_strand_id   A,B,C,D,E,F,G,H,I,J
#
# COMPACT_ATOMS: atom_id res chain seq x y z
N GLU A 8 9.12 -23.99 -10.97
CA GLU A 8 9.28 -25.40 -10.52
C GLU A 8 10.75 -25.88 -10.59
N VAL A 9 11.34 -26.14 -9.42
CA VAL A 9 12.79 -26.37 -9.25
C VAL A 9 13.18 -27.86 -9.24
N LEU A 10 14.15 -28.22 -10.07
CA LEU A 10 14.65 -29.60 -10.13
C LEU A 10 15.99 -29.74 -9.37
N ALA A 11 16.85 -30.65 -9.82
CA ALA A 11 18.09 -30.95 -9.11
C ALA A 11 19.25 -30.01 -9.46
N ALA A 12 20.20 -29.91 -8.54
CA ALA A 12 21.45 -29.17 -8.78
C ALA A 12 22.30 -29.88 -9.83
N VAL A 13 23.00 -29.09 -10.64
CA VAL A 13 23.95 -29.64 -11.60
C VAL A 13 25.23 -30.02 -10.84
N PRO A 14 25.79 -31.22 -11.11
CA PRO A 14 27.07 -31.62 -10.54
C PRO A 14 28.13 -30.50 -10.62
N LEU A 15 28.68 -30.11 -9.47
CA LEU A 15 29.70 -29.06 -9.37
C LEU A 15 30.93 -29.33 -10.24
N SER A 16 31.00 -28.62 -11.37
CA SER A 16 32.04 -28.79 -12.37
C SER A 16 32.75 -27.45 -12.59
N GLU A 17 33.78 -27.42 -13.42
CA GLU A 17 34.50 -26.18 -13.71
C GLU A 17 33.67 -25.15 -14.48
N GLU A 18 32.94 -25.58 -15.49
CA GLU A 18 32.15 -24.65 -16.29
C GLU A 18 30.78 -24.37 -15.67
N THR A 19 30.39 -25.20 -14.69
CA THR A 19 29.10 -25.05 -14.00
C THR A 19 29.22 -24.25 -12.69
N GLU A 20 30.44 -23.84 -12.35
CA GLU A 20 30.71 -22.99 -11.19
C GLU A 20 31.08 -21.57 -11.62
N PHE A 21 30.83 -20.61 -10.75
CA PHE A 21 31.21 -19.23 -10.99
C PHE A 21 31.36 -18.42 -9.69
N LYS A 22 32.45 -17.67 -9.60
CA LYS A 22 32.76 -16.86 -8.42
C LYS A 22 33.06 -15.41 -8.78
N VAL A 23 32.53 -14.48 -7.99
CA VAL A 23 32.88 -13.07 -8.13
C VAL A 23 33.09 -12.42 -6.79
N GLU A 24 34.08 -11.54 -6.74
CA GLU A 24 34.32 -10.68 -5.60
C GLU A 24 34.00 -9.24 -5.99
N LEU A 25 33.39 -8.48 -5.07
CA LEU A 25 33.14 -7.07 -5.33
C LEU A 25 33.04 -6.31 -4.03
N PHE A 26 33.29 -5.01 -4.12
CA PHE A 26 33.10 -4.11 -3.00
C PHE A 26 31.89 -3.23 -3.30
N VAL A 27 30.93 -3.15 -2.37
CA VAL A 27 29.82 -2.26 -2.56
C VAL A 27 30.02 -1.01 -1.71
N LYS A 28 29.94 0.14 -2.36
CA LYS A 28 30.16 1.44 -1.73
C LYS A 28 28.92 1.87 -0.96
N PRO A 29 29.11 2.54 0.18
CA PRO A 29 28.01 3.18 0.90
C PRO A 29 27.45 4.35 0.12
N VAL A 30 26.18 4.66 0.35
CA VAL A 30 25.49 5.74 -0.33
C VAL A 30 24.96 6.79 0.64
N ILE A 31 25.32 8.03 0.40
CA ILE A 31 24.72 9.17 1.10
C ILE A 31 24.00 10.09 0.10
N GLY A 32 22.88 10.67 0.54
CA GLY A 32 22.06 11.53 -0.30
C GLY A 32 22.78 12.79 -0.74
N ASN A 33 22.35 13.29 -1.90
CA ASN A 33 22.98 14.40 -2.58
C ASN A 33 22.00 15.56 -2.67
N THR A 34 22.39 16.72 -2.15
CA THR A 34 21.51 17.89 -2.12
C THR A 34 21.41 18.61 -3.47
N THR A 35 22.49 18.56 -4.27
CA THR A 35 22.53 19.25 -5.57
C THR A 35 21.65 18.61 -6.66
N ALA A 36 21.32 19.44 -7.64
CA ALA A 36 20.63 19.03 -8.86
C ALA A 36 21.56 18.25 -9.77
N GLU A 42 19.08 11.62 -14.03
CA GLU A 42 19.10 10.93 -12.74
C GLU A 42 19.97 11.63 -11.68
N PRO A 43 19.47 11.76 -10.44
CA PRO A 43 20.29 12.30 -9.36
C PRO A 43 21.47 11.38 -9.06
N THR A 44 22.60 11.97 -8.68
CA THR A 44 23.85 11.24 -8.46
C THR A 44 24.03 10.93 -6.98
N PRO A 45 24.30 9.65 -6.64
CA PRO A 45 24.62 9.31 -5.25
C PRO A 45 25.98 9.86 -4.83
N HIS A 46 26.13 10.20 -3.56
CA HIS A 46 27.45 10.40 -2.97
C HIS A 46 27.93 9.06 -2.43
N TYR A 47 29.07 8.61 -2.93
CA TYR A 47 29.73 7.46 -2.34
C TYR A 47 30.66 7.97 -1.25
N TRP A 48 30.07 8.19 -0.07
CA TRP A 48 30.77 8.68 1.10
C TRP A 48 30.61 7.71 2.28
N SER A 49 31.64 7.62 3.12
CA SER A 49 31.50 6.91 4.39
C SER A 49 31.36 7.88 5.56
N ILE A 50 31.26 9.16 5.24
CA ILE A 50 31.08 10.23 6.21
C ILE A 50 30.14 11.30 5.62
N SER A 51 29.02 11.54 6.30
CA SER A 51 27.98 12.45 5.83
C SER A 51 28.29 13.90 6.17
N SER A 52 27.39 14.80 5.80
CA SER A 52 27.44 16.19 6.25
C SER A 52 26.94 16.27 7.68
N ALA A 53 27.28 17.35 8.37
CA ALA A 53 26.90 17.54 9.77
C ALA A 53 25.39 17.72 9.91
N ILE A 54 24.81 17.06 10.91
CA ILE A 54 23.42 17.27 11.29
C ILE A 54 23.37 18.48 12.22
N HIS A 55 22.60 19.49 11.82
CA HIS A 55 22.44 20.71 12.60
C HIS A 55 21.15 21.40 12.21
N ASP A 56 20.51 22.11 13.14
CA ASP A 56 19.33 22.91 12.77
C ASP A 56 19.73 24.12 11.90
N LYS A 57 18.76 24.65 11.16
CA LYS A 57 18.99 25.83 10.34
C LYS A 57 19.00 27.07 11.22
N GLU A 58 19.45 28.19 10.65
CA GLU A 58 19.44 29.49 11.34
C GLU A 58 18.03 29.80 11.86
N SER A 59 17.95 30.58 12.95
CA SER A 59 16.68 30.81 13.67
C SER A 59 15.52 31.25 12.77
N GLY A 60 15.81 32.11 11.80
CA GLY A 60 14.81 32.63 10.86
C GLY A 60 14.13 31.60 9.97
N SER A 61 14.85 30.52 9.66
CA SER A 61 14.42 29.50 8.70
C SER A 61 13.16 28.78 9.10
N SER A 62 12.37 28.40 8.11
CA SER A 62 11.16 27.62 8.34
C SER A 62 11.37 26.13 8.07
N ILE A 63 12.62 25.76 7.76
CA ILE A 63 12.96 24.36 7.49
C ILE A 63 13.26 23.65 8.81
N LYS A 64 12.46 22.63 9.11
CA LYS A 64 12.66 21.84 10.31
C LYS A 64 13.42 20.55 9.97
N VAL A 65 14.67 20.52 10.40
CA VAL A 65 15.64 19.47 10.07
C VAL A 65 15.23 18.06 10.53
N GLU A 66 14.42 17.97 11.59
CA GLU A 66 13.88 16.69 12.03
C GLU A 66 12.71 16.21 11.18
N GLU A 67 12.20 17.09 10.32
CA GLU A 67 11.08 16.74 9.43
C GLU A 67 11.56 16.56 7.98
N THR A 68 12.40 17.49 7.55
CA THR A 68 12.97 17.44 6.21
C THR A 68 14.47 17.66 6.34
N PRO A 69 15.23 16.59 6.59
CA PRO A 69 16.67 16.76 6.70
C PRO A 69 17.27 16.93 5.32
N ASP A 70 18.49 17.47 5.26
CA ASP A 70 19.25 17.51 4.02
C ASP A 70 19.52 16.07 3.57
N ALA A 71 19.39 15.82 2.27
CA ALA A 71 19.71 14.49 1.71
C ALA A 71 21.12 14.06 2.16
N ASP A 72 21.97 15.07 2.30
CA ASP A 72 23.32 15.05 2.87
C ASP A 72 23.56 14.22 4.13
N THR A 73 22.50 14.02 4.91
CA THR A 73 22.63 13.46 6.24
C THR A 73 21.85 12.18 6.38
N THR A 74 21.56 11.53 5.26
CA THR A 74 20.92 10.22 5.35
C THR A 74 21.62 9.18 4.49
N VAL A 75 21.57 7.93 4.95
CA VAL A 75 22.12 6.79 4.23
C VAL A 75 21.03 6.14 3.39
N CYS A 76 21.34 5.81 2.15
CA CYS A 76 20.40 5.06 1.33
C CYS A 76 20.96 3.68 1.04
N TYR A 77 20.10 2.74 0.69
CA TYR A 77 20.54 1.38 0.35
C TYR A 77 21.45 1.42 -0.86
N SER A 78 22.55 0.67 -0.77
CA SER A 78 23.47 0.53 -1.86
C SER A 78 23.03 -0.60 -2.77
N LEU A 79 23.36 -0.49 -4.06
CA LEU A 79 22.97 -1.49 -5.05
C LEU A 79 24.13 -2.01 -5.88
N ALA A 80 24.06 -3.30 -6.22
CA ALA A 80 24.95 -3.91 -7.18
C ALA A 80 24.23 -5.07 -7.88
N GLU A 81 24.54 -5.27 -9.16
CA GLU A 81 23.97 -6.38 -9.91
C GLU A 81 25.08 -7.24 -10.45
N ILE A 82 24.87 -8.55 -10.46
CA ILE A 82 25.84 -9.48 -11.03
C ILE A 82 25.14 -10.36 -12.04
N ALA A 83 25.68 -10.37 -13.26
CA ALA A 83 25.19 -11.25 -14.32
C ALA A 83 26.28 -12.28 -14.61
N PRO A 84 26.12 -13.50 -14.07
CA PRO A 84 27.08 -14.58 -14.33
C PRO A 84 27.09 -14.94 -15.82
N PRO A 85 28.15 -15.64 -16.29
CA PRO A 85 28.29 -15.90 -17.73
C PRO A 85 27.09 -16.64 -18.30
N ASP A 86 26.85 -16.45 -19.60
CA ASP A 86 25.79 -17.16 -20.30
C ASP A 86 25.96 -18.67 -20.25
N ILE A 87 24.84 -19.39 -20.31
CA ILE A 87 24.87 -20.85 -20.26
C ILE A 87 24.66 -21.49 -21.65
N MET A 96 15.21 -24.51 -18.27
CA MET A 96 16.54 -25.03 -18.54
C MET A 96 17.42 -24.91 -17.29
N LYS A 97 18.72 -24.70 -17.51
CA LYS A 97 19.69 -24.49 -16.43
C LYS A 97 19.76 -23.01 -16.05
N VAL A 98 19.89 -22.75 -14.75
CA VAL A 98 19.92 -21.39 -14.24
C VAL A 98 20.98 -21.25 -13.12
N TRP A 99 21.56 -20.07 -12.99
CA TRP A 99 22.56 -19.83 -11.94
C TRP A 99 21.94 -19.77 -10.55
N GLU A 100 22.56 -20.46 -9.60
CA GLU A 100 22.09 -20.54 -8.23
C GLU A 100 23.17 -20.11 -7.26
N LEU A 101 22.91 -19.03 -6.51
CA LEU A 101 23.78 -18.57 -5.45
C LEU A 101 23.55 -19.45 -4.23
N TYR A 102 24.54 -20.26 -3.87
CA TYR A 102 24.37 -21.24 -2.80
C TYR A 102 25.11 -20.92 -1.51
N ARG A 103 26.14 -20.08 -1.63
CA ARG A 103 26.84 -19.56 -0.46
C ARG A 103 27.55 -18.26 -0.80
N MET A 104 27.94 -17.52 0.23
CA MET A 104 28.66 -16.28 0.04
C MET A 104 29.44 -15.95 1.30
N GLU A 105 30.43 -15.09 1.15
CA GLU A 105 30.98 -14.43 2.29
C GLU A 105 30.76 -12.94 2.10
N THR A 106 30.48 -12.28 3.21
CA THR A 106 30.36 -10.81 3.22
C THR A 106 31.08 -10.27 4.44
N GLU A 107 31.73 -9.14 4.26
CA GLU A 107 32.67 -8.68 5.24
C GLU A 107 32.72 -7.17 5.14
N LEU A 108 32.84 -6.51 6.27
CA LEU A 108 32.86 -5.05 6.30
C LEU A 108 34.27 -4.50 6.28
N LEU A 109 34.48 -3.44 5.50
CA LEU A 109 35.76 -2.80 5.37
C LEU A 109 35.80 -1.57 6.29
N VAL A 110 36.65 -1.67 7.29
CA VAL A 110 36.51 -0.86 8.47
C VAL A 110 37.87 -0.62 9.14
N VAL A 111 38.06 0.59 9.66
CA VAL A 111 39.23 0.92 10.48
C VAL A 111 38.76 1.65 11.75
N PRO A 112 39.51 1.50 12.85
CA PRO A 112 39.11 2.27 14.03
C PRO A 112 39.32 3.76 13.81
N LEU A 113 38.36 4.58 14.22
CA LEU A 113 38.50 6.03 14.09
C LEU A 113 38.89 6.62 15.43
N VAL A 114 40.10 7.19 15.49
CA VAL A 114 40.62 7.81 16.72
C VAL A 114 41.08 9.26 16.45
N ASN A 115 42.31 9.42 15.96
CA ASN A 115 42.84 10.76 15.67
C ASN A 115 41.98 11.60 14.73
N ALA A 116 41.39 10.96 13.71
CA ALA A 116 40.63 11.67 12.69
C ALA A 116 39.42 12.40 13.24
N LEU A 117 39.00 12.01 14.44
CA LEU A 117 37.79 12.57 15.04
C LEU A 117 38.08 13.82 15.88
N GLY A 118 39.36 14.09 16.14
CA GLY A 118 39.77 15.23 16.95
C GLY A 118 39.55 15.03 18.44
N ASN A 119 39.69 16.13 19.17
CA ASN A 119 39.58 16.10 20.63
C ASN A 119 39.16 17.45 21.21
N THR A 120 38.63 17.42 22.42
CA THR A 120 38.30 18.61 23.18
C THR A 120 39.22 18.65 24.39
N ASN A 121 40.23 19.51 24.32
CA ASN A 121 41.25 19.64 25.37
C ASN A 121 41.82 18.33 25.84
N GLY A 122 42.10 17.43 24.90
CA GLY A 122 42.66 16.14 25.24
C GLY A 122 41.64 15.03 25.47
N VAL A 123 40.35 15.38 25.53
CA VAL A 123 39.33 14.35 25.58
C VAL A 123 39.05 13.88 24.14
N VAL A 124 39.49 12.66 23.85
CA VAL A 124 39.38 12.06 22.52
C VAL A 124 37.92 11.85 22.13
N HIS A 125 37.57 12.27 20.91
CA HIS A 125 36.22 12.03 20.37
C HIS A 125 36.08 10.61 19.83
N GLY A 126 34.85 10.09 19.81
CA GLY A 126 34.60 8.73 19.37
C GLY A 126 33.42 8.59 18.44
N LEU A 127 33.40 7.52 17.66
CA LEU A 127 32.26 7.18 16.82
C LEU A 127 31.30 6.34 17.64
N ALA A 128 30.05 6.77 17.70
CA ALA A 128 29.01 6.08 18.49
C ALA A 128 27.65 6.56 18.05
N GLY A 129 26.61 5.79 18.38
CA GLY A 129 25.24 6.12 18.06
C GLY A 129 24.43 5.00 17.42
N THR A 130 23.33 5.40 16.79
CA THR A 130 22.41 4.48 16.18
C THR A 130 22.98 3.83 14.92
N GLN A 131 22.78 2.51 14.80
CA GLN A 131 23.47 1.69 13.81
C GLN A 131 22.50 0.85 13.00
N LEU A 132 22.92 0.51 11.78
CA LEU A 132 22.25 -0.47 10.93
C LEU A 132 23.30 -1.32 10.24
N TYR A 133 23.05 -2.63 10.21
CA TYR A 133 23.90 -3.57 9.47
C TYR A 133 22.97 -4.42 8.67
N PHE A 134 22.99 -4.24 7.37
CA PHE A 134 22.02 -4.90 6.52
C PHE A 134 22.61 -5.38 5.20
N TRP A 135 22.26 -6.60 4.81
CA TRP A 135 22.53 -7.11 3.48
C TRP A 135 21.37 -7.92 2.96
N ALA A 136 21.22 -7.92 1.64
CA ALA A 136 20.20 -8.68 0.94
C ALA A 136 20.76 -9.15 -0.38
N VAL A 137 20.29 -10.31 -0.80
CA VAL A 137 20.85 -11.02 -1.92
C VAL A 137 19.66 -11.77 -2.56
N GLY A 138 19.36 -11.45 -3.82
CA GLY A 138 18.14 -11.95 -4.46
C GLY A 138 18.15 -12.00 -5.98
N GLY A 139 17.24 -12.81 -6.54
CA GLY A 139 17.08 -12.92 -8.00
C GLY A 139 16.21 -11.84 -8.63
N GLN A 140 15.85 -10.84 -7.82
CA GLN A 140 15.06 -9.68 -8.23
C GLN A 140 15.37 -8.57 -7.21
N PRO A 141 14.97 -7.33 -7.51
CA PRO A 141 15.29 -6.28 -6.53
C PRO A 141 14.65 -6.51 -5.15
N LEU A 142 15.21 -5.90 -4.13
CA LEU A 142 14.66 -6.01 -2.78
C LEU A 142 13.27 -5.36 -2.65
N ASP A 143 12.31 -6.14 -2.15
CA ASP A 143 10.98 -5.63 -1.84
C ASP A 143 11.06 -4.86 -0.53
N VAL A 144 10.57 -3.63 -0.57
CA VAL A 144 10.73 -2.76 0.57
C VAL A 144 9.37 -2.15 0.93
N VAL A 145 9.26 -1.69 2.17
CA VAL A 145 8.01 -1.17 2.71
C VAL A 145 8.21 0.23 3.28
N GLY A 146 7.35 1.17 2.89
CA GLY A 146 7.49 2.59 3.25
C GLY A 146 6.92 2.95 4.60
N VAL A 147 7.70 3.68 5.38
CA VAL A 147 7.38 3.87 6.79
C VAL A 147 7.84 5.25 7.27
N THR A 148 7.18 5.79 8.29
CA THR A 148 7.69 7.01 8.92
C THR A 148 8.04 6.76 10.38
N PRO A 149 9.17 7.33 10.85
CA PRO A 149 9.58 7.19 12.25
C PRO A 149 8.77 8.06 13.19
N THR A 150 8.14 9.09 12.62
CA THR A 150 7.49 10.15 13.37
C THR A 150 6.18 10.49 12.64
N ASP A 151 5.25 11.13 13.34
CA ASP A 151 4.02 11.62 12.72
C ASP A 151 4.28 12.83 11.81
N LYS A 152 5.52 13.32 11.79
CA LYS A 152 5.86 14.55 11.09
C LYS A 152 7.04 14.43 10.13
N TYR A 153 7.58 13.22 9.95
CA TYR A 153 8.77 13.04 9.13
C TYR A 153 8.44 12.87 7.64
N LYS A 154 8.94 13.79 6.82
CA LYS A 154 8.67 13.77 5.39
C LYS A 154 9.86 13.26 4.59
N GLY A 155 11.05 13.38 5.15
CA GLY A 155 12.29 13.06 4.45
C GLY A 155 12.84 14.27 3.71
N PRO A 156 14.00 14.11 3.05
CA PRO A 156 14.61 15.20 2.29
C PRO A 156 13.77 15.68 1.10
N THR A 157 13.81 16.98 0.85
CA THR A 157 13.02 17.56 -0.23
C THR A 157 13.63 17.34 -1.63
N THR A 158 14.86 16.81 -1.68
CA THR A 158 15.44 16.33 -2.94
C THR A 158 16.07 14.95 -2.77
N TYR A 159 16.50 14.39 -3.91
CA TYR A 159 17.23 13.13 -4.01
C TYR A 159 16.44 11.88 -3.64
N THR A 160 16.06 11.78 -2.37
CA THR A 160 15.40 10.57 -1.86
C THR A 160 14.02 10.36 -2.44
N ILE A 161 13.69 9.10 -2.71
CA ILE A 161 12.31 8.72 -2.97
C ILE A 161 11.66 8.47 -1.60
N ASN A 162 10.81 9.41 -1.18
CA ASN A 162 10.15 9.35 0.10
C ASN A 162 8.88 8.52 0.00
N PRO A 163 8.48 7.85 1.10
CA PRO A 163 7.24 7.10 1.09
C PRO A 163 6.05 8.00 0.80
N PRO A 164 5.23 7.64 -0.22
CA PRO A 164 4.00 8.38 -0.50
C PRO A 164 2.95 8.17 0.58
N GLY A 165 2.31 9.25 1.01
CA GLY A 165 1.24 9.18 2.01
C GLY A 165 1.41 10.23 3.09
N ASP A 166 0.37 10.44 3.90
CA ASP A 166 0.48 11.31 5.05
C ASP A 166 1.36 10.67 6.14
N PRO A 167 2.42 11.39 6.57
CA PRO A 167 3.33 10.91 7.62
C PRO A 167 2.61 10.51 8.91
N ARG A 168 1.44 11.10 9.16
CA ARG A 168 0.65 10.79 10.36
C ARG A 168 0.06 9.39 10.31
N THR A 169 0.01 8.80 9.12
CA THR A 169 -0.58 7.46 8.94
C THR A 169 0.43 6.38 8.53
N LEU A 170 1.70 6.73 8.46
CA LEU A 170 2.69 5.77 7.98
C LEU A 170 3.65 5.23 9.03
N HIS A 171 3.49 5.69 10.28
CA HIS A 171 4.35 5.23 11.36
C HIS A 171 3.93 3.87 11.93
N VAL A 172 3.00 3.23 11.25
CA VAL A 172 2.53 1.90 11.59
C VAL A 172 2.25 1.19 10.26
N TYR A 173 2.45 -0.12 10.18
CA TYR A 173 2.10 -0.86 8.97
C TYR A 173 0.58 -0.99 8.86
N ASN A 174 0.01 -0.45 7.79
CA ASN A 174 -1.42 -0.51 7.56
C ASN A 174 -1.73 -0.56 6.08
N SER A 175 -3.02 -0.46 5.75
CA SER A 175 -3.47 -0.46 4.36
C SER A 175 -2.81 0.62 3.46
N ASN A 176 -2.50 1.78 4.04
CA ASN A 176 -1.90 2.89 3.31
C ASN A 176 -0.38 2.78 3.13
N THR A 177 0.23 1.74 3.71
CA THR A 177 1.66 1.53 3.63
C THR A 177 2.08 1.29 2.18
N PRO A 178 2.95 2.16 1.63
CA PRO A 178 3.35 1.98 0.23
C PRO A 178 4.44 0.89 0.10
N LYS A 179 4.42 0.18 -1.03
CA LYS A 179 5.43 -0.82 -1.35
C LYS A 179 6.27 -0.32 -2.50
N ALA A 180 7.52 -0.77 -2.56
CA ALA A 180 8.44 -0.37 -3.62
C ALA A 180 9.57 -1.39 -3.75
N LYS A 181 10.29 -1.31 -4.86
CA LYS A 181 11.43 -2.17 -5.11
C LYS A 181 12.69 -1.31 -5.18
N VAL A 182 13.74 -1.74 -4.49
CA VAL A 182 14.97 -0.96 -4.46
C VAL A 182 15.68 -1.10 -5.81
N THR A 183 15.35 -0.19 -6.73
CA THR A 183 15.85 -0.21 -8.11
C THR A 183 16.77 0.97 -8.39
N SER A 184 16.92 1.85 -7.41
CA SER A 184 17.90 2.92 -7.45
C SER A 184 18.51 3.12 -6.06
N GLU A 185 19.54 3.96 -5.99
CA GLU A 185 20.24 4.21 -4.73
C GLU A 185 19.67 5.46 -4.03
N ARG A 186 18.35 5.55 -4.05
CA ARG A 186 17.65 6.74 -3.55
C ARG A 186 16.66 6.41 -2.44
N TYR A 187 16.73 5.20 -1.92
CA TYR A 187 15.86 4.76 -0.83
C TYR A 187 16.52 4.94 0.53
N SER A 188 16.09 5.96 1.26
CA SER A 188 16.63 6.25 2.58
C SER A 188 16.31 5.15 3.56
N VAL A 189 17.36 4.75 4.27
CA VAL A 189 17.34 3.68 5.23
C VAL A 189 16.47 4.00 6.46
N GLU A 190 16.12 5.27 6.59
CA GLU A 190 15.31 5.77 7.69
C GLU A 190 13.81 5.76 7.36
N SER A 191 13.48 5.41 6.10
CA SER A 191 12.11 5.48 5.60
C SER A 191 11.60 4.17 4.98
N TRP A 192 12.51 3.29 4.60
CA TRP A 192 12.13 2.04 3.94
C TRP A 192 12.77 0.85 4.63
N ALA A 193 11.94 -0.14 4.95
CA ALA A 193 12.40 -1.37 5.57
C ALA A 193 12.03 -2.55 4.69
N PRO A 194 12.86 -3.62 4.72
CA PRO A 194 12.58 -4.81 3.93
C PRO A 194 11.19 -5.36 4.21
N ASP A 195 10.51 -5.81 3.17
CA ASP A 195 9.15 -6.33 3.31
C ASP A 195 9.17 -7.83 3.59
N PRO A 196 8.87 -8.24 4.84
CA PRO A 196 8.92 -9.66 5.18
C PRO A 196 7.79 -10.48 4.55
N SER A 197 6.77 -9.81 4.02
CA SER A 197 5.64 -10.49 3.37
C SER A 197 5.95 -10.84 1.92
N ARG A 198 6.99 -10.22 1.38
CA ARG A 198 7.48 -10.53 0.04
C ARG A 198 8.92 -11.06 0.12
N ASN A 199 9.79 -10.62 -0.77
CA ASN A 199 11.17 -11.07 -0.85
C ASN A 199 11.36 -12.59 -0.93
N ASP A 200 10.52 -13.25 -1.72
CA ASP A 200 10.77 -14.64 -2.12
C ASP A 200 12.04 -14.70 -2.96
N ASN A 201 12.71 -15.86 -2.94
CA ASN A 201 13.94 -16.05 -3.70
C ASN A 201 14.95 -14.96 -3.34
N CYS A 202 15.12 -14.75 -2.03
CA CYS A 202 15.96 -13.69 -1.48
C CYS A 202 16.27 -14.00 -0.02
N ARG A 203 17.53 -13.88 0.38
CA ARG A 203 17.87 -13.81 1.80
C ARG A 203 18.28 -12.40 2.14
N TYR A 204 17.83 -11.94 3.29
CA TYR A 204 18.32 -10.71 3.88
C TYR A 204 18.47 -10.87 5.39
N PHE A 205 19.28 -9.99 5.96
CA PHE A 205 19.50 -9.95 7.40
C PHE A 205 19.80 -8.53 7.83
N GLY A 206 19.12 -8.06 8.87
CA GLY A 206 19.32 -6.73 9.38
C GLY A 206 19.45 -6.69 10.89
N ARG A 207 20.28 -5.77 11.38
CA ARG A 207 20.40 -5.49 12.79
C ARG A 207 20.34 -3.97 12.98
N VAL A 208 19.43 -3.52 13.84
CA VAL A 208 19.33 -2.09 14.20
C VAL A 208 19.70 -1.93 15.66
N VAL A 209 20.56 -0.95 15.93
CA VAL A 209 20.94 -0.61 17.29
C VAL A 209 20.60 0.87 17.52
N GLY A 210 19.80 1.15 18.53
CA GLY A 210 19.43 2.54 18.83
C GLY A 210 20.46 3.24 19.71
N GLY A 211 20.03 4.30 20.38
CA GLY A 211 20.90 5.06 21.29
C GLY A 211 21.69 6.13 20.57
N ALA A 212 22.01 7.20 21.28
CA ALA A 212 22.75 8.31 20.72
C ALA A 212 24.26 8.09 20.85
N ALA A 213 24.67 7.32 21.86
CA ALA A 213 26.11 7.11 22.16
C ALA A 213 26.53 5.62 22.17
N THR A 214 25.85 4.79 21.39
CA THR A 214 26.10 3.36 21.43
C THR A 214 27.34 3.03 20.61
N PRO A 215 28.34 2.35 21.22
CA PRO A 215 29.53 1.99 20.47
C PRO A 215 29.21 0.92 19.42
N PRO A 216 29.71 1.10 18.19
CA PRO A 216 29.57 0.02 17.20
C PRO A 216 30.62 -1.05 17.41
N VAL A 217 30.25 -2.30 17.14
CA VAL A 217 31.16 -3.45 17.22
C VAL A 217 31.14 -4.19 15.89
N VAL A 218 32.27 -4.22 15.20
CA VAL A 218 32.33 -4.88 13.91
C VAL A 218 33.45 -5.91 13.88
N SER A 219 33.12 -7.14 13.51
CA SER A 219 34.13 -8.18 13.29
C SER A 219 34.28 -8.46 11.80
N TYR A 220 35.48 -8.87 11.41
CA TYR A 220 35.74 -9.26 10.03
C TYR A 220 36.89 -10.27 9.99
N GLY A 221 36.92 -11.07 8.94
CA GLY A 221 37.93 -12.12 8.77
C GLY A 221 37.78 -12.70 7.38
N ASN A 222 38.49 -13.78 7.12
CA ASN A 222 38.48 -14.35 5.78
C ASN A 222 38.32 -15.87 5.77
N ASN A 223 37.73 -16.42 6.82
CA ASN A 223 37.52 -17.86 6.88
C ASN A 223 36.12 -18.23 7.38
N SER A 224 35.13 -17.51 6.89
CA SER A 224 33.79 -17.65 7.38
C SER A 224 32.79 -17.45 6.23
N THR A 225 31.91 -18.43 6.03
CA THR A 225 30.94 -18.38 4.96
C THR A 225 29.51 -18.35 5.49
N ILE A 226 28.60 -17.82 4.68
CA ILE A 226 27.18 -17.81 4.99
C ILE A 226 26.48 -18.72 3.98
N PRO A 227 25.86 -19.81 4.47
CA PRO A 227 25.06 -20.65 3.57
C PRO A 227 23.75 -19.95 3.26
N LEU A 228 23.22 -20.19 2.07
CA LEU A 228 22.06 -19.45 1.56
C LEU A 228 20.94 -20.37 1.07
N LEU A 229 21.05 -21.64 1.42
CA LEU A 229 20.02 -22.61 1.09
C LEU A 229 18.80 -22.44 2.00
N ASP A 230 17.61 -22.59 1.45
CA ASP A 230 16.40 -22.61 2.26
C ASP A 230 16.12 -24.01 2.80
N GLU A 231 14.95 -24.16 3.43
CA GLU A 231 14.52 -25.44 4.01
C GLU A 231 14.57 -26.61 3.01
N ASN A 232 14.49 -26.31 1.71
CA ASN A 232 14.54 -27.33 0.66
C ASN A 232 15.92 -27.57 0.05
N GLY A 233 16.93 -26.82 0.49
CA GLY A 233 18.29 -26.91 -0.06
C GLY A 233 18.45 -26.13 -1.35
N ILE A 234 17.63 -25.09 -1.51
CA ILE A 234 17.66 -24.24 -2.69
C ILE A 234 18.17 -22.84 -2.33
N GLY A 235 19.16 -22.36 -3.06
CA GLY A 235 19.71 -21.03 -2.84
C GLY A 235 18.95 -20.01 -3.64
N ILE A 236 19.59 -18.90 -3.95
CA ILE A 236 18.96 -17.85 -4.76
C ILE A 236 19.10 -18.19 -6.25
N LEU A 237 17.98 -18.22 -6.95
CA LEU A 237 17.95 -18.55 -8.38
C LEU A 237 17.90 -17.28 -9.21
N CYS A 238 18.82 -17.17 -10.17
CA CYS A 238 18.87 -16.00 -11.05
C CYS A 238 18.00 -16.25 -12.28
N LEU A 239 16.69 -16.23 -12.08
CA LEU A 239 15.73 -16.58 -13.13
C LEU A 239 15.76 -15.66 -14.34
N GLN A 240 16.17 -14.40 -14.14
CA GLN A 240 16.41 -13.47 -15.25
C GLN A 240 17.91 -13.24 -15.48
N GLY A 241 18.72 -14.22 -15.08
CA GLY A 241 20.17 -14.20 -15.27
C GLY A 241 20.94 -13.19 -14.43
N ARG A 242 20.27 -12.60 -13.43
CA ARG A 242 20.89 -11.57 -12.59
C ARG A 242 20.78 -11.87 -11.09
N LEU A 243 21.81 -11.49 -10.35
CA LEU A 243 21.73 -11.48 -8.90
C LEU A 243 21.76 -10.03 -8.39
N TYR A 244 20.80 -9.69 -7.53
CA TYR A 244 20.67 -8.35 -7.01
C TYR A 244 21.21 -8.30 -5.60
N ILE A 245 22.23 -7.47 -5.42
CA ILE A 245 22.78 -7.21 -4.10
C ILE A 245 22.32 -5.84 -3.64
N THR A 246 21.75 -5.79 -2.45
CA THR A 246 21.35 -4.54 -1.88
C THR A 246 21.73 -4.57 -0.41
N CYS A 247 22.35 -3.48 0.06
CA CYS A 247 22.90 -3.44 1.42
C CYS A 247 23.09 -2.02 1.95
N ALA A 248 23.23 -1.91 3.28
CA ALA A 248 23.42 -0.63 3.94
C ALA A 248 23.95 -0.85 5.33
N ASP A 249 24.87 0.01 5.73
CA ASP A 249 25.56 -0.11 6.99
C ASP A 249 25.84 1.28 7.57
N MET A 250 25.57 1.44 8.86
CA MET A 250 25.75 2.70 9.52
C MET A 250 26.36 2.44 10.90
N LEU A 251 27.46 3.12 11.21
CA LEU A 251 28.20 2.85 12.42
C LEU A 251 27.88 3.77 13.59
N GLY A 252 27.14 4.85 13.32
CA GLY A 252 26.85 5.87 14.32
C GLY A 252 27.25 7.24 13.80
N THR A 253 27.37 8.21 14.71
CA THR A 253 27.83 9.54 14.35
C THR A 253 29.13 9.92 15.08
N ALA A 254 29.84 10.87 14.48
CA ALA A 254 30.98 11.51 15.12
C ALA A 254 31.01 12.96 14.66
N ASN A 255 31.02 13.88 15.64
CA ASN A 255 30.98 15.32 15.40
C ASN A 255 29.80 15.69 14.51
N SER A 256 28.65 15.09 14.79
CA SER A 256 27.38 15.35 14.10
C SER A 256 27.28 14.76 12.69
N ARG A 257 28.32 14.05 12.24
CA ARG A 257 28.27 13.40 10.94
C ARG A 257 28.13 11.89 11.09
N ILE A 258 27.25 11.30 10.29
CA ILE A 258 27.08 9.86 10.26
C ILE A 258 28.26 9.18 9.55
N HIS A 259 28.74 8.09 10.12
CA HIS A 259 29.79 7.28 9.50
C HIS A 259 29.29 5.91 9.04
N THR A 260 29.99 5.37 8.07
CA THR A 260 29.65 4.15 7.39
C THR A 260 30.95 3.33 7.27
N PRO A 261 30.86 2.00 7.09
CA PRO A 261 32.09 1.31 6.66
C PRO A 261 32.57 1.86 5.32
N MET A 262 33.87 1.75 5.02
CA MET A 262 34.37 2.21 3.72
C MET A 262 33.76 1.42 2.55
N ALA A 263 33.32 0.19 2.82
CA ALA A 263 32.65 -0.65 1.84
C ALA A 263 32.14 -1.93 2.49
N ARG A 264 31.27 -2.62 1.77
CA ARG A 264 30.86 -3.95 2.13
C ARG A 264 31.33 -4.90 1.03
N PHE A 265 32.17 -5.86 1.42
CA PHE A 265 32.74 -6.84 0.50
C PHE A 265 31.83 -8.07 0.39
N PHE A 266 31.69 -8.59 -0.82
CA PHE A 266 30.98 -9.84 -1.10
C PHE A 266 31.83 -10.75 -1.96
N ARG A 267 31.79 -12.04 -1.65
CA ARG A 267 32.23 -13.06 -2.59
C ARG A 267 31.07 -14.01 -2.78
N LEU A 268 30.67 -14.17 -4.04
CA LEU A 268 29.49 -14.94 -4.38
C LEU A 268 29.85 -16.26 -5.05
N HIS A 269 29.20 -17.33 -4.61
CA HIS A 269 29.45 -18.66 -5.15
C HIS A 269 28.21 -19.18 -5.86
N PHE A 270 28.33 -19.34 -7.17
CA PHE A 270 27.23 -19.84 -8.01
C PHE A 270 27.51 -21.26 -8.50
N ARG A 271 26.47 -22.07 -8.47
CA ARG A 271 26.43 -23.34 -9.18
C ARG A 271 25.25 -23.25 -10.16
N GLN A 272 24.99 -24.33 -10.89
CA GLN A 272 23.86 -24.33 -11.79
C GLN A 272 22.72 -25.20 -11.26
N ARG A 273 21.49 -24.74 -11.51
CA ARG A 273 20.29 -25.44 -11.09
C ARG A 273 19.37 -25.68 -12.28
N ARG A 274 18.86 -26.90 -12.42
CA ARG A 274 17.87 -27.21 -13.45
C ARG A 274 16.51 -26.76 -12.96
N VAL A 275 15.90 -25.83 -13.68
CA VAL A 275 14.57 -25.35 -13.37
C VAL A 275 13.61 -25.81 -14.45
N LYS A 276 12.64 -26.63 -14.06
CA LYS A 276 11.65 -27.21 -14.98
C LYS A 276 10.78 -26.13 -15.61
N ASN A 277 10.83 -26.07 -16.95
CA ASN A 277 10.07 -25.12 -17.79
C ASN A 277 10.40 -23.63 -17.58
N GLU B 8 49.07 -26.11 -6.51
CA GLU B 8 49.73 -27.43 -6.76
C GLU B 8 49.84 -28.31 -5.48
N VAL B 9 48.78 -28.34 -4.67
CA VAL B 9 48.92 -28.90 -3.32
C VAL B 9 48.58 -30.38 -3.25
N LEU B 10 49.53 -31.17 -2.74
CA LEU B 10 49.35 -32.61 -2.55
C LEU B 10 49.03 -32.96 -1.08
N ALA B 11 49.46 -34.13 -0.64
CA ALA B 11 49.12 -34.63 0.70
C ALA B 11 50.09 -34.15 1.79
N ALA B 12 49.57 -34.10 3.03
CA ALA B 12 50.38 -33.81 4.20
C ALA B 12 51.38 -34.92 4.44
N VAL B 13 52.57 -34.55 4.90
CA VAL B 13 53.57 -35.53 5.32
C VAL B 13 53.21 -36.08 6.70
N PRO B 14 53.30 -37.42 6.89
CA PRO B 14 53.05 -38.04 8.20
C PRO B 14 53.79 -37.33 9.32
N LEU B 15 53.02 -36.87 10.31
CA LEU B 15 53.58 -36.17 11.45
C LEU B 15 54.68 -37.03 12.07
N SER B 16 55.88 -36.48 12.05
CA SER B 16 57.08 -37.13 12.57
C SER B 16 57.88 -36.09 13.35
N GLU B 17 58.97 -36.51 13.98
CA GLU B 17 59.81 -35.59 14.76
C GLU B 17 60.56 -34.59 13.89
N GLU B 18 61.17 -35.08 12.82
CA GLU B 18 61.85 -34.22 11.85
C GLU B 18 60.90 -33.35 11.00
N THR B 19 59.66 -33.79 10.85
CA THR B 19 58.69 -33.13 9.97
C THR B 19 57.78 -32.15 10.71
N GLU B 20 57.99 -32.02 12.02
CA GLU B 20 57.27 -31.06 12.85
C GLU B 20 58.17 -29.91 13.29
N PHE B 21 57.58 -28.75 13.52
CA PHE B 21 58.33 -27.60 14.03
C PHE B 21 57.44 -26.63 14.82
N LYS B 22 57.92 -26.20 16.00
CA LYS B 22 57.19 -25.27 16.86
C LYS B 22 58.04 -24.07 17.27
N VAL B 23 57.44 -22.89 17.23
CA VAL B 23 58.09 -21.68 17.77
C VAL B 23 57.12 -20.84 18.59
N GLU B 24 57.66 -20.23 19.64
CA GLU B 24 56.94 -19.28 20.45
C GLU B 24 57.62 -17.93 20.27
N LEU B 25 56.84 -16.87 20.24
CA LEU B 25 57.40 -15.53 20.16
C LEU B 25 56.42 -14.50 20.69
N PHE B 26 56.96 -13.35 21.12
CA PHE B 26 56.14 -12.22 21.53
C PHE B 26 56.31 -11.14 20.48
N VAL B 27 55.21 -10.61 19.98
CA VAL B 27 55.29 -9.50 19.03
C VAL B 27 54.93 -8.23 19.78
N LYS B 28 55.83 -7.25 19.68
CA LYS B 28 55.70 -5.97 20.35
C LYS B 28 54.75 -5.07 19.58
N PRO B 29 53.98 -4.24 20.30
CA PRO B 29 53.16 -3.20 19.69
C PRO B 29 54.02 -2.10 19.09
N VAL B 30 53.48 -1.39 18.09
CA VAL B 30 54.22 -0.34 17.41
C VAL B 30 53.47 0.98 17.46
N ILE B 31 54.17 2.01 17.92
CA ILE B 31 53.67 3.37 17.83
C ILE B 31 54.62 4.23 16.97
N GLY B 32 54.04 5.17 16.25
CA GLY B 32 54.79 6.04 15.34
C GLY B 32 55.78 6.95 16.06
N ASN B 33 56.84 7.29 15.32
CA ASN B 33 57.99 8.01 15.83
C ASN B 33 58.11 9.36 15.12
N THR B 34 58.09 10.44 15.90
CA THR B 34 58.14 11.79 15.31
C THR B 34 59.55 12.21 14.84
N THR B 35 60.59 11.73 15.51
CA THR B 35 61.97 12.08 15.16
C THR B 35 62.23 11.59 13.72
N ALA B 36 62.57 12.54 12.85
CA ALA B 36 62.39 12.41 11.38
C ALA B 36 63.46 11.61 10.62
N ALA B 37 63.33 11.56 9.29
CA ALA B 37 64.08 10.63 8.44
C ALA B 37 65.21 11.25 7.58
N GLN B 38 66.07 10.39 7.03
CA GLN B 38 67.06 10.78 6.00
C GLN B 38 67.43 9.58 5.14
N ARG B 41 67.48 6.48 4.97
CA ARG B 41 67.55 5.79 6.24
C ARG B 41 66.18 5.28 6.70
N GLU B 42 66.15 4.14 7.38
CA GLU B 42 64.85 3.66 7.86
C GLU B 42 64.43 4.31 9.18
N PRO B 43 63.18 4.82 9.23
CA PRO B 43 62.64 5.33 10.48
C PRO B 43 62.49 4.21 11.50
N THR B 44 62.69 4.54 12.77
CA THR B 44 62.67 3.56 13.86
C THR B 44 61.28 3.52 14.51
N PRO B 45 60.70 2.31 14.65
CA PRO B 45 59.45 2.21 15.41
C PRO B 45 59.64 2.44 16.90
N HIS B 46 58.60 2.95 17.56
CA HIS B 46 58.54 2.93 19.02
C HIS B 46 57.83 1.66 19.43
N TYR B 47 58.52 0.80 20.19
CA TYR B 47 57.85 -0.35 20.81
C TYR B 47 57.30 0.09 22.16
N TRP B 48 56.12 0.70 22.12
CA TRP B 48 55.46 1.24 23.30
C TRP B 48 54.08 0.63 23.42
N SER B 49 53.59 0.44 24.65
CA SER B 49 52.19 0.08 24.84
C SER B 49 51.37 1.29 25.34
N ILE B 50 52.01 2.44 25.36
CA ILE B 50 51.40 3.71 25.76
C ILE B 50 51.92 4.83 24.84
N SER B 51 51.01 5.51 24.15
CA SER B 51 51.39 6.55 23.19
C SER B 51 51.60 7.90 23.89
N SER B 52 51.95 8.91 23.10
CA SER B 52 51.95 10.29 23.57
C SER B 52 50.52 10.79 23.65
N ALA B 53 50.30 11.85 24.44
CA ALA B 53 48.99 12.45 24.63
C ALA B 53 48.43 13.04 23.34
N ILE B 54 47.15 12.81 23.09
CA ILE B 54 46.45 13.44 21.99
C ILE B 54 45.95 14.79 22.50
N HIS B 55 46.39 15.87 21.85
CA HIS B 55 45.98 17.22 22.23
C HIS B 55 46.11 18.17 21.03
N ASP B 56 45.23 19.16 20.95
CA ASP B 56 45.39 20.24 19.97
C ASP B 56 46.69 21.03 20.24
N LYS B 57 47.22 21.66 19.20
CA LYS B 57 48.44 22.47 19.31
C LYS B 57 48.17 23.77 20.05
N GLU B 58 49.22 24.52 20.37
CA GLU B 58 49.10 25.85 20.97
C GLU B 58 48.23 26.74 20.08
N SER B 59 47.25 27.41 20.69
CA SER B 59 46.34 28.30 19.98
C SER B 59 47.07 29.26 19.02
N GLY B 60 46.53 29.41 17.82
CA GLY B 60 47.17 30.20 16.76
C GLY B 60 47.99 29.37 15.77
N SER B 61 48.25 28.11 16.12
CA SER B 61 48.99 27.19 15.24
C SER B 61 48.15 26.73 14.05
N SER B 62 48.82 26.36 12.96
CA SER B 62 48.14 25.96 11.73
C SER B 62 48.06 24.43 11.55
N ILE B 63 48.72 23.67 12.43
CA ILE B 63 48.66 22.21 12.36
C ILE B 63 47.35 21.73 12.97
N LYS B 64 46.54 21.04 12.18
CA LYS B 64 45.29 20.49 12.68
C LYS B 64 45.46 19.01 13.01
N VAL B 65 45.46 18.75 14.30
CA VAL B 65 45.76 17.43 14.87
C VAL B 65 44.80 16.30 14.39
N GLU B 66 43.57 16.66 14.05
CA GLU B 66 42.61 15.69 13.49
C GLU B 66 42.87 15.38 12.01
N GLU B 67 43.74 16.15 11.38
CA GLU B 67 44.09 15.96 9.96
C GLU B 67 45.50 15.39 9.79
N THR B 68 46.44 15.95 10.55
CA THR B 68 47.80 15.45 10.60
C THR B 68 48.23 15.25 12.05
N PRO B 69 47.92 14.09 12.64
CA PRO B 69 48.34 13.88 14.03
C PRO B 69 49.82 13.60 14.10
N ASP B 70 50.40 13.76 15.28
CA ASP B 70 51.77 13.31 15.52
C ASP B 70 51.86 11.80 15.35
N ALA B 71 52.92 11.33 14.67
CA ALA B 71 53.13 9.89 14.51
C ALA B 71 53.06 9.18 15.88
N ASP B 72 53.49 9.93 16.89
CA ASP B 72 53.39 9.64 18.32
C ASP B 72 52.08 9.07 18.85
N THR B 73 50.98 9.36 18.16
CA THR B 73 49.66 9.07 18.67
C THR B 73 48.90 8.10 17.78
N THR B 74 49.62 7.32 16.98
CA THR B 74 48.98 6.29 16.18
C THR B 74 49.68 4.94 16.30
N VAL B 75 48.88 3.88 16.20
CA VAL B 75 49.36 2.51 16.25
C VAL B 75 49.57 2.03 14.82
N CYS B 76 50.70 1.35 14.57
CA CYS B 76 50.93 0.74 13.28
C CYS B 76 50.95 -0.76 13.43
N TYR B 77 50.71 -1.49 12.34
CA TYR B 77 50.76 -2.94 12.35
C TYR B 77 52.15 -3.42 12.74
N SER B 78 52.19 -4.40 13.64
CA SER B 78 53.43 -5.02 14.06
C SER B 78 53.79 -6.16 13.10
N LEU B 79 55.10 -6.38 12.91
CA LEU B 79 55.59 -7.44 12.00
C LEU B 79 56.53 -8.42 12.66
N ALA B 80 56.43 -9.67 12.23
CA ALA B 80 57.41 -10.69 12.56
C ALA B 80 57.46 -11.75 11.45
N GLU B 81 58.65 -12.27 11.19
CA GLU B 81 58.83 -13.33 10.20
C GLU B 81 59.41 -14.56 10.87
N ILE B 82 58.97 -15.73 10.44
CA ILE B 82 59.50 -16.97 10.93
C ILE B 82 59.99 -17.81 9.74
N ALA B 83 61.25 -18.21 9.79
CA ALA B 83 61.78 -19.13 8.80
C ALA B 83 62.06 -20.45 9.50
N PRO B 84 61.18 -21.45 9.34
CA PRO B 84 61.41 -22.78 9.90
C PRO B 84 62.65 -23.42 9.30
N PRO B 85 63.21 -24.45 9.94
CA PRO B 85 64.47 -25.03 9.49
C PRO B 85 64.40 -25.56 8.06
N ASP B 86 65.56 -25.62 7.40
CA ASP B 86 65.65 -26.13 6.02
C ASP B 86 65.24 -27.59 5.92
N ILE B 87 64.72 -27.97 4.76
CA ILE B 87 64.24 -29.32 4.56
C ILE B 87 65.24 -30.11 3.72
N PRO B 88 65.98 -31.04 4.37
CA PRO B 88 66.89 -31.88 3.58
C PRO B 88 66.26 -32.27 2.25
N ASN B 89 66.86 -31.76 1.17
CA ASN B 89 66.39 -31.92 -0.24
C ASN B 89 64.86 -31.91 -0.46
N GLN B 90 64.27 -30.72 -0.33
CA GLN B 90 62.81 -30.53 -0.37
C GLN B 90 62.14 -31.23 -1.54
N MET B 96 58.52 -31.12 -4.21
CA MET B 96 59.07 -30.28 -3.15
C MET B 96 58.18 -30.29 -1.90
N LYS B 97 58.77 -30.63 -0.75
CA LYS B 97 58.13 -30.50 0.56
C LYS B 97 58.23 -29.07 1.06
N VAL B 98 57.17 -28.59 1.70
CA VAL B 98 57.11 -27.21 2.19
C VAL B 98 56.50 -27.15 3.60
N TRP B 99 56.87 -26.15 4.39
CA TRP B 99 56.31 -25.99 5.73
C TRP B 99 54.87 -25.46 5.69
N GLU B 100 54.01 -26.09 6.49
CA GLU B 100 52.60 -25.76 6.57
C GLU B 100 52.14 -25.45 8.01
N LEU B 101 51.73 -24.21 8.24
CA LEU B 101 51.19 -23.80 9.52
C LEU B 101 49.77 -24.32 9.59
N TYR B 102 49.51 -25.27 10.47
CA TYR B 102 48.19 -25.90 10.52
C TYR B 102 47.37 -25.53 11.75
N ARG B 103 48.04 -25.05 12.80
CA ARG B 103 47.35 -24.51 13.97
C ARG B 103 48.27 -23.56 14.72
N MET B 104 47.66 -22.73 15.57
CA MET B 104 48.41 -21.82 16.40
C MET B 104 47.64 -21.47 17.66
N GLU B 105 48.36 -21.00 18.65
CA GLU B 105 47.71 -20.26 19.70
C GLU B 105 48.23 -18.84 19.69
N THR B 106 47.34 -17.89 19.94
CA THR B 106 47.72 -16.51 20.13
C THR B 106 47.00 -15.94 21.34
N GLU B 107 47.66 -15.07 22.07
CA GLU B 107 47.22 -14.70 23.38
C GLU B 107 47.77 -13.33 23.70
N LEU B 108 46.96 -12.48 24.30
CA LEU B 108 47.38 -11.11 24.62
C LEU B 108 48.01 -11.01 25.98
N LEU B 109 49.08 -10.22 26.06
CA LEU B 109 49.79 -9.99 27.30
C LEU B 109 49.33 -8.68 27.90
N VAL B 110 48.65 -8.78 29.03
CA VAL B 110 47.77 -7.73 29.51
C VAL B 110 47.67 -7.73 31.05
N VAL B 111 47.59 -6.55 31.64
CA VAL B 111 47.33 -6.40 33.07
C VAL B 111 46.28 -5.31 33.26
N PRO B 112 45.47 -5.42 34.32
CA PRO B 112 44.50 -4.35 34.54
C PRO B 112 45.22 -3.03 34.91
N LEU B 113 44.77 -1.92 34.33
CA LEU B 113 45.35 -0.64 34.66
C LEU B 113 44.45 0.11 35.64
N VAL B 114 44.96 0.34 36.84
CA VAL B 114 44.20 1.02 37.89
C VAL B 114 45.03 2.19 38.48
N ASN B 115 45.89 1.91 39.45
CA ASN B 115 46.70 2.94 40.10
C ASN B 115 47.52 3.77 39.13
N ALA B 116 48.09 3.13 38.11
CA ALA B 116 48.98 3.82 37.16
C ALA B 116 48.29 4.95 36.40
N LEU B 117 46.97 4.91 36.34
CA LEU B 117 46.20 5.88 35.59
C LEU B 117 45.90 7.16 36.38
N GLY B 118 46.14 7.12 37.69
CA GLY B 118 45.88 8.26 38.56
C GLY B 118 44.42 8.44 38.91
N ASN B 119 44.11 9.58 39.53
CA ASN B 119 42.76 9.90 39.97
C ASN B 119 42.51 11.41 40.04
N THR B 120 41.25 11.81 40.06
CA THR B 120 40.89 13.21 40.23
C THR B 120 40.04 13.37 41.49
N ASN B 121 40.63 13.96 42.54
CA ASN B 121 40.02 14.01 43.86
C ASN B 121 39.38 12.68 44.30
N GLY B 122 40.16 11.61 44.19
CA GLY B 122 39.75 10.30 44.61
C GLY B 122 38.96 9.51 43.59
N VAL B 123 38.66 10.13 42.43
CA VAL B 123 37.93 9.44 41.34
C VAL B 123 38.89 8.71 40.38
N VAL B 124 38.87 7.38 40.47
CA VAL B 124 39.82 6.54 39.75
C VAL B 124 39.64 6.66 38.24
N HIS B 125 40.74 6.88 37.52
CA HIS B 125 40.75 6.92 36.06
C HIS B 125 40.80 5.51 35.49
N GLY B 126 40.26 5.35 34.29
CA GLY B 126 40.26 4.05 33.63
C GLY B 126 40.65 4.07 32.16
N LEU B 127 41.04 2.91 31.65
CA LEU B 127 41.30 2.73 30.24
C LEU B 127 40.00 2.36 29.53
N ALA B 128 39.65 3.14 28.51
CA ALA B 128 38.43 2.94 27.74
C ALA B 128 38.52 3.68 26.42
N GLY B 129 37.73 3.26 25.44
CA GLY B 129 37.73 3.92 24.14
C GLY B 129 37.66 2.98 22.97
N THR B 130 38.03 3.50 21.81
CA THR B 130 37.98 2.76 20.56
C THR B 130 39.10 1.73 20.51
N GLN B 131 38.76 0.54 20.06
CA GLN B 131 39.64 -0.62 20.15
C GLN B 131 39.82 -1.33 18.82
N LEU B 132 40.98 -1.99 18.67
CA LEU B 132 41.23 -2.92 17.57
C LEU B 132 41.91 -4.18 18.11
N TYR B 133 41.48 -5.34 17.63
CA TYR B 133 42.13 -6.61 17.94
C TYR B 133 42.31 -7.32 16.63
N PHE B 134 43.56 -7.46 16.20
CA PHE B 134 43.81 -7.98 14.89
C PHE B 134 45.03 -8.87 14.83
N TRP B 135 44.91 -10.01 14.16
CA TRP B 135 46.07 -10.81 13.82
C TRP B 135 45.97 -11.36 12.41
N ALA B 136 47.11 -11.61 11.79
CA ALA B 136 47.19 -12.18 10.46
C ALA B 136 48.42 -13.08 10.38
N VAL B 137 48.30 -14.14 9.61
CA VAL B 137 49.31 -15.18 9.57
C VAL B 137 49.27 -15.67 8.12
N GLY B 138 50.40 -15.52 7.40
CA GLY B 138 50.46 -15.78 5.95
C GLY B 138 51.81 -16.17 5.37
N GLY B 139 51.78 -16.78 4.18
CA GLY B 139 52.99 -17.19 3.47
C GLY B 139 53.63 -16.06 2.68
N GLN B 140 53.07 -14.86 2.81
CA GLN B 140 53.55 -13.64 2.16
C GLN B 140 53.08 -12.48 3.02
N PRO B 141 53.57 -11.25 2.77
CA PRO B 141 53.09 -10.14 3.61
C PRO B 141 51.60 -9.90 3.49
N LEU B 142 51.00 -9.29 4.49
CA LEU B 142 49.57 -8.97 4.48
C LEU B 142 49.23 -7.95 3.38
N ASP B 143 48.22 -8.30 2.59
CA ASP B 143 47.67 -7.37 1.59
C ASP B 143 46.73 -6.40 2.26
N VAL B 144 47.00 -5.13 2.06
CA VAL B 144 46.29 -4.10 2.78
C VAL B 144 45.73 -3.07 1.78
N VAL B 145 44.71 -2.34 2.23
CA VAL B 145 43.97 -1.39 1.40
C VAL B 145 43.92 -0.02 2.07
N GLY B 146 44.29 1.01 1.32
CA GLY B 146 44.43 2.36 1.83
C GLY B 146 43.13 3.15 1.83
N VAL B 147 42.87 3.79 2.96
CA VAL B 147 41.56 4.35 3.25
C VAL B 147 41.71 5.63 4.10
N THR B 148 40.71 6.52 4.02
CA THR B 148 40.66 7.65 4.94
C THR B 148 39.37 7.62 5.77
N PRO B 149 39.48 7.95 7.07
CA PRO B 149 38.32 8.00 7.96
C PRO B 149 37.46 9.25 7.74
N THR B 150 38.05 10.25 7.09
CA THR B 150 37.49 11.58 6.97
C THR B 150 37.83 12.10 5.59
N ASP B 151 37.08 13.09 5.12
CA ASP B 151 37.40 13.77 3.85
C ASP B 151 38.65 14.67 3.96
N LYS B 152 39.22 14.78 5.15
CA LYS B 152 40.33 15.70 5.41
C LYS B 152 41.55 15.06 6.13
N TYR B 153 41.51 13.75 6.33
CA TYR B 153 42.57 13.07 7.07
C TYR B 153 43.75 12.68 6.20
N LYS B 154 44.92 13.23 6.52
CA LYS B 154 46.14 12.99 5.74
C LYS B 154 47.08 12.01 6.42
N GLY B 155 46.98 11.93 7.75
CA GLY B 155 47.90 11.13 8.53
C GLY B 155 49.08 11.96 9.00
N PRO B 156 49.99 11.37 9.77
CA PRO B 156 51.21 12.05 10.24
C PRO B 156 52.16 12.48 9.12
N THR B 157 52.78 13.64 9.27
CA THR B 157 53.68 14.18 8.24
C THR B 157 55.06 13.50 8.22
N THR B 158 55.34 12.64 9.22
CA THR B 158 56.53 11.79 9.21
C THR B 158 56.18 10.36 9.61
N TYR B 159 57.18 9.48 9.48
CA TYR B 159 57.13 8.07 9.86
C TYR B 159 56.19 7.20 9.03
N THR B 160 54.88 7.47 9.13
CA THR B 160 53.87 6.62 8.53
C THR B 160 53.90 6.68 7.01
N ILE B 161 53.64 5.53 6.39
CA ILE B 161 53.34 5.49 4.97
C ILE B 161 51.83 5.71 4.86
N ASN B 162 51.47 6.93 4.43
CA ASN B 162 50.07 7.32 4.27
C ASN B 162 49.52 6.89 2.93
N PRO B 163 48.22 6.59 2.87
CA PRO B 163 47.62 6.22 1.59
C PRO B 163 47.77 7.33 0.56
N PRO B 164 48.34 7.03 -0.62
CA PRO B 164 48.43 8.00 -1.72
C PRO B 164 47.05 8.31 -2.29
N GLY B 165 46.79 9.59 -2.54
CA GLY B 165 45.51 10.03 -3.12
C GLY B 165 44.91 11.21 -2.39
N ASP B 166 43.85 11.78 -2.96
CA ASP B 166 43.11 12.84 -2.29
C ASP B 166 42.22 12.24 -1.21
N PRO B 167 42.36 12.72 0.05
CA PRO B 167 41.57 12.25 1.19
C PRO B 167 40.06 12.34 0.95
N ARG B 168 39.64 13.27 0.10
CA ARG B 168 38.23 13.43 -0.24
C ARG B 168 37.67 12.26 -1.04
N THR B 169 38.55 11.47 -1.66
CA THR B 169 38.12 10.35 -2.51
C THR B 169 38.48 8.98 -1.93
N LEU B 170 39.10 8.95 -0.75
CA LEU B 170 39.58 7.70 -0.19
C LEU B 170 38.77 7.15 0.98
N HIS B 171 37.72 7.87 1.38
CA HIS B 171 36.89 7.41 2.49
C HIS B 171 35.86 6.35 2.08
N VAL B 172 35.99 5.87 0.85
CA VAL B 172 35.15 4.84 0.30
C VAL B 172 36.05 3.97 -0.57
N TYR B 173 35.78 2.67 -0.66
CA TYR B 173 36.56 1.82 -1.56
C TYR B 173 36.15 2.09 -3.01
N ASN B 174 37.11 2.51 -3.82
CA ASN B 174 36.85 2.79 -5.23
C ASN B 174 38.09 2.47 -6.05
N SER B 175 38.05 2.72 -7.35
CA SER B 175 39.19 2.50 -8.23
C SER B 175 40.45 3.27 -7.81
N ASN B 176 40.28 4.34 -7.02
CA ASN B 176 41.43 5.13 -6.55
C ASN B 176 42.03 4.60 -5.27
N THR B 177 41.41 3.57 -4.68
CA THR B 177 41.90 2.95 -3.44
C THR B 177 43.29 2.35 -3.69
N PRO B 178 44.33 2.87 -3.01
CA PRO B 178 45.67 2.29 -3.17
C PRO B 178 45.83 0.95 -2.44
N LYS B 179 46.61 0.05 -3.05
CA LYS B 179 46.92 -1.24 -2.44
C LYS B 179 48.38 -1.25 -2.00
N ALA B 180 48.69 -2.02 -0.98
CA ALA B 180 50.04 -2.12 -0.44
C ALA B 180 50.22 -3.43 0.33
N LYS B 181 51.47 -3.77 0.59
CA LYS B 181 51.79 -4.94 1.39
C LYS B 181 52.49 -4.47 2.66
N VAL B 182 52.10 -5.03 3.80
CA VAL B 182 52.70 -4.63 5.06
C VAL B 182 54.10 -5.24 5.16
N THR B 183 55.08 -4.48 4.71
CA THR B 183 56.48 -4.94 4.65
C THR B 183 57.37 -4.15 5.60
N SER B 184 56.79 -3.17 6.29
CA SER B 184 57.46 -2.42 7.34
C SER B 184 56.47 -2.12 8.45
N GLU B 185 56.96 -1.60 9.56
CA GLU B 185 56.11 -1.27 10.70
C GLU B 185 55.70 0.20 10.67
N ARG B 186 55.30 0.65 9.48
CA ARG B 186 54.95 2.05 9.25
C ARG B 186 53.52 2.26 8.71
N TYR B 187 52.73 1.20 8.73
CA TYR B 187 51.34 1.26 8.27
C TYR B 187 50.37 1.52 9.42
N SER B 188 49.86 2.76 9.46
CA SER B 188 48.96 3.16 10.53
C SER B 188 47.64 2.43 10.40
N VAL B 189 47.22 1.91 11.54
CA VAL B 189 46.02 1.10 11.70
C VAL B 189 44.75 1.91 11.39
N GLU B 190 44.89 3.23 11.41
CA GLU B 190 43.80 4.15 11.15
C GLU B 190 43.64 4.48 9.66
N SER B 191 44.56 3.99 8.83
CA SER B 191 44.61 4.32 7.41
C SER B 191 44.60 3.11 6.48
N TRP B 192 44.99 1.94 7.00
CA TRP B 192 45.10 0.74 6.19
C TRP B 192 44.32 -0.42 6.79
N ALA B 193 43.49 -1.04 5.98
CA ALA B 193 42.70 -2.20 6.41
C ALA B 193 43.05 -3.41 5.53
N PRO B 194 42.99 -4.63 6.10
CA PRO B 194 43.26 -5.86 5.35
C PRO B 194 42.40 -5.92 4.11
N ASP B 195 42.97 -6.36 3.00
CA ASP B 195 42.26 -6.43 1.73
C ASP B 195 41.60 -7.80 1.58
N PRO B 196 40.25 -7.85 1.69
CA PRO B 196 39.55 -9.13 1.59
C PRO B 196 39.53 -9.71 0.17
N SER B 197 39.90 -8.91 -0.82
CA SER B 197 39.91 -9.38 -2.21
C SER B 197 41.21 -10.12 -2.54
N ARG B 198 42.21 -9.93 -1.69
CA ARG B 198 43.49 -10.62 -1.80
C ARG B 198 43.70 -11.52 -0.57
N ASN B 199 44.92 -11.51 -0.03
CA ASN B 199 45.31 -12.34 1.13
C ASN B 199 44.97 -13.82 1.01
N ASP B 200 45.21 -14.39 -0.17
CA ASP B 200 45.24 -15.84 -0.35
C ASP B 200 46.36 -16.41 0.49
N ASN B 201 46.23 -17.68 0.89
CA ASN B 201 47.26 -18.34 1.69
C ASN B 201 47.55 -17.53 2.95
N CYS B 202 46.48 -17.11 3.61
CA CYS B 202 46.55 -16.20 4.74
C CYS B 202 45.29 -16.30 5.56
N ARG B 203 45.45 -16.34 6.88
CA ARG B 203 44.32 -16.21 7.80
C ARG B 203 44.45 -14.92 8.62
N TYR B 204 43.39 -14.14 8.62
CA TYR B 204 43.37 -12.96 9.48
C TYR B 204 42.00 -12.82 10.15
N PHE B 205 41.98 -12.09 11.26
CA PHE B 205 40.76 -11.84 12.00
C PHE B 205 40.88 -10.51 12.70
N GLY B 206 39.84 -9.69 12.60
CA GLY B 206 39.86 -8.37 13.19
C GLY B 206 38.55 -8.04 13.88
N ARG B 207 38.65 -7.30 14.98
CA ARG B 207 37.47 -6.74 15.63
C ARG B 207 37.72 -5.25 15.92
N VAL B 208 36.79 -4.41 15.49
CA VAL B 208 36.87 -2.98 15.80
C VAL B 208 35.72 -2.61 16.72
N VAL B 209 36.05 -1.93 17.81
CA VAL B 209 35.04 -1.41 18.72
C VAL B 209 35.15 0.11 18.77
N GLY B 210 34.05 0.81 18.46
CA GLY B 210 34.03 2.29 18.49
C GLY B 210 33.77 2.87 19.88
N GLY B 211 33.40 4.15 19.92
CA GLY B 211 33.06 4.81 21.18
C GLY B 211 34.27 5.47 21.84
N ALA B 212 34.01 6.56 22.54
CA ALA B 212 35.08 7.26 23.27
C ALA B 212 35.39 6.63 24.62
N ALA B 213 34.40 6.02 25.26
CA ALA B 213 34.55 5.50 26.62
C ALA B 213 34.25 3.98 26.74
N THR B 214 34.45 3.23 25.65
CA THR B 214 34.08 1.81 25.66
C THR B 214 35.12 0.97 26.41
N PRO B 215 34.67 0.23 27.44
CA PRO B 215 35.62 -0.62 28.18
C PRO B 215 36.15 -1.74 27.28
N PRO B 216 37.47 -2.00 27.30
CA PRO B 216 38.02 -3.18 26.62
C PRO B 216 37.82 -4.42 27.49
N VAL B 217 37.58 -5.56 26.83
CA VAL B 217 37.46 -6.86 27.48
C VAL B 217 38.45 -7.82 26.82
N VAL B 218 39.43 -8.31 27.57
CA VAL B 218 40.41 -9.22 27.02
C VAL B 218 40.47 -10.52 27.85
N SER B 219 40.33 -11.66 27.18
CA SER B 219 40.55 -12.95 27.81
C SER B 219 41.87 -13.56 27.36
N TYR B 220 42.48 -14.36 28.23
CA TYR B 220 43.68 -15.10 27.87
C TYR B 220 43.75 -16.38 28.69
N GLY B 221 44.51 -17.34 28.19
CA GLY B 221 44.64 -18.65 28.80
C GLY B 221 45.67 -19.44 28.03
N ASN B 222 45.86 -20.70 28.41
CA ASN B 222 46.91 -21.49 27.81
C ASN B 222 46.42 -22.86 27.40
N ASN B 223 45.12 -23.00 27.14
CA ASN B 223 44.59 -24.31 26.74
C ASN B 223 43.60 -24.18 25.61
N SER B 224 43.92 -23.32 24.66
CA SER B 224 43.01 -23.02 23.59
C SER B 224 43.81 -22.80 22.29
N THR B 225 43.41 -23.48 21.22
CA THR B 225 44.10 -23.40 19.94
C THR B 225 43.18 -22.87 18.84
N ILE B 226 43.78 -22.27 17.81
CA ILE B 226 43.05 -21.81 16.64
C ILE B 226 43.45 -22.67 15.46
N PRO B 227 42.52 -23.46 14.91
CA PRO B 227 42.83 -24.22 13.69
C PRO B 227 42.91 -23.27 12.50
N LEU B 228 43.76 -23.60 11.53
CA LEU B 228 44.07 -22.68 10.42
C LEU B 228 43.88 -23.33 9.06
N LEU B 229 43.24 -24.49 9.03
CA LEU B 229 42.93 -25.18 7.79
C LEU B 229 41.77 -24.50 7.07
N ASP B 230 41.85 -24.41 5.75
CA ASP B 230 40.74 -23.90 4.95
C ASP B 230 39.76 -25.04 4.64
N GLU B 231 38.78 -24.75 3.78
CA GLU B 231 37.76 -25.72 3.36
C GLU B 231 38.32 -27.04 2.83
N ASN B 232 39.57 -27.02 2.34
CA ASN B 232 40.23 -28.21 1.79
C ASN B 232 41.14 -28.95 2.78
N GLY B 233 41.28 -28.42 3.99
CA GLY B 233 42.18 -29.01 4.99
C GLY B 233 43.63 -28.58 4.81
N ILE B 234 43.82 -27.41 4.24
CA ILE B 234 45.14 -26.86 3.97
C ILE B 234 45.38 -25.62 4.80
N GLY B 235 46.51 -25.59 5.49
CA GLY B 235 46.88 -24.44 6.30
C GLY B 235 47.66 -23.44 5.48
N ILE B 236 48.43 -22.60 6.16
CA ILE B 236 49.26 -21.61 5.48
C ILE B 236 50.54 -22.28 5.00
N LEU B 237 50.82 -22.14 3.71
CA LEU B 237 52.00 -22.75 3.10
C LEU B 237 53.13 -21.75 2.95
N CYS B 238 54.30 -22.10 3.45
CA CYS B 238 55.46 -21.21 3.39
C CYS B 238 56.24 -21.46 2.10
N LEU B 239 55.66 -21.02 0.99
CA LEU B 239 56.18 -21.33 -0.34
C LEU B 239 57.55 -20.72 -0.60
N GLN B 240 57.87 -19.62 0.09
CA GLN B 240 59.23 -19.03 0.04
C GLN B 240 59.96 -19.27 1.36
N GLY B 241 59.57 -20.33 2.06
CA GLY B 241 60.19 -20.73 3.32
C GLY B 241 59.99 -19.80 4.51
N ARG B 242 59.05 -18.87 4.41
CA ARG B 242 58.78 -17.91 5.48
C ARG B 242 57.32 -17.86 5.88
N LEU B 243 57.07 -17.61 7.17
CA LEU B 243 55.74 -17.27 7.64
C LEU B 243 55.71 -15.82 8.12
N TYR B 244 54.73 -15.08 7.63
CA TYR B 244 54.59 -13.65 7.95
C TYR B 244 53.50 -13.44 8.98
N ILE B 245 53.89 -12.93 10.14
CA ILE B 245 52.96 -12.58 11.17
C ILE B 245 52.81 -11.07 11.16
N THR B 246 51.58 -10.61 11.10
CA THR B 246 51.30 -9.21 11.19
C THR B 246 50.09 -9.02 12.11
N CYS B 247 50.18 -8.08 13.04
CA CYS B 247 49.15 -7.90 14.05
C CYS B 247 49.13 -6.49 14.67
N ALA B 248 48.00 -6.16 15.29
CA ALA B 248 47.85 -4.87 15.96
C ALA B 248 46.69 -4.94 16.92
N ASP B 249 46.88 -4.30 18.08
CA ASP B 249 45.92 -4.35 19.16
C ASP B 249 45.92 -3.02 19.88
N MET B 250 44.72 -2.50 20.13
CA MET B 250 44.52 -1.22 20.78
C MET B 250 43.39 -1.33 21.79
N LEU B 251 43.65 -0.95 23.03
CA LEU B 251 42.70 -1.17 24.13
C LEU B 251 41.80 0.04 24.40
N GLY B 252 42.18 1.21 23.89
CA GLY B 252 41.45 2.44 24.19
C GLY B 252 42.43 3.53 24.59
N THR B 253 41.90 4.61 25.18
CA THR B 253 42.76 5.66 25.73
C THR B 253 42.65 5.80 27.25
N ALA B 254 43.68 6.37 27.85
CA ALA B 254 43.68 6.76 29.25
C ALA B 254 44.53 8.03 29.39
N ASN B 255 43.92 9.08 29.94
CA ASN B 255 44.56 10.39 30.04
C ASN B 255 45.10 10.87 28.70
N SER B 256 44.30 10.68 27.66
CA SER B 256 44.59 11.15 26.30
C SER B 256 45.67 10.34 25.57
N ARG B 257 46.19 9.30 26.22
CA ARG B 257 47.18 8.44 25.57
C ARG B 257 46.56 7.08 25.21
N ILE B 258 46.86 6.61 24.01
CA ILE B 258 46.41 5.30 23.56
C ILE B 258 47.20 4.19 24.25
N HIS B 259 46.51 3.13 24.70
CA HIS B 259 47.16 1.97 25.25
C HIS B 259 47.00 0.74 24.38
N THR B 260 47.95 -0.17 24.57
CA THR B 260 48.09 -1.38 23.79
C THR B 260 48.39 -2.52 24.79
N PRO B 261 48.13 -3.80 24.39
CA PRO B 261 48.70 -4.87 25.22
C PRO B 261 50.23 -4.77 25.23
N MET B 262 50.87 -5.28 26.28
CA MET B 262 52.33 -5.25 26.34
C MET B 262 52.95 -6.10 25.23
N ALA B 263 52.18 -7.06 24.72
CA ALA B 263 52.62 -7.89 23.59
C ALA B 263 51.53 -8.81 23.11
N ARG B 264 51.71 -9.34 21.91
CA ARG B 264 50.87 -10.41 21.40
C ARG B 264 51.71 -11.66 21.26
N PHE B 265 51.36 -12.70 22.00
CA PHE B 265 52.07 -13.97 21.99
C PHE B 265 51.54 -14.89 20.91
N PHE B 266 52.45 -15.60 20.24
CA PHE B 266 52.10 -16.61 19.27
C PHE B 266 52.87 -17.90 19.56
N ARG B 267 52.20 -19.04 19.39
CA ARG B 267 52.89 -20.32 19.26
C ARG B 267 52.41 -20.92 17.96
N LEU B 268 53.36 -21.24 17.08
CA LEU B 268 53.06 -21.71 15.74
C LEU B 268 53.41 -23.18 15.59
N HIS B 269 52.51 -23.93 14.96
CA HIS B 269 52.69 -25.36 14.76
C HIS B 269 52.78 -25.68 13.27
N PHE B 270 53.95 -26.15 12.85
CA PHE B 270 54.18 -26.47 11.46
C PHE B 270 54.30 -27.97 11.24
N ARG B 271 53.70 -28.46 10.17
CA ARG B 271 53.99 -29.78 9.64
C ARG B 271 54.51 -29.59 8.21
N GLN B 272 54.80 -30.68 7.52
CA GLN B 272 55.28 -30.56 6.15
C GLN B 272 54.22 -30.96 5.15
N ARG B 273 54.17 -30.21 4.05
CA ARG B 273 53.19 -30.44 2.98
C ARG B 273 53.92 -30.73 1.67
N ARG B 274 53.53 -31.82 1.03
CA ARG B 274 54.08 -32.22 -0.25
C ARG B 274 53.46 -31.41 -1.39
N VAL B 275 54.29 -31.08 -2.38
CA VAL B 275 53.88 -30.24 -3.51
C VAL B 275 54.50 -30.77 -4.81
N LYS B 276 53.83 -30.51 -5.94
CA LYS B 276 54.40 -30.80 -7.28
C LYS B 276 54.84 -29.52 -7.99
N VAL C 7 58.26 -35.44 31.97
CA VAL C 7 58.90 -36.72 31.52
C VAL C 7 57.87 -37.58 30.75
N GLU C 8 58.08 -38.89 30.66
CA GLU C 8 57.22 -39.70 29.78
C GLU C 8 55.99 -40.26 30.47
N VAL C 9 54.87 -39.62 30.16
CA VAL C 9 53.60 -39.91 30.77
C VAL C 9 52.99 -41.19 30.21
N LEU C 10 52.59 -42.09 31.09
CA LEU C 10 51.94 -43.34 30.69
C LEU C 10 50.42 -43.25 30.89
N ALA C 11 49.79 -44.37 31.22
CA ALA C 11 48.33 -44.43 31.34
C ALA C 11 47.79 -44.01 32.70
N ALA C 12 46.52 -43.60 32.72
CA ALA C 12 45.80 -43.28 33.95
C ALA C 12 45.54 -44.56 34.76
N VAL C 13 45.62 -44.44 36.08
CA VAL C 13 45.24 -45.56 36.95
C VAL C 13 43.71 -45.66 36.99
N PRO C 14 43.16 -46.89 36.85
CA PRO C 14 41.70 -47.10 37.02
C PRO C 14 41.16 -46.36 38.25
N LEU C 15 40.22 -45.44 38.03
CA LEU C 15 39.51 -44.75 39.13
C LEU C 15 39.06 -45.77 40.18
N SER C 16 39.58 -45.62 41.39
CA SER C 16 39.28 -46.48 42.52
C SER C 16 39.11 -45.57 43.74
N GLU C 17 38.70 -46.14 44.86
CA GLU C 17 38.54 -45.36 46.09
C GLU C 17 39.89 -44.91 46.59
N GLU C 18 40.86 -45.82 46.42
CA GLU C 18 42.24 -45.72 46.88
C GLU C 18 43.03 -44.76 46.04
N THR C 19 42.57 -44.55 44.82
CA THR C 19 43.32 -43.84 43.79
C THR C 19 42.67 -42.49 43.43
N GLU C 20 41.58 -42.17 44.13
CA GLU C 20 40.92 -40.86 44.00
C GLU C 20 41.14 -39.98 45.21
N PHE C 21 41.11 -38.66 44.98
CA PHE C 21 41.25 -37.70 46.08
C PHE C 21 40.57 -36.36 45.77
N LYS C 22 39.78 -35.86 46.73
CA LYS C 22 39.06 -34.59 46.59
C LYS C 22 39.30 -33.64 47.75
N VAL C 23 39.53 -32.36 47.43
CA VAL C 23 39.60 -31.32 48.43
C VAL C 23 38.84 -30.08 48.00
N GLU C 24 38.22 -29.43 48.99
CA GLU C 24 37.57 -28.15 48.82
C GLU C 24 38.35 -27.14 49.65
N LEU C 25 38.46 -25.91 49.15
CA LEU C 25 39.11 -24.84 49.89
C LEU C 25 38.66 -23.49 49.38
N PHE C 26 38.79 -22.48 50.24
CA PHE C 26 38.49 -21.11 49.89
C PHE C 26 39.81 -20.36 49.88
N VAL C 27 40.09 -19.64 48.81
CA VAL C 27 41.30 -18.86 48.75
C VAL C 27 40.94 -17.40 48.98
N LYS C 28 41.62 -16.80 49.95
CA LYS C 28 41.37 -15.42 50.32
C LYS C 28 42.05 -14.46 49.37
N PRO C 29 41.42 -13.30 49.11
CA PRO C 29 42.04 -12.24 48.31
C PRO C 29 43.18 -11.61 49.07
N VAL C 30 44.11 -10.99 48.35
CA VAL C 30 45.26 -10.36 48.98
C VAL C 30 45.40 -8.90 48.58
N ILE C 31 45.54 -8.05 49.59
CA ILE C 31 45.85 -6.64 49.37
C ILE C 31 47.16 -6.30 50.06
N GLY C 32 47.92 -5.42 49.46
CA GLY C 32 49.23 -5.04 49.98
C GLY C 32 49.17 -4.36 51.34
N ASN C 33 50.28 -4.51 52.07
CA ASN C 33 50.39 -4.03 53.44
C ASN C 33 51.47 -2.95 53.55
N THR C 34 51.10 -1.77 54.05
CA THR C 34 52.06 -0.66 54.13
C THR C 34 53.01 -0.78 55.32
N THR C 35 52.57 -1.43 56.40
CA THR C 35 53.42 -1.57 57.59
C THR C 35 54.61 -2.50 57.38
N ALA C 36 55.70 -2.25 58.11
CA ALA C 36 56.90 -3.09 58.08
C ALA C 36 56.67 -4.42 58.80
N GLY C 40 62.63 -8.09 62.31
CA GLY C 40 62.28 -8.20 60.91
C GLY C 40 61.98 -9.63 60.49
N ARG C 41 61.01 -9.78 59.58
CA ARG C 41 60.53 -11.08 59.05
C ARG C 41 59.87 -10.89 57.68
N GLU C 42 59.19 -11.92 57.15
CA GLU C 42 58.38 -11.79 55.93
C GLU C 42 57.24 -10.79 56.11
N PRO C 43 56.98 -9.94 55.09
CA PRO C 43 55.83 -9.03 55.16
C PRO C 43 54.51 -9.81 55.16
N THR C 44 53.52 -9.31 55.88
CA THR C 44 52.22 -9.97 56.07
C THR C 44 51.21 -9.45 55.06
N PRO C 45 50.53 -10.36 54.34
CA PRO C 45 49.45 -9.94 53.45
C PRO C 45 48.23 -9.45 54.26
N HIS C 46 47.46 -8.52 53.68
CA HIS C 46 46.12 -8.23 54.17
C HIS C 46 45.17 -9.12 53.41
N TYR C 47 44.42 -9.94 54.14
CA TYR C 47 43.31 -10.69 53.55
C TYR C 47 42.06 -9.82 53.66
N TRP C 48 41.92 -8.93 52.67
CA TRP C 48 40.81 -8.00 52.60
C TRP C 48 40.11 -8.13 51.26
N SER C 49 38.80 -7.89 51.24
CA SER C 49 38.07 -7.78 49.98
C SER C 49 37.76 -6.32 49.67
N ILE C 50 38.30 -5.44 50.48
CA ILE C 50 38.13 -4.00 50.32
C ILE C 50 39.45 -3.32 50.68
N SER C 51 40.01 -2.57 49.73
CA SER C 51 41.29 -1.89 49.91
C SER C 51 41.14 -0.54 50.61
N SER C 52 42.27 0.13 50.84
CA SER C 52 42.25 1.53 51.28
C SER C 52 41.90 2.44 50.11
N ALA C 53 41.48 3.67 50.44
CA ALA C 53 41.06 4.63 49.44
C ALA C 53 42.23 5.08 48.57
N ILE C 54 42.00 5.15 47.26
CA ILE C 54 42.95 5.73 46.33
C ILE C 54 42.75 7.24 46.33
N HIS C 55 43.80 7.97 46.67
CA HIS C 55 43.75 9.43 46.72
C HIS C 55 45.17 10.00 46.56
N ASP C 56 45.30 11.10 45.82
CA ASP C 56 46.53 11.88 45.79
C ASP C 56 46.91 12.32 47.20
N LYS C 57 48.19 12.60 47.44
CA LYS C 57 48.64 13.13 48.74
C LYS C 57 48.30 14.63 48.89
N GLU C 58 48.73 15.24 49.99
CA GLU C 58 48.51 16.68 50.21
C GLU C 58 49.31 17.49 49.21
N SER C 59 48.75 18.60 48.74
CA SER C 59 49.39 19.49 47.75
C SER C 59 50.88 19.77 48.04
N GLY C 60 51.28 19.64 49.30
CA GLY C 60 52.67 19.85 49.70
C GLY C 60 53.60 18.66 49.56
N SER C 61 53.08 17.52 49.11
CA SER C 61 53.89 16.29 49.04
C SER C 61 54.49 16.00 47.67
N SER C 62 55.51 15.15 47.65
CA SER C 62 56.21 14.81 46.42
C SER C 62 56.05 13.32 46.02
N ILE C 63 55.37 12.54 46.85
CA ILE C 63 54.99 11.18 46.48
C ILE C 63 53.88 11.24 45.43
N LYS C 64 54.14 10.65 44.26
CA LYS C 64 53.15 10.61 43.20
C LYS C 64 52.47 9.26 43.17
N VAL C 65 51.21 9.29 43.59
CA VAL C 65 50.38 8.10 43.82
C VAL C 65 50.17 7.23 42.56
N GLU C 66 50.21 7.86 41.39
CA GLU C 66 50.14 7.11 40.12
C GLU C 66 51.46 6.43 39.74
N GLU C 67 52.54 6.73 40.46
CA GLU C 67 53.86 6.15 40.21
C GLU C 67 54.24 5.16 41.31
N THR C 68 54.00 5.57 42.55
CA THR C 68 54.25 4.72 43.71
C THR C 68 53.02 4.74 44.60
N PRO C 69 52.02 3.88 44.31
CA PRO C 69 50.83 3.88 45.16
C PRO C 69 51.14 3.19 46.49
N ASP C 70 50.30 3.42 47.50
CA ASP C 70 50.37 2.65 48.74
C ASP C 70 50.10 1.17 48.43
N ALA C 71 50.88 0.28 49.04
CA ALA C 71 50.65 -1.17 48.91
C ALA C 71 49.18 -1.49 49.22
N ASP C 72 48.63 -0.69 50.13
CA ASP C 72 47.22 -0.63 50.51
C ASP C 72 46.17 -0.65 49.40
N THR C 73 46.55 -0.22 48.20
CA THR C 73 45.59 0.00 47.14
C THR C 73 45.88 -0.85 45.92
N THR C 74 46.60 -1.95 46.13
CA THR C 74 46.79 -2.92 45.06
C THR C 74 46.47 -4.35 45.48
N VAL C 75 46.00 -5.14 44.51
CA VAL C 75 45.69 -6.55 44.71
C VAL C 75 46.90 -7.37 44.26
N CYS C 76 47.29 -8.35 45.06
CA CYS C 76 48.33 -9.29 44.64
C CYS C 76 47.73 -10.67 44.44
N TYR C 77 48.42 -11.52 43.67
CA TYR C 77 47.98 -12.88 43.44
C TYR C 77 47.91 -13.66 44.76
N SER C 78 46.81 -14.37 44.96
CA SER C 78 46.64 -15.22 46.12
C SER C 78 47.26 -16.58 45.84
N LEU C 79 47.74 -17.23 46.92
CA LEU C 79 48.39 -18.54 46.81
C LEU C 79 47.79 -19.60 47.72
N ALA C 80 47.78 -20.84 47.23
CA ALA C 80 47.44 -22.01 48.04
C ALA C 80 48.15 -23.24 47.47
N GLU C 81 48.55 -24.14 48.36
CA GLU C 81 49.20 -25.38 47.94
C GLU C 81 48.39 -26.55 48.47
N ILE C 82 48.30 -27.60 47.67
CA ILE C 82 47.64 -28.83 48.10
C ILE C 82 48.59 -29.98 47.90
N ALA C 83 48.83 -30.73 48.97
CA ALA C 83 49.61 -31.96 48.90
C ALA C 83 48.67 -33.13 49.18
N PRO C 84 48.24 -33.84 48.12
CA PRO C 84 47.39 -35.02 48.27
C PRO C 84 48.12 -36.12 49.04
N PRO C 85 47.39 -37.13 49.54
CA PRO C 85 48.00 -38.14 50.42
C PRO C 85 49.11 -38.91 49.74
N ASP C 86 50.05 -39.41 50.53
CA ASP C 86 51.15 -40.22 50.04
C ASP C 86 50.66 -41.45 49.30
N ILE C 87 51.45 -41.91 48.33
CA ILE C 87 51.05 -43.06 47.52
C ILE C 87 51.75 -44.39 47.85
N PRO C 88 50.91 -45.41 48.16
CA PRO C 88 51.32 -46.78 48.44
C PRO C 88 51.88 -47.43 47.19
N ASN C 89 53.00 -48.12 47.33
CA ASN C 89 53.73 -48.71 46.20
C ASN C 89 53.86 -47.71 45.04
N GLN C 90 54.30 -46.49 45.35
CA GLN C 90 54.36 -45.41 44.36
C GLN C 90 55.26 -45.72 43.16
N VAL C 91 56.45 -46.26 43.42
CA VAL C 91 57.45 -46.54 42.39
C VAL C 91 57.54 -48.05 42.16
N SER C 92 57.60 -48.45 40.89
CA SER C 92 57.88 -49.85 40.54
C SER C 92 59.19 -49.94 39.74
N GLU C 93 59.43 -51.11 39.15
CA GLU C 93 60.55 -51.35 38.22
C GLU C 93 60.58 -50.28 37.11
N CYS C 94 59.43 -50.13 36.46
CA CYS C 94 59.32 -49.42 35.19
C CYS C 94 58.76 -48.01 35.29
N ASP C 95 57.99 -47.74 36.35
CA ASP C 95 57.30 -46.43 36.46
C ASP C 95 57.01 -46.00 37.90
N MET C 96 56.44 -44.79 38.02
CA MET C 96 55.92 -44.32 39.28
C MET C 96 54.48 -43.79 39.12
N LYS C 97 53.73 -43.80 40.22
CA LYS C 97 52.39 -43.24 40.24
C LYS C 97 52.44 -41.83 40.81
N VAL C 98 51.69 -40.93 40.20
CA VAL C 98 51.67 -39.52 40.59
C VAL C 98 50.24 -38.98 40.55
N TRP C 99 49.94 -38.01 41.40
CA TRP C 99 48.59 -37.42 41.44
C TRP C 99 48.35 -36.52 40.24
N GLU C 100 47.20 -36.71 39.62
CA GLU C 100 46.81 -35.93 38.45
C GLU C 100 45.47 -35.21 38.65
N LEU C 101 45.52 -33.88 38.60
CA LEU C 101 44.32 -33.06 38.68
C LEU C 101 43.65 -33.11 37.31
N TYR C 102 42.47 -33.73 37.22
CA TYR C 102 41.83 -33.92 35.92
C TYR C 102 40.57 -33.08 35.71
N ARG C 103 39.99 -32.60 36.80
CA ARG C 103 38.90 -31.63 36.74
C ARG C 103 38.79 -30.82 38.03
N MET C 104 38.07 -29.72 37.96
CA MET C 104 37.85 -28.90 39.13
C MET C 104 36.61 -28.07 38.95
N GLU C 105 36.07 -27.62 40.07
CA GLU C 105 35.14 -26.53 40.02
C GLU C 105 35.73 -25.38 40.78
N THR C 106 35.50 -24.18 40.28
CA THR C 106 35.90 -22.96 40.96
C THR C 106 34.78 -21.96 40.86
N GLU C 107 34.60 -21.21 41.94
CA GLU C 107 33.38 -20.43 42.07
C GLU C 107 33.67 -19.22 42.94
N LEU C 108 33.14 -18.06 42.58
CA LEU C 108 33.42 -16.87 43.36
C LEU C 108 32.40 -16.67 44.46
N LEU C 109 32.88 -16.21 45.61
CA LEU C 109 32.04 -15.93 46.76
C LEU C 109 31.76 -14.44 46.86
N VAL C 110 30.50 -14.09 46.64
CA VAL C 110 30.15 -12.76 46.20
C VAL C 110 28.73 -12.42 46.69
N VAL C 111 28.54 -11.16 47.09
CA VAL C 111 27.20 -10.61 47.40
C VAL C 111 27.02 -9.26 46.73
N PRO C 112 25.78 -8.90 46.36
CA PRO C 112 25.59 -7.58 45.78
C PRO C 112 25.88 -6.49 46.82
N LEU C 113 26.59 -5.44 46.42
CA LEU C 113 26.88 -4.33 47.33
C LEU C 113 25.95 -3.17 46.99
N VAL C 114 25.08 -2.83 47.94
CA VAL C 114 24.12 -1.74 47.77
C VAL C 114 24.21 -0.78 48.96
N ASN C 115 23.52 -1.10 50.06
CA ASN C 115 23.49 -0.22 51.24
C ASN C 115 24.88 0.10 51.81
N ALA C 116 25.77 -0.88 51.82
CA ALA C 116 27.10 -0.70 52.41
C ALA C 116 27.93 0.41 51.74
N LEU C 117 27.56 0.74 50.50
CA LEU C 117 28.31 1.70 49.69
C LEU C 117 27.92 3.15 49.95
N GLY C 118 26.80 3.33 50.65
CA GLY C 118 26.27 4.66 50.96
C GLY C 118 25.56 5.31 49.79
N ASN C 119 25.25 6.59 49.97
CA ASN C 119 24.53 7.38 48.98
C ASN C 119 24.86 8.86 49.07
N THR C 120 24.69 9.56 47.95
CA THR C 120 24.82 11.01 47.88
C THR C 120 23.44 11.57 47.55
N ASN C 121 22.85 12.26 48.53
CA ASN C 121 21.48 12.78 48.41
C ASN C 121 20.45 11.76 47.95
N GLY C 122 20.64 10.51 48.33
CA GLY C 122 19.73 9.44 47.93
C GLY C 122 20.02 8.86 46.56
N VAL C 123 21.15 9.24 45.96
CA VAL C 123 21.64 8.59 44.75
C VAL C 123 22.58 7.50 45.24
N VAL C 124 22.11 6.25 45.12
CA VAL C 124 22.79 5.05 45.59
C VAL C 124 24.15 4.88 44.89
N HIS C 125 25.20 4.65 45.67
CA HIS C 125 26.53 4.37 45.12
C HIS C 125 26.62 2.91 44.65
N GLY C 126 27.49 2.65 43.67
CA GLY C 126 27.67 1.30 43.14
C GLY C 126 29.12 0.86 42.99
N LEU C 127 29.33 -0.44 42.91
CA LEU C 127 30.65 -0.98 42.64
C LEU C 127 30.80 -1.11 41.12
N ALA C 128 31.87 -0.52 40.57
CA ALA C 128 32.13 -0.51 39.15
C ALA C 128 33.59 -0.15 38.89
N GLY C 129 34.09 -0.49 37.70
CA GLY C 129 35.43 -0.14 37.30
C GLY C 129 36.20 -1.27 36.65
N THR C 130 37.52 -1.12 36.67
CA THR C 130 38.42 -2.08 36.07
C THR C 130 38.49 -3.38 36.85
N GLN C 131 38.45 -4.49 36.11
CA GLN C 131 38.27 -5.83 36.71
C GLN C 131 39.31 -6.84 36.25
N LEU C 132 39.58 -7.82 37.10
CA LEU C 132 40.38 -8.99 36.75
C LEU C 132 39.72 -10.23 37.33
N TYR C 133 39.65 -11.29 36.52
CA TYR C 133 39.19 -12.59 37.01
C TYR C 133 40.20 -13.61 36.53
N PHE C 134 40.93 -14.19 37.47
CA PHE C 134 42.06 -15.04 37.11
C PHE C 134 42.22 -16.22 38.06
N TRP C 135 42.38 -17.39 37.46
CA TRP C 135 42.83 -18.56 38.20
C TRP C 135 43.91 -19.36 37.46
N ALA C 136 44.75 -20.03 38.24
CA ALA C 136 45.80 -20.89 37.72
C ALA C 136 45.96 -22.09 38.61
N VAL C 137 46.28 -23.21 37.98
CA VAL C 137 46.35 -24.48 38.67
C VAL C 137 47.52 -25.26 38.02
N GLY C 138 48.52 -25.62 38.83
CA GLY C 138 49.76 -26.18 38.26
C GLY C 138 50.58 -27.07 39.19
N GLY C 139 51.44 -27.90 38.60
CA GLY C 139 52.36 -28.77 39.35
C GLY C 139 53.60 -28.06 39.87
N GLN C 140 53.65 -26.74 39.68
CA GLN C 140 54.77 -25.87 40.09
C GLN C 140 54.20 -24.45 40.22
N PRO C 141 54.96 -23.52 40.80
CA PRO C 141 54.39 -22.15 40.91
C PRO C 141 54.15 -21.50 39.54
N LEU C 142 53.28 -20.51 39.50
CA LEU C 142 52.91 -19.85 38.27
C LEU C 142 54.08 -19.04 37.73
N ASP C 143 54.39 -19.22 36.45
CA ASP C 143 55.43 -18.44 35.78
C ASP C 143 54.82 -17.12 35.36
N VAL C 144 55.48 -16.05 35.78
CA VAL C 144 54.91 -14.74 35.60
C VAL C 144 55.94 -13.82 34.92
N VAL C 145 55.44 -12.76 34.30
CA VAL C 145 56.27 -11.84 33.51
C VAL C 145 56.08 -10.41 34.01
N GLY C 146 57.20 -9.72 34.24
CA GLY C 146 57.18 -8.37 34.80
C GLY C 146 56.99 -7.25 33.80
N VAL C 147 56.06 -6.37 34.11
CA VAL C 147 55.58 -5.39 33.15
C VAL C 147 55.26 -4.06 33.84
N THR C 148 55.32 -2.97 33.08
CA THR C 148 54.82 -1.67 33.59
C THR C 148 53.67 -1.14 32.73
N PRO C 149 52.61 -0.62 33.37
CA PRO C 149 51.49 -0.03 32.64
C PRO C 149 51.80 1.34 32.04
N THR C 150 52.85 1.98 32.54
CA THR C 150 53.20 3.36 32.24
C THR C 150 54.71 3.46 32.15
N ASP C 151 55.21 4.48 31.49
CA ASP C 151 56.65 4.76 31.44
C ASP C 151 57.21 5.26 32.78
N LYS C 152 56.33 5.45 33.76
CA LYS C 152 56.71 6.02 35.05
C LYS C 152 56.24 5.22 36.27
N TYR C 153 55.68 4.04 36.05
CA TYR C 153 55.12 3.26 37.16
C TYR C 153 56.15 2.38 37.85
N LYS C 154 56.39 2.65 39.13
CA LYS C 154 57.38 1.90 39.91
C LYS C 154 56.76 0.86 40.82
N GLY C 155 55.51 1.08 41.21
CA GLY C 155 54.85 0.23 42.19
C GLY C 155 55.07 0.75 43.59
N PRO C 156 54.45 0.12 44.59
CA PRO C 156 54.59 0.51 46.00
C PRO C 156 56.02 0.39 46.50
N THR C 157 56.43 1.33 47.36
CA THR C 157 57.79 1.32 47.90
C THR C 157 58.00 0.31 49.03
N THR C 158 56.92 -0.33 49.48
CA THR C 158 57.03 -1.50 50.39
C THR C 158 56.16 -2.66 49.93
N TYR C 159 56.32 -3.79 50.63
CA TYR C 159 55.54 -5.00 50.45
C TYR C 159 55.72 -5.70 49.11
N THR C 160 55.31 -5.05 48.03
CA THR C 160 55.29 -5.68 46.71
C THR C 160 56.68 -5.97 46.16
N ILE C 161 56.83 -7.11 45.50
CA ILE C 161 58.00 -7.37 44.69
C ILE C 161 57.71 -6.73 43.32
N ASN C 162 58.34 -5.59 43.08
CA ASN C 162 58.18 -4.86 41.83
C ASN C 162 59.09 -5.40 40.73
N PRO C 163 58.68 -5.29 39.46
CA PRO C 163 59.52 -5.75 38.37
C PRO C 163 60.83 -4.99 38.33
N PRO C 164 61.97 -5.71 38.34
CA PRO C 164 63.29 -5.06 38.20
C PRO C 164 63.50 -4.49 36.79
N GLY C 165 64.01 -3.27 36.70
CA GLY C 165 64.28 -2.62 35.44
C GLY C 165 63.77 -1.19 35.40
N ASP C 166 64.15 -0.46 34.35
CA ASP C 166 63.65 0.89 34.14
C ASP C 166 62.22 0.82 33.62
N PRO C 167 61.28 1.49 34.33
CA PRO C 167 59.88 1.53 33.94
C PRO C 167 59.67 2.01 32.50
N ARG C 168 60.59 2.80 31.98
CA ARG C 168 60.50 3.30 30.60
C ARG C 168 60.68 2.20 29.55
N THR C 169 61.26 1.07 29.95
CA THR C 169 61.56 -0.02 29.03
C THR C 169 60.72 -1.27 29.29
N LEU C 170 59.87 -1.23 30.31
CA LEU C 170 59.12 -2.42 30.72
C LEU C 170 57.65 -2.43 30.31
N HIS C 171 57.18 -1.37 29.65
CA HIS C 171 55.79 -1.32 29.22
C HIS C 171 55.52 -2.11 27.94
N VAL C 172 56.52 -2.86 27.50
CA VAL C 172 56.45 -3.72 26.33
C VAL C 172 57.25 -4.97 26.67
N TYR C 173 56.85 -6.13 26.13
CA TYR C 173 57.64 -7.34 26.31
C TYR C 173 58.90 -7.28 25.46
N ASN C 174 60.06 -7.34 26.10
CA ASN C 174 61.35 -7.28 25.39
C ASN C 174 62.39 -8.10 26.14
N SER C 175 63.62 -8.08 25.63
CA SER C 175 64.70 -8.84 26.25
C SER C 175 64.96 -8.48 27.72
N ASN C 176 64.55 -7.27 28.12
CA ASN C 176 64.73 -6.77 29.50
C ASN C 176 63.63 -7.18 30.46
N THR C 177 62.61 -7.88 29.94
CA THR C 177 61.42 -8.23 30.70
C THR C 177 61.75 -9.30 31.75
N PRO C 178 61.64 -8.94 33.04
CA PRO C 178 62.03 -9.89 34.07
C PRO C 178 61.02 -11.01 34.24
N LYS C 179 61.51 -12.20 34.54
CA LYS C 179 60.68 -13.37 34.79
C LYS C 179 60.73 -13.70 36.25
N ALA C 180 59.66 -14.30 36.77
CA ALA C 180 59.56 -14.68 38.18
C ALA C 180 58.54 -15.77 38.36
N LYS C 181 58.56 -16.42 39.52
CA LYS C 181 57.58 -17.42 39.92
C LYS C 181 56.80 -16.91 41.12
N VAL C 182 55.48 -17.09 41.08
CA VAL C 182 54.64 -16.59 42.17
C VAL C 182 54.77 -17.54 43.35
N THR C 183 55.72 -17.20 44.22
CA THR C 183 56.07 -18.05 45.37
C THR C 183 55.73 -17.37 46.70
N SER C 184 55.27 -16.12 46.62
CA SER C 184 54.74 -15.41 47.78
C SER C 184 53.53 -14.57 47.34
N GLU C 185 52.84 -14.00 48.31
CA GLU C 185 51.62 -13.24 48.02
C GLU C 185 51.97 -11.75 47.90
N ARG C 186 53.04 -11.47 47.17
CA ARG C 186 53.57 -10.12 47.06
C ARG C 186 53.67 -9.63 45.60
N TYR C 187 53.10 -10.39 44.67
CA TYR C 187 53.13 -10.01 43.27
C TYR C 187 51.87 -9.24 42.90
N SER C 188 52.04 -7.93 42.71
CA SER C 188 50.92 -7.07 42.33
C SER C 188 50.40 -7.42 40.94
N VAL C 189 49.08 -7.57 40.88
CA VAL C 189 48.33 -7.89 39.70
C VAL C 189 48.45 -6.81 38.61
N GLU C 190 48.88 -5.62 39.00
CA GLU C 190 49.09 -4.50 38.08
C GLU C 190 50.50 -4.46 37.48
N SER C 191 51.38 -5.35 37.93
CA SER C 191 52.78 -5.38 37.48
C SER C 191 53.23 -6.72 36.87
N TRP C 192 52.52 -7.80 37.18
CA TRP C 192 52.93 -9.12 36.74
C TRP C 192 51.79 -9.83 36.02
N ALA C 193 52.08 -10.35 34.83
CA ALA C 193 51.10 -11.13 34.06
C ALA C 193 51.63 -12.55 33.83
N PRO C 194 50.71 -13.54 33.72
CA PRO C 194 51.14 -14.92 33.48
C PRO C 194 51.96 -15.00 32.21
N ASP C 195 53.01 -15.83 32.24
CA ASP C 195 53.91 -15.97 31.10
C ASP C 195 53.41 -17.09 30.17
N PRO C 196 52.88 -16.71 28.98
CA PRO C 196 52.37 -17.73 28.05
C PRO C 196 53.48 -18.58 27.41
N SER C 197 54.74 -18.15 27.53
CA SER C 197 55.86 -18.89 26.93
C SER C 197 56.33 -20.01 27.84
N ARG C 198 55.91 -19.92 29.10
CA ARG C 198 56.18 -20.98 30.07
C ARG C 198 54.87 -21.59 30.56
N ASN C 199 54.76 -21.84 31.86
CA ASN C 199 53.58 -22.48 32.48
C ASN C 199 53.17 -23.80 31.83
N ASP C 200 54.15 -24.65 31.51
CA ASP C 200 53.87 -26.04 31.19
C ASP C 200 53.29 -26.72 32.41
N ASN C 201 52.49 -27.78 32.20
CA ASN C 201 51.87 -28.52 33.29
C ASN C 201 51.06 -27.57 34.19
N CYS C 202 50.27 -26.72 33.55
CA CYS C 202 49.54 -25.66 34.22
C CYS C 202 48.39 -25.21 33.32
N ARG C 203 47.22 -25.03 33.90
CA ARG C 203 46.14 -24.37 33.18
C ARG C 203 45.85 -23.06 33.92
N TYR C 204 45.75 -21.97 33.16
CA TYR C 204 45.30 -20.69 33.71
C TYR C 204 44.31 -20.04 32.76
N PHE C 205 43.54 -19.10 33.30
CA PHE C 205 42.56 -18.35 32.54
C PHE C 205 42.36 -16.98 33.18
N GLY C 206 42.35 -15.95 32.35
CA GLY C 206 42.25 -14.57 32.83
C GLY C 206 41.34 -13.73 31.95
N ARG C 207 40.63 -12.81 32.60
CA ARG C 207 39.77 -11.85 31.94
C ARG C 207 40.12 -10.48 32.55
N VAL C 208 40.44 -9.51 31.68
CA VAL C 208 40.65 -8.13 32.12
C VAL C 208 39.57 -7.25 31.47
N VAL C 209 38.93 -6.43 32.30
CA VAL C 209 37.91 -5.49 31.85
C VAL C 209 38.36 -4.11 32.28
N GLY C 210 38.52 -3.20 31.33
CA GLY C 210 38.95 -1.82 31.65
C GLY C 210 37.78 -0.91 32.00
N GLY C 211 37.98 0.40 31.90
CA GLY C 211 36.93 1.37 32.19
C GLY C 211 36.90 1.77 33.64
N ALA C 212 36.47 2.99 33.91
CA ALA C 212 36.40 3.52 35.29
C ALA C 212 35.09 3.15 35.96
N ALA C 213 34.05 2.94 35.16
CA ALA C 213 32.70 2.75 35.68
C ALA C 213 32.03 1.47 35.14
N THR C 214 32.84 0.46 34.83
CA THR C 214 32.30 -0.75 34.20
C THR C 214 31.71 -1.69 35.24
N PRO C 215 30.44 -2.08 35.06
CA PRO C 215 29.80 -2.95 36.05
C PRO C 215 30.42 -4.34 35.99
N PRO C 216 30.74 -4.94 37.16
CA PRO C 216 31.15 -6.34 37.18
C PRO C 216 29.94 -7.25 37.06
N VAL C 217 30.13 -8.37 36.35
CA VAL C 217 29.11 -9.41 36.23
C VAL C 217 29.70 -10.75 36.67
N VAL C 218 29.19 -11.29 37.78
CA VAL C 218 29.68 -12.57 38.31
C VAL C 218 28.55 -13.61 38.43
N SER C 219 28.76 -14.78 37.82
CA SER C 219 27.87 -15.92 37.99
C SER C 219 28.49 -16.97 38.91
N TYR C 220 27.65 -17.68 39.66
CA TYR C 220 28.12 -18.80 40.48
C TYR C 220 27.03 -19.81 40.61
N GLY C 221 27.40 -21.05 40.90
CA GLY C 221 26.46 -22.16 41.01
C GLY C 221 27.21 -23.38 41.49
N ASN C 222 26.55 -24.53 41.50
CA ASN C 222 27.19 -25.71 42.05
C ASN C 222 26.98 -26.94 41.19
N ASN C 223 26.71 -26.74 39.91
CA ASN C 223 26.57 -27.87 39.01
C ASN C 223 27.36 -27.74 37.71
N SER C 224 28.59 -27.25 37.82
CA SER C 224 29.38 -26.93 36.66
C SER C 224 30.86 -27.23 36.93
N THR C 225 31.47 -27.98 36.04
CA THR C 225 32.87 -28.36 36.21
C THR C 225 33.75 -27.83 35.07
N ILE C 226 35.03 -27.66 35.35
CA ILE C 226 36.01 -27.28 34.34
C ILE C 226 36.95 -28.46 34.09
N PRO C 227 36.94 -29.02 32.86
CA PRO C 227 37.89 -30.09 32.54
C PRO C 227 39.27 -29.49 32.37
N LEU C 228 40.31 -30.26 32.70
CA LEU C 228 41.67 -29.72 32.76
C LEU C 228 42.65 -30.55 31.94
N LEU C 229 42.10 -31.43 31.10
CA LEU C 229 42.93 -32.29 30.26
C LEU C 229 43.43 -31.47 29.06
N ASP C 230 44.68 -31.70 28.67
CA ASP C 230 45.20 -31.10 27.45
C ASP C 230 44.84 -31.94 26.23
N GLU C 231 45.40 -31.57 25.08
CA GLU C 231 45.18 -32.28 23.81
C GLU C 231 45.43 -33.80 23.88
N ASN C 232 46.27 -34.23 24.82
CA ASN C 232 46.60 -35.65 24.99
C ASN C 232 45.76 -36.38 26.04
N GLY C 233 44.87 -35.67 26.71
CA GLY C 233 44.06 -36.27 27.78
C GLY C 233 44.78 -36.31 29.11
N ILE C 234 45.73 -35.39 29.28
CA ILE C 234 46.54 -35.31 30.50
C ILE C 234 46.23 -34.04 31.28
N GLY C 235 45.94 -34.21 32.57
CA GLY C 235 45.68 -33.07 33.43
C GLY C 235 46.96 -32.53 34.03
N ILE C 236 46.84 -31.85 35.16
CA ILE C 236 48.00 -31.34 35.87
C ILE C 236 48.63 -32.46 36.70
N LEU C 237 49.92 -32.69 36.50
CA LEU C 237 50.64 -33.74 37.22
C LEU C 237 51.41 -33.13 38.38
N CYS C 238 51.21 -33.70 39.57
CA CYS C 238 51.90 -33.23 40.76
C CYS C 238 53.25 -33.96 40.92
N LEU C 239 54.19 -33.62 40.06
CA LEU C 239 55.47 -34.33 40.00
C LEU C 239 56.31 -34.23 41.27
N GLN C 240 56.13 -33.15 42.04
CA GLN C 240 56.76 -33.01 43.35
C GLN C 240 55.73 -33.18 44.47
N GLY C 241 54.63 -33.89 44.18
CA GLY C 241 53.56 -34.18 45.12
C GLY C 241 52.69 -33.00 45.55
N ARG C 242 52.78 -31.88 44.85
CA ARG C 242 52.03 -30.67 45.22
C ARG C 242 51.23 -30.11 44.04
N LEU C 243 50.08 -29.52 44.36
CA LEU C 243 49.36 -28.71 43.40
C LEU C 243 49.37 -27.25 43.84
N TYR C 244 49.76 -26.37 42.92
CA TYR C 244 49.87 -24.94 43.20
C TYR C 244 48.68 -24.22 42.63
N ILE C 245 47.92 -23.59 43.52
CA ILE C 245 46.81 -22.75 43.13
C ILE C 245 47.24 -21.32 43.29
N THR C 246 47.04 -20.54 42.23
CA THR C 246 47.30 -19.14 42.28
C THR C 246 46.17 -18.42 41.55
N CYS C 247 45.67 -17.33 42.14
CA CYS C 247 44.48 -16.66 41.63
C CYS C 247 44.34 -15.22 42.11
N ALA C 248 43.52 -14.45 41.40
CA ALA C 248 43.23 -13.07 41.76
C ALA C 248 41.97 -12.61 41.07
N ASP C 249 41.22 -11.77 41.77
CA ASP C 249 39.92 -11.30 41.30
C ASP C 249 39.69 -9.90 41.83
N MET C 250 39.27 -9.03 40.93
CA MET C 250 39.01 -7.64 41.25
C MET C 250 37.70 -7.21 40.59
N LEU C 251 36.79 -6.63 41.37
CA LEU C 251 35.45 -6.33 40.88
C LEU C 251 35.27 -4.88 40.42
N GLY C 252 36.23 -4.02 40.72
CA GLY C 252 36.10 -2.59 40.46
C GLY C 252 36.38 -1.78 41.72
N THR C 253 36.02 -0.50 41.71
CA THR C 253 36.11 0.33 42.91
C THR C 253 34.74 0.82 43.38
N ALA C 254 34.69 1.22 44.65
CA ALA C 254 33.53 1.88 45.25
C ALA C 254 34.03 2.85 46.32
N ASN C 255 33.68 4.12 46.17
CA ASN C 255 34.18 5.18 47.04
C ASN C 255 35.71 5.18 47.12
N SER C 256 36.35 5.02 45.96
CA SER C 256 37.81 5.07 45.81
C SER C 256 38.56 3.84 46.37
N ARG C 257 37.82 2.84 46.86
CA ARG C 257 38.45 1.62 47.33
C ARG C 257 38.15 0.45 46.39
N ILE C 258 39.15 -0.35 46.13
CA ILE C 258 39.02 -1.53 45.28
C ILE C 258 38.31 -2.63 46.04
N HIS C 259 37.37 -3.31 45.39
CA HIS C 259 36.72 -4.48 45.95
C HIS C 259 37.06 -5.75 45.22
N THR C 260 36.94 -6.86 45.96
CA THR C 260 37.34 -8.18 45.55
C THR C 260 36.18 -9.10 45.96
N PRO C 261 36.08 -10.31 45.36
CA PRO C 261 35.19 -11.31 45.99
C PRO C 261 35.64 -11.61 47.43
N MET C 262 34.73 -12.09 48.28
CA MET C 262 35.14 -12.48 49.64
C MET C 262 36.09 -13.68 49.62
N ALA C 263 36.01 -14.48 48.57
CA ALA C 263 36.91 -15.61 48.37
C ALA C 263 36.72 -16.25 47.00
N ARG C 264 37.71 -17.04 46.61
CA ARG C 264 37.57 -17.90 45.45
C ARG C 264 37.58 -19.36 45.93
N PHE C 265 36.47 -20.06 45.67
CA PHE C 265 36.31 -21.46 46.08
C PHE C 265 36.85 -22.40 45.01
N PHE C 266 37.55 -23.45 45.43
CA PHE C 266 37.99 -24.54 44.55
C PHE C 266 37.57 -25.89 45.09
N ARG C 267 37.13 -26.78 44.21
CA ARG C 267 37.08 -28.20 44.53
C ARG C 267 37.92 -28.92 43.48
N LEU C 268 38.91 -29.67 43.95
CA LEU C 268 39.90 -30.32 43.11
C LEU C 268 39.70 -31.82 43.08
N HIS C 269 39.73 -32.39 41.87
CA HIS C 269 39.56 -33.82 41.68
C HIS C 269 40.84 -34.44 41.17
N PHE C 270 41.43 -35.32 41.97
CA PHE C 270 42.66 -36.00 41.59
C PHE C 270 42.42 -37.48 41.33
N ARG C 271 43.05 -37.98 40.27
CA ARG C 271 43.23 -39.42 40.06
C ARG C 271 44.74 -39.70 40.05
N GLN C 272 45.10 -40.96 39.82
CA GLN C 272 46.53 -41.30 39.77
C GLN C 272 46.99 -41.56 38.35
N ARG C 273 48.20 -41.10 38.04
CA ARG C 273 48.77 -41.24 36.71
C ARG C 273 50.10 -41.98 36.77
N ARG C 274 50.24 -42.93 35.85
CA ARG C 274 51.52 -43.60 35.60
C ARG C 274 52.48 -42.78 34.76
N VAL C 275 53.74 -42.79 35.17
CA VAL C 275 54.75 -41.96 34.56
C VAL C 275 56.05 -42.75 34.60
N LYS C 276 56.78 -42.76 33.50
CA LYS C 276 58.12 -43.35 33.46
C LYS C 276 59.11 -42.36 34.06
N ASN C 277 59.90 -42.85 35.01
CA ASN C 277 60.82 -42.05 35.85
C ASN C 277 61.73 -41.11 35.06
N VAL D 7 22.90 -43.53 53.69
CA VAL D 7 22.09 -42.98 52.56
C VAL D 7 22.64 -43.42 51.21
N GLU D 8 22.21 -44.60 50.74
CA GLU D 8 22.64 -45.14 49.45
C GLU D 8 21.51 -45.05 48.41
N VAL D 9 21.82 -44.49 47.24
CA VAL D 9 20.81 -44.25 46.21
C VAL D 9 20.73 -45.40 45.21
N LEU D 10 19.53 -45.96 45.03
CA LEU D 10 19.30 -47.03 44.05
C LEU D 10 18.69 -46.48 42.76
N ALA D 11 17.85 -47.27 42.10
CA ALA D 11 17.29 -46.91 40.80
C ALA D 11 16.01 -46.06 40.89
N ALA D 12 15.74 -45.31 39.82
CA ALA D 12 14.50 -44.55 39.69
C ALA D 12 13.30 -45.48 39.51
N VAL D 13 12.16 -45.10 40.09
CA VAL D 13 10.92 -45.86 39.90
C VAL D 13 10.36 -45.51 38.50
N PRO D 14 9.93 -46.53 37.72
CA PRO D 14 9.27 -46.28 36.43
C PRO D 14 8.22 -45.16 36.53
N LEU D 15 8.39 -44.09 35.75
CA LEU D 15 7.46 -42.95 35.77
C LEU D 15 6.00 -43.30 35.42
N SER D 16 5.19 -43.41 36.47
CA SER D 16 3.78 -43.83 36.42
C SER D 16 2.91 -42.67 36.90
N GLU D 17 1.58 -42.86 36.89
CA GLU D 17 0.67 -41.82 37.35
C GLU D 17 0.74 -41.54 38.85
N GLU D 18 0.79 -42.60 39.66
CA GLU D 18 0.87 -42.45 41.12
C GLU D 18 2.31 -42.37 41.63
N THR D 19 3.29 -42.34 40.72
CA THR D 19 4.71 -42.16 41.07
C THR D 19 5.25 -40.80 40.59
N GLU D 20 4.40 -40.03 39.94
CA GLU D 20 4.71 -38.68 39.50
C GLU D 20 3.95 -37.64 40.33
N PHE D 21 4.54 -36.44 40.44
CA PHE D 21 3.88 -35.34 41.13
C PHE D 21 4.38 -33.98 40.64
N LYS D 22 3.44 -33.07 40.38
CA LYS D 22 3.73 -31.72 39.89
C LYS D 22 3.06 -30.63 40.73
N VAL D 23 3.79 -29.55 41.00
CA VAL D 23 3.23 -28.37 41.66
C VAL D 23 3.73 -27.11 41.02
N GLU D 24 2.84 -26.13 40.95
CA GLU D 24 3.18 -24.79 40.54
C GLU D 24 3.03 -23.86 41.74
N LEU D 25 3.92 -22.90 41.90
CA LEU D 25 3.78 -21.90 42.96
C LEU D 25 4.51 -20.61 42.61
N PHE D 26 4.06 -19.52 43.21
CA PHE D 26 4.72 -18.24 43.06
C PHE D 26 5.39 -17.92 44.37
N VAL D 27 6.68 -17.60 44.34
CA VAL D 27 7.36 -17.17 45.56
C VAL D 27 7.49 -15.66 45.57
N LYS D 28 7.00 -15.05 46.65
CA LYS D 28 6.99 -13.61 46.83
C LYS D 28 8.36 -13.12 47.25
N PRO D 29 8.75 -11.92 46.78
CA PRO D 29 9.97 -11.26 47.25
C PRO D 29 9.84 -10.83 48.69
N VAL D 30 10.97 -10.68 49.36
CA VAL D 30 10.99 -10.27 50.77
C VAL D 30 11.84 -9.03 50.98
N ILE D 31 11.25 -8.03 51.62
CA ILE D 31 11.97 -6.87 52.10
C ILE D 31 11.85 -6.77 53.62
N GLY D 32 12.91 -6.28 54.25
CA GLY D 32 12.98 -6.13 55.71
C GLY D 32 11.94 -5.19 56.28
N ASN D 33 11.57 -5.48 57.52
CA ASN D 33 10.52 -4.77 58.24
C ASN D 33 11.08 -4.04 59.46
N THR D 34 10.89 -2.73 59.53
CA THR D 34 11.45 -1.94 60.63
C THR D 34 10.66 -2.05 61.92
N THR D 35 9.34 -2.28 61.83
CA THR D 35 8.49 -2.38 63.03
C THR D 35 8.81 -3.64 63.83
N ALA D 36 8.81 -3.55 65.16
CA ALA D 36 9.08 -4.72 66.01
C ALA D 36 7.78 -5.24 66.61
N ALA D 37 7.54 -6.57 66.46
CA ALA D 37 6.30 -7.19 66.95
C ALA D 37 6.22 -7.28 68.47
N ARG D 41 7.06 -12.96 69.56
CA ARG D 41 6.39 -13.24 68.29
C ARG D 41 7.23 -12.84 67.06
N GLU D 42 7.55 -13.83 66.23
CA GLU D 42 8.39 -13.67 65.03
C GLU D 42 8.17 -12.38 64.24
N PRO D 43 9.26 -11.73 63.82
CA PRO D 43 9.13 -10.55 62.95
C PRO D 43 8.47 -10.91 61.61
N THR D 44 7.67 -10.00 61.08
CA THR D 44 6.90 -10.24 59.86
C THR D 44 7.66 -9.70 58.63
N PRO D 45 7.80 -10.53 57.58
CA PRO D 45 8.38 -10.04 56.33
C PRO D 45 7.45 -9.09 55.60
N HIS D 46 8.02 -8.14 54.86
CA HIS D 46 7.25 -7.36 53.90
C HIS D 46 7.32 -8.08 52.57
N TYR D 47 6.18 -8.48 52.03
CA TYR D 47 6.14 -8.99 50.67
C TYR D 47 5.93 -7.81 49.72
N TRP D 48 7.04 -7.16 49.38
CA TRP D 48 7.06 -5.99 48.52
C TRP D 48 7.99 -6.23 47.35
N SER D 49 7.68 -5.64 46.20
CA SER D 49 8.64 -5.63 45.09
C SER D 49 9.25 -4.25 44.94
N ILE D 50 8.97 -3.38 45.90
CA ILE D 50 9.50 -2.04 45.95
C ILE D 50 9.78 -1.68 47.41
N SER D 51 11.05 -1.34 47.69
CA SER D 51 11.49 -1.03 49.05
C SER D 51 11.21 0.42 49.44
N SER D 52 11.60 0.79 50.65
CA SER D 52 11.61 2.20 51.05
C SER D 52 12.84 2.88 50.43
N ALA D 53 12.80 4.21 50.36
CA ALA D 53 13.88 5.01 49.79
C ALA D 53 15.15 4.89 50.62
N ILE D 54 16.28 4.74 49.94
CA ILE D 54 17.59 4.82 50.57
C ILE D 54 18.00 6.28 50.67
N HIS D 55 18.25 6.75 51.88
CA HIS D 55 18.64 8.13 52.12
C HIS D 55 19.40 8.28 53.44
N ASP D 56 20.41 9.15 53.42
CA ASP D 56 21.11 9.55 54.65
C ASP D 56 20.12 10.15 55.64
N LYS D 57 20.25 9.77 56.90
CA LYS D 57 19.41 10.32 57.97
C LYS D 57 19.67 11.82 58.19
N GLU D 58 18.81 12.45 58.99
CA GLU D 58 18.92 13.90 59.33
C GLU D 58 20.29 14.34 59.81
N SER D 59 20.56 15.64 59.62
CA SER D 59 21.81 16.26 60.03
C SER D 59 22.30 15.81 61.42
N GLY D 60 21.41 15.87 62.41
CA GLY D 60 21.77 15.60 63.80
C GLY D 60 22.01 14.14 64.14
N SER D 61 21.16 13.27 63.60
CA SER D 61 21.22 11.82 63.81
C SER D 61 22.64 11.24 63.66
N SER D 62 22.98 10.25 64.48
CA SER D 62 24.29 9.61 64.39
C SER D 62 24.22 8.17 63.86
N ILE D 63 23.07 7.83 63.28
CA ILE D 63 22.89 6.58 62.55
C ILE D 63 23.52 6.73 61.16
N LYS D 64 24.48 5.87 60.85
CA LYS D 64 25.10 5.86 59.52
C LYS D 64 24.49 4.78 58.65
N VAL D 65 23.72 5.25 57.68
CA VAL D 65 22.90 4.41 56.79
C VAL D 65 23.69 3.38 55.99
N GLU D 66 24.96 3.67 55.71
CA GLU D 66 25.84 2.71 55.03
C GLU D 66 26.38 1.63 55.97
N GLU D 67 26.16 1.80 57.26
CA GLU D 67 26.61 0.84 58.26
C GLU D 67 25.45 0.06 58.85
N THR D 68 24.38 0.77 59.17
CA THR D 68 23.17 0.15 59.67
C THR D 68 21.99 0.71 58.89
N PRO D 69 21.68 0.13 57.72
CA PRO D 69 20.54 0.63 56.97
C PRO D 69 19.23 0.19 57.61
N ASP D 70 18.13 0.85 57.26
CA ASP D 70 16.82 0.39 57.66
C ASP D 70 16.55 -0.98 57.04
N ALA D 71 15.98 -1.90 57.80
CA ALA D 71 15.58 -3.20 57.28
C ALA D 71 14.74 -3.01 56.00
N ASP D 72 13.96 -1.92 56.01
CA ASP D 72 13.21 -1.38 54.88
C ASP D 72 13.86 -1.36 53.50
N THR D 73 15.19 -1.34 53.48
CA THR D 73 15.92 -1.10 52.25
C THR D 73 16.83 -2.26 51.90
N THR D 74 16.54 -3.44 52.43
CA THR D 74 17.27 -4.63 52.02
C THR D 74 16.36 -5.80 51.66
N VAL D 75 16.84 -6.61 50.71
CA VAL D 75 16.16 -7.80 50.24
C VAL D 75 16.68 -9.02 51.01
N CYS D 76 15.77 -9.86 51.46
CA CYS D 76 16.17 -11.11 52.11
C CYS D 76 15.74 -12.26 51.25
N TYR D 77 16.36 -13.42 51.46
CA TYR D 77 16.02 -14.62 50.71
C TYR D 77 14.59 -15.02 51.02
N SER D 78 13.85 -15.33 49.95
CA SER D 78 12.48 -15.83 50.06
C SER D 78 12.49 -17.34 50.28
N LEU D 79 11.46 -17.85 50.97
CA LEU D 79 11.38 -19.27 51.31
C LEU D 79 10.06 -19.89 50.92
N ALA D 80 10.10 -21.15 50.52
CA ALA D 80 8.91 -21.95 50.33
C ALA D 80 9.26 -23.42 50.51
N GLU D 81 8.33 -24.18 51.06
CA GLU D 81 8.51 -25.62 51.27
C GLU D 81 7.42 -26.37 50.53
N ILE D 82 7.77 -27.52 49.97
CA ILE D 82 6.80 -28.37 49.29
C ILE D 82 6.91 -29.77 49.86
N ALA D 83 5.80 -30.29 50.38
CA ALA D 83 5.73 -31.67 50.85
C ALA D 83 4.82 -32.45 49.90
N PRO D 84 5.42 -33.22 48.98
CA PRO D 84 4.66 -34.05 48.03
C PRO D 84 3.87 -35.11 48.79
N PRO D 85 2.83 -35.70 48.15
CA PRO D 85 1.93 -36.63 48.84
C PRO D 85 2.68 -37.79 49.46
N ASP D 86 2.11 -38.36 50.53
CA ASP D 86 2.69 -39.53 51.18
C ASP D 86 2.79 -40.72 50.25
N ILE D 87 3.76 -41.59 50.51
CA ILE D 87 3.99 -42.77 49.67
C ILE D 87 3.47 -44.07 50.33
N ASP D 95 15.36 -50.51 49.25
CA ASP D 95 14.03 -50.95 49.66
C ASP D 95 13.27 -49.83 50.40
N MET D 96 13.41 -48.61 49.92
CA MET D 96 12.63 -47.46 50.40
C MET D 96 12.40 -46.42 49.28
N LYS D 97 11.19 -45.88 49.19
CA LYS D 97 10.89 -44.92 48.11
C LYS D 97 10.83 -43.48 48.62
N VAL D 98 11.43 -42.58 47.85
CA VAL D 98 11.50 -41.16 48.22
C VAL D 98 11.28 -40.26 47.00
N TRP D 99 10.71 -39.09 47.23
CA TRP D 99 10.45 -38.16 46.12
C TRP D 99 11.73 -37.52 45.60
N GLU D 100 11.84 -37.49 44.28
CA GLU D 100 13.03 -36.93 43.60
C GLU D 100 12.65 -35.84 42.60
N LEU D 101 13.14 -34.62 42.86
CA LEU D 101 12.95 -33.50 41.96
C LEU D 101 13.96 -33.68 40.82
N TYR D 102 13.46 -33.95 39.60
CA TYR D 102 14.38 -34.25 38.50
C TYR D 102 14.45 -33.15 37.44
N ARG D 103 13.43 -32.31 37.40
CA ARG D 103 13.44 -31.11 36.56
C ARG D 103 12.48 -30.07 37.08
N MET D 104 12.67 -28.84 36.62
CA MET D 104 11.79 -27.76 37.02
C MET D 104 11.83 -26.67 35.97
N GLU D 105 10.78 -25.86 35.96
CA GLU D 105 10.88 -24.57 35.29
C GLU D 105 10.76 -23.47 36.33
N THR D 106 11.50 -22.40 36.13
CA THR D 106 11.37 -21.22 36.98
C THR D 106 11.44 -19.99 36.08
N GLU D 107 10.66 -19.00 36.43
CA GLU D 107 10.39 -17.91 35.52
C GLU D 107 10.06 -16.69 36.38
N LEU D 108 10.53 -15.53 35.96
CA LEU D 108 10.32 -14.29 36.70
C LEU D 108 9.07 -13.55 36.24
N LEU D 109 8.33 -12.99 37.21
CA LEU D 109 7.11 -12.28 36.93
C LEU D 109 7.43 -10.81 36.95
N VAL D 110 7.34 -10.20 35.79
CA VAL D 110 8.01 -8.95 35.56
C VAL D 110 7.25 -8.11 34.52
N VAL D 111 7.20 -6.79 34.74
CA VAL D 111 6.68 -5.86 33.73
C VAL D 111 7.66 -4.71 33.56
N PRO D 112 7.69 -4.09 32.37
CA PRO D 112 8.59 -2.94 32.22
C PRO D 112 8.10 -1.77 33.05
N LEU D 113 9.01 -1.07 33.73
CA LEU D 113 8.62 0.10 34.52
C LEU D 113 8.97 1.36 33.76
N VAL D 114 7.94 2.12 33.38
CA VAL D 114 8.11 3.38 32.65
C VAL D 114 7.36 4.52 33.35
N ASN D 115 6.07 4.68 33.06
CA ASN D 115 5.26 5.75 33.67
C ASN D 115 5.31 5.81 35.19
N ALA D 116 5.28 4.65 35.85
CA ALA D 116 5.22 4.58 37.31
C ALA D 116 6.43 5.20 37.99
N LEU D 117 7.51 5.38 37.24
CA LEU D 117 8.75 5.89 37.80
C LEU D 117 8.84 7.41 37.80
N GLY D 118 7.90 8.04 37.08
CA GLY D 118 7.88 9.49 36.96
C GLY D 118 8.90 10.05 35.99
N ASN D 119 9.07 11.36 36.03
CA ASN D 119 9.98 12.06 35.15
C ASN D 119 10.47 13.38 35.76
N THR D 120 11.65 13.83 35.35
CA THR D 120 12.13 15.17 35.70
C THR D 120 12.08 16.03 34.44
N ASN D 121 11.13 16.97 34.39
CA ASN D 121 10.89 17.82 33.22
C ASN D 121 10.84 17.03 31.91
N GLY D 122 10.17 15.88 31.94
CA GLY D 122 9.99 15.08 30.74
C GLY D 122 11.11 14.10 30.43
N VAL D 123 12.18 14.11 31.23
CA VAL D 123 13.22 13.07 31.16
C VAL D 123 12.71 11.86 31.96
N VAL D 124 12.30 10.83 31.26
CA VAL D 124 11.77 9.61 31.86
C VAL D 124 12.79 8.93 32.80
N HIS D 125 12.34 8.58 34.00
CA HIS D 125 13.15 7.84 34.96
C HIS D 125 13.14 6.35 34.61
N GLY D 126 14.19 5.64 35.03
CA GLY D 126 14.31 4.22 34.74
C GLY D 126 14.79 3.38 35.91
N LEU D 127 14.50 2.09 35.84
CA LEU D 127 15.01 1.14 36.82
C LEU D 127 16.39 0.66 36.36
N ALA D 128 17.40 0.85 37.21
CA ALA D 128 18.75 0.41 36.91
C ALA D 128 19.55 0.28 38.20
N GLY D 129 20.65 -0.46 38.15
CA GLY D 129 21.52 -0.59 39.30
C GLY D 129 22.01 -1.99 39.54
N THR D 130 22.41 -2.24 40.79
CA THR D 130 23.02 -3.50 41.18
C THR D 130 21.95 -4.58 41.31
N GLN D 131 22.25 -5.77 40.79
CA GLN D 131 21.23 -6.82 40.63
C GLN D 131 21.66 -8.16 41.21
N LEU D 132 20.67 -8.97 41.60
CA LEU D 132 20.90 -10.35 41.97
C LEU D 132 19.79 -11.19 41.35
N TYR D 133 20.17 -12.35 40.80
CA TYR D 133 19.20 -13.34 40.34
C TYR D 133 19.64 -14.67 40.92
N PHE D 134 18.83 -15.19 41.84
CA PHE D 134 19.22 -16.39 42.57
C PHE D 134 18.05 -17.33 42.83
N TRP D 135 18.28 -18.61 42.58
CA TRP D 135 17.38 -19.66 43.03
C TRP D 135 18.14 -20.85 43.59
N ALA D 136 17.49 -21.56 44.51
CA ALA D 136 18.03 -22.76 45.12
C ALA D 136 16.91 -23.73 45.40
N VAL D 137 17.22 -25.01 45.28
CA VAL D 137 16.23 -26.05 45.33
C VAL D 137 16.93 -27.24 45.98
N GLY D 138 16.43 -27.68 47.13
CA GLY D 138 17.13 -28.68 47.96
C GLY D 138 16.28 -29.52 48.91
N GLY D 139 16.82 -30.66 49.34
CA GLY D 139 16.15 -31.55 50.29
C GLY D 139 16.30 -31.14 51.74
N GLN D 140 16.92 -29.99 51.95
CA GLN D 140 17.16 -29.40 53.27
C GLN D 140 17.31 -27.89 53.04
N PRO D 141 17.32 -27.08 54.12
CA PRO D 141 17.47 -25.65 53.89
C PRO D 141 18.81 -25.29 53.24
N LEU D 142 18.87 -24.13 52.61
CA LEU D 142 20.08 -23.66 51.96
C LEU D 142 21.17 -23.35 52.98
N ASP D 143 22.35 -23.92 52.77
CA ASP D 143 23.53 -23.60 53.57
C ASP D 143 24.11 -22.28 53.12
N VAL D 144 24.29 -21.38 54.07
CA VAL D 144 24.68 -20.04 53.74
C VAL D 144 25.90 -19.61 54.57
N VAL D 145 26.61 -18.61 54.09
CA VAL D 145 27.87 -18.17 54.69
C VAL D 145 27.84 -16.65 54.95
N GLY D 146 28.19 -16.27 56.17
CA GLY D 146 28.06 -14.88 56.63
C GLY D 146 29.25 -14.01 56.30
N VAL D 147 28.97 -12.85 55.74
CA VAL D 147 29.99 -12.04 55.10
C VAL D 147 29.69 -10.56 55.31
N THR D 148 30.71 -9.71 55.24
CA THR D 148 30.46 -8.26 55.21
C THR D 148 31.05 -7.64 53.95
N PRO D 149 30.32 -6.70 53.32
CA PRO D 149 30.79 -6.00 52.13
C PRO D 149 31.86 -4.94 52.44
N THR D 150 31.93 -4.54 53.70
CA THR D 150 32.74 -3.42 54.15
C THR D 150 33.31 -3.78 55.51
N ASP D 151 34.38 -3.08 55.90
CA ASP D 151 34.96 -3.23 57.25
C ASP D 151 34.07 -2.63 58.36
N LYS D 152 32.97 -1.99 57.97
CA LYS D 152 32.10 -1.27 58.91
C LYS D 152 30.62 -1.62 58.80
N TYR D 153 30.27 -2.58 57.97
CA TYR D 153 28.86 -2.91 57.74
C TYR D 153 28.31 -3.89 58.79
N LYS D 154 27.30 -3.44 59.53
CA LYS D 154 26.69 -4.23 60.58
C LYS D 154 25.35 -4.84 60.16
N GLY D 155 24.69 -4.19 59.22
CA GLY D 155 23.33 -4.56 58.84
C GLY D 155 22.29 -3.80 59.64
N PRO D 156 21.00 -4.02 59.33
CA PRO D 156 19.92 -3.37 60.07
C PRO D 156 19.86 -3.77 61.54
N THR D 157 19.50 -2.82 62.41
CA THR D 157 19.45 -3.07 63.85
C THR D 157 18.19 -3.83 64.28
N THR D 158 17.26 -4.04 63.36
CA THR D 158 16.12 -4.94 63.60
C THR D 158 15.87 -5.86 62.40
N TYR D 159 15.00 -6.85 62.62
CA TYR D 159 14.51 -7.80 61.62
C TYR D 159 15.55 -8.82 61.15
N THR D 160 16.59 -8.34 60.46
CA THR D 160 17.58 -9.21 59.85
C THR D 160 18.42 -9.97 60.87
N ILE D 161 18.71 -11.22 60.57
CA ILE D 161 19.73 -11.96 61.28
C ILE D 161 21.05 -11.59 60.62
N ASN D 162 21.84 -10.78 61.31
CA ASN D 162 23.14 -10.32 60.82
C ASN D 162 24.23 -11.34 61.12
N PRO D 163 25.28 -11.40 60.26
CA PRO D 163 26.39 -12.30 60.55
C PRO D 163 27.07 -11.96 61.87
N PRO D 164 27.18 -12.94 62.80
CA PRO D 164 27.90 -12.72 64.05
C PRO D 164 29.40 -12.55 63.80
N GLY D 165 30.00 -11.56 64.46
CA GLY D 165 31.44 -11.34 64.38
C GLY D 165 31.78 -9.88 64.14
N ASP D 166 33.06 -9.54 64.25
CA ASP D 166 33.54 -8.21 63.91
C ASP D 166 33.51 -7.99 62.39
N PRO D 167 32.81 -6.92 61.94
CA PRO D 167 32.72 -6.59 60.51
C PRO D 167 34.10 -6.40 59.87
N ARG D 168 35.10 -6.05 60.66
CA ARG D 168 36.45 -5.86 60.16
C ARG D 168 37.12 -7.16 59.74
N THR D 169 36.59 -8.29 60.21
CA THR D 169 37.18 -9.60 59.93
C THR D 169 36.30 -10.47 59.02
N LEU D 170 35.13 -9.98 58.63
CA LEU D 170 34.18 -10.82 57.91
C LEU D 170 34.10 -10.53 56.42
N HIS D 171 34.86 -9.53 55.95
CA HIS D 171 34.82 -9.19 54.52
C HIS D 171 35.67 -10.13 53.65
N VAL D 172 36.12 -11.21 54.27
CA VAL D 172 36.89 -12.24 53.63
C VAL D 172 36.47 -13.57 54.24
N TYR D 173 36.44 -14.64 53.47
CA TYR D 173 36.14 -15.95 54.04
C TYR D 173 37.32 -16.42 54.87
N ASN D 174 37.09 -16.66 56.16
CA ASN D 174 38.13 -17.14 57.06
C ASN D 174 37.55 -18.08 58.12
N SER D 175 38.40 -18.63 58.98
CA SER D 175 37.99 -19.66 59.95
C SER D 175 36.90 -19.19 60.93
N ASN D 176 36.79 -17.87 61.08
CA ASN D 176 35.75 -17.26 61.90
C ASN D 176 34.46 -16.89 61.14
N THR D 177 34.39 -17.21 59.84
CA THR D 177 33.18 -16.94 59.04
C THR D 177 32.00 -17.73 59.62
N PRO D 178 30.88 -17.06 59.91
CA PRO D 178 29.77 -17.83 60.48
C PRO D 178 28.96 -18.55 59.41
N LYS D 179 28.46 -19.73 59.76
CA LYS D 179 27.61 -20.52 58.88
C LYS D 179 26.19 -20.51 59.41
N ALA D 180 25.22 -20.68 58.53
CA ALA D 180 23.80 -20.69 58.92
C ALA D 180 22.98 -21.39 57.85
N LYS D 181 21.74 -21.71 58.20
CA LYS D 181 20.79 -22.31 57.28
C LYS D 181 19.62 -21.36 57.11
N VAL D 182 19.21 -21.15 55.87
CA VAL D 182 18.11 -20.22 55.59
C VAL D 182 16.79 -20.87 55.97
N THR D 183 16.42 -20.66 57.23
CA THR D 183 15.23 -21.27 57.85
C THR D 183 14.14 -20.24 58.16
N SER D 184 14.45 -18.97 57.89
CA SER D 184 13.48 -17.89 57.99
C SER D 184 13.74 -16.87 56.87
N GLU D 185 12.82 -15.93 56.69
CA GLU D 185 12.95 -14.93 55.65
C GLU D 185 13.62 -13.66 56.18
N ARG D 186 14.68 -13.86 56.96
CA ARG D 186 15.36 -12.77 57.64
C ARG D 186 16.85 -12.68 57.30
N TYR D 187 17.26 -13.40 56.25
CA TYR D 187 18.66 -13.40 55.83
C TYR D 187 18.87 -12.43 54.69
N SER D 188 19.52 -11.31 55.00
CA SER D 188 19.74 -10.25 54.01
C SER D 188 20.72 -10.71 52.96
N VAL D 189 20.33 -10.47 51.72
CA VAL D 189 21.05 -10.88 50.54
C VAL D 189 22.42 -10.18 50.41
N GLU D 190 22.56 -9.08 51.16
CA GLU D 190 23.79 -8.31 51.17
C GLU D 190 24.78 -8.81 52.24
N SER D 191 24.38 -9.80 53.03
CA SER D 191 25.21 -10.28 54.13
C SER D 191 25.48 -11.79 54.11
N TRP D 192 24.62 -12.54 53.41
CA TRP D 192 24.74 -13.99 53.35
C TRP D 192 24.81 -14.50 51.92
N ALA D 193 25.82 -15.33 51.63
CA ALA D 193 25.98 -15.95 50.32
C ALA D 193 25.91 -17.46 50.47
N PRO D 194 25.43 -18.17 49.42
CA PRO D 194 25.36 -19.64 49.44
C PRO D 194 26.73 -20.22 49.72
N ASP D 195 26.78 -21.28 50.52
CA ASP D 195 28.03 -21.92 50.90
C ASP D 195 28.38 -23.02 49.92
N PRO D 196 29.39 -22.79 49.05
CA PRO D 196 29.75 -23.80 48.04
C PRO D 196 30.44 -25.03 48.62
N SER D 197 30.84 -24.96 49.89
CA SER D 197 31.49 -26.10 50.55
C SER D 197 30.46 -27.07 51.14
N ARG D 198 29.21 -26.62 51.22
CA ARG D 198 28.11 -27.45 51.66
C ARG D 198 27.07 -27.55 50.53
N ASN D 199 25.79 -27.46 50.88
CA ASN D 199 24.70 -27.59 49.93
C ASN D 199 24.72 -28.84 49.05
N ASP D 200 25.07 -29.98 49.66
CA ASP D 200 24.83 -31.28 49.04
C ASP D 200 23.34 -31.50 48.86
N ASN D 201 22.97 -32.30 47.87
CA ASN D 201 21.56 -32.58 47.58
C ASN D 201 20.78 -31.27 47.37
N CYS D 202 21.34 -30.42 46.52
CA CYS D 202 20.86 -29.07 46.30
C CYS D 202 21.48 -28.52 45.03
N ARG D 203 20.67 -27.86 44.21
CA ARG D 203 21.18 -27.09 43.09
C ARG D 203 20.84 -25.64 43.33
N TYR D 204 21.81 -24.77 43.15
CA TYR D 204 21.55 -23.35 43.17
C TYR D 204 22.30 -22.66 42.04
N PHE D 205 21.87 -21.45 41.71
CA PHE D 205 22.51 -20.64 40.68
C PHE D 205 22.28 -19.18 41.00
N GLY D 206 23.34 -18.39 40.90
CA GLY D 206 23.29 -16.97 41.24
C GLY D 206 24.04 -16.11 40.24
N ARG D 207 23.54 -14.90 40.02
CA ARG D 207 24.17 -13.95 39.13
C ARG D 207 24.10 -12.58 39.79
N VAL D 208 25.27 -12.01 40.07
CA VAL D 208 25.37 -10.66 40.64
C VAL D 208 25.89 -9.70 39.56
N VAL D 209 25.20 -8.57 39.43
CA VAL D 209 25.59 -7.50 38.52
C VAL D 209 25.76 -6.26 39.38
N GLY D 210 26.93 -5.63 39.29
CA GLY D 210 27.22 -4.41 40.06
C GLY D 210 26.80 -3.15 39.29
N GLY D 211 27.39 -2.02 39.67
CA GLY D 211 27.10 -0.74 39.03
C GLY D 211 25.89 -0.04 39.61
N ALA D 212 25.93 1.29 39.57
CA ALA D 212 24.82 2.11 40.10
C ALA D 212 23.67 2.28 39.09
N ALA D 213 24.00 2.19 37.79
CA ALA D 213 23.04 2.49 36.72
C ALA D 213 22.96 1.37 35.70
N THR D 214 23.21 0.13 36.12
CA THR D 214 23.21 -0.99 35.17
C THR D 214 21.79 -1.46 34.84
N PRO D 215 21.44 -1.47 33.55
CA PRO D 215 20.08 -1.90 33.19
C PRO D 215 19.89 -3.41 33.49
N PRO D 216 18.77 -3.80 34.09
CA PRO D 216 18.45 -5.21 34.22
C PRO D 216 17.87 -5.77 32.93
N VAL D 217 18.20 -7.03 32.63
CA VAL D 217 17.66 -7.73 31.47
C VAL D 217 17.05 -9.05 31.95
N VAL D 218 15.74 -9.19 31.80
CA VAL D 218 15.05 -10.41 32.21
C VAL D 218 14.26 -11.04 31.05
N SER D 219 14.50 -12.33 30.82
CA SER D 219 13.72 -13.08 29.86
C SER D 219 12.77 -14.02 30.56
N TYR D 220 11.63 -14.29 29.94
CA TYR D 220 10.70 -15.28 30.48
C TYR D 220 9.91 -15.91 29.35
N GLY D 221 9.39 -17.11 29.58
CA GLY D 221 8.64 -17.84 28.56
C GLY D 221 8.08 -19.09 29.21
N ASN D 222 7.48 -19.97 28.42
CA ASN D 222 6.83 -21.14 28.98
C ASN D 222 7.14 -22.43 28.26
N ASN D 223 8.29 -22.50 27.60
CA ASN D 223 8.68 -23.71 26.91
C ASN D 223 10.15 -24.04 27.16
N SER D 224 10.59 -23.91 28.39
CA SER D 224 11.98 -24.09 28.72
C SER D 224 12.11 -24.70 30.12
N THR D 225 12.86 -25.79 30.22
CA THR D 225 13.02 -26.49 31.48
C THR D 225 14.48 -26.49 31.93
N ILE D 226 14.68 -26.63 33.24
CA ILE D 226 16.01 -26.79 33.82
C ILE D 226 16.17 -28.20 34.37
N PRO D 227 17.10 -28.99 33.78
CA PRO D 227 17.34 -30.33 34.34
C PRO D 227 18.12 -30.18 35.63
N LEU D 228 17.90 -31.11 36.56
CA LEU D 228 18.46 -30.99 37.92
C LEU D 228 19.21 -32.23 38.36
N LEU D 229 19.52 -33.10 37.38
CA LEU D 229 20.30 -34.29 37.64
C LEU D 229 21.78 -33.94 37.81
N ASP D 230 22.46 -34.60 38.74
CA ASP D 230 23.90 -34.46 38.87
C ASP D 230 24.63 -35.42 37.93
N GLU D 231 25.96 -35.48 38.07
CA GLU D 231 26.82 -36.34 37.26
C GLU D 231 26.37 -37.81 37.25
N ASN D 232 25.67 -38.25 38.29
CA ASN D 232 25.17 -39.62 38.39
C ASN D 232 23.74 -39.84 37.89
N GLY D 233 23.07 -38.77 37.48
CA GLY D 233 21.68 -38.86 37.03
C GLY D 233 20.69 -38.83 38.19
N ILE D 234 21.11 -38.20 39.28
CA ILE D 234 20.30 -38.09 40.49
C ILE D 234 19.88 -36.63 40.72
N GLY D 235 18.58 -36.42 40.91
CA GLY D 235 18.08 -35.08 41.19
C GLY D 235 18.11 -34.81 42.68
N ILE D 236 17.24 -33.91 43.14
CA ILE D 236 17.15 -33.57 44.54
C ILE D 236 16.25 -34.59 45.24
N LEU D 237 16.77 -35.22 46.29
CA LEU D 237 16.02 -36.23 47.04
C LEU D 237 15.40 -35.62 48.30
N CYS D 238 14.10 -35.82 48.48
CA CYS D 238 13.38 -35.30 49.63
C CYS D 238 13.42 -36.32 50.77
N LEU D 239 14.60 -36.46 51.37
CA LEU D 239 14.85 -37.50 52.37
C LEU D 239 14.00 -37.36 53.64
N GLN D 240 13.57 -36.13 53.93
CA GLN D 240 12.64 -35.87 55.05
C GLN D 240 11.27 -35.47 54.50
N GLY D 241 10.96 -35.95 53.28
CA GLY D 241 9.69 -35.67 52.62
C GLY D 241 9.41 -34.23 52.18
N ARG D 242 10.42 -33.37 52.22
CA ARG D 242 10.22 -31.96 51.88
C ARG D 242 11.20 -31.47 50.83
N LEU D 243 10.75 -30.54 49.99
CA LEU D 243 11.65 -29.79 49.11
C LEU D 243 11.70 -28.33 49.54
N TYR D 244 12.92 -27.83 49.71
CA TYR D 244 13.12 -26.47 50.16
C TYR D 244 13.47 -25.57 48.97
N ILE D 245 12.61 -24.58 48.73
CA ILE D 245 12.88 -23.58 47.73
C ILE D 245 13.32 -22.31 48.42
N THR D 246 14.44 -21.77 47.97
CA THR D 246 14.93 -20.52 48.50
C THR D 246 15.44 -19.69 47.33
N CYS D 247 15.06 -18.41 47.29
CA CYS D 247 15.37 -17.56 46.14
C CYS D 247 15.33 -16.07 46.46
N ALA D 248 15.97 -15.28 45.59
CA ALA D 248 15.99 -13.83 45.76
C ALA D 248 16.40 -13.18 44.45
N ASP D 249 15.73 -12.07 44.14
CA ASP D 249 15.91 -11.38 42.88
C ASP D 249 15.81 -9.88 43.11
N MET D 250 16.74 -9.15 42.50
CA MET D 250 16.80 -7.70 42.66
C MET D 250 17.14 -7.09 41.32
N LEU D 251 16.31 -6.15 40.87
CA LEU D 251 16.43 -5.59 39.52
C LEU D 251 17.24 -4.30 39.45
N GLY D 252 17.53 -3.69 40.58
CA GLY D 252 18.17 -2.37 40.63
C GLY D 252 17.36 -1.40 41.49
N THR D 253 17.66 -0.10 41.36
CA THR D 253 16.88 0.91 42.06
C THR D 253 16.19 1.87 41.10
N ALA D 254 15.15 2.53 41.61
CA ALA D 254 14.46 3.59 40.90
C ALA D 254 13.96 4.58 41.95
N ASN D 255 14.38 5.84 41.81
CA ASN D 255 14.07 6.90 42.78
C ASN D 255 14.47 6.49 44.20
N SER D 256 15.65 5.89 44.31
CA SER D 256 16.25 5.49 45.58
C SER D 256 15.61 4.27 46.23
N ARG D 257 14.62 3.67 45.58
CA ARG D 257 14.01 2.45 46.10
C ARG D 257 14.43 1.25 45.27
N ILE D 258 14.76 0.15 45.94
CA ILE D 258 15.09 -1.10 45.30
C ILE D 258 13.84 -1.75 44.74
N HIS D 259 13.92 -2.28 43.52
CA HIS D 259 12.85 -3.06 42.93
C HIS D 259 13.20 -4.53 42.75
N THR D 260 12.16 -5.33 42.65
CA THR D 260 12.24 -6.77 42.65
C THR D 260 11.22 -7.25 41.60
N PRO D 261 11.36 -8.49 41.08
CA PRO D 261 10.23 -9.01 40.31
C PRO D 261 9.01 -9.13 41.22
N MET D 262 7.81 -9.13 40.64
CA MET D 262 6.59 -9.29 41.45
C MET D 262 6.53 -10.67 42.10
N ALA D 263 7.24 -11.64 41.50
CA ALA D 263 7.33 -12.99 42.02
C ALA D 263 8.29 -13.85 41.21
N ARG D 264 8.68 -14.96 41.80
CA ARG D 264 9.42 -15.99 41.09
C ARG D 264 8.56 -17.25 41.03
N PHE D 265 8.22 -17.65 39.81
CA PHE D 265 7.37 -18.80 39.56
C PHE D 265 8.23 -20.06 39.48
N PHE D 266 7.71 -21.15 40.05
CA PHE D 266 8.32 -22.49 39.95
C PHE D 266 7.28 -23.52 39.55
N ARG D 267 7.65 -24.42 38.65
CA ARG D 267 6.91 -25.65 38.47
C ARG D 267 7.87 -26.81 38.71
N LEU D 268 7.52 -27.66 39.66
CA LEU D 268 8.41 -28.72 40.11
C LEU D 268 7.94 -30.08 39.63
N HIS D 269 8.86 -30.89 39.12
CA HIS D 269 8.55 -32.23 38.63
C HIS D 269 9.22 -33.29 39.49
N PHE D 270 8.39 -34.08 40.18
CA PHE D 270 8.88 -35.14 41.04
C PHE D 270 8.60 -36.51 40.45
N ARG D 271 9.59 -37.39 40.55
CA ARG D 271 9.39 -38.82 40.36
C ARG D 271 9.79 -39.50 41.68
N GLN D 272 9.72 -40.83 41.72
CA GLN D 272 10.10 -41.57 42.91
C GLN D 272 11.45 -42.28 42.74
N ARG D 273 12.25 -42.24 43.80
CA ARG D 273 13.58 -42.83 43.79
C ARG D 273 13.72 -43.85 44.88
N ARG D 274 14.29 -44.99 44.52
CA ARG D 274 14.65 -46.00 45.50
C ARG D 274 15.96 -45.70 46.22
N VAL D 275 15.94 -45.92 47.54
CA VAL D 275 17.05 -45.61 48.45
C VAL D 275 17.22 -46.78 49.45
N LYS D 276 18.46 -47.20 49.67
CA LYS D 276 18.74 -48.28 50.61
C LYS D 276 18.62 -47.82 52.06
N ASN D 277 17.90 -48.62 52.84
CA ASN D 277 17.47 -48.32 54.20
C ASN D 277 16.75 -49.54 54.74
N GLU E 8 -6.66 -37.32 25.14
CA GLU E 8 -6.93 -36.08 24.33
C GLU E 8 -6.42 -36.20 22.89
N VAL E 9 -5.10 -36.10 22.72
CA VAL E 9 -4.46 -35.83 21.43
C VAL E 9 -3.92 -37.10 20.77
N LEU E 10 -4.29 -37.31 19.51
CA LEU E 10 -3.80 -38.46 18.73
C LEU E 10 -2.66 -38.05 17.80
N ALA E 11 -2.55 -38.73 16.65
CA ALA E 11 -1.45 -38.50 15.70
C ALA E 11 -1.66 -37.33 14.74
N ALA E 12 -0.55 -36.78 14.25
CA ALA E 12 -0.57 -35.76 13.20
C ALA E 12 -1.06 -36.35 11.87
N VAL E 13 -1.83 -35.57 11.12
CA VAL E 13 -2.25 -35.97 9.78
C VAL E 13 -1.06 -35.80 8.81
N PRO E 14 -0.82 -36.80 7.93
CA PRO E 14 0.22 -36.69 6.90
C PRO E 14 0.14 -35.35 6.16
N LEU E 15 1.27 -34.60 6.19
CA LEU E 15 1.37 -33.28 5.57
C LEU E 15 1.06 -33.28 4.06
N SER E 16 -0.16 -32.84 3.72
CA SER E 16 -0.70 -32.86 2.35
C SER E 16 -1.04 -31.43 1.95
N GLU E 17 -1.48 -31.24 0.71
CA GLU E 17 -1.86 -29.90 0.24
C GLU E 17 -3.12 -29.35 0.90
N GLU E 18 -4.13 -30.21 1.04
CA GLU E 18 -5.40 -29.84 1.65
C GLU E 18 -5.27 -29.71 3.18
N THR E 19 -4.30 -30.44 3.76
CA THR E 19 -4.11 -30.54 5.21
C THR E 19 -3.09 -29.53 5.78
N GLU E 20 -2.52 -28.72 4.89
CA GLU E 20 -1.63 -27.62 5.26
C GLU E 20 -2.31 -26.27 5.07
N PHE E 21 -1.86 -25.28 5.84
CA PHE E 21 -2.35 -23.91 5.71
C PHE E 21 -1.34 -22.89 6.23
N LYS E 22 -1.12 -21.83 5.45
CA LYS E 22 -0.18 -20.77 5.79
C LYS E 22 -0.81 -19.38 5.69
N VAL E 23 -0.51 -18.52 6.66
CA VAL E 23 -0.91 -17.12 6.62
C VAL E 23 0.19 -16.19 7.08
N GLU E 24 0.30 -15.06 6.40
CA GLU E 24 1.19 -13.98 6.80
C GLU E 24 0.31 -12.81 7.24
N LEU E 25 0.75 -12.10 8.29
CA LEU E 25 0.04 -10.91 8.73
C LEU E 25 0.97 -9.98 9.48
N PHE E 26 0.62 -8.70 9.50
CA PHE E 26 1.34 -7.71 10.29
C PHE E 26 0.46 -7.31 11.45
N VAL E 27 0.99 -7.35 12.66
CA VAL E 27 0.22 -6.89 13.81
C VAL E 27 0.71 -5.51 14.20
N LYS E 28 -0.22 -4.57 14.27
CA LYS E 28 0.07 -3.18 14.61
C LYS E 28 0.24 -3.02 16.10
N PRO E 29 1.17 -2.13 16.52
CA PRO E 29 1.31 -1.74 17.92
C PRO E 29 0.10 -0.97 18.41
N VAL E 30 -0.14 -1.01 19.72
CA VAL E 30 -1.28 -0.31 20.32
C VAL E 30 -0.84 0.68 21.39
N ILE E 31 -1.29 1.91 21.24
CA ILE E 31 -1.14 2.91 22.29
C ILE E 31 -2.52 3.37 22.77
N GLY E 32 -2.62 3.68 24.06
CA GLY E 32 -3.88 4.09 24.69
C GLY E 32 -4.43 5.40 24.16
N ASN E 33 -5.75 5.52 24.22
CA ASN E 33 -6.49 6.64 23.65
C ASN E 33 -7.20 7.42 24.76
N THR E 34 -6.91 8.71 24.84
CA THR E 34 -7.50 9.55 25.90
C THR E 34 -8.95 9.96 25.63
N THR E 35 -9.34 10.06 24.36
CA THR E 35 -10.72 10.46 24.00
C THR E 35 -11.72 9.35 24.39
N ALA E 36 -12.83 9.72 25.03
CA ALA E 36 -13.85 8.72 25.43
C ALA E 36 -14.71 8.36 24.23
N ALA E 37 -15.15 7.10 24.15
CA ALA E 37 -15.91 6.62 22.99
C ALA E 37 -17.41 7.03 22.93
N GLN E 38 -18.14 6.52 21.93
CA GLN E 38 -19.55 6.87 21.68
C GLN E 38 -20.43 5.65 21.89
N ARG E 41 -20.45 2.48 22.14
CA ARG E 41 -19.30 1.96 21.41
C ARG E 41 -18.04 1.79 22.31
N GLU E 42 -17.34 0.67 22.09
CA GLU E 42 -15.99 0.37 22.58
C GLU E 42 -14.96 1.47 22.34
N PRO E 43 -14.00 1.65 23.29
CA PRO E 43 -12.92 2.62 23.06
C PRO E 43 -12.03 2.17 21.90
N THR E 44 -11.51 3.13 21.14
CA THR E 44 -10.72 2.87 19.94
C THR E 44 -9.23 2.88 20.28
N PRO E 45 -8.49 1.83 19.87
CA PRO E 45 -7.02 1.87 20.03
C PRO E 45 -6.37 2.86 19.08
N HIS E 46 -5.23 3.43 19.50
CA HIS E 46 -4.34 4.14 18.58
C HIS E 46 -3.33 3.14 18.04
N TYR E 47 -3.33 2.95 16.73
CA TYR E 47 -2.28 2.20 16.10
C TYR E 47 -1.13 3.15 15.77
N TRP E 48 -0.29 3.38 16.77
CA TRP E 48 0.84 4.28 16.67
C TRP E 48 2.13 3.54 17.05
N SER E 49 3.24 3.91 16.42
CA SER E 49 4.55 3.45 16.87
C SER E 49 5.30 4.56 17.63
N ILE E 50 4.60 5.66 17.88
CA ILE E 50 5.13 6.78 18.65
C ILE E 50 4.02 7.37 19.52
N SER E 51 4.25 7.36 20.83
CA SER E 51 3.24 7.83 21.79
C SER E 51 3.27 9.34 21.97
N SER E 52 2.36 9.87 22.80
CA SER E 52 2.45 11.26 23.24
C SER E 52 3.57 11.42 24.26
N ALA E 53 4.02 12.66 24.43
CA ALA E 53 5.11 12.98 25.36
C ALA E 53 4.72 12.72 26.81
N ILE E 54 5.65 12.12 27.55
CA ILE E 54 5.50 11.95 28.98
C ILE E 54 5.99 13.23 29.66
N HIS E 55 5.11 13.86 30.43
CA HIS E 55 5.45 15.11 31.11
C HIS E 55 4.52 15.32 32.31
N ASP E 56 5.08 15.92 33.37
CA ASP E 56 4.28 16.34 34.53
C ASP E 56 3.25 17.41 34.15
N LYS E 57 2.12 17.43 34.85
CA LYS E 57 1.10 18.47 34.65
C LYS E 57 1.57 19.80 35.25
N GLU E 58 0.89 20.90 34.88
CA GLU E 58 1.16 22.23 35.47
C GLU E 58 1.13 22.17 37.00
N SER E 59 2.09 22.84 37.65
CA SER E 59 2.31 22.67 39.09
C SER E 59 1.08 22.92 39.97
N GLY E 60 0.07 23.59 39.43
CA GLY E 60 -1.23 23.72 40.09
C GLY E 60 -2.00 22.41 40.14
N SER E 61 -2.16 21.78 38.98
CA SER E 61 -2.83 20.47 38.80
C SER E 61 -2.53 19.42 39.88
N SER E 62 -3.56 18.63 40.22
CA SER E 62 -3.42 17.57 41.21
C SER E 62 -3.31 16.17 40.60
N ILE E 63 -3.36 16.07 39.27
CA ILE E 63 -3.13 14.80 38.57
C ILE E 63 -1.64 14.45 38.65
N LYS E 64 -1.33 13.31 39.25
CA LYS E 64 0.05 12.84 39.33
C LYS E 64 0.31 11.80 38.25
N VAL E 65 1.12 12.23 37.28
CA VAL E 65 1.38 11.49 36.06
C VAL E 65 2.04 10.11 36.29
N GLU E 66 2.79 9.96 37.39
CA GLU E 66 3.38 8.69 37.77
C GLU E 66 2.38 7.72 38.43
N GLU E 67 1.19 8.21 38.72
CA GLU E 67 0.14 7.41 39.33
C GLU E 67 -1.00 7.14 38.35
N THR E 68 -1.39 8.19 37.63
CA THR E 68 -2.41 8.05 36.59
C THR E 68 -1.89 8.74 35.34
N PRO E 69 -1.11 8.01 34.51
CA PRO E 69 -0.62 8.62 33.27
C PRO E 69 -1.74 8.73 32.24
N ASP E 70 -1.56 9.58 31.24
CA ASP E 70 -2.47 9.61 30.11
C ASP E 70 -2.42 8.27 29.38
N ALA E 71 -3.58 7.76 28.97
CA ALA E 71 -3.63 6.53 28.18
C ALA E 71 -2.69 6.62 26.98
N ASP E 72 -2.57 7.85 26.47
CA ASP E 72 -1.63 8.32 25.48
C ASP E 72 -0.17 7.86 25.59
N THR E 73 0.26 7.50 26.79
CA THR E 73 1.66 7.26 27.04
C THR E 73 1.91 5.84 27.55
N THR E 74 1.01 4.92 27.22
CA THR E 74 1.24 3.52 27.52
C THR E 74 0.96 2.59 26.33
N VAL E 75 1.70 1.50 26.28
CA VAL E 75 1.55 0.47 25.26
C VAL E 75 0.63 -0.63 25.80
N CYS E 76 -0.32 -1.07 24.99
CA CYS E 76 -1.15 -2.20 25.37
C CYS E 76 -0.86 -3.38 24.46
N TYR E 77 -1.18 -4.58 24.91
CA TYR E 77 -0.98 -5.76 24.08
C TYR E 77 -1.80 -5.68 22.81
N SER E 78 -1.18 -6.01 21.69
CA SER E 78 -1.86 -6.08 20.41
C SER E 78 -2.51 -7.44 20.22
N LEU E 79 -3.59 -7.48 19.43
CA LEU E 79 -4.35 -8.72 19.23
C LEU E 79 -4.62 -9.01 17.77
N ALA E 80 -4.61 -10.30 17.43
CA ALA E 80 -5.04 -10.77 16.12
C ALA E 80 -5.56 -12.18 16.27
N GLU E 81 -6.58 -12.50 15.48
CA GLU E 81 -7.13 -13.86 15.47
C GLU E 81 -7.04 -14.43 14.06
N ILE E 82 -6.75 -15.73 13.96
CA ILE E 82 -6.71 -16.40 12.67
C ILE E 82 -7.60 -17.61 12.73
N ALA E 83 -8.54 -17.69 11.79
CA ALA E 83 -9.41 -18.85 11.65
C ALA E 83 -9.07 -19.55 10.35
N PRO E 84 -8.30 -20.65 10.42
CA PRO E 84 -7.94 -21.43 9.24
C PRO E 84 -9.19 -22.02 8.60
N PRO E 85 -9.10 -22.42 7.31
CA PRO E 85 -10.30 -22.88 6.58
C PRO E 85 -10.99 -24.05 7.29
N ASP E 86 -12.29 -24.20 7.03
CA ASP E 86 -13.06 -25.30 7.59
C ASP E 86 -12.54 -26.67 7.13
N ILE E 87 -12.75 -27.69 7.95
CA ILE E 87 -12.27 -29.03 7.64
C ILE E 87 -13.40 -30.00 7.24
N PRO E 88 -13.42 -30.44 5.96
CA PRO E 88 -14.45 -31.41 5.57
C PRO E 88 -14.08 -32.85 5.96
N MET E 96 -12.34 -36.50 15.09
CA MET E 96 -12.16 -35.06 14.91
C MET E 96 -10.73 -34.65 14.54
N LYS E 97 -10.62 -33.96 13.40
CA LYS E 97 -9.39 -33.31 12.96
C LYS E 97 -9.41 -31.83 13.33
N VAL E 98 -8.27 -31.30 13.77
CA VAL E 98 -8.18 -29.92 14.22
C VAL E 98 -6.88 -29.26 13.71
N TRP E 99 -6.91 -27.94 13.51
CA TRP E 99 -5.71 -27.24 13.05
C TRP E 99 -4.65 -27.12 14.15
N GLU E 100 -3.40 -27.41 13.78
CA GLU E 100 -2.28 -27.37 14.70
C GLU E 100 -1.16 -26.47 14.17
N LEU E 101 -0.88 -25.41 14.91
CA LEU E 101 0.25 -24.51 14.62
C LEU E 101 1.52 -25.21 15.08
N TYR E 102 2.36 -25.62 14.14
CA TYR E 102 3.57 -26.39 14.50
C TYR E 102 4.88 -25.61 14.39
N ARG E 103 4.87 -24.55 13.59
CA ARG E 103 6.00 -23.62 13.53
C ARG E 103 5.54 -22.27 13.03
N MET E 104 6.38 -21.26 13.26
CA MET E 104 6.09 -19.93 12.78
C MET E 104 7.38 -19.15 12.62
N GLU E 105 7.31 -18.10 11.82
CA GLU E 105 8.33 -17.07 11.91
C GLU E 105 7.67 -15.78 12.37
N THR E 106 8.41 -15.03 13.17
CA THR E 106 7.99 -13.71 13.59
C THR E 106 9.17 -12.77 13.54
N GLU E 107 8.90 -11.54 13.11
CA GLU E 107 9.95 -10.66 12.75
C GLU E 107 9.48 -9.23 13.00
N LEU E 108 10.38 -8.37 13.48
CA LEU E 108 10.01 -7.00 13.77
C LEU E 108 10.26 -6.06 12.60
N LEU E 109 9.32 -5.16 12.38
CA LEU E 109 9.42 -4.20 11.31
C LEU E 109 9.94 -2.87 11.85
N VAL E 110 11.16 -2.53 11.46
CA VAL E 110 11.95 -1.59 12.21
C VAL E 110 12.91 -0.83 11.26
N VAL E 111 13.16 0.44 11.56
CA VAL E 111 14.17 1.25 10.88
C VAL E 111 14.96 2.02 11.92
N PRO E 112 16.23 2.31 11.64
CA PRO E 112 16.98 3.15 12.60
C PRO E 112 16.40 4.55 12.67
N LEU E 113 16.28 5.10 13.86
CA LEU E 113 15.79 6.48 13.99
C LEU E 113 16.97 7.40 14.26
N VAL E 114 17.21 8.32 13.33
CA VAL E 114 18.32 9.27 13.47
C VAL E 114 17.82 10.69 13.25
N ASN E 115 17.71 11.12 11.99
CA ASN E 115 17.26 12.48 11.67
C ASN E 115 15.90 12.86 12.28
N ALA E 116 14.96 11.93 12.27
CA ALA E 116 13.60 12.21 12.74
C ALA E 116 13.56 12.64 14.21
N LEU E 117 14.61 12.32 14.96
CA LEU E 117 14.64 12.57 16.39
C LEU E 117 15.14 13.97 16.74
N GLY E 118 15.72 14.64 15.74
CA GLY E 118 16.23 15.99 15.92
C GLY E 118 17.58 16.02 16.59
N ASN E 119 17.99 17.22 17.01
CA ASN E 119 19.29 17.43 17.63
C ASN E 119 19.32 18.67 18.52
N THR E 120 20.35 18.75 19.37
CA THR E 120 20.56 19.90 20.23
C THR E 120 21.97 20.48 20.00
N ASN E 121 22.03 21.63 19.32
CA ASN E 121 23.29 22.21 18.82
C ASN E 121 24.15 21.17 18.09
N GLY E 122 23.49 20.35 17.27
CA GLY E 122 24.16 19.32 16.51
C GLY E 122 24.38 18.00 17.24
N VAL E 123 24.03 17.95 18.52
CA VAL E 123 24.08 16.70 19.28
C VAL E 123 22.86 15.85 18.92
N VAL E 124 23.10 14.83 18.10
CA VAL E 124 22.04 13.94 17.59
C VAL E 124 21.31 13.24 18.74
N HIS E 125 19.98 13.29 18.72
CA HIS E 125 19.14 12.56 19.68
C HIS E 125 19.02 11.09 19.28
N GLY E 126 18.76 10.23 20.27
CA GLY E 126 18.63 8.80 20.02
C GLY E 126 17.47 8.14 20.72
N LEU E 127 17.08 6.97 20.22
CA LEU E 127 16.06 6.16 20.86
C LEU E 127 16.72 5.23 21.86
N ALA E 128 16.29 5.30 23.12
CA ALA E 128 16.85 4.49 24.18
C ALA E 128 15.88 4.44 25.36
N GLY E 129 16.05 3.45 26.23
CA GLY E 129 15.22 3.33 27.42
C GLY E 129 14.76 1.92 27.70
N THR E 130 13.68 1.84 28.46
CA THR E 130 13.14 0.59 28.92
C THR E 130 12.38 -0.09 27.79
N GLN E 131 12.55 -1.40 27.69
CA GLN E 131 12.06 -2.13 26.51
C GLN E 131 11.27 -3.38 26.88
N LEU E 132 10.37 -3.75 25.99
CA LEU E 132 9.68 -5.04 26.05
C LEU E 132 9.65 -5.64 24.65
N TYR E 133 9.88 -6.95 24.57
CA TYR E 133 9.72 -7.72 23.34
C TYR E 133 8.94 -8.94 23.71
N PHE E 134 7.68 -9.00 23.27
CA PHE E 134 6.80 -10.09 23.66
C PHE E 134 5.92 -10.59 22.52
N TRP E 135 5.81 -11.90 22.40
CA TRP E 135 4.80 -12.52 21.56
C TRP E 135 4.19 -13.73 22.27
N ALA E 136 2.94 -14.02 21.91
CA ALA E 136 2.21 -15.17 22.40
C ALA E 136 1.33 -15.71 21.30
N VAL E 137 1.14 -17.03 21.31
CA VAL E 137 0.48 -17.71 20.23
C VAL E 137 -0.26 -18.89 20.88
N GLY E 138 -1.60 -18.92 20.75
CA GLY E 138 -2.42 -19.85 21.53
C GLY E 138 -3.79 -20.19 20.95
N GLY E 139 -4.37 -21.30 21.43
CA GLY E 139 -5.70 -21.75 21.01
C GLY E 139 -6.84 -21.06 21.73
N GLN E 140 -6.50 -20.09 22.57
CA GLN E 140 -7.44 -19.32 23.38
C GLN E 140 -6.73 -18.01 23.72
N PRO E 141 -7.45 -17.01 24.25
CA PRO E 141 -6.75 -15.76 24.56
C PRO E 141 -5.66 -15.93 25.61
N LEU E 142 -4.71 -15.00 25.64
CA LEU E 142 -3.62 -15.07 26.60
C LEU E 142 -4.13 -14.85 28.03
N ASP E 143 -3.74 -15.77 28.92
CA ASP E 143 -3.99 -15.60 30.35
C ASP E 143 -2.99 -14.63 30.94
N VAL E 144 -3.52 -13.63 31.62
CA VAL E 144 -2.69 -12.55 32.10
C VAL E 144 -2.94 -12.31 33.59
N VAL E 145 -1.98 -11.68 34.25
CA VAL E 145 -2.01 -11.48 35.69
C VAL E 145 -1.81 -9.99 36.02
N GLY E 146 -2.67 -9.46 36.89
CA GLY E 146 -2.69 -8.03 37.17
C GLY E 146 -1.77 -7.63 38.30
N VAL E 147 -0.99 -6.58 38.05
CA VAL E 147 0.12 -6.24 38.89
C VAL E 147 0.30 -4.74 38.93
N THR E 148 0.92 -4.23 40.00
CA THR E 148 1.30 -2.81 40.04
C THR E 148 2.82 -2.66 40.23
N PRO E 149 3.43 -1.70 39.52
CA PRO E 149 4.87 -1.44 39.64
C PRO E 149 5.24 -0.69 40.91
N THR E 150 4.25 -0.06 41.50
CA THR E 150 4.43 0.88 42.60
C THR E 150 3.28 0.67 43.57
N ASP E 151 3.46 1.13 44.82
CA ASP E 151 2.39 1.11 45.82
C ASP E 151 1.28 2.16 45.54
N LYS E 152 1.48 2.97 44.50
CA LYS E 152 0.60 4.10 44.20
C LYS E 152 0.12 4.17 42.75
N TYR E 153 0.48 3.17 41.94
CA TYR E 153 0.15 3.19 40.52
C TYR E 153 -1.26 2.66 40.22
N LYS E 154 -2.09 3.52 39.65
CA LYS E 154 -3.49 3.18 39.35
C LYS E 154 -3.72 2.91 37.87
N GLY E 155 -2.87 3.49 37.03
CA GLY E 155 -3.06 3.42 35.58
C GLY E 155 -3.86 4.60 35.07
N PRO E 156 -4.06 4.68 33.74
CA PRO E 156 -4.85 5.74 33.14
C PRO E 156 -6.33 5.72 33.57
N THR E 157 -6.91 6.90 33.72
CA THR E 157 -8.31 7.01 34.16
C THR E 157 -9.32 6.73 33.04
N THR E 158 -8.84 6.58 31.80
CA THR E 158 -9.68 6.10 30.69
C THR E 158 -8.94 5.05 29.86
N TYR E 159 -9.69 4.44 28.96
CA TYR E 159 -9.23 3.44 27.99
C TYR E 159 -8.80 2.11 28.58
N THR E 160 -7.72 2.11 29.36
CA THR E 160 -7.12 0.88 29.89
C THR E 160 -8.02 0.18 30.89
N ILE E 161 -8.06 -1.14 30.81
CA ILE E 161 -8.62 -1.96 31.88
C ILE E 161 -7.49 -2.13 32.90
N ASN E 162 -7.62 -1.45 34.02
CA ASN E 162 -6.64 -1.48 35.08
C ASN E 162 -6.88 -2.67 36.01
N PRO E 163 -5.81 -3.21 36.63
CA PRO E 163 -5.98 -4.29 37.59
C PRO E 163 -6.86 -3.85 38.77
N PRO E 164 -7.95 -4.60 39.03
CA PRO E 164 -8.80 -4.34 40.19
C PRO E 164 -8.07 -4.65 41.50
N GLY E 165 -8.16 -3.76 42.47
CA GLY E 165 -7.54 -3.96 43.78
C GLY E 165 -6.83 -2.72 44.27
N ASP E 166 -6.39 -2.76 45.52
CA ASP E 166 -5.58 -1.68 46.09
C ASP E 166 -4.15 -1.79 45.56
N PRO E 167 -3.64 -0.71 44.95
CA PRO E 167 -2.29 -0.70 44.40
C PRO E 167 -1.23 -1.04 45.45
N ARG E 168 -1.52 -0.80 46.73
CA ARG E 168 -0.58 -1.13 47.80
C ARG E 168 -0.40 -2.63 48.00
N THR E 169 -1.34 -3.42 47.49
CA THR E 169 -1.30 -4.88 47.68
C THR E 169 -1.02 -5.65 46.39
N LEU E 170 -0.87 -4.95 45.28
CA LEU E 170 -0.77 -5.62 43.98
C LEU E 170 0.64 -5.67 43.40
N HIS E 171 1.61 -5.05 44.08
CA HIS E 171 2.99 -5.03 43.61
C HIS E 171 3.76 -6.32 43.89
N VAL E 172 3.02 -7.33 44.34
CA VAL E 172 3.53 -8.65 44.61
C VAL E 172 2.43 -9.64 44.20
N TYR E 173 2.80 -10.82 43.69
CA TYR E 173 1.80 -11.83 43.41
C TYR E 173 1.26 -12.43 44.70
N ASN E 174 -0.05 -12.27 44.92
CA ASN E 174 -0.69 -12.82 46.12
C ASN E 174 -2.11 -13.30 45.81
N SER E 175 -2.79 -13.81 46.83
CA SER E 175 -4.14 -14.37 46.72
C SER E 175 -5.15 -13.42 46.08
N ASN E 176 -4.88 -12.12 46.15
CA ASN E 176 -5.75 -11.10 45.56
C ASN E 176 -5.42 -10.64 44.14
N THR E 177 -4.25 -11.03 43.64
CA THR E 177 -3.82 -10.70 42.28
C THR E 177 -4.92 -11.08 41.29
N PRO E 178 -5.47 -10.08 40.57
CA PRO E 178 -6.56 -10.37 39.62
C PRO E 178 -6.07 -11.08 38.37
N LYS E 179 -6.88 -11.97 37.84
CA LYS E 179 -6.58 -12.68 36.60
C LYS E 179 -7.51 -12.15 35.52
N ALA E 180 -7.06 -12.21 34.26
CA ALA E 180 -7.86 -11.77 33.12
C ALA E 180 -7.38 -12.44 31.85
N LYS E 181 -8.18 -12.33 30.80
CA LYS E 181 -7.80 -12.82 29.48
C LYS E 181 -7.72 -11.66 28.50
N VAL E 182 -6.65 -11.61 27.71
CA VAL E 182 -6.45 -10.50 26.78
C VAL E 182 -7.41 -10.65 25.59
N THR E 183 -8.60 -10.06 25.76
CA THR E 183 -9.69 -10.19 24.79
C THR E 183 -9.98 -8.87 24.09
N SER E 184 -9.28 -7.82 24.51
CA SER E 184 -9.33 -6.53 23.85
C SER E 184 -7.93 -5.89 23.85
N GLU E 185 -7.79 -4.78 23.14
CA GLU E 185 -6.49 -4.12 23.04
C GLU E 185 -6.39 -2.99 24.10
N ARG E 186 -6.81 -3.32 25.32
CA ARG E 186 -6.88 -2.35 26.39
C ARG E 186 -6.09 -2.75 27.63
N TYR E 187 -5.26 -3.78 27.50
CA TYR E 187 -4.43 -4.23 28.61
C TYR E 187 -3.06 -3.60 28.55
N SER E 188 -2.82 -2.64 29.43
CA SER E 188 -1.52 -1.98 29.48
C SER E 188 -0.40 -2.93 29.90
N VAL E 189 0.67 -2.86 29.13
CA VAL E 189 1.86 -3.69 29.28
C VAL E 189 2.59 -3.40 30.58
N GLU E 190 2.29 -2.26 31.19
CA GLU E 190 2.86 -1.87 32.48
C GLU E 190 2.08 -2.41 33.68
N SER E 191 0.94 -3.05 33.44
CA SER E 191 0.05 -3.50 34.52
C SER E 191 -0.28 -4.99 34.48
N TRP E 192 -0.11 -5.62 33.33
CA TRP E 192 -0.49 -7.02 33.15
C TRP E 192 0.67 -7.82 32.57
N ALA E 193 0.98 -8.93 33.23
CA ALA E 193 2.03 -9.83 32.76
C ALA E 193 1.42 -11.21 32.48
N PRO E 194 1.99 -11.95 31.50
CA PRO E 194 1.51 -13.30 31.20
C PRO E 194 1.50 -14.18 32.45
N ASP E 195 0.47 -15.00 32.59
CA ASP E 195 0.31 -15.86 33.77
C ASP E 195 0.99 -17.21 33.51
N PRO E 196 2.14 -17.46 34.18
CA PRO E 196 2.85 -18.72 33.96
C PRO E 196 2.16 -19.93 34.56
N SER E 197 1.16 -19.69 35.42
CA SER E 197 0.42 -20.79 36.04
C SER E 197 -0.69 -21.30 35.12
N ARG E 198 -1.03 -20.49 34.11
CA ARG E 198 -2.02 -20.89 33.13
C ARG E 198 -1.37 -20.95 31.75
N ASN E 199 -2.06 -20.43 30.74
CA ASN E 199 -1.56 -20.45 29.36
C ASN E 199 -1.13 -21.82 28.83
N ASP E 200 -1.94 -22.84 29.13
CA ASP E 200 -1.83 -24.15 28.47
C ASP E 200 -2.18 -23.97 27.00
N ASN E 201 -1.65 -24.85 26.15
CA ASN E 201 -1.91 -24.80 24.72
C ASN E 201 -1.55 -23.41 24.17
N CYS E 202 -0.36 -22.94 24.53
CA CYS E 202 0.10 -21.59 24.24
C CYS E 202 1.61 -21.52 24.42
N ARG E 203 2.30 -20.89 23.48
CA ARG E 203 3.71 -20.56 23.69
C ARG E 203 3.85 -19.05 23.71
N TYR E 204 4.54 -18.54 24.71
CA TYR E 204 4.86 -17.13 24.73
C TYR E 204 6.32 -16.96 25.11
N PHE E 205 6.85 -15.77 24.80
CA PHE E 205 8.22 -15.41 25.15
C PHE E 205 8.30 -13.90 25.35
N GLY E 206 8.94 -13.48 26.44
CA GLY E 206 9.08 -12.08 26.76
C GLY E 206 10.46 -11.70 27.21
N ARG E 207 10.91 -10.53 26.79
CA ARG E 207 12.13 -9.95 27.33
C ARG E 207 11.85 -8.52 27.78
N VAL E 208 12.28 -8.21 29.00
CA VAL E 208 12.18 -6.87 29.54
C VAL E 208 13.59 -6.35 29.80
N VAL E 209 13.85 -5.13 29.32
CA VAL E 209 15.12 -4.46 29.57
C VAL E 209 14.81 -3.15 30.28
N GLY E 210 15.40 -2.94 31.46
CA GLY E 210 15.21 -1.70 32.21
C GLY E 210 16.13 -0.56 31.77
N GLY E 211 16.27 0.46 32.61
CA GLY E 211 17.15 1.59 32.34
C GLY E 211 16.45 2.70 31.59
N ALA E 212 16.90 3.92 31.83
CA ALA E 212 16.34 5.11 31.19
C ALA E 212 16.97 5.36 29.81
N ALA E 213 18.23 4.94 29.62
CA ALA E 213 18.98 5.23 28.40
C ALA E 213 19.54 3.97 27.71
N THR E 214 18.85 2.83 27.85
CA THR E 214 19.37 1.58 27.33
C THR E 214 19.09 1.46 25.83
N PRO E 215 20.14 1.21 25.03
CA PRO E 215 19.94 1.11 23.58
C PRO E 215 19.16 -0.14 23.24
N PRO E 216 18.16 -0.04 22.35
CA PRO E 216 17.51 -1.25 21.88
C PRO E 216 18.35 -1.92 20.78
N VAL E 217 18.30 -3.24 20.72
CA VAL E 217 18.98 -4.02 19.69
C VAL E 217 17.95 -4.97 19.09
N VAL E 218 17.66 -4.79 17.80
CA VAL E 218 16.70 -5.64 17.11
C VAL E 218 17.34 -6.29 15.87
N SER E 219 17.19 -7.60 15.75
CA SER E 219 17.59 -8.30 14.54
C SER E 219 16.38 -8.78 13.77
N TYR E 220 16.50 -8.89 12.45
CA TYR E 220 15.44 -9.42 11.62
C TYR E 220 16.04 -10.03 10.38
N GLY E 221 15.30 -10.93 9.75
CA GLY E 221 15.78 -11.67 8.60
C GLY E 221 14.64 -12.53 8.08
N ASN E 222 14.90 -13.35 7.08
CA ASN E 222 13.84 -14.12 6.47
C ASN E 222 14.19 -15.60 6.26
N ASN E 223 15.12 -16.10 7.07
CA ASN E 223 15.51 -17.50 6.96
C ASN E 223 15.63 -18.18 8.32
N SER E 224 14.69 -17.89 9.20
CA SER E 224 14.76 -18.36 10.57
C SER E 224 13.35 -18.67 11.08
N THR E 225 13.16 -19.86 11.62
CA THR E 225 11.86 -20.29 12.09
C THR E 225 11.89 -20.59 13.60
N ILE E 226 10.74 -20.49 14.24
CA ILE E 226 10.58 -20.87 15.63
C ILE E 226 9.70 -22.13 15.70
N PRO E 227 10.26 -23.25 16.20
CA PRO E 227 9.42 -24.45 16.38
C PRO E 227 8.55 -24.25 17.61
N LEU E 228 7.36 -24.83 17.57
CA LEU E 228 6.34 -24.58 18.58
C LEU E 228 5.81 -25.84 19.23
N LEU E 229 6.50 -26.96 19.00
CA LEU E 229 6.14 -28.24 19.59
C LEU E 229 6.55 -28.27 21.05
N ASP E 230 5.73 -28.89 21.90
CA ASP E 230 6.10 -29.11 23.29
C ASP E 230 6.87 -30.40 23.43
N GLU E 231 7.11 -30.81 24.68
CA GLU E 231 7.85 -32.02 25.00
C GLU E 231 7.29 -33.29 24.33
N ASN E 232 6.01 -33.25 23.96
CA ASN E 232 5.35 -34.40 23.31
C ASN E 232 5.31 -34.33 21.79
N GLY E 233 5.81 -33.24 21.22
CA GLY E 233 5.76 -33.01 19.77
C GLY E 233 4.42 -32.46 19.31
N ILE E 234 3.74 -31.75 20.21
CA ILE E 234 2.42 -31.16 19.94
C ILE E 234 2.52 -29.65 19.93
N GLY E 235 2.04 -29.04 18.85
CA GLY E 235 2.01 -27.58 18.74
C GLY E 235 0.77 -27.00 19.37
N ILE E 236 0.37 -25.82 18.90
CA ILE E 236 -0.82 -25.17 19.40
C ILE E 236 -2.03 -25.72 18.65
N LEU E 237 -3.01 -26.22 19.40
CA LEU E 237 -4.23 -26.78 18.82
C LEU E 237 -5.37 -25.77 18.82
N CYS E 238 -5.98 -25.56 17.66
CA CYS E 238 -7.08 -24.63 17.54
C CYS E 238 -8.41 -25.35 17.81
N LEU E 239 -8.64 -25.68 19.08
CA LEU E 239 -9.79 -26.49 19.49
C LEU E 239 -11.15 -25.84 19.22
N GLN E 240 -11.18 -24.50 19.17
CA GLN E 240 -12.38 -23.77 18.76
C GLN E 240 -12.18 -23.15 17.37
N GLY E 241 -11.28 -23.74 16.59
CA GLY E 241 -11.01 -23.32 15.21
C GLY E 241 -10.31 -21.97 15.04
N ARG E 242 -9.78 -21.43 16.13
CA ARG E 242 -9.09 -20.13 16.09
C ARG E 242 -7.68 -20.18 16.70
N LEU E 243 -6.78 -19.36 16.13
CA LEU E 243 -5.50 -19.09 16.76
C LEU E 243 -5.43 -17.65 17.22
N TYR E 244 -5.05 -17.48 18.48
CA TYR E 244 -4.97 -16.17 19.11
C TYR E 244 -3.52 -15.71 19.16
N ILE E 245 -3.27 -14.60 18.46
CA ILE E 245 -1.98 -13.94 18.50
C ILE E 245 -2.10 -12.72 19.39
N THR E 246 -1.22 -12.64 20.36
CA THR E 246 -1.15 -11.48 21.21
C THR E 246 0.33 -11.12 21.39
N CYS E 247 0.65 -9.83 21.26
CA CYS E 247 2.05 -9.38 21.26
C CYS E 247 2.20 -7.90 21.62
N ALA E 248 3.41 -7.52 22.02
CA ALA E 248 3.72 -6.14 22.38
C ALA E 248 5.22 -5.95 22.36
N ASP E 249 5.63 -4.77 21.89
CA ASP E 249 7.04 -4.43 21.69
C ASP E 249 7.26 -2.95 21.94
N MET E 250 8.29 -2.66 22.70
CA MET E 250 8.61 -1.29 23.07
C MET E 250 10.12 -1.11 22.99
N LEU E 251 10.55 -0.08 22.26
CA LEU E 251 11.96 0.11 21.97
C LEU E 251 12.67 1.09 22.88
N GLY E 252 11.91 1.86 23.64
CA GLY E 252 12.47 2.90 24.51
C GLY E 252 11.75 4.20 24.28
N THR E 253 12.33 5.31 24.77
CA THR E 253 11.77 6.62 24.49
C THR E 253 12.71 7.48 23.65
N ALA E 254 12.13 8.49 23.00
CA ALA E 254 12.89 9.54 22.33
C ALA E 254 12.10 10.84 22.45
N ASN E 255 12.74 11.88 22.98
CA ASN E 255 12.09 13.15 23.27
C ASN E 255 10.81 12.96 24.08
N SER E 256 10.90 12.12 25.10
CA SER E 256 9.82 11.85 26.05
C SER E 256 8.66 11.01 25.50
N ARG E 257 8.76 10.57 24.25
CA ARG E 257 7.73 9.74 23.65
C ARG E 257 8.23 8.32 23.48
N ILE E 258 7.38 7.36 23.81
CA ILE E 258 7.71 5.95 23.68
C ILE E 258 7.63 5.56 22.20
N HIS E 259 8.60 4.77 21.75
CA HIS E 259 8.55 4.19 20.41
C HIS E 259 8.37 2.69 20.42
N THR E 260 7.87 2.19 19.29
CA THR E 260 7.49 0.82 19.09
C THR E 260 7.99 0.44 17.69
N PRO E 261 8.15 -0.87 17.39
CA PRO E 261 8.33 -1.23 15.97
C PRO E 261 7.10 -0.80 15.17
N MET E 262 7.25 -0.59 13.86
CA MET E 262 6.11 -0.24 13.02
C MET E 262 5.09 -1.36 12.94
N ALA E 263 5.55 -2.59 13.20
CA ALA E 263 4.69 -3.75 13.26
C ALA E 263 5.46 -4.98 13.68
N ARG E 264 4.70 -6.01 14.06
CA ARG E 264 5.26 -7.33 14.26
C ARG E 264 4.69 -8.28 13.21
N PHE E 265 5.56 -8.85 12.40
CA PHE E 265 5.16 -9.76 11.33
C PHE E 265 5.11 -11.20 11.83
N PHE E 266 4.08 -11.94 11.41
CA PHE E 266 3.97 -13.37 11.67
C PHE E 266 3.71 -14.12 10.38
N ARG E 267 4.36 -15.27 10.23
CA ARG E 267 3.92 -16.27 9.26
C ARG E 267 3.64 -17.55 10.03
N LEU E 268 2.42 -18.06 9.90
CA LEU E 268 1.98 -19.21 10.68
C LEU E 268 1.83 -20.46 9.82
N HIS E 269 2.35 -21.57 10.32
CA HIS E 269 2.29 -22.84 9.61
C HIS E 269 1.38 -23.82 10.34
N PHE E 270 0.28 -24.17 9.71
CA PHE E 270 -0.65 -25.13 10.28
C PHE E 270 -0.64 -26.47 9.56
N ARG E 271 -0.68 -27.54 10.34
CA ARG E 271 -1.01 -28.87 9.82
C ARG E 271 -2.28 -29.33 10.53
N GLN E 272 -2.73 -30.55 10.24
CA GLN E 272 -3.93 -31.06 10.91
C GLN E 272 -3.58 -32.12 11.94
N ARG E 273 -4.28 -32.07 13.08
CA ARG E 273 -4.05 -33.00 14.19
C ARG E 273 -5.30 -33.78 14.48
N ARG E 274 -5.13 -35.10 14.46
CA ARG E 274 -6.17 -36.05 14.83
C ARG E 274 -6.34 -35.95 16.35
N VAL E 275 -7.59 -35.82 16.79
CA VAL E 275 -7.89 -35.68 18.21
C VAL E 275 -9.03 -36.62 18.64
N LYS E 276 -8.73 -37.43 19.65
CA LYS E 276 -9.68 -38.34 20.30
C LYS E 276 -10.83 -37.51 20.86
N ASN E 277 -12.06 -37.87 20.50
CA ASN E 277 -13.22 -37.11 20.96
C ASN E 277 -14.34 -37.99 21.56
N HIS F 3 -29.18 12.50 11.13
CA HIS F 3 -27.73 12.78 11.43
C HIS F 3 -27.50 14.30 11.48
N MET F 4 -26.69 14.75 12.45
CA MET F 4 -26.53 16.18 12.76
C MET F 4 -27.76 16.75 13.47
N GLU F 8 -24.86 21.82 14.95
CA GLU F 8 -24.46 23.19 14.55
C GLU F 8 -23.02 23.34 14.07
N VAL F 9 -22.90 23.93 12.90
CA VAL F 9 -21.66 24.02 12.15
C VAL F 9 -21.19 25.47 12.04
N LEU F 10 -19.92 25.70 12.38
CA LEU F 10 -19.31 27.02 12.27
C LEU F 10 -18.48 27.16 10.99
N ALA F 11 -17.41 27.95 11.03
CA ALA F 11 -16.62 28.24 9.83
C ALA F 11 -15.51 27.21 9.55
N ALA F 12 -15.12 27.13 8.28
CA ALA F 12 -13.99 26.30 7.87
C ALA F 12 -12.69 26.84 8.45
N VAL F 13 -11.78 25.94 8.83
CA VAL F 13 -10.43 26.34 9.24
C VAL F 13 -9.60 26.70 8.00
N PRO F 14 -8.86 27.83 8.04
CA PRO F 14 -7.95 28.22 6.95
C PRO F 14 -7.09 27.07 6.50
N LEU F 15 -7.17 26.75 5.21
CA LEU F 15 -6.31 25.76 4.60
C LEU F 15 -4.88 25.96 5.07
N SER F 16 -4.36 24.91 5.68
CA SER F 16 -2.98 24.89 6.13
C SER F 16 -2.43 23.48 5.91
N GLU F 17 -1.13 23.30 6.18
CA GLU F 17 -0.49 22.01 6.03
C GLU F 17 -0.96 20.96 7.04
N GLU F 18 -1.05 21.34 8.32
CA GLU F 18 -1.57 20.46 9.38
C GLU F 18 -3.08 20.27 9.32
N THR F 19 -3.78 21.23 8.73
CA THR F 19 -5.25 21.23 8.69
C THR F 19 -5.82 20.55 7.44
N GLU F 20 -4.94 20.11 6.54
CA GLU F 20 -5.32 19.34 5.36
C GLU F 20 -4.95 17.87 5.51
N PHE F 21 -5.66 17.01 4.79
CA PHE F 21 -5.35 15.58 4.76
C PHE F 21 -5.88 14.90 3.49
N LYS F 22 -5.05 14.08 2.86
CA LYS F 22 -5.41 13.37 1.64
C LYS F 22 -5.11 11.89 1.72
N VAL F 23 -6.03 11.07 1.22
CA VAL F 23 -5.81 9.62 1.09
C VAL F 23 -6.33 9.08 -0.23
N GLU F 24 -5.58 8.12 -0.76
CA GLU F 24 -5.98 7.39 -1.94
C GLU F 24 -6.23 5.97 -1.51
N LEU F 25 -7.23 5.32 -2.08
CA LEU F 25 -7.47 3.90 -1.81
C LEU F 25 -8.25 3.27 -2.95
N PHE F 26 -8.14 1.95 -3.06
CA PHE F 26 -8.90 1.19 -4.02
C PHE F 26 -9.90 0.36 -3.23
N VAL F 27 -11.17 0.43 -3.62
CA VAL F 27 -12.18 -0.40 -2.98
C VAL F 27 -12.52 -1.59 -3.88
N LYS F 28 -12.39 -2.78 -3.33
CA LYS F 28 -12.62 -4.01 -4.05
C LYS F 28 -14.10 -4.29 -4.18
N PRO F 29 -14.52 -4.87 -5.31
CA PRO F 29 -15.89 -5.37 -5.48
C PRO F 29 -16.16 -6.59 -4.58
N VAL F 30 -17.42 -6.79 -4.24
CA VAL F 30 -17.83 -7.87 -3.36
C VAL F 30 -18.85 -8.78 -4.02
N ILE F 31 -18.54 -10.07 -4.04
CA ILE F 31 -19.52 -11.07 -4.42
C ILE F 31 -19.80 -12.03 -3.26
N GLY F 32 -21.04 -12.50 -3.17
CA GLY F 32 -21.48 -13.40 -2.11
C GLY F 32 -20.77 -14.74 -2.11
N ASN F 33 -20.63 -15.29 -0.91
CA ASN F 33 -19.90 -16.53 -0.65
C ASN F 33 -20.87 -17.62 -0.19
N THR F 34 -20.86 -18.75 -0.88
CA THR F 34 -21.76 -19.86 -0.55
C THR F 34 -21.30 -20.70 0.64
N THR F 35 -19.98 -20.82 0.85
CA THR F 35 -19.43 -21.61 1.98
C THR F 35 -19.84 -20.90 3.28
N ALA F 36 -20.43 -21.62 4.24
CA ALA F 36 -21.06 -20.90 5.36
C ALA F 36 -21.09 -21.63 6.70
N ALA F 37 -20.04 -22.40 6.98
CA ALA F 37 -19.99 -23.25 8.18
C ALA F 37 -19.42 -22.56 9.43
N GLN F 38 -19.22 -21.24 9.34
CA GLN F 38 -18.64 -20.48 10.45
C GLN F 38 -19.73 -20.01 11.41
N ASP F 39 -19.98 -20.82 12.44
CA ASP F 39 -21.02 -20.53 13.44
C ASP F 39 -20.50 -19.54 14.50
N GLY F 40 -21.32 -18.52 14.77
CA GLY F 40 -20.90 -17.39 15.57
C GLY F 40 -20.17 -16.38 14.69
N ARG F 41 -19.07 -16.82 14.08
CA ARG F 41 -18.14 -15.93 13.36
C ARG F 41 -18.57 -15.49 11.94
N GLU F 42 -17.83 -14.51 11.43
CA GLU F 42 -18.30 -13.75 10.29
C GLU F 42 -18.07 -14.42 8.93
N PRO F 43 -19.10 -14.41 8.06
CA PRO F 43 -18.93 -14.88 6.68
C PRO F 43 -17.89 -14.02 5.94
N THR F 44 -17.12 -14.65 5.05
CA THR F 44 -16.06 -13.98 4.31
C THR F 44 -16.56 -13.54 2.94
N PRO F 45 -16.34 -12.26 2.58
CA PRO F 45 -16.67 -11.81 1.23
C PRO F 45 -15.73 -12.40 0.18
N HIS F 46 -16.23 -12.59 -1.05
CA HIS F 46 -15.36 -12.84 -2.19
C HIS F 46 -15.05 -11.50 -2.83
N TYR F 47 -13.76 -11.16 -2.89
CA TYR F 47 -13.34 -10.01 -3.65
C TYR F 47 -13.07 -10.47 -5.06
N TRP F 48 -14.14 -10.52 -5.85
CA TRP F 48 -14.10 -10.97 -7.24
C TRP F 48 -14.68 -9.89 -8.14
N SER F 49 -14.21 -9.81 -9.37
CA SER F 49 -14.84 -8.96 -10.37
C SER F 49 -15.58 -9.81 -11.38
N ILE F 50 -15.64 -11.10 -11.11
CA ILE F 50 -16.35 -12.07 -11.94
C ILE F 50 -17.04 -13.09 -11.03
N SER F 51 -18.36 -13.21 -11.14
CA SER F 51 -19.15 -14.10 -10.29
C SER F 51 -19.16 -15.52 -10.85
N SER F 52 -19.86 -16.41 -10.13
CA SER F 52 -20.17 -17.75 -10.63
C SER F 52 -21.28 -17.64 -11.67
N ALA F 53 -21.44 -18.69 -12.48
CA ALA F 53 -22.42 -18.72 -13.55
C ALA F 53 -23.83 -18.77 -13.00
N ILE F 54 -24.73 -17.99 -13.59
CA ILE F 54 -26.14 -18.08 -13.26
C ILE F 54 -26.74 -19.19 -14.11
N HIS F 55 -27.34 -20.18 -13.45
CA HIS F 55 -27.97 -21.32 -14.14
C HIS F 55 -28.99 -21.99 -13.23
N ASP F 56 -30.06 -22.53 -13.81
CA ASP F 56 -31.04 -23.34 -13.05
C ASP F 56 -30.42 -24.64 -12.48
N LYS F 57 -30.90 -25.05 -11.31
CA LYS F 57 -30.53 -26.34 -10.73
C LYS F 57 -31.09 -27.49 -11.57
N GLU F 58 -30.63 -28.71 -11.26
CA GLU F 58 -31.01 -29.93 -11.98
C GLU F 58 -32.52 -30.15 -12.02
N SER F 59 -32.97 -30.73 -13.14
CA SER F 59 -34.39 -31.02 -13.43
C SER F 59 -35.35 -31.02 -12.23
N GLY F 60 -35.22 -32.02 -11.37
CA GLY F 60 -36.10 -32.19 -10.21
C GLY F 60 -35.57 -31.63 -8.90
N SER F 61 -34.66 -30.67 -8.99
CA SER F 61 -34.22 -29.93 -7.82
C SER F 61 -35.38 -29.04 -7.38
N SER F 62 -35.49 -28.80 -6.08
CA SER F 62 -36.57 -27.96 -5.56
C SER F 62 -36.16 -26.48 -5.40
N ILE F 63 -34.86 -26.20 -5.55
CA ILE F 63 -34.34 -24.84 -5.41
C ILE F 63 -34.62 -24.02 -6.68
N LYS F 64 -35.36 -22.93 -6.50
CA LYS F 64 -35.65 -22.03 -7.63
C LYS F 64 -34.70 -20.85 -7.62
N VAL F 65 -33.80 -20.87 -8.58
CA VAL F 65 -32.69 -19.91 -8.70
C VAL F 65 -33.12 -18.44 -8.83
N GLU F 66 -34.31 -18.20 -9.37
CA GLU F 66 -34.87 -16.84 -9.43
C GLU F 66 -35.48 -16.36 -8.11
N GLU F 67 -35.59 -17.28 -7.14
CA GLU F 67 -36.13 -16.96 -5.82
C GLU F 67 -35.05 -16.95 -4.75
N THR F 68 -34.19 -17.96 -4.79
CA THR F 68 -33.06 -18.07 -3.89
C THR F 68 -31.80 -18.37 -4.71
N PRO F 69 -31.15 -17.32 -5.24
CA PRO F 69 -29.94 -17.59 -6.02
C PRO F 69 -28.78 -17.93 -5.10
N ASP F 70 -27.75 -18.54 -5.65
CA ASP F 70 -26.52 -18.74 -4.91
C ASP F 70 -25.92 -17.39 -4.56
N ALA F 71 -25.41 -17.24 -3.33
CA ALA F 71 -24.73 -16.01 -2.92
C ALA F 71 -23.64 -15.63 -3.95
N ASP F 72 -23.04 -16.68 -4.50
CA ASP F 72 -22.13 -16.68 -5.64
C ASP F 72 -22.43 -15.76 -6.83
N THR F 73 -23.69 -15.40 -7.01
CA THR F 73 -24.14 -14.74 -8.23
C THR F 73 -24.79 -13.41 -7.92
N THR F 74 -24.50 -12.84 -6.75
CA THR F 74 -24.94 -11.49 -6.46
C THR F 74 -23.81 -10.59 -5.94
N VAL F 75 -23.93 -9.30 -6.27
CA VAL F 75 -23.00 -8.26 -5.85
C VAL F 75 -23.52 -7.62 -4.57
N CYS F 76 -22.65 -7.43 -3.60
CA CYS F 76 -23.02 -6.69 -2.39
C CYS F 76 -22.23 -5.40 -2.32
N TYR F 77 -22.75 -4.44 -1.58
CA TYR F 77 -22.08 -3.15 -1.40
C TYR F 77 -20.72 -3.36 -0.77
N SER F 78 -19.72 -2.69 -1.32
CA SER F 78 -18.38 -2.70 -0.77
C SER F 78 -18.24 -1.63 0.30
N LEU F 79 -17.36 -1.87 1.28
CA LEU F 79 -17.16 -0.94 2.40
C LEU F 79 -15.71 -0.58 2.62
N ALA F 80 -15.49 0.67 3.02
CA ALA F 80 -14.20 1.13 3.49
C ALA F 80 -14.40 2.26 4.49
N GLU F 81 -13.55 2.31 5.51
CA GLU F 81 -13.57 3.39 6.48
C GLU F 81 -12.24 4.11 6.48
N ILE F 82 -12.27 5.43 6.65
CA ILE F 82 -11.07 6.23 6.74
C ILE F 82 -11.12 7.03 8.03
N ALA F 83 -10.09 6.91 8.85
CA ALA F 83 -9.95 7.72 10.03
C ALA F 83 -8.77 8.65 9.84
N PRO F 84 -9.03 9.93 9.53
CA PRO F 84 -7.97 10.92 9.37
C PRO F 84 -7.25 11.12 10.68
N PRO F 85 -6.03 11.69 10.66
CA PRO F 85 -5.22 11.82 11.87
C PRO F 85 -5.91 12.58 12.98
N ASP F 86 -5.53 12.29 14.22
CA ASP F 86 -6.07 13.00 15.38
C ASP F 86 -5.77 14.49 15.34
N ILE F 87 -6.66 15.27 15.95
CA ILE F 87 -6.52 16.73 15.97
C ILE F 87 -6.07 17.25 17.37
N PRO F 88 -4.79 17.66 17.53
CA PRO F 88 -4.45 18.23 18.83
C PRO F 88 -5.27 19.48 19.19
N ASP F 95 -16.63 25.34 21.09
CA ASP F 95 -16.49 24.76 19.76
C ASP F 95 -15.31 23.77 19.65
N MET F 96 -15.43 22.83 18.72
CA MET F 96 -14.36 21.86 18.44
C MET F 96 -14.09 21.71 16.93
N LYS F 97 -12.90 21.21 16.59
CA LYS F 97 -12.49 21.02 15.19
C LYS F 97 -12.75 19.59 14.74
N VAL F 98 -13.27 19.46 13.52
CA VAL F 98 -13.61 18.14 12.97
C VAL F 98 -13.19 18.05 11.49
N TRP F 99 -12.89 16.83 11.02
CA TRP F 99 -12.49 16.65 9.63
C TRP F 99 -13.68 16.76 8.70
N GLU F 100 -13.49 17.49 7.60
CA GLU F 100 -14.53 17.72 6.60
C GLU F 100 -14.09 17.32 5.20
N LEU F 101 -14.77 16.33 4.63
CA LEU F 101 -14.53 15.92 3.26
C LEU F 101 -15.19 16.93 2.34
N TYR F 102 -14.39 17.72 1.63
CA TYR F 102 -14.96 18.80 0.81
C TYR F 102 -14.94 18.54 -0.69
N ARG F 103 -14.02 17.67 -1.12
CA ARG F 103 -14.00 17.19 -2.51
C ARG F 103 -13.35 15.81 -2.61
N MET F 104 -13.58 15.14 -3.72
CA MET F 104 -12.98 13.85 -3.96
C MET F 104 -12.87 13.59 -5.45
N GLU F 105 -11.98 12.69 -5.81
CA GLU F 105 -12.10 12.06 -7.11
C GLU F 105 -12.38 10.58 -6.92
N THR F 106 -13.22 10.05 -7.81
CA THR F 106 -13.47 8.61 -7.84
C THR F 106 -13.44 8.14 -9.29
N GLU F 107 -12.88 6.97 -9.49
CA GLU F 107 -12.60 6.53 -10.84
C GLU F 107 -12.64 5.02 -10.87
N LEU F 108 -13.18 4.45 -11.93
CA LEU F 108 -13.31 3.01 -12.04
C LEU F 108 -12.11 2.38 -12.72
N LEU F 109 -11.71 1.20 -12.22
CA LEU F 109 -10.55 0.49 -12.72
C LEU F 109 -11.02 -0.63 -13.62
N VAL F 110 -10.75 -0.49 -14.90
CA VAL F 110 -11.51 -1.18 -15.92
C VAL F 110 -10.65 -1.43 -17.17
N VAL F 111 -10.83 -2.61 -17.78
CA VAL F 111 -10.20 -2.93 -19.06
C VAL F 111 -11.26 -3.50 -19.99
N PRO F 112 -11.12 -3.28 -21.31
CA PRO F 112 -12.07 -3.92 -22.22
C PRO F 112 -11.95 -5.44 -22.19
N LEU F 113 -13.08 -6.15 -22.16
CA LEU F 113 -13.05 -7.60 -22.17
C LEU F 113 -13.37 -8.09 -23.57
N VAL F 114 -12.39 -8.75 -24.20
CA VAL F 114 -12.55 -9.30 -25.56
C VAL F 114 -12.16 -10.77 -25.59
N ASN F 115 -10.86 -11.06 -25.76
CA ASN F 115 -10.38 -12.44 -25.84
C ASN F 115 -10.79 -13.32 -24.66
N ALA F 116 -10.74 -12.78 -23.44
CA ALA F 116 -11.03 -13.53 -22.23
C ALA F 116 -12.43 -14.13 -22.21
N LEU F 117 -13.32 -13.57 -23.02
CA LEU F 117 -14.72 -13.97 -23.03
C LEU F 117 -15.02 -15.15 -23.96
N GLY F 118 -14.05 -15.47 -24.81
CA GLY F 118 -14.19 -16.57 -25.75
C GLY F 118 -15.02 -16.21 -26.97
N ASN F 119 -15.33 -17.24 -27.77
CA ASN F 119 -16.10 -17.07 -28.99
C ASN F 119 -16.88 -18.34 -29.34
N THR F 120 -17.94 -18.17 -30.12
CA THR F 120 -18.67 -19.30 -30.70
C THR F 120 -18.44 -19.28 -32.21
N ASN F 121 -17.71 -20.29 -32.70
CA ASN F 121 -17.36 -20.39 -34.11
C ASN F 121 -16.91 -19.07 -34.75
N GLY F 122 -16.11 -18.30 -34.01
CA GLY F 122 -15.54 -17.06 -34.51
C GLY F 122 -16.28 -15.82 -34.04
N VAL F 123 -17.54 -15.99 -33.65
CA VAL F 123 -18.38 -14.89 -33.15
C VAL F 123 -17.93 -14.55 -31.73
N VAL F 124 -17.28 -13.39 -31.60
CA VAL F 124 -16.72 -12.89 -30.35
C VAL F 124 -17.80 -12.63 -29.29
N HIS F 125 -17.59 -13.12 -28.08
CA HIS F 125 -18.50 -12.84 -26.96
C HIS F 125 -18.23 -11.46 -26.36
N GLY F 126 -19.27 -10.86 -25.76
CA GLY F 126 -19.13 -9.54 -25.15
C GLY F 126 -19.76 -9.40 -23.77
N LEU F 127 -19.30 -8.42 -23.01
CA LEU F 127 -19.88 -8.10 -21.72
C LEU F 127 -21.01 -7.11 -21.94
N ALA F 128 -22.22 -7.49 -21.50
CA ALA F 128 -23.42 -6.67 -21.65
C ALA F 128 -24.47 -7.11 -20.63
N GLY F 129 -25.41 -6.22 -20.34
CA GLY F 129 -26.51 -6.53 -19.45
C GLY F 129 -26.84 -5.43 -18.46
N THR F 130 -27.49 -5.84 -17.37
CA THR F 130 -27.99 -4.90 -16.41
C THR F 130 -26.86 -4.38 -15.53
N GLN F 131 -26.87 -3.07 -15.26
CA GLN F 131 -25.71 -2.39 -14.66
C GLN F 131 -26.08 -1.55 -13.46
N LEU F 132 -25.11 -1.40 -12.56
CA LEU F 132 -25.22 -0.46 -11.45
C LEU F 132 -23.89 0.30 -11.31
N TYR F 133 -23.98 1.60 -11.05
CA TYR F 133 -22.80 2.43 -10.77
C TYR F 133 -23.18 3.26 -9.57
N PHE F 134 -22.58 2.97 -8.43
CA PHE F 134 -22.98 3.61 -7.21
C PHE F 134 -21.81 3.92 -6.31
N TRP F 135 -21.83 5.11 -5.73
CA TRP F 135 -20.92 5.45 -4.64
C TRP F 135 -21.63 6.28 -3.58
N ALA F 136 -21.12 6.20 -2.36
CA ALA F 136 -21.62 6.97 -1.25
C ALA F 136 -20.45 7.27 -0.33
N VAL F 137 -20.52 8.43 0.32
CA VAL F 137 -19.45 8.96 1.10
C VAL F 137 -20.11 9.72 2.26
N GLY F 138 -19.86 9.28 3.50
CA GLY F 138 -20.60 9.81 4.67
C GLY F 138 -19.91 9.71 6.02
N GLY F 139 -20.40 10.50 6.97
CA GLY F 139 -19.86 10.53 8.34
C GLY F 139 -20.39 9.42 9.23
N GLN F 140 -21.19 8.54 8.64
CA GLN F 140 -21.80 7.39 9.31
C GLN F 140 -22.10 6.35 8.22
N PRO F 141 -22.48 5.13 8.60
CA PRO F 141 -22.76 4.15 7.53
C PRO F 141 -23.94 4.58 6.64
N LEU F 142 -24.02 4.01 5.45
CA LEU F 142 -25.09 4.30 4.51
C LEU F 142 -26.43 3.76 4.99
N ASP F 143 -27.44 4.64 5.02
CA ASP F 143 -28.80 4.23 5.35
C ASP F 143 -29.41 3.58 4.14
N VAL F 144 -29.96 2.39 4.34
CA VAL F 144 -30.42 1.61 3.23
C VAL F 144 -31.83 1.10 3.51
N VAL F 145 -32.54 0.75 2.44
CA VAL F 145 -33.96 0.38 2.52
C VAL F 145 -34.17 -0.98 1.84
N GLY F 146 -34.83 -1.89 2.53
CA GLY F 146 -35.00 -3.26 2.07
C GLY F 146 -36.19 -3.46 1.14
N VAL F 147 -35.94 -4.12 0.03
CA VAL F 147 -36.89 -4.17 -1.06
C VAL F 147 -36.82 -5.54 -1.75
N THR F 148 -37.92 -5.94 -2.38
CA THR F 148 -37.89 -7.11 -3.27
C THR F 148 -38.22 -6.74 -4.72
N PRO F 149 -37.50 -7.32 -5.70
CA PRO F 149 -37.78 -7.11 -7.11
C PRO F 149 -39.01 -7.85 -7.62
N THR F 150 -39.44 -8.84 -6.86
CA THR F 150 -40.46 -9.80 -7.25
C THR F 150 -41.32 -10.12 -6.03
N ASP F 151 -42.52 -10.64 -6.25
CA ASP F 151 -43.38 -11.11 -5.17
C ASP F 151 -42.87 -12.42 -4.54
N LYS F 152 -41.80 -12.99 -5.10
CA LYS F 152 -41.30 -14.30 -4.69
C LYS F 152 -39.80 -14.35 -4.38
N TYR F 153 -39.13 -13.20 -4.44
CA TYR F 153 -37.67 -13.16 -4.26
C TYR F 153 -37.25 -13.10 -2.80
N LYS F 154 -36.52 -14.12 -2.36
CA LYS F 154 -36.09 -14.23 -0.97
C LYS F 154 -34.63 -13.85 -0.78
N GLY F 155 -33.84 -13.99 -1.84
CA GLY F 155 -32.40 -13.83 -1.76
C GLY F 155 -31.68 -15.14 -1.43
N PRO F 156 -30.35 -15.12 -1.42
CA PRO F 156 -29.56 -16.32 -1.10
C PRO F 156 -29.79 -16.85 0.32
N THR F 157 -29.78 -18.16 0.46
CA THR F 157 -30.05 -18.79 1.75
C THR F 157 -28.86 -18.74 2.71
N THR F 158 -27.70 -18.29 2.22
CA THR F 158 -26.55 -17.97 3.07
C THR F 158 -25.92 -16.64 2.69
N TYR F 159 -24.97 -16.22 3.53
CA TYR F 159 -24.16 -15.02 3.36
C TYR F 159 -24.92 -13.71 3.48
N THR F 160 -25.85 -13.47 2.55
CA THR F 160 -26.52 -12.17 2.47
C THR F 160 -27.45 -11.91 3.64
N ILE F 161 -27.48 -10.66 4.10
CA ILE F 161 -28.53 -10.22 5.00
C ILE F 161 -29.69 -9.82 4.09
N ASN F 162 -30.72 -10.67 4.05
CA ASN F 162 -31.92 -10.43 3.23
C ASN F 162 -32.90 -9.53 3.96
N PRO F 163 -33.69 -8.73 3.21
CA PRO F 163 -34.70 -7.90 3.83
C PRO F 163 -35.73 -8.74 4.60
N PRO F 164 -35.93 -8.45 5.90
CA PRO F 164 -36.96 -9.14 6.69
C PRO F 164 -38.36 -8.75 6.22
N GLY F 165 -39.24 -9.74 6.07
CA GLY F 165 -40.62 -9.49 5.68
C GLY F 165 -41.08 -10.48 4.63
N ASP F 166 -42.38 -10.48 4.35
CA ASP F 166 -42.91 -11.26 3.26
C ASP F 166 -42.58 -10.58 1.94
N PRO F 167 -41.93 -11.31 1.02
CA PRO F 167 -41.56 -10.82 -0.31
C PRO F 167 -42.76 -10.26 -1.09
N ARG F 168 -43.96 -10.76 -0.80
CA ARG F 168 -45.17 -10.28 -1.47
C ARG F 168 -45.52 -8.85 -1.09
N THR F 169 -44.95 -8.35 0.01
CA THR F 169 -45.28 -7.02 0.51
C THR F 169 -44.11 -6.04 0.43
N LEU F 170 -42.98 -6.51 -0.06
CA LEU F 170 -41.77 -5.70 -0.04
C LEU F 170 -41.35 -5.13 -1.39
N HIS F 171 -42.10 -5.44 -2.45
CA HIS F 171 -41.80 -4.92 -3.79
C HIS F 171 -42.28 -3.48 -4.01
N VAL F 172 -42.72 -2.86 -2.92
CA VAL F 172 -43.16 -1.47 -2.93
C VAL F 172 -42.72 -0.88 -1.59
N TYR F 173 -42.37 0.39 -1.56
CA TYR F 173 -42.06 1.04 -0.27
C TYR F 173 -43.32 1.25 0.54
N ASN F 174 -43.37 0.66 1.73
CA ASN F 174 -44.53 0.80 2.61
C ASN F 174 -44.09 0.73 4.05
N SER F 175 -45.06 0.72 4.97
CA SER F 175 -44.77 0.64 6.41
C SER F 175 -44.02 -0.62 6.80
N ASN F 176 -44.08 -1.64 5.94
CA ASN F 176 -43.35 -2.88 6.14
C ASN F 176 -41.88 -2.87 5.78
N THR F 177 -41.50 -1.98 4.86
CA THR F 177 -40.14 -1.87 4.36
C THR F 177 -39.14 -1.71 5.50
N PRO F 178 -38.19 -2.67 5.60
CA PRO F 178 -37.19 -2.64 6.67
C PRO F 178 -36.06 -1.68 6.36
N LYS F 179 -35.52 -1.05 7.40
CA LYS F 179 -34.40 -0.13 7.28
C LYS F 179 -33.17 -0.82 7.86
N ALA F 180 -32.00 -0.43 7.36
CA ALA F 180 -30.73 -0.98 7.84
C ALA F 180 -29.59 -0.03 7.50
N LYS F 181 -28.44 -0.28 8.11
CA LYS F 181 -27.22 0.46 7.84
C LYS F 181 -26.19 -0.50 7.27
N VAL F 182 -25.51 -0.07 6.20
CA VAL F 182 -24.51 -0.93 5.57
C VAL F 182 -23.25 -0.95 6.43
N THR F 183 -23.21 -1.92 7.35
CA THR F 183 -22.14 -2.05 8.35
C THR F 183 -21.30 -3.30 8.10
N SER F 184 -21.71 -4.11 7.12
CA SER F 184 -20.94 -5.26 6.64
C SER F 184 -21.06 -5.35 5.12
N GLU F 185 -20.26 -6.23 4.52
CA GLU F 185 -20.27 -6.41 3.08
C GLU F 185 -21.19 -7.56 2.68
N ARG F 186 -22.38 -7.58 3.28
CA ARG F 186 -23.34 -8.67 3.09
C ARG F 186 -24.69 -8.17 2.58
N TYR F 187 -24.76 -6.90 2.16
CA TYR F 187 -26.00 -6.33 1.63
C TYR F 187 -26.02 -6.44 0.12
N SER F 188 -26.83 -7.37 -0.37
CA SER F 188 -27.01 -7.54 -1.80
C SER F 188 -27.65 -6.32 -2.48
N VAL F 189 -27.01 -5.93 -3.57
CA VAL F 189 -27.37 -4.78 -4.37
C VAL F 189 -28.74 -4.94 -5.05
N GLU F 190 -29.20 -6.18 -5.13
CA GLU F 190 -30.50 -6.51 -5.69
C GLU F 190 -31.64 -6.42 -4.67
N SER F 191 -31.31 -6.17 -3.41
CA SER F 191 -32.29 -6.21 -2.31
C SER F 191 -32.35 -4.92 -1.47
N TRP F 192 -31.27 -4.16 -1.49
CA TRP F 192 -31.19 -2.95 -0.67
C TRP F 192 -30.85 -1.72 -1.51
N ALA F 193 -31.63 -0.66 -1.35
CA ALA F 193 -31.38 0.59 -2.06
C ALA F 193 -31.15 1.70 -1.04
N PRO F 194 -30.31 2.70 -1.39
CA PRO F 194 -30.07 3.84 -0.51
C PRO F 194 -31.39 4.48 -0.10
N ASP F 195 -31.49 4.88 1.16
CA ASP F 195 -32.70 5.51 1.71
C ASP F 195 -32.65 7.05 1.54
N PRO F 196 -33.45 7.59 0.59
CA PRO F 196 -33.43 9.03 0.34
C PRO F 196 -34.07 9.86 1.46
N SER F 197 -34.74 9.19 2.40
CA SER F 197 -35.39 9.88 3.52
C SER F 197 -34.41 10.09 4.68
N ARG F 198 -33.31 9.36 4.64
CA ARG F 198 -32.23 9.51 5.60
C ARG F 198 -30.96 9.95 4.89
N ASN F 199 -29.83 9.36 5.24
CA ASN F 199 -28.53 9.73 4.68
C ASN F 199 -28.18 11.24 4.72
N ASP F 200 -28.51 11.90 5.82
CA ASP F 200 -27.95 13.20 6.14
C ASP F 200 -26.44 13.09 6.26
N ASN F 201 -25.74 14.19 6.04
CA ASN F 201 -24.27 14.21 6.16
C ASN F 201 -23.65 13.11 5.30
N CYS F 202 -24.12 13.02 4.06
CA CYS F 202 -23.77 11.95 3.13
C CYS F 202 -24.11 12.36 1.71
N ARG F 203 -23.19 12.10 0.77
CA ARG F 203 -23.45 12.23 -0.67
C ARG F 203 -23.40 10.88 -1.34
N TYR F 204 -24.43 10.56 -2.09
CA TYR F 204 -24.41 9.34 -2.86
C TYR F 204 -24.97 9.61 -4.24
N PHE F 205 -24.64 8.74 -5.18
CA PHE F 205 -25.11 8.85 -6.55
C PHE F 205 -25.17 7.45 -7.15
N GLY F 206 -26.27 7.13 -7.81
CA GLY F 206 -26.47 5.82 -8.38
C GLY F 206 -27.06 5.90 -9.77
N ARG F 207 -26.67 4.93 -10.61
CA ARG F 207 -27.26 4.75 -11.92
C ARG F 207 -27.60 3.28 -12.13
N VAL F 208 -28.83 3.03 -12.50
CA VAL F 208 -29.21 1.67 -12.86
C VAL F 208 -29.57 1.63 -14.35
N VAL F 209 -28.99 0.66 -15.06
CA VAL F 209 -29.31 0.41 -16.45
C VAL F 209 -29.87 -1.03 -16.54
N GLY F 210 -31.06 -1.17 -17.10
CA GLY F 210 -31.67 -2.49 -17.25
C GLY F 210 -31.28 -3.18 -18.54
N GLY F 211 -32.06 -4.18 -18.94
CA GLY F 211 -31.83 -4.90 -20.19
C GLY F 211 -30.88 -6.08 -20.03
N ALA F 212 -31.07 -7.09 -20.86
CA ALA F 212 -30.24 -8.29 -20.81
C ALA F 212 -28.93 -8.12 -21.60
N ALA F 213 -28.94 -7.28 -22.63
CA ALA F 213 -27.79 -7.16 -23.53
C ALA F 213 -27.26 -5.73 -23.67
N THR F 214 -27.44 -4.91 -22.62
CA THR F 214 -27.08 -3.50 -22.72
C THR F 214 -25.58 -3.29 -22.53
N PRO F 215 -24.93 -2.64 -23.49
CA PRO F 215 -23.48 -2.40 -23.37
C PRO F 215 -23.18 -1.44 -22.23
N PRO F 216 -22.20 -1.77 -21.37
CA PRO F 216 -21.74 -0.80 -20.39
C PRO F 216 -20.77 0.23 -21.03
N VAL F 217 -20.82 1.46 -20.54
CA VAL F 217 -19.97 2.56 -20.99
C VAL F 217 -19.30 3.20 -19.80
N VAL F 218 -17.99 3.04 -19.68
CA VAL F 218 -17.27 3.59 -18.54
C VAL F 218 -16.17 4.55 -19.01
N SER F 219 -16.14 5.76 -18.44
CA SER F 219 -15.07 6.71 -18.65
C SER F 219 -14.21 6.82 -17.41
N TYR F 220 -12.94 7.13 -17.60
CA TYR F 220 -12.03 7.37 -16.50
C TYR F 220 -10.92 8.31 -16.93
N GLY F 221 -10.33 9.00 -15.96
CA GLY F 221 -9.31 10.01 -16.22
C GLY F 221 -8.72 10.45 -14.90
N ASN F 222 -7.81 11.41 -14.96
CA ASN F 222 -7.14 11.85 -13.75
C ASN F 222 -7.14 13.35 -13.58
N ASN F 223 -8.08 14.03 -14.21
CA ASN F 223 -8.14 15.50 -14.07
C ASN F 223 -9.55 16.02 -13.81
N SER F 224 -10.28 15.31 -12.96
CA SER F 224 -11.68 15.60 -12.76
C SER F 224 -12.06 15.35 -11.28
N THR F 225 -12.66 16.37 -10.66
CA THR F 225 -13.04 16.28 -9.27
C THR F 225 -14.56 16.37 -9.07
N ILE F 226 -15.04 15.78 -7.98
CA ILE F 226 -16.42 15.91 -7.58
C ILE F 226 -16.49 16.78 -6.33
N PRO F 227 -17.12 17.97 -6.41
CA PRO F 227 -17.33 18.78 -5.19
C PRO F 227 -18.40 18.14 -4.33
N LEU F 228 -18.27 18.28 -3.02
CA LEU F 228 -19.14 17.58 -2.08
C LEU F 228 -19.81 18.52 -1.07
N LEU F 229 -19.78 19.81 -1.37
CA LEU F 229 -20.44 20.81 -0.53
C LEU F 229 -21.95 20.81 -0.78
N ASP F 230 -22.73 21.01 0.28
CA ASP F 230 -24.18 21.16 0.13
C ASP F 230 -24.55 22.61 -0.14
N GLU F 231 -25.86 22.89 -0.13
CA GLU F 231 -26.36 24.23 -0.38
C GLU F 231 -25.71 25.30 0.51
N ASN F 232 -25.21 24.88 1.68
CA ASN F 232 -24.59 25.80 2.65
C ASN F 232 -23.07 25.90 2.55
N GLY F 233 -22.45 25.14 1.65
CA GLY F 233 -20.99 25.11 1.54
C GLY F 233 -20.33 24.18 2.55
N ILE F 234 -21.08 23.18 3.01
CA ILE F 234 -20.61 22.20 3.99
C ILE F 234 -20.47 20.82 3.34
N GLY F 235 -19.30 20.22 3.51
CA GLY F 235 -19.04 18.88 3.03
C GLY F 235 -19.46 17.83 4.05
N ILE F 236 -18.88 16.65 3.93
CA ILE F 236 -19.16 15.57 4.86
C ILE F 236 -18.34 15.77 6.12
N LEU F 237 -19.01 15.77 7.27
CA LEU F 237 -18.34 15.97 8.56
C LEU F 237 -18.13 14.65 9.25
N CYS F 238 -16.88 14.40 9.66
CA CYS F 238 -16.54 13.16 10.36
C CYS F 238 -16.73 13.37 11.87
N LEU F 239 -17.98 13.42 12.30
CA LEU F 239 -18.32 13.74 13.68
C LEU F 239 -17.81 12.72 14.70
N GLN F 240 -17.65 11.48 14.28
CA GLN F 240 -17.05 10.42 15.11
C GLN F 240 -15.64 10.07 14.60
N GLY F 241 -15.01 11.03 13.92
CA GLY F 241 -13.65 10.88 13.39
C GLY F 241 -13.48 9.88 12.25
N ARG F 242 -14.58 9.45 11.64
CA ARG F 242 -14.51 8.48 10.55
C ARG F 242 -15.27 8.93 9.30
N LEU F 243 -14.76 8.54 8.14
CA LEU F 243 -15.50 8.66 6.89
C LEU F 243 -15.84 7.28 6.38
N TYR F 244 -17.11 7.09 6.05
CA TYR F 244 -17.60 5.82 5.55
C TYR F 244 -17.77 5.87 4.04
N ILE F 245 -17.03 5.01 3.36
CA ILE F 245 -17.18 4.84 1.93
C ILE F 245 -17.93 3.54 1.67
N THR F 246 -18.99 3.65 0.89
CA THR F 246 -19.72 2.49 0.49
C THR F 246 -20.03 2.62 -1.00
N CYS F 247 -19.85 1.53 -1.75
CA CYS F 247 -20.00 1.60 -3.20
C CYS F 247 -20.22 0.21 -3.82
N ALA F 248 -20.71 0.22 -5.06
CA ALA F 248 -20.97 -0.99 -5.82
C ALA F 248 -21.11 -0.67 -7.30
N ASP F 249 -20.55 -1.55 -8.12
CA ASP F 249 -20.52 -1.38 -9.55
C ASP F 249 -20.67 -2.71 -10.25
N MET F 250 -21.52 -2.73 -11.27
CA MET F 250 -21.81 -3.95 -12.00
C MET F 250 -21.90 -3.57 -13.47
N LEU F 251 -21.16 -4.31 -14.30
CA LEU F 251 -21.00 -3.95 -15.71
C LEU F 251 -21.94 -4.70 -16.63
N GLY F 252 -22.50 -5.82 -16.15
CA GLY F 252 -23.33 -6.70 -16.97
C GLY F 252 -22.92 -8.14 -16.75
N THR F 253 -23.38 -9.04 -17.63
CA THR F 253 -22.93 -10.42 -17.59
C THR F 253 -22.16 -10.82 -18.86
N ALA F 254 -21.36 -11.87 -18.74
CA ALA F 254 -20.71 -12.48 -19.88
C ALA F 254 -20.60 -13.96 -19.54
N ASN F 255 -21.12 -14.78 -20.45
CA ASN F 255 -21.17 -16.24 -20.29
C ASN F 255 -21.84 -16.63 -18.97
N SER F 256 -22.92 -15.90 -18.67
CA SER F 256 -23.77 -16.15 -17.49
C SER F 256 -23.15 -15.71 -16.17
N ARG F 257 -21.95 -15.12 -16.23
CA ARG F 257 -21.32 -14.59 -15.02
C ARG F 257 -21.35 -13.07 -15.00
N ILE F 258 -21.70 -12.51 -13.86
CA ILE F 258 -21.69 -11.06 -13.65
C ILE F 258 -20.26 -10.54 -13.56
N HIS F 259 -19.99 -9.43 -14.24
CA HIS F 259 -18.72 -8.75 -14.10
C HIS F 259 -18.82 -7.41 -13.40
N THR F 260 -17.69 -7.00 -12.85
CA THR F 260 -17.55 -5.81 -12.04
C THR F 260 -16.26 -5.10 -12.49
N PRO F 261 -16.12 -3.78 -12.20
CA PRO F 261 -14.78 -3.22 -12.36
C PRO F 261 -13.80 -3.95 -11.42
N MET F 262 -12.50 -3.91 -11.73
CA MET F 262 -11.51 -4.53 -10.86
C MET F 262 -11.40 -3.79 -9.53
N ALA F 263 -11.83 -2.53 -9.50
CA ALA F 263 -11.85 -1.75 -8.29
C ALA F 263 -12.48 -0.39 -8.52
N ARG F 264 -12.85 0.26 -7.43
CA ARG F 264 -13.24 1.65 -7.47
C ARG F 264 -12.21 2.47 -6.68
N PHE F 265 -11.57 3.40 -7.37
CA PHE F 265 -10.57 4.26 -6.78
C PHE F 265 -11.17 5.53 -6.19
N PHE F 266 -10.67 5.92 -5.03
CA PHE F 266 -11.05 7.17 -4.37
C PHE F 266 -9.82 7.95 -3.96
N ARG F 267 -9.86 9.25 -4.16
CA ARG F 267 -8.94 10.17 -3.50
C ARG F 267 -9.78 11.17 -2.72
N LEU F 268 -9.54 11.23 -1.42
CA LEU F 268 -10.35 12.05 -0.52
C LEU F 268 -9.58 13.27 -0.04
N HIS F 269 -10.24 14.42 -0.08
CA HIS F 269 -9.63 15.67 0.36
C HIS F 269 -10.35 16.21 1.59
N PHE F 270 -9.63 16.26 2.70
CA PHE F 270 -10.17 16.75 3.97
C PHE F 270 -9.56 18.08 4.37
N ARG F 271 -10.42 18.98 4.86
CA ARG F 271 -10.00 20.16 5.60
C ARG F 271 -10.58 20.05 7.01
N GLN F 272 -10.35 21.05 7.83
CA GLN F 272 -10.94 21.04 9.16
C GLN F 272 -12.10 22.03 9.28
N ARG F 273 -13.13 21.62 10.02
CA ARG F 273 -14.32 22.42 10.23
C ARG F 273 -14.57 22.65 11.71
N ARG F 274 -14.84 23.90 12.08
CA ARG F 274 -15.17 24.25 13.47
C ARG F 274 -16.65 23.96 13.70
N VAL F 275 -16.94 23.25 14.78
CA VAL F 275 -18.33 22.90 15.11
C VAL F 275 -18.57 23.20 16.59
N LYS F 276 -19.64 23.92 16.90
CA LYS F 276 -20.03 24.15 18.30
C LYS F 276 -20.78 22.93 18.82
N ASN F 277 -20.18 22.29 19.83
CA ASN F 277 -20.77 21.18 20.59
C ASN F 277 -19.70 20.54 21.49
N GLU G 8 9.68 21.84 -7.46
CA GLU G 8 9.29 23.23 -7.07
C GLU G 8 9.09 24.13 -8.31
N VAL G 9 7.82 24.33 -8.69
CA VAL G 9 7.45 24.97 -9.95
C VAL G 9 7.23 26.48 -9.81
N LEU G 10 7.95 27.26 -10.63
CA LEU G 10 7.81 28.71 -10.62
C LEU G 10 6.87 29.17 -11.74
N ALA G 11 7.12 30.35 -12.30
CA ALA G 11 6.24 30.96 -13.30
C ALA G 11 6.55 30.53 -14.73
N ALA G 12 5.53 30.64 -15.59
CA ALA G 12 5.67 30.42 -17.03
C ALA G 12 6.53 31.49 -17.66
N VAL G 13 7.33 31.10 -18.66
CA VAL G 13 8.11 32.05 -19.44
C VAL G 13 7.18 32.75 -20.44
N PRO G 14 7.30 34.09 -20.56
CA PRO G 14 6.53 34.82 -21.58
C PRO G 14 6.58 34.15 -22.95
N LEU G 15 5.40 33.84 -23.49
CA LEU G 15 5.24 33.28 -24.84
C LEU G 15 5.98 34.06 -25.92
N SER G 16 7.09 33.48 -26.38
CA SER G 16 7.96 34.09 -27.38
C SER G 16 8.21 33.09 -28.51
N GLU G 17 8.92 33.50 -29.55
CA GLU G 17 9.20 32.61 -30.68
C GLU G 17 10.13 31.46 -30.33
N GLU G 18 11.17 31.72 -29.56
CA GLU G 18 12.12 30.66 -29.24
C GLU G 18 11.80 29.96 -27.93
N THR G 19 10.76 30.44 -27.27
CA THR G 19 10.26 29.79 -26.05
C THR G 19 9.01 28.93 -26.32
N GLU G 20 8.56 28.91 -27.58
CA GLU G 20 7.45 28.06 -28.03
C GLU G 20 7.94 26.92 -28.92
N PHE G 21 7.19 25.84 -28.94
CA PHE G 21 7.52 24.69 -29.77
C PHE G 21 6.29 23.83 -30.08
N LYS G 22 6.12 23.46 -31.35
CA LYS G 22 4.98 22.67 -31.82
C LYS G 22 5.44 21.48 -32.64
N VAL G 23 4.81 20.32 -32.41
CA VAL G 23 5.02 19.12 -33.24
C VAL G 23 3.72 18.42 -33.54
N GLU G 24 3.63 17.90 -34.75
CA GLU G 24 2.53 17.07 -35.17
C GLU G 24 3.09 15.68 -35.41
N LEU G 25 2.32 14.65 -35.06
CA LEU G 25 2.72 13.27 -35.32
C LEU G 25 1.50 12.34 -35.37
N PHE G 26 1.68 11.23 -36.05
CA PHE G 26 0.65 10.19 -36.10
C PHE G 26 1.17 8.98 -35.33
N VAL G 27 0.40 8.48 -34.39
CA VAL G 27 0.81 7.31 -33.65
C VAL G 27 0.05 6.11 -34.19
N LYS G 28 0.82 5.11 -34.60
CA LYS G 28 0.27 3.89 -35.19
C LYS G 28 -0.28 2.96 -34.12
N PRO G 29 -1.40 2.28 -34.43
CA PRO G 29 -1.94 1.23 -33.55
C PRO G 29 -1.01 0.02 -33.49
N VAL G 30 -1.08 -0.72 -32.37
CA VAL G 30 -0.21 -1.86 -32.18
C VAL G 30 -1.00 -3.13 -31.97
N ILE G 31 -0.67 -4.17 -32.74
CA ILE G 31 -1.20 -5.51 -32.52
C ILE G 31 -0.07 -6.50 -32.27
N GLY G 32 -0.33 -7.47 -31.40
CA GLY G 32 0.67 -8.45 -30.99
C GLY G 32 1.14 -9.33 -32.13
N ASN G 33 2.37 -9.81 -31.99
CA ASN G 33 3.08 -10.54 -33.02
C ASN G 33 3.40 -11.95 -32.53
N THR G 34 2.93 -12.96 -33.25
CA THR G 34 3.12 -14.35 -32.83
C THR G 34 4.52 -14.88 -33.09
N THR G 35 5.17 -14.38 -34.15
CA THR G 35 6.52 -14.84 -34.53
C THR G 35 7.60 -14.43 -33.51
N ALA G 36 8.64 -15.26 -33.38
CA ALA G 36 9.83 -14.98 -32.56
C ALA G 36 10.72 -13.92 -33.22
N GLU G 42 14.65 -7.84 -29.43
CA GLU G 42 13.30 -7.35 -29.07
C GLU G 42 12.22 -7.83 -30.05
N PRO G 43 11.06 -8.27 -29.52
CA PRO G 43 9.95 -8.63 -30.40
C PRO G 43 9.43 -7.41 -31.15
N THR G 44 8.98 -7.63 -32.38
CA THR G 44 8.53 -6.55 -33.27
C THR G 44 7.00 -6.38 -33.19
N PRO G 45 6.54 -5.13 -32.96
CA PRO G 45 5.09 -4.88 -33.02
C PRO G 45 4.55 -4.98 -34.46
N HIS G 46 3.28 -5.37 -34.57
CA HIS G 46 2.56 -5.23 -35.83
C HIS G 46 1.85 -3.88 -35.78
N TYR G 47 2.19 -3.01 -36.73
CA TYR G 47 1.42 -1.79 -36.92
C TYR G 47 0.27 -2.07 -37.88
N TRP G 48 -0.82 -2.59 -37.31
CA TRP G 48 -2.01 -2.98 -38.04
C TRP G 48 -3.23 -2.29 -37.44
N SER G 49 -4.21 -1.95 -38.27
CA SER G 49 -5.50 -1.51 -37.76
C SER G 49 -6.56 -2.63 -37.90
N ILE G 50 -6.10 -3.81 -38.28
CA ILE G 50 -6.94 -4.99 -38.39
C ILE G 50 -6.15 -6.20 -37.90
N SER G 51 -6.68 -6.90 -36.90
CA SER G 51 -5.99 -8.04 -36.29
C SER G 51 -6.25 -9.34 -37.07
N SER G 52 -5.68 -10.44 -36.58
CA SER G 52 -6.05 -11.76 -37.08
C SER G 52 -7.40 -12.16 -36.51
N ALA G 53 -8.03 -13.16 -37.13
CA ALA G 53 -9.34 -13.63 -36.72
C ALA G 53 -9.28 -14.31 -35.36
N ILE G 54 -10.26 -14.01 -34.52
CA ILE G 54 -10.44 -14.72 -33.25
C ILE G 54 -11.25 -16.00 -33.52
N HIS G 55 -10.67 -17.15 -33.21
CA HIS G 55 -11.33 -18.43 -33.43
C HIS G 55 -10.72 -19.45 -32.49
N ASP G 56 -11.55 -20.37 -32.00
CA ASP G 56 -11.07 -21.53 -31.23
C ASP G 56 -10.03 -22.34 -32.02
N LYS G 57 -9.10 -22.97 -31.29
CA LYS G 57 -8.27 -24.04 -31.86
C LYS G 57 -9.11 -25.32 -31.96
N GLU G 58 -8.61 -26.30 -32.71
CA GLU G 58 -9.32 -27.58 -32.84
C GLU G 58 -9.11 -28.42 -31.56
N SER G 59 -10.19 -29.02 -31.06
CA SER G 59 -10.21 -29.71 -29.76
C SER G 59 -8.90 -30.41 -29.33
N GLY G 60 -8.30 -31.16 -30.25
CA GLY G 60 -7.01 -31.84 -30.02
C GLY G 60 -5.84 -30.91 -29.70
N SER G 61 -6.08 -29.61 -29.81
CA SER G 61 -5.18 -28.60 -29.25
C SER G 61 -5.70 -28.22 -27.86
N SER G 62 -4.87 -28.46 -26.85
CA SER G 62 -5.20 -28.10 -25.48
C SER G 62 -5.01 -26.59 -25.26
N ILE G 63 -4.89 -25.84 -26.37
CA ILE G 63 -4.79 -24.39 -26.28
C ILE G 63 -6.21 -23.80 -26.20
N LYS G 64 -6.48 -23.14 -25.09
CA LYS G 64 -7.78 -22.49 -24.89
C LYS G 64 -7.64 -21.01 -25.18
N VAL G 65 -8.24 -20.61 -26.30
CA VAL G 65 -8.10 -19.28 -26.87
C VAL G 65 -8.61 -18.15 -25.94
N GLU G 66 -9.56 -18.48 -25.06
CA GLU G 66 -10.05 -17.51 -24.07
C GLU G 66 -9.11 -17.36 -22.87
N GLU G 67 -8.10 -18.23 -22.79
CA GLU G 67 -7.13 -18.17 -21.70
C GLU G 67 -5.77 -17.69 -22.20
N THR G 68 -5.33 -18.23 -23.33
CA THR G 68 -4.09 -17.80 -23.97
C THR G 68 -4.41 -17.53 -25.44
N PRO G 69 -4.86 -16.31 -25.77
CA PRO G 69 -5.12 -16.00 -27.17
C PRO G 69 -3.80 -15.80 -27.92
N ASP G 70 -3.85 -15.86 -29.24
CA ASP G 70 -2.70 -15.47 -30.05
C ASP G 70 -2.42 -13.99 -29.85
N ALA G 71 -1.14 -13.64 -29.75
CA ALA G 71 -0.73 -12.25 -29.68
C ALA G 71 -1.39 -11.45 -30.79
N ASP G 72 -1.55 -12.11 -31.93
CA ASP G 72 -2.28 -11.68 -33.12
C ASP G 72 -3.64 -10.99 -32.94
N THR G 73 -4.31 -11.27 -31.82
CA THR G 73 -5.68 -10.85 -31.62
C THR G 73 -5.84 -9.91 -30.42
N THR G 74 -4.75 -9.28 -30.00
CA THR G 74 -4.85 -8.28 -28.95
C THR G 74 -4.15 -6.98 -29.32
N VAL G 75 -4.72 -5.88 -28.80
CA VAL G 75 -4.20 -4.55 -29.01
C VAL G 75 -3.30 -4.20 -27.83
N CYS G 76 -2.12 -3.65 -28.12
CA CYS G 76 -1.26 -3.12 -27.06
C CYS G 76 -1.17 -1.61 -27.15
N TYR G 77 -0.80 -0.99 -26.02
CA TYR G 77 -0.62 0.47 -25.97
C TYR G 77 0.47 0.88 -26.95
N SER G 78 0.17 1.91 -27.72
CA SER G 78 1.14 2.52 -28.63
C SER G 78 1.99 3.55 -27.90
N LEU G 79 3.24 3.70 -28.34
CA LEU G 79 4.18 4.63 -27.70
C LEU G 79 4.81 5.60 -28.69
N ALA G 80 5.07 6.80 -28.20
CA ALA G 80 5.86 7.78 -28.92
C ALA G 80 6.51 8.73 -27.90
N GLU G 81 7.72 9.18 -28.21
CA GLU G 81 8.43 10.12 -27.37
C GLU G 81 8.75 11.37 -28.17
N ILE G 82 8.68 12.52 -27.51
CA ILE G 82 9.05 13.78 -28.15
C ILE G 82 10.07 14.49 -27.29
N ALA G 83 11.20 14.81 -27.88
CA ALA G 83 12.21 15.61 -27.22
C ALA G 83 12.27 16.96 -27.91
N PRO G 84 11.67 17.99 -27.29
CA PRO G 84 11.72 19.35 -27.82
C PRO G 84 13.15 19.87 -27.85
N PRO G 85 13.44 20.93 -28.63
CA PRO G 85 14.81 21.42 -28.79
C PRO G 85 15.48 21.79 -27.47
N ASP G 86 16.81 21.69 -27.42
CA ASP G 86 17.58 22.08 -26.24
C ASP G 86 17.38 23.54 -25.87
N ILE G 87 17.53 23.84 -24.58
CA ILE G 87 17.33 25.20 -24.10
C ILE G 87 18.67 25.92 -23.81
N ASP G 95 15.13 29.49 -11.56
CA ASP G 95 16.55 29.29 -11.85
C ASP G 95 16.81 28.34 -13.02
N MET G 96 15.86 27.45 -13.30
CA MET G 96 15.98 26.49 -14.42
C MET G 96 14.79 26.60 -15.38
N LYS G 97 15.01 26.40 -16.68
CA LYS G 97 13.89 26.38 -17.65
C LYS G 97 13.61 24.98 -18.20
N VAL G 98 12.33 24.64 -18.29
CA VAL G 98 11.93 23.32 -18.76
C VAL G 98 10.72 23.41 -19.70
N TRP G 99 10.61 22.49 -20.66
CA TRP G 99 9.47 22.49 -21.58
C TRP G 99 8.19 22.04 -20.89
N GLU G 100 7.11 22.77 -21.16
CA GLU G 100 5.80 22.50 -20.57
C GLU G 100 4.72 22.36 -21.65
N LEU G 101 4.13 21.17 -21.73
CA LEU G 101 3.01 20.90 -22.61
C LEU G 101 1.77 21.51 -21.98
N TYR G 102 1.22 22.55 -22.59
CA TYR G 102 0.10 23.27 -21.98
C TYR G 102 -1.24 23.08 -22.70
N ARG G 103 -1.18 22.65 -23.95
CA ARG G 103 -2.37 22.24 -24.68
C ARG G 103 -2.01 21.31 -25.83
N MET G 104 -3.00 20.60 -26.33
CA MET G 104 -2.80 19.72 -27.45
C MET G 104 -4.11 19.49 -28.19
N GLU G 105 -4.00 19.08 -29.43
CA GLU G 105 -5.15 18.50 -30.09
C GLU G 105 -4.81 17.05 -30.42
N THR G 106 -5.81 16.19 -30.33
CA THR G 106 -5.67 14.80 -30.71
C THR G 106 -6.91 14.35 -31.44
N GLU G 107 -6.72 13.54 -32.45
CA GLU G 107 -7.80 13.32 -33.37
C GLU G 107 -7.59 11.95 -33.94
N LEU G 108 -8.68 11.23 -34.18
CA LEU G 108 -8.56 9.87 -34.74
C LEU G 108 -8.67 9.86 -36.25
N LEU G 109 -7.85 9.02 -36.87
CA LEU G 109 -7.81 8.84 -38.31
C LEU G 109 -8.63 7.62 -38.69
N VAL G 110 -9.73 7.87 -39.38
CA VAL G 110 -10.80 6.93 -39.40
C VAL G 110 -11.63 7.07 -40.69
N VAL G 111 -12.08 5.94 -41.23
CA VAL G 111 -13.01 5.94 -42.37
C VAL G 111 -14.13 4.95 -42.09
N PRO G 112 -15.33 5.18 -42.66
CA PRO G 112 -16.40 4.21 -42.46
C PRO G 112 -16.08 2.91 -43.20
N LEU G 113 -16.29 1.77 -42.56
CA LEU G 113 -16.03 0.48 -43.18
C LEU G 113 -17.34 -0.11 -43.64
N VAL G 114 -17.49 -0.24 -44.96
CA VAL G 114 -18.72 -0.81 -45.55
C VAL G 114 -18.36 -1.95 -46.50
N ASN G 115 -18.05 -1.63 -47.75
CA ASN G 115 -17.74 -2.65 -48.76
C ASN G 115 -16.65 -3.63 -48.35
N ALA G 116 -15.59 -3.12 -47.70
CA ALA G 116 -14.44 -3.94 -47.29
C ALA G 116 -14.80 -5.09 -46.36
N LEU G 117 -15.93 -4.99 -45.70
CA LEU G 117 -16.34 -5.97 -44.72
C LEU G 117 -17.10 -7.13 -45.34
N GLY G 118 -17.50 -6.99 -46.59
CA GLY G 118 -18.24 -8.02 -47.28
C GLY G 118 -19.71 -8.10 -46.89
N ASN G 119 -20.37 -9.17 -47.33
CA ASN G 119 -21.79 -9.37 -47.11
C ASN G 119 -22.19 -10.84 -47.16
N THR G 120 -23.38 -11.15 -46.66
CA THR G 120 -23.97 -12.48 -46.74
C THR G 120 -25.33 -12.36 -47.41
N ASN G 121 -25.40 -12.79 -48.67
CA ASN G 121 -26.64 -12.72 -49.45
C ASN G 121 -27.14 -11.30 -49.70
N GLY G 122 -26.32 -10.30 -49.41
CA GLY G 122 -26.75 -8.92 -49.54
C GLY G 122 -26.86 -8.20 -48.20
N VAL G 123 -26.81 -8.96 -47.11
CA VAL G 123 -26.79 -8.40 -45.76
C VAL G 123 -25.37 -7.88 -45.45
N VAL G 124 -25.20 -6.56 -45.62
CA VAL G 124 -23.94 -5.88 -45.38
C VAL G 124 -23.41 -6.13 -43.97
N HIS G 125 -22.13 -6.49 -43.88
CA HIS G 125 -21.46 -6.66 -42.60
C HIS G 125 -21.05 -5.30 -42.03
N GLY G 126 -20.90 -5.22 -40.71
CA GLY G 126 -20.49 -3.98 -40.07
C GLY G 126 -19.49 -4.15 -38.96
N LEU G 127 -18.79 -3.06 -38.63
CA LEU G 127 -17.88 -3.02 -37.50
C LEU G 127 -18.66 -2.65 -36.23
N ALA G 128 -18.55 -3.52 -35.24
CA ALA G 128 -19.22 -3.30 -33.96
C ALA G 128 -18.56 -4.16 -32.89
N GLY G 129 -18.78 -3.82 -31.63
CA GLY G 129 -18.25 -4.56 -30.51
C GLY G 129 -17.65 -3.72 -29.39
N THR G 130 -16.81 -4.37 -28.60
CA THR G 130 -16.21 -3.75 -27.44
C THR G 130 -15.12 -2.77 -27.86
N GLN G 131 -15.11 -1.60 -27.22
CA GLN G 131 -14.26 -0.49 -27.67
C GLN G 131 -13.41 0.09 -26.56
N LEU G 132 -12.26 0.63 -26.93
CA LEU G 132 -11.45 1.43 -26.04
C LEU G 132 -11.01 2.69 -26.78
N TYR G 133 -11.02 3.83 -26.09
CA TYR G 133 -10.46 5.08 -26.61
C TYR G 133 -9.64 5.66 -25.49
N PHE G 134 -8.34 5.66 -25.71
CA PHE G 134 -7.43 6.07 -24.65
C PHE G 134 -6.24 6.88 -25.16
N TRP G 135 -5.91 7.94 -24.43
CA TRP G 135 -4.66 8.66 -24.62
C TRP G 135 -4.08 9.10 -23.29
N ALA G 136 -2.75 9.22 -23.28
CA ALA G 136 -1.99 9.67 -22.12
C ALA G 136 -0.83 10.48 -22.61
N VAL G 137 -0.46 11.46 -21.79
CA VAL G 137 0.53 12.43 -22.17
C VAL G 137 1.24 12.82 -20.88
N GLY G 138 2.54 12.56 -20.81
CA GLY G 138 3.28 12.71 -19.55
C GLY G 138 4.79 12.92 -19.65
N GLY G 139 5.37 13.42 -18.56
CA GLY G 139 6.81 13.68 -18.48
C GLY G 139 7.64 12.46 -18.16
N GLN G 140 6.99 11.30 -18.06
CA GLN G 140 7.61 10.01 -17.77
C GLN G 140 6.67 8.96 -18.35
N PRO G 141 7.10 7.70 -18.42
CA PRO G 141 6.18 6.69 -19.00
C PRO G 141 4.91 6.51 -18.18
N LEU G 142 3.87 5.98 -18.81
CA LEU G 142 2.59 5.77 -18.15
C LEU G 142 2.69 4.70 -17.09
N ASP G 143 2.23 5.04 -15.89
CA ASP G 143 2.11 4.07 -14.80
C ASP G 143 0.87 3.21 -15.01
N VAL G 144 1.07 1.91 -15.00
CA VAL G 144 0.03 1.01 -15.36
C VAL G 144 -0.12 -0.05 -14.28
N VAL G 145 -1.28 -0.69 -14.23
CA VAL G 145 -1.62 -1.66 -13.20
C VAL G 145 -2.09 -2.98 -13.85
N GLY G 146 -1.52 -4.10 -13.39
CA GLY G 146 -1.79 -5.40 -13.99
C GLY G 146 -2.99 -6.11 -13.43
N VAL G 147 -3.82 -6.63 -14.33
CA VAL G 147 -5.15 -7.08 -13.98
C VAL G 147 -5.52 -8.27 -14.86
N THR G 148 -6.43 -9.11 -14.38
CA THR G 148 -7.01 -10.16 -15.22
C THR G 148 -8.54 -10.00 -15.33
N PRO G 149 -9.09 -10.20 -16.53
CA PRO G 149 -10.54 -10.11 -16.76
C PRO G 149 -11.30 -11.34 -16.25
N THR G 150 -10.57 -12.41 -15.99
CA THR G 150 -11.12 -13.72 -15.70
C THR G 150 -10.23 -14.37 -14.65
N ASP G 151 -10.76 -15.38 -13.97
CA ASP G 151 -9.96 -16.17 -13.04
C ASP G 151 -8.98 -17.12 -13.77
N LYS G 152 -9.04 -17.16 -15.10
CA LYS G 152 -8.27 -18.10 -15.90
C LYS G 152 -7.48 -17.46 -17.05
N TYR G 153 -7.50 -16.14 -17.16
CA TYR G 153 -6.85 -15.47 -18.28
C TYR G 153 -5.36 -15.22 -18.02
N LYS G 154 -4.53 -15.81 -18.89
CA LYS G 154 -3.08 -15.71 -18.78
C LYS G 154 -2.46 -14.73 -19.76
N GLY G 155 -3.16 -14.49 -20.87
CA GLY G 155 -2.60 -13.69 -21.96
C GLY G 155 -1.88 -14.55 -22.98
N PRO G 156 -1.40 -13.94 -24.07
CA PRO G 156 -0.64 -14.66 -25.09
C PRO G 156 0.68 -15.25 -24.58
N THR G 157 1.04 -16.43 -25.06
CA THR G 157 2.27 -17.10 -24.62
C THR G 157 3.54 -16.50 -25.23
N THR G 158 3.40 -15.60 -26.20
CA THR G 158 4.53 -14.80 -26.69
C THR G 158 4.16 -13.32 -26.82
N TYR G 159 5.19 -12.53 -27.11
CA TYR G 159 5.11 -11.09 -27.37
C TYR G 159 4.73 -10.24 -26.16
N THR G 160 3.51 -10.42 -25.65
CA THR G 160 2.99 -9.58 -24.58
C THR G 160 3.72 -9.78 -23.26
N ILE G 161 3.93 -8.69 -22.53
CA ILE G 161 4.32 -8.76 -21.14
C ILE G 161 3.03 -8.92 -20.33
N ASN G 162 2.81 -10.14 -19.83
CA ASN G 162 1.61 -10.45 -19.06
C ASN G 162 1.79 -10.09 -17.58
N PRO G 163 0.69 -9.71 -16.91
CA PRO G 163 0.78 -9.42 -15.48
C PRO G 163 1.28 -10.63 -14.71
N PRO G 164 2.37 -10.46 -13.93
CA PRO G 164 2.86 -11.54 -13.07
C PRO G 164 1.89 -11.81 -11.91
N GLY G 165 1.63 -13.08 -11.65
CA GLY G 165 0.76 -13.50 -10.55
C GLY G 165 -0.20 -14.57 -10.97
N ASP G 166 -0.91 -15.16 -10.01
CA ASP G 166 -1.98 -16.10 -10.28
C ASP G 166 -3.22 -15.36 -10.81
N PRO G 167 -3.71 -15.75 -12.00
CA PRO G 167 -4.89 -15.13 -12.60
C PRO G 167 -6.11 -15.16 -11.67
N ARG G 168 -6.15 -16.13 -10.75
CA ARG G 168 -7.27 -16.25 -9.82
C ARG G 168 -7.29 -15.12 -8.80
N THR G 169 -6.16 -14.44 -8.62
CA THR G 169 -6.05 -13.38 -7.61
C THR G 169 -5.90 -11.98 -8.21
N LEU G 170 -5.86 -11.88 -9.54
CA LEU G 170 -5.58 -10.60 -10.19
C LEU G 170 -6.79 -9.90 -10.82
N HIS G 171 -7.96 -10.53 -10.73
CA HIS G 171 -9.18 -9.92 -11.28
C HIS G 171 -9.79 -8.87 -10.34
N VAL G 172 -9.06 -8.54 -9.29
CA VAL G 172 -9.43 -7.49 -8.36
C VAL G 172 -8.14 -6.76 -7.99
N TYR G 173 -8.22 -5.45 -7.73
CA TYR G 173 -7.04 -4.72 -7.26
C TYR G 173 -6.75 -5.10 -5.82
N ASN G 174 -5.58 -5.66 -5.59
CA ASN G 174 -5.20 -6.04 -4.23
C ASN G 174 -3.72 -5.82 -4.02
N SER G 175 -3.27 -6.08 -2.78
CA SER G 175 -1.87 -5.87 -2.38
C SER G 175 -0.86 -6.56 -3.28
N ASN G 176 -1.32 -7.52 -4.10
CA ASN G 176 -0.44 -8.28 -4.98
C ASN G 176 -0.54 -7.86 -6.45
N THR G 177 -1.34 -6.82 -6.71
CA THR G 177 -1.48 -6.31 -8.07
C THR G 177 -0.10 -5.83 -8.55
N PRO G 178 0.35 -6.31 -9.73
CA PRO G 178 1.66 -5.84 -10.19
C PRO G 178 1.57 -4.46 -10.84
N LYS G 179 2.61 -3.66 -10.64
CA LYS G 179 2.73 -2.35 -11.26
C LYS G 179 3.82 -2.40 -12.33
N ALA G 180 3.70 -1.56 -13.34
CA ALA G 180 4.67 -1.48 -14.42
C ALA G 180 4.58 -0.12 -15.10
N LYS G 181 5.59 0.19 -15.90
CA LYS G 181 5.61 1.39 -16.71
C LYS G 181 5.61 1.02 -18.19
N VAL G 182 4.76 1.68 -18.98
CA VAL G 182 4.65 1.36 -20.40
C VAL G 182 5.87 1.89 -21.13
N THR G 183 6.90 1.06 -21.18
CA THR G 183 8.20 1.41 -21.78
C THR G 183 8.45 0.66 -23.09
N SER G 184 7.55 -0.25 -23.44
CA SER G 184 7.57 -0.92 -24.75
C SER G 184 6.13 -1.07 -25.27
N GLU G 185 5.99 -1.49 -26.52
CA GLU G 185 4.69 -1.65 -27.13
C GLU G 185 4.17 -3.10 -26.99
N ARG G 186 4.37 -3.65 -25.79
CA ARG G 186 4.03 -5.03 -25.49
C ARG G 186 3.01 -5.19 -24.34
N TYR G 187 2.40 -4.09 -23.93
CA TYR G 187 1.40 -4.15 -22.86
C TYR G 187 -0.01 -4.25 -23.44
N SER G 188 -0.59 -5.44 -23.36
CA SER G 188 -1.93 -5.67 -23.86
C SER G 188 -2.94 -4.86 -23.08
N VAL G 189 -3.80 -4.21 -23.85
CA VAL G 189 -4.87 -3.35 -23.37
C VAL G 189 -5.93 -4.10 -22.56
N GLU G 190 -5.92 -5.44 -22.68
CA GLU G 190 -6.85 -6.32 -21.98
C GLU G 190 -6.30 -6.77 -20.63
N SER G 191 -5.07 -6.39 -20.34
CA SER G 191 -4.39 -6.85 -19.11
C SER G 191 -3.86 -5.73 -18.22
N TRP G 192 -3.66 -4.56 -18.80
CA TRP G 192 -3.06 -3.44 -18.06
C TRP G 192 -3.94 -2.20 -18.17
N ALA G 193 -4.24 -1.60 -17.03
CA ALA G 193 -5.02 -0.36 -16.99
C ALA G 193 -4.19 0.75 -16.33
N PRO G 194 -4.43 2.02 -16.71
CA PRO G 194 -3.70 3.15 -16.10
C PRO G 194 -3.85 3.13 -14.59
N ASP G 195 -2.77 3.45 -13.88
CA ASP G 195 -2.78 3.46 -12.42
C ASP G 195 -3.20 4.84 -11.90
N PRO G 196 -4.44 4.97 -11.39
CA PRO G 196 -4.89 6.27 -10.88
C PRO G 196 -4.19 6.71 -9.58
N SER G 197 -3.44 5.80 -8.94
CA SER G 197 -2.74 6.15 -7.70
C SER G 197 -1.38 6.78 -7.99
N ARG G 198 -0.92 6.61 -9.23
CA ARG G 198 0.31 7.25 -9.68
C ARG G 198 0.00 8.21 -10.81
N ASN G 199 0.81 8.17 -11.88
CA ASN G 199 0.69 9.08 -13.02
C ASN G 199 0.59 10.57 -12.67
N ASP G 200 1.42 11.02 -11.72
CA ASP G 200 1.66 12.44 -11.51
C ASP G 200 2.32 13.01 -12.76
N ASN G 201 2.13 14.32 -12.98
CA ASN G 201 2.72 15.00 -14.13
C ASN G 201 2.32 14.28 -15.42
N CYS G 202 1.02 14.02 -15.53
CA CYS G 202 0.46 13.21 -16.62
C CYS G 202 -1.04 13.44 -16.71
N ARG G 203 -1.55 13.66 -17.91
CA ARG G 203 -3.00 13.61 -18.14
C ARG G 203 -3.31 12.37 -18.99
N TYR G 204 -4.34 11.63 -18.58
CA TYR G 204 -4.85 10.56 -19.42
C TYR G 204 -6.36 10.56 -19.36
N PHE G 205 -6.98 9.95 -20.37
CA PHE G 205 -8.42 9.83 -20.45
C PHE G 205 -8.77 8.57 -21.22
N GLY G 206 -9.69 7.79 -20.67
CA GLY G 206 -10.07 6.52 -21.26
C GLY G 206 -11.55 6.31 -21.23
N ARG G 207 -12.03 5.60 -22.25
CA ARG G 207 -13.41 5.23 -22.33
C ARG G 207 -13.45 3.78 -22.81
N VAL G 208 -14.17 2.95 -22.04
CA VAL G 208 -14.42 1.55 -22.40
C VAL G 208 -15.90 1.33 -22.68
N VAL G 209 -16.21 0.72 -23.83
CA VAL G 209 -17.57 0.40 -24.20
C VAL G 209 -17.62 -1.13 -24.38
N GLY G 210 -18.50 -1.80 -23.65
CA GLY G 210 -18.64 -3.25 -23.76
C GLY G 210 -19.58 -3.69 -24.87
N GLY G 211 -20.04 -4.93 -24.79
CA GLY G 211 -21.01 -5.47 -25.73
C GLY G 211 -20.34 -6.07 -26.93
N ALA G 212 -20.96 -7.11 -27.49
CA ALA G 212 -20.45 -7.79 -28.68
C ALA G 212 -20.77 -7.05 -29.98
N ALA G 213 -21.88 -6.33 -30.01
CA ALA G 213 -22.35 -5.70 -31.25
C ALA G 213 -22.55 -4.18 -31.13
N THR G 214 -21.74 -3.54 -30.29
CA THR G 214 -21.94 -2.12 -30.03
C THR G 214 -21.31 -1.26 -31.12
N PRO G 215 -22.10 -0.37 -31.76
CA PRO G 215 -21.53 0.45 -32.82
C PRO G 215 -20.55 1.47 -32.24
N PRO G 216 -19.38 1.63 -32.87
CA PRO G 216 -18.47 2.71 -32.46
C PRO G 216 -18.91 4.04 -33.07
N VAL G 217 -18.70 5.12 -32.29
CA VAL G 217 -19.00 6.47 -32.77
C VAL G 217 -17.78 7.32 -32.59
N VAL G 218 -17.20 7.81 -33.69
CA VAL G 218 -16.01 8.62 -33.62
C VAL G 218 -16.20 9.96 -34.34
N SER G 219 -15.92 11.05 -33.62
CA SER G 219 -15.90 12.39 -34.19
C SER G 219 -14.50 12.88 -34.40
N TYR G 220 -14.27 13.67 -35.44
CA TYR G 220 -12.97 14.32 -35.66
C TYR G 220 -13.16 15.66 -36.35
N GLY G 221 -12.19 16.55 -36.22
CA GLY G 221 -12.26 17.88 -36.76
C GLY G 221 -10.92 18.57 -36.54
N ASN G 222 -10.82 19.83 -36.91
CA ASN G 222 -9.54 20.51 -36.81
C ASN G 222 -9.65 21.88 -36.14
N ASN G 223 -10.67 22.08 -35.31
CA ASN G 223 -10.80 23.35 -34.60
C ASN G 223 -11.14 23.19 -33.14
N SER G 224 -10.49 22.23 -32.49
CA SER G 224 -10.82 21.87 -31.13
C SER G 224 -9.54 21.48 -30.39
N THR G 225 -9.33 22.08 -29.23
CA THR G 225 -8.14 21.83 -28.45
C THR G 225 -8.49 21.23 -27.07
N ILE G 226 -7.55 20.50 -26.50
CA ILE G 226 -7.67 20.00 -25.14
C ILE G 226 -6.68 20.73 -24.24
N PRO G 227 -7.18 21.50 -23.23
CA PRO G 227 -6.25 22.12 -22.27
C PRO G 227 -5.71 21.07 -21.33
N LEU G 228 -4.49 21.27 -20.86
CA LEU G 228 -3.80 20.26 -20.06
C LEU G 228 -3.26 20.80 -18.74
N LEU G 229 -3.73 21.99 -18.36
CA LEU G 229 -3.33 22.59 -17.10
C LEU G 229 -4.08 21.91 -15.95
N ASP G 230 -3.38 21.71 -14.83
CA ASP G 230 -4.04 21.22 -13.62
C ASP G 230 -4.66 22.36 -12.83
N GLU G 231 -5.13 22.03 -11.64
CA GLU G 231 -5.74 23.02 -10.73
C GLU G 231 -4.88 24.27 -10.47
N ASN G 232 -3.56 24.12 -10.60
CA ASN G 232 -2.62 25.23 -10.39
C ASN G 232 -2.22 25.99 -11.67
N GLY G 233 -2.71 25.56 -12.82
CA GLY G 233 -2.35 26.18 -14.10
C GLY G 233 -1.02 25.66 -14.66
N ILE G 234 -0.68 24.43 -14.27
CA ILE G 234 0.55 23.78 -14.67
C ILE G 234 0.25 22.61 -15.60
N GLY G 235 0.89 22.61 -16.76
CA GLY G 235 0.74 21.50 -17.71
C GLY G 235 1.71 20.37 -17.41
N ILE G 236 2.02 19.57 -18.42
CA ILE G 236 2.99 18.51 -18.28
C ILE G 236 4.41 19.06 -18.41
N LEU G 237 5.23 18.81 -17.41
CA LEU G 237 6.61 19.28 -17.41
C LEU G 237 7.55 18.19 -17.87
N CYS G 238 8.39 18.52 -18.85
CA CYS G 238 9.36 17.56 -19.36
C CYS G 238 10.68 17.64 -18.58
N LEU G 239 10.64 17.13 -17.35
CA LEU G 239 11.76 17.26 -16.41
C LEU G 239 13.03 16.54 -16.85
N GLN G 240 12.88 15.51 -17.67
CA GLN G 240 14.03 14.85 -18.31
C GLN G 240 14.10 15.17 -19.82
N GLY G 241 13.52 16.31 -20.20
CA GLY G 241 13.52 16.80 -21.57
C GLY G 241 12.71 16.00 -22.58
N ARG G 242 11.86 15.10 -22.09
CA ARG G 242 11.01 14.26 -22.96
C ARG G 242 9.53 14.31 -22.59
N LEU G 243 8.68 14.21 -23.61
CA LEU G 243 7.25 13.98 -23.41
C LEU G 243 6.88 12.59 -23.90
N TYR G 244 6.18 11.85 -23.06
CA TYR G 244 5.80 10.47 -23.36
C TYR G 244 4.35 10.44 -23.77
N ILE G 245 4.12 10.01 -25.00
CA ILE G 245 2.78 9.79 -25.48
C ILE G 245 2.51 8.30 -25.49
N THR G 246 1.40 7.91 -24.88
CA THR G 246 0.98 6.53 -24.88
C THR G 246 -0.52 6.51 -25.13
N CYS G 247 -0.97 5.63 -26.03
CA CYS G 247 -2.38 5.61 -26.40
C CYS G 247 -2.81 4.26 -27.00
N ALA G 248 -4.13 4.04 -27.04
CA ALA G 248 -4.69 2.84 -27.67
C ALA G 248 -6.16 3.08 -27.97
N ASP G 249 -6.60 2.53 -29.10
CA ASP G 249 -7.93 2.74 -29.60
C ASP G 249 -8.42 1.47 -30.31
N MET G 250 -9.64 1.07 -30.02
CA MET G 250 -10.21 -0.15 -30.54
C MET G 250 -11.66 0.14 -30.87
N LEU G 251 -12.04 -0.20 -32.11
CA LEU G 251 -13.37 0.18 -32.62
C LEU G 251 -14.41 -0.92 -32.48
N GLY G 252 -13.97 -2.14 -32.22
CA GLY G 252 -14.84 -3.32 -32.23
C GLY G 252 -14.26 -4.42 -33.13
N THR G 253 -15.10 -5.40 -33.48
CA THR G 253 -14.68 -6.43 -34.41
C THR G 253 -15.52 -6.46 -35.69
N ALA G 254 -14.96 -7.06 -36.73
CA ALA G 254 -15.66 -7.31 -37.98
C ALA G 254 -15.11 -8.60 -38.56
N ASN G 255 -15.99 -9.55 -38.83
CA ASN G 255 -15.59 -10.89 -39.30
C ASN G 255 -14.53 -11.51 -38.40
N SER G 256 -14.72 -11.36 -37.09
CA SER G 256 -13.86 -11.96 -36.04
C SER G 256 -12.50 -11.29 -35.88
N ARG G 257 -12.25 -10.22 -36.63
CA ARG G 257 -11.01 -9.47 -36.47
C ARG G 257 -11.26 -8.12 -35.81
N ILE G 258 -10.40 -7.77 -34.84
CA ILE G 258 -10.48 -6.48 -34.19
C ILE G 258 -10.02 -5.36 -35.13
N HIS G 259 -10.74 -4.24 -35.12
CA HIS G 259 -10.30 -3.06 -35.86
C HIS G 259 -9.93 -1.90 -34.95
N THR G 260 -9.10 -1.02 -35.50
CA THR G 260 -8.48 0.08 -34.82
C THR G 260 -8.57 1.29 -35.77
N PRO G 261 -8.45 2.53 -35.26
CA PRO G 261 -8.25 3.63 -36.20
C PRO G 261 -6.94 3.44 -36.96
N MET G 262 -6.82 4.02 -38.14
CA MET G 262 -5.57 3.93 -38.90
C MET G 262 -4.41 4.60 -38.16
N ALA G 263 -4.74 5.54 -37.27
CA ALA G 263 -3.76 6.24 -36.45
C ALA G 263 -4.46 7.19 -35.47
N ARG G 264 -3.70 7.61 -34.47
CA ARG G 264 -4.09 8.69 -33.59
C ARG G 264 -3.13 9.87 -33.82
N PHE G 265 -3.70 10.99 -34.25
CA PHE G 265 -2.95 12.20 -34.53
C PHE G 265 -2.83 13.05 -33.25
N PHE G 266 -1.65 13.63 -33.04
CA PHE G 266 -1.40 14.60 -31.96
C PHE G 266 -0.74 15.84 -32.50
N ARG G 267 -1.13 17.01 -31.99
CA ARG G 267 -0.37 18.22 -32.15
C ARG G 267 -0.12 18.75 -30.77
N LEU G 268 1.15 18.94 -30.43
CA LEU G 268 1.56 19.28 -29.08
C LEU G 268 2.07 20.70 -29.00
N HIS G 269 1.61 21.44 -27.99
CA HIS G 269 2.02 22.84 -27.84
C HIS G 269 2.83 23.00 -26.57
N PHE G 270 4.10 23.37 -26.73
CA PHE G 270 5.01 23.56 -25.60
C PHE G 270 5.34 25.02 -25.39
N ARG G 271 5.36 25.42 -24.12
CA ARG G 271 5.97 26.69 -23.71
C ARG G 271 7.09 26.36 -22.73
N GLN G 272 7.75 27.36 -22.18
CA GLN G 272 8.79 27.10 -21.22
C GLN G 272 8.35 27.46 -19.81
N ARG G 273 8.75 26.62 -18.85
CA ARG G 273 8.41 26.80 -17.45
C ARG G 273 9.66 26.95 -16.61
N ARG G 274 9.65 28.01 -15.80
CA ARG G 274 10.71 28.31 -14.85
C ARG G 274 10.51 27.43 -13.61
N VAL G 275 11.57 26.78 -13.16
CA VAL G 275 11.50 25.75 -12.11
C VAL G 275 12.69 25.90 -11.16
N LYS G 276 12.44 25.79 -9.85
CA LYS G 276 13.50 25.98 -8.85
C LYS G 276 14.16 24.66 -8.45
N ASN G 277 15.39 24.46 -8.93
CA ASN G 277 16.19 23.21 -8.82
C ASN G 277 15.43 21.88 -8.98
N VAL H 7 2.49 34.75 -46.13
CA VAL H 7 1.05 35.12 -45.98
C VAL H 7 0.77 35.73 -44.59
N GLU H 8 0.35 36.98 -44.56
CA GLU H 8 0.26 37.76 -43.32
C GLU H 8 -1.05 38.52 -43.20
N VAL H 9 -1.76 38.31 -42.09
CA VAL H 9 -3.16 38.74 -41.95
C VAL H 9 -3.34 40.01 -41.11
N LEU H 10 -4.01 41.01 -41.68
CA LEU H 10 -4.28 42.26 -40.97
C LEU H 10 -5.71 42.30 -40.45
N ALA H 11 -6.29 43.49 -40.36
CA ALA H 11 -7.62 43.65 -39.78
C ALA H 11 -8.78 43.38 -40.74
N ALA H 12 -9.93 43.00 -40.17
CA ALA H 12 -11.17 42.87 -40.94
C ALA H 12 -11.64 44.23 -41.46
N VAL H 13 -12.21 44.25 -42.66
CA VAL H 13 -12.84 45.47 -43.18
C VAL H 13 -14.21 45.66 -42.50
N PRO H 14 -14.52 46.92 -42.07
CA PRO H 14 -15.85 47.23 -41.52
C PRO H 14 -16.98 46.66 -42.39
N LEU H 15 -17.78 45.76 -41.81
CA LEU H 15 -18.92 45.12 -42.48
C LEU H 15 -19.87 46.16 -43.08
N SER H 16 -19.83 46.27 -44.40
CA SER H 16 -20.58 47.24 -45.18
C SER H 16 -21.37 46.47 -46.25
N GLU H 17 -22.18 47.16 -47.05
CA GLU H 17 -22.99 46.51 -48.08
C GLU H 17 -22.16 45.92 -49.23
N GLU H 18 -21.20 46.69 -49.72
CA GLU H 18 -20.31 46.23 -50.79
C GLU H 18 -19.15 45.35 -50.30
N THR H 19 -18.97 45.25 -48.96
CA THR H 19 -17.90 44.42 -48.38
C THR H 19 -18.43 43.10 -47.82
N GLU H 20 -19.74 42.90 -47.92
CA GLU H 20 -20.39 41.65 -47.53
C GLU H 20 -20.85 40.84 -48.75
N PHE H 21 -20.93 39.52 -48.59
CA PHE H 21 -21.44 38.65 -49.64
C PHE H 21 -22.00 37.33 -49.09
N LYS H 22 -23.17 36.96 -49.58
CA LYS H 22 -23.87 35.75 -49.14
C LYS H 22 -24.29 34.87 -50.31
N VAL H 23 -24.11 33.56 -50.18
CA VAL H 23 -24.60 32.60 -51.16
C VAL H 23 -25.21 31.39 -50.49
N GLU H 24 -26.28 30.89 -51.10
CA GLU H 24 -26.91 29.64 -50.72
C GLU H 24 -26.72 28.65 -51.85
N LEU H 25 -26.47 27.40 -51.51
CA LEU H 25 -26.34 26.36 -52.54
C LEU H 25 -26.64 25.00 -51.93
N PHE H 26 -27.04 24.07 -52.78
CA PHE H 26 -27.26 22.68 -52.37
C PHE H 26 -26.16 21.86 -52.99
N VAL H 27 -25.46 21.06 -52.20
CA VAL H 27 -24.46 20.16 -52.76
C VAL H 27 -25.03 18.74 -52.87
N LYS H 28 -24.98 18.18 -54.08
CA LYS H 28 -25.50 16.86 -54.35
C LYS H 28 -24.55 15.78 -53.86
N PRO H 29 -25.10 14.66 -53.38
CA PRO H 29 -24.29 13.48 -53.03
C PRO H 29 -23.70 12.86 -54.28
N VAL H 30 -22.60 12.12 -54.11
CA VAL H 30 -21.95 11.46 -55.24
C VAL H 30 -21.80 9.98 -55.02
N ILE H 31 -22.27 9.20 -55.98
CA ILE H 31 -21.99 7.78 -56.02
C ILE H 31 -21.17 7.43 -57.26
N GLY H 32 -20.28 6.44 -57.13
CA GLY H 32 -19.45 5.98 -58.24
C GLY H 32 -20.21 5.42 -59.43
N ASN H 33 -19.58 5.55 -60.59
CA ASN H 33 -20.16 5.19 -61.88
C ASN H 33 -19.37 4.07 -62.53
N THR H 34 -20.04 2.96 -62.83
CA THR H 34 -19.34 1.80 -63.41
C THR H 34 -19.05 1.96 -64.91
N THR H 35 -19.89 2.71 -65.62
CA THR H 35 -19.69 2.89 -67.08
C THR H 35 -18.45 3.70 -67.39
N ALA H 36 -17.76 3.30 -68.47
CA ALA H 36 -16.57 3.98 -68.96
C ALA H 36 -16.95 5.06 -69.98
N GLU H 42 -13.33 12.77 -68.94
CA GLU H 42 -13.55 12.60 -67.50
C GLU H 42 -14.73 11.69 -67.18
N PRO H 43 -14.57 10.78 -66.20
CA PRO H 43 -15.70 9.96 -65.75
C PRO H 43 -16.79 10.84 -65.12
N THR H 44 -18.04 10.45 -65.30
CA THR H 44 -19.19 11.21 -64.82
C THR H 44 -19.66 10.68 -63.46
N PRO H 45 -19.82 11.58 -62.47
CA PRO H 45 -20.42 11.17 -61.20
C PRO H 45 -21.92 10.85 -61.32
N HIS H 46 -22.41 9.92 -60.50
CA HIS H 46 -23.84 9.74 -60.29
C HIS H 46 -24.25 10.62 -59.12
N TYR H 47 -25.14 11.57 -59.38
CA TYR H 47 -25.78 12.32 -58.31
C TYR H 47 -27.01 11.56 -57.86
N TRP H 48 -26.78 10.59 -56.97
CA TRP H 48 -27.79 9.73 -56.43
C TRP H 48 -27.76 9.80 -54.90
N SER H 49 -28.92 9.65 -54.26
CA SER H 49 -28.98 9.45 -52.81
C SER H 49 -29.28 8.00 -52.45
N ILE H 50 -29.26 7.14 -53.46
CA ILE H 50 -29.46 5.71 -53.31
C ILE H 50 -28.54 5.00 -54.30
N SER H 51 -27.67 4.15 -53.77
CA SER H 51 -26.70 3.39 -54.56
C SER H 51 -27.30 2.11 -55.16
N SER H 52 -26.48 1.39 -55.91
CA SER H 52 -26.85 0.04 -56.36
C SER H 52 -26.72 -0.94 -55.19
N ALA H 53 -27.36 -2.09 -55.33
CA ALA H 53 -27.33 -3.12 -54.30
C ALA H 53 -25.93 -3.69 -54.10
N ILE H 54 -25.52 -3.85 -52.85
CA ILE H 54 -24.31 -4.59 -52.52
C ILE H 54 -24.62 -6.08 -52.48
N HIS H 55 -23.94 -6.85 -53.31
CA HIS H 55 -24.16 -8.29 -53.39
C HIS H 55 -22.92 -8.96 -53.93
N ASP H 56 -22.56 -10.08 -53.31
CA ASP H 56 -21.54 -10.97 -53.86
C ASP H 56 -21.90 -11.28 -55.30
N LYS H 57 -20.89 -11.44 -56.16
CA LYS H 57 -21.14 -11.85 -57.56
C LYS H 57 -21.72 -13.27 -57.62
N GLU H 58 -21.99 -13.76 -58.82
CA GLU H 58 -22.46 -15.13 -59.01
C GLU H 58 -21.32 -16.09 -58.60
N SER H 59 -21.67 -17.22 -57.99
CA SER H 59 -20.67 -18.13 -57.40
C SER H 59 -19.55 -18.53 -58.36
N GLY H 60 -19.84 -18.46 -59.67
CA GLY H 60 -18.86 -18.73 -60.71
C GLY H 60 -17.77 -17.67 -60.85
N SER H 61 -18.19 -16.40 -60.79
CA SER H 61 -17.30 -15.23 -60.93
C SER H 61 -16.28 -15.11 -59.80
N SER H 62 -15.09 -14.62 -60.13
CA SER H 62 -13.98 -14.56 -59.16
C SER H 62 -13.61 -13.14 -58.71
N ILE H 63 -14.38 -12.15 -59.17
CA ILE H 63 -14.34 -10.80 -58.61
C ILE H 63 -14.83 -10.88 -57.16
N LYS H 64 -14.00 -10.44 -56.23
CA LYS H 64 -14.37 -10.43 -54.81
C LYS H 64 -14.84 -9.03 -54.42
N VAL H 65 -16.14 -8.94 -54.16
CA VAL H 65 -16.84 -7.68 -53.93
C VAL H 65 -16.34 -6.89 -52.70
N GLU H 66 -15.81 -7.61 -51.71
CA GLU H 66 -15.22 -6.95 -50.52
C GLU H 66 -13.80 -6.41 -50.78
N GLU H 67 -13.24 -6.75 -51.94
CA GLU H 67 -11.92 -6.27 -52.34
C GLU H 67 -12.00 -5.22 -53.45
N THR H 68 -12.82 -5.51 -54.46
CA THR H 68 -13.07 -4.59 -55.55
C THR H 68 -14.57 -4.44 -55.74
N PRO H 69 -15.23 -3.54 -54.98
CA PRO H 69 -16.66 -3.38 -55.17
C PRO H 69 -16.94 -2.60 -56.44
N ASP H 70 -18.17 -2.69 -56.93
CA ASP H 70 -18.61 -1.83 -58.02
C ASP H 70 -18.56 -0.37 -57.58
N ALA H 71 -18.07 0.51 -58.44
CA ALA H 71 -18.07 1.95 -58.15
C ALA H 71 -19.47 2.38 -57.71
N ASP H 72 -20.45 1.70 -58.28
CA ASP H 72 -21.88 1.77 -57.96
C ASP H 72 -22.30 1.79 -56.48
N THR H 73 -21.44 1.26 -55.61
CA THR H 73 -21.81 1.01 -54.24
C THR H 73 -20.88 1.74 -53.28
N THR H 74 -20.25 2.80 -53.76
CA THR H 74 -19.49 3.64 -52.84
C THR H 74 -19.80 5.13 -53.02
N VAL H 75 -19.66 5.86 -51.92
CA VAL H 75 -19.91 7.28 -51.87
C VAL H 75 -18.56 8.00 -52.00
N CYS H 76 -18.51 9.03 -52.83
CA CYS H 76 -17.30 9.84 -52.93
C CYS H 76 -17.61 11.23 -52.41
N TYR H 77 -16.56 11.94 -52.01
CA TYR H 77 -16.71 13.33 -51.57
C TYR H 77 -17.31 14.21 -52.67
N SER H 78 -18.30 15.00 -52.28
CA SER H 78 -18.92 15.98 -53.16
C SER H 78 -18.14 17.28 -53.14
N LEU H 79 -18.17 17.98 -54.27
CA LEU H 79 -17.40 19.22 -54.44
C LEU H 79 -18.24 20.39 -54.93
N ALA H 80 -17.89 21.57 -54.43
CA ALA H 80 -18.45 22.80 -54.95
C ALA H 80 -17.45 23.93 -54.71
N GLU H 81 -17.40 24.87 -55.65
CA GLU H 81 -16.52 26.02 -55.52
C GLU H 81 -17.35 27.28 -55.57
N ILE H 82 -16.96 28.28 -54.79
CA ILE H 82 -17.62 29.57 -54.82
C ILE H 82 -16.59 30.66 -55.06
N ALA H 83 -16.80 31.46 -56.09
CA ALA H 83 -15.97 32.63 -56.35
C ALA H 83 -16.81 33.88 -56.08
N PRO H 84 -16.61 34.52 -54.93
CA PRO H 84 -17.32 35.77 -54.60
C PRO H 84 -16.92 36.88 -55.58
N PRO H 85 -17.74 37.95 -55.66
CA PRO H 85 -17.51 38.99 -56.67
C PRO H 85 -16.12 39.62 -56.56
N ASP H 86 -15.60 40.12 -57.68
CA ASP H 86 -14.32 40.81 -57.71
C ASP H 86 -14.28 42.04 -56.80
N ILE H 87 -13.09 42.35 -56.29
CA ILE H 87 -12.94 43.49 -55.39
C ILE H 87 -12.29 44.68 -56.13
N PRO H 88 -13.12 45.66 -56.55
CA PRO H 88 -12.73 46.76 -57.44
C PRO H 88 -11.31 47.31 -57.25
N ASN H 89 -10.95 47.73 -56.03
CA ASN H 89 -9.61 48.24 -55.77
C ASN H 89 -8.86 47.27 -54.88
N GLN H 90 -8.87 46.00 -55.30
CA GLN H 90 -8.38 44.86 -54.50
C GLN H 90 -6.94 44.98 -54.04
N VAL H 91 -6.07 45.47 -54.93
CA VAL H 91 -4.63 45.59 -54.67
C VAL H 91 -4.20 47.03 -54.41
N SER H 92 -3.63 47.26 -53.23
CA SER H 92 -3.02 48.53 -52.84
C SER H 92 -1.51 48.42 -52.92
N GLU H 93 -0.80 49.47 -52.49
CA GLU H 93 0.66 49.46 -52.59
C GLU H 93 1.38 48.93 -51.35
N CYS H 94 0.66 48.14 -50.56
CA CYS H 94 1.19 47.50 -49.37
C CYS H 94 0.50 46.17 -49.09
N ASP H 95 -0.73 46.02 -49.61
CA ASP H 95 -1.58 44.89 -49.27
C ASP H 95 -2.70 44.69 -50.29
N MET H 96 -3.49 43.63 -50.08
CA MET H 96 -4.74 43.43 -50.81
C MET H 96 -5.89 42.99 -49.91
N LYS H 97 -7.11 43.42 -50.26
CA LYS H 97 -8.33 42.94 -49.62
C LYS H 97 -8.72 41.58 -50.18
N VAL H 98 -9.17 40.69 -49.30
CA VAL H 98 -9.52 39.32 -49.71
C VAL H 98 -10.80 38.87 -49.01
N TRP H 99 -11.57 38.01 -49.67
CA TRP H 99 -12.82 37.50 -49.07
C TRP H 99 -12.55 36.54 -47.92
N GLU H 100 -13.30 36.72 -46.83
CA GLU H 100 -13.16 35.88 -45.64
C GLU H 100 -14.49 35.27 -45.23
N LEU H 101 -14.56 33.95 -45.25
CA LEU H 101 -15.73 33.22 -44.78
C LEU H 101 -15.65 33.20 -43.26
N TYR H 102 -16.59 33.89 -42.61
CA TYR H 102 -16.52 34.02 -41.16
C TYR H 102 -17.59 33.24 -40.41
N ARG H 103 -18.69 32.93 -41.09
CA ARG H 103 -19.69 32.01 -40.55
C ARG H 103 -20.46 31.33 -41.67
N MET H 104 -21.18 30.27 -41.32
CA MET H 104 -22.00 29.57 -42.29
C MET H 104 -23.10 28.81 -41.59
N GLU H 105 -24.14 28.49 -42.32
CA GLU H 105 -25.03 27.45 -41.86
C GLU H 105 -24.94 26.32 -42.85
N THR H 106 -25.04 25.10 -42.34
CA THR H 106 -25.15 23.92 -43.17
C THR H 106 -26.20 22.98 -42.59
N GLU H 107 -26.94 22.34 -43.46
CA GLU H 107 -28.15 21.68 -43.05
C GLU H 107 -28.38 20.54 -44.04
N LEU H 108 -28.85 19.40 -43.54
CA LEU H 108 -29.07 18.24 -44.38
C LEU H 108 -30.50 18.18 -44.88
N LEU H 109 -30.65 17.80 -46.14
CA LEU H 109 -31.95 17.69 -46.78
C LEU H 109 -32.37 16.23 -46.76
N VAL H 110 -33.42 15.96 -46.00
CA VAL H 110 -33.67 14.61 -45.54
C VAL H 110 -35.16 14.40 -45.31
N VAL H 111 -35.63 13.19 -45.61
CA VAL H 111 -37.00 12.78 -45.27
C VAL H 111 -36.97 11.39 -44.65
N PRO H 112 -37.92 11.08 -43.77
CA PRO H 112 -37.94 9.73 -43.22
C PRO H 112 -38.28 8.71 -44.31
N LEU H 113 -37.55 7.60 -44.36
CA LEU H 113 -37.86 6.53 -45.33
C LEU H 113 -38.65 5.40 -44.67
N VAL H 114 -39.90 5.26 -45.08
CA VAL H 114 -40.79 4.22 -44.55
C VAL H 114 -41.34 3.36 -45.69
N ASN H 115 -42.45 3.79 -46.29
CA ASN H 115 -43.11 3.01 -47.37
C ASN H 115 -42.18 2.63 -48.53
N ALA H 116 -41.31 3.56 -48.93
CA ALA H 116 -40.44 3.34 -50.09
C ALA H 116 -39.48 2.15 -49.92
N LEU H 117 -39.26 1.75 -48.67
CA LEU H 117 -38.34 0.65 -48.35
C LEU H 117 -38.97 -0.74 -48.47
N GLY H 118 -40.29 -0.79 -48.61
CA GLY H 118 -41.02 -2.04 -48.66
C GLY H 118 -41.15 -2.76 -47.32
N ASN H 119 -41.59 -4.01 -47.38
CA ASN H 119 -41.85 -4.81 -46.20
C ASN H 119 -41.76 -6.31 -46.49
N THR H 120 -41.48 -7.10 -45.46
CA THR H 120 -41.55 -8.53 -45.58
C THR H 120 -42.71 -9.02 -44.73
N ASN H 121 -43.80 -9.32 -45.41
CA ASN H 121 -45.03 -9.75 -44.76
C ASN H 121 -45.51 -8.74 -43.74
N GLY H 122 -45.27 -7.47 -44.03
CA GLY H 122 -45.74 -6.40 -43.19
C GLY H 122 -44.72 -6.02 -42.14
N VAL H 123 -43.61 -6.76 -42.06
CA VAL H 123 -42.50 -6.28 -41.26
C VAL H 123 -41.84 -5.16 -42.05
N VAL H 124 -42.07 -3.91 -41.63
CA VAL H 124 -41.56 -2.72 -42.30
C VAL H 124 -40.03 -2.70 -42.33
N HIS H 125 -39.46 -2.43 -43.50
CA HIS H 125 -38.01 -2.26 -43.65
C HIS H 125 -37.57 -0.87 -43.23
N GLY H 126 -36.31 -0.76 -42.79
CA GLY H 126 -35.79 0.53 -42.32
C GLY H 126 -34.39 0.84 -42.84
N LEU H 127 -34.02 2.11 -42.77
CA LEU H 127 -32.69 2.55 -43.13
C LEU H 127 -31.84 2.54 -41.88
N ALA H 128 -30.71 1.83 -41.95
CA ALA H 128 -29.82 1.67 -40.80
C ALA H 128 -28.46 1.18 -41.29
N GLY H 129 -27.43 1.39 -40.48
CA GLY H 129 -26.10 0.96 -40.81
C GLY H 129 -25.00 1.96 -40.50
N THR H 130 -23.87 1.74 -41.13
CA THR H 130 -22.69 2.58 -40.97
C THR H 130 -22.85 3.94 -41.66
N GLN H 131 -22.44 4.99 -40.97
CA GLN H 131 -22.76 6.36 -41.37
C GLN H 131 -21.54 7.24 -41.40
N LEU H 132 -21.58 8.27 -42.26
CA LEU H 132 -20.61 9.36 -42.24
C LEU H 132 -21.36 10.69 -42.36
N TYR H 133 -20.90 11.69 -41.61
CA TYR H 133 -21.43 13.06 -41.72
C TYR H 133 -20.23 13.96 -41.74
N PHE H 134 -19.96 14.55 -42.91
CA PHE H 134 -18.73 15.30 -43.09
C PHE H 134 -18.92 16.54 -43.93
N TRP H 135 -18.31 17.63 -43.47
CA TRP H 135 -18.19 18.84 -44.28
C TRP H 135 -16.84 19.50 -44.07
N ALA H 136 -16.37 20.17 -45.13
CA ALA H 136 -15.12 20.92 -45.12
C ALA H 136 -15.30 22.16 -45.94
N VAL H 137 -14.61 23.21 -45.52
CA VAL H 137 -14.79 24.51 -46.07
C VAL H 137 -13.40 25.15 -46.03
N GLY H 138 -12.85 25.49 -47.21
CA GLY H 138 -11.45 25.96 -47.29
C GLY H 138 -11.08 26.88 -48.44
N GLY H 139 -9.96 27.59 -48.30
CA GLY H 139 -9.41 28.45 -49.37
C GLY H 139 -8.63 27.71 -50.45
N GLN H 140 -8.57 26.39 -50.34
CA GLN H 140 -7.89 25.51 -51.29
C GLN H 140 -8.59 24.17 -51.18
N PRO H 141 -8.30 23.22 -52.10
CA PRO H 141 -8.97 21.91 -51.97
C PRO H 141 -8.62 21.18 -50.66
N LEU H 142 -9.47 20.24 -50.25
CA LEU H 142 -9.27 19.47 -49.05
C LEU H 142 -8.06 18.54 -49.18
N ASP H 143 -7.14 18.63 -48.22
CA ASP H 143 -6.03 17.70 -48.14
C ASP H 143 -6.50 16.39 -47.53
N VAL H 144 -6.19 15.31 -48.22
CA VAL H 144 -6.75 14.04 -47.87
C VAL H 144 -5.61 13.01 -47.78
N VAL H 145 -5.87 11.92 -47.08
CA VAL H 145 -4.87 10.89 -46.82
C VAL H 145 -5.42 9.51 -47.22
N GLY H 146 -4.63 8.76 -48.00
CA GLY H 146 -5.05 7.47 -48.56
C GLY H 146 -4.85 6.29 -47.65
N VAL H 147 -5.89 5.49 -47.49
CA VAL H 147 -5.93 4.50 -46.45
C VAL H 147 -6.67 3.25 -46.94
N THR H 148 -6.38 2.10 -46.35
CA THR H 148 -7.19 0.91 -46.62
C THR H 148 -7.84 0.38 -45.35
N PRO H 149 -9.12 -0.04 -45.44
CA PRO H 149 -9.82 -0.61 -44.29
C PRO H 149 -9.37 -2.04 -43.96
N THR H 150 -8.78 -2.71 -44.93
CA THR H 150 -8.46 -4.12 -44.89
C THR H 150 -7.09 -4.30 -45.53
N ASP H 151 -6.43 -5.42 -45.21
CA ASP H 151 -5.18 -5.80 -45.89
C ASP H 151 -5.38 -6.21 -47.37
N LYS H 152 -6.63 -6.25 -47.83
CA LYS H 152 -6.96 -6.76 -49.16
C LYS H 152 -7.85 -5.84 -49.99
N TYR H 153 -8.15 -4.65 -49.45
CA TYR H 153 -9.08 -3.75 -50.13
C TYR H 153 -8.40 -2.87 -51.18
N LYS H 154 -8.82 -3.02 -52.44
CA LYS H 154 -8.23 -2.27 -53.56
C LYS H 154 -9.11 -1.12 -54.02
N GLY H 155 -10.41 -1.25 -53.80
CA GLY H 155 -11.37 -0.28 -54.31
C GLY H 155 -11.92 -0.72 -55.65
N PRO H 156 -12.86 0.06 -56.21
CA PRO H 156 -13.42 -0.21 -57.53
C PRO H 156 -12.40 -0.13 -58.66
N THR H 157 -12.54 -1.02 -59.65
CA THR H 157 -11.59 -1.08 -60.76
C THR H 157 -11.82 0.01 -61.81
N THR H 158 -12.92 0.76 -61.68
CA THR H 158 -13.13 1.99 -62.46
C THR H 158 -13.60 3.16 -61.59
N TYR H 159 -13.64 4.33 -62.21
CA TYR H 159 -14.14 5.59 -61.63
C TYR H 159 -13.30 6.19 -60.51
N THR H 160 -13.22 5.47 -59.38
CA THR H 160 -12.54 5.98 -58.19
C THR H 160 -11.04 6.11 -58.37
N ILE H 161 -10.49 7.19 -57.83
CA ILE H 161 -9.04 7.28 -57.66
C ILE H 161 -8.72 6.56 -56.34
N ASN H 162 -8.17 5.36 -56.47
CA ASN H 162 -7.80 4.53 -55.33
C ASN H 162 -6.44 4.92 -54.78
N PRO H 163 -6.23 4.73 -53.47
CA PRO H 163 -4.91 5.04 -52.89
C PRO H 163 -3.81 4.18 -53.52
N PRO H 164 -2.75 4.83 -54.05
CA PRO H 164 -1.60 4.07 -54.57
C PRO H 164 -0.82 3.39 -53.45
N GLY H 165 -0.45 2.13 -53.66
CA GLY H 165 0.33 1.38 -52.69
C GLY H 165 -0.22 -0.02 -52.48
N ASP H 166 0.55 -0.85 -51.77
CA ASP H 166 0.08 -2.18 -51.40
C ASP H 166 -0.94 -2.07 -50.28
N PRO H 167 -2.16 -2.62 -50.48
CA PRO H 167 -3.22 -2.59 -49.47
C PRO H 167 -2.79 -3.19 -48.13
N ARG H 168 -1.79 -4.07 -48.15
CA ARG H 168 -1.27 -4.68 -46.93
C ARG H 168 -0.52 -3.70 -46.04
N THR H 169 -0.09 -2.58 -46.62
CA THR H 169 0.71 -1.58 -45.89
C THR H 169 -0.03 -0.25 -45.66
N LEU H 170 -1.27 -0.16 -46.14
CA LEU H 170 -1.98 1.12 -46.10
C LEU H 170 -3.10 1.19 -45.04
N HIS H 171 -3.28 0.11 -44.29
CA HIS H 171 -4.31 0.11 -43.25
C HIS H 171 -3.84 0.78 -41.94
N VAL H 172 -2.69 1.44 -42.03
CA VAL H 172 -2.12 2.19 -40.93
C VAL H 172 -1.44 3.41 -41.54
N TYR H 173 -1.43 4.52 -40.82
CA TYR H 173 -0.71 5.70 -41.32
C TYR H 173 0.79 5.48 -41.17
N ASN H 174 1.49 5.51 -42.29
CA ASN H 174 2.94 5.33 -42.29
C ASN H 174 3.61 6.19 -43.36
N SER H 175 4.93 6.16 -43.39
CA SER H 175 5.72 6.92 -44.37
C SER H 175 5.27 6.77 -45.84
N ASN H 176 4.62 5.67 -46.14
CA ASN H 176 4.11 5.40 -47.50
C ASN H 176 2.67 5.85 -47.74
N THR H 177 2.00 6.40 -46.71
CA THR H 177 0.61 6.80 -46.91
C THR H 177 0.51 7.90 -47.98
N PRO H 178 -0.21 7.61 -49.07
CA PRO H 178 -0.27 8.61 -50.13
C PRO H 178 -1.11 9.82 -49.71
N LYS H 179 -0.72 11.00 -50.19
CA LYS H 179 -1.47 12.24 -49.96
C LYS H 179 -2.11 12.67 -51.27
N ALA H 180 -3.21 13.40 -51.19
CA ALA H 180 -3.90 13.89 -52.36
C ALA H 180 -4.79 15.06 -51.98
N LYS H 181 -5.25 15.78 -52.98
CA LYS H 181 -6.19 16.88 -52.80
C LYS H 181 -7.50 16.53 -53.51
N VAL H 182 -8.62 16.80 -52.86
CA VAL H 182 -9.90 16.44 -53.43
C VAL H 182 -10.25 17.48 -54.49
N THR H 183 -9.85 17.18 -55.73
CA THR H 183 -10.00 18.10 -56.87
C THR H 183 -11.00 17.57 -57.89
N SER H 184 -11.51 16.36 -57.65
CA SER H 184 -12.59 15.77 -58.43
C SER H 184 -13.53 15.00 -57.50
N GLU H 185 -14.66 14.56 -58.04
CA GLU H 185 -15.64 13.83 -57.27
C GLU H 185 -15.43 12.30 -57.40
N ARG H 186 -14.17 11.89 -57.29
CA ARG H 186 -13.79 10.50 -57.52
C ARG H 186 -13.04 9.89 -56.33
N TYR H 187 -13.05 10.59 -55.19
CA TYR H 187 -12.40 10.11 -53.98
C TYR H 187 -13.39 9.40 -53.05
N SER H 188 -13.30 8.07 -53.04
CA SER H 188 -14.19 7.26 -52.23
C SER H 188 -13.95 7.49 -50.75
N VAL H 189 -15.04 7.75 -50.07
CA VAL H 189 -15.11 8.01 -48.64
C VAL H 189 -14.60 6.84 -47.79
N GLU H 190 -14.53 5.66 -48.40
CA GLU H 190 -14.04 4.46 -47.73
C GLU H 190 -12.53 4.31 -47.85
N SER H 191 -11.88 5.18 -48.62
CA SER H 191 -10.43 5.06 -48.90
C SER H 191 -9.59 6.30 -48.54
N TRP H 192 -10.26 7.45 -48.45
CA TRP H 192 -9.57 8.71 -48.18
C TRP H 192 -10.17 9.42 -46.98
N ALA H 193 -9.33 9.80 -46.02
CA ALA H 193 -9.75 10.56 -44.84
C ALA H 193 -9.02 11.92 -44.82
N PRO H 194 -9.67 12.96 -44.26
CA PRO H 194 -9.05 14.27 -44.19
C PRO H 194 -7.71 14.18 -43.49
N ASP H 195 -6.74 14.95 -43.98
CA ASP H 195 -5.39 14.96 -43.40
C ASP H 195 -5.28 16.02 -42.30
N PRO H 196 -5.24 15.57 -41.02
CA PRO H 196 -5.15 16.53 -39.90
C PRO H 196 -3.79 17.23 -39.78
N SER H 197 -2.79 16.74 -40.51
CA SER H 197 -1.46 17.36 -40.50
C SER H 197 -1.35 18.53 -41.50
N ARG H 198 -2.32 18.60 -42.42
CA ARG H 198 -2.42 19.71 -43.35
C ARG H 198 -3.74 20.45 -43.13
N ASN H 199 -4.44 20.80 -44.20
CA ASN H 199 -5.70 21.54 -44.13
C ASN H 199 -5.65 22.84 -43.32
N ASP H 200 -4.55 23.59 -43.47
CA ASP H 200 -4.51 24.96 -42.99
C ASP H 200 -5.54 25.79 -43.76
N ASN H 201 -6.02 26.87 -43.15
CA ASN H 201 -7.00 27.75 -43.78
C ASN H 201 -8.22 26.95 -44.25
N CYS H 202 -8.72 26.12 -43.34
CA CYS H 202 -9.78 25.16 -43.63
C CYS H 202 -10.37 24.68 -42.33
N ARG H 203 -11.69 24.62 -42.25
CA ARG H 203 -12.32 23.94 -41.13
C ARG H 203 -13.05 22.74 -41.71
N TYR H 204 -12.93 21.61 -41.04
CA TYR H 204 -13.74 20.45 -41.37
C TYR H 204 -14.24 19.78 -40.08
N PHE H 205 -15.28 18.96 -40.23
CA PHE H 205 -15.82 18.20 -39.13
C PHE H 205 -16.41 16.92 -39.67
N GLY H 206 -16.11 15.81 -39.02
CA GLY H 206 -16.59 14.50 -39.44
C GLY H 206 -17.02 13.63 -38.28
N ARG H 207 -17.98 12.75 -38.57
CA ARG H 207 -18.48 11.81 -37.60
C ARG H 207 -18.68 10.48 -38.33
N VAL H 208 -18.10 9.43 -37.76
CA VAL H 208 -18.29 8.10 -38.30
C VAL H 208 -19.01 7.23 -37.27
N VAL H 209 -20.07 6.56 -37.71
CA VAL H 209 -20.82 5.64 -36.88
C VAL H 209 -20.74 4.29 -37.54
N GLY H 210 -20.28 3.28 -36.80
CA GLY H 210 -20.18 1.92 -37.33
C GLY H 210 -21.46 1.13 -37.16
N GLY H 211 -21.36 -0.19 -37.24
CA GLY H 211 -22.53 -1.06 -37.05
C GLY H 211 -23.26 -1.34 -38.34
N ALA H 212 -23.82 -2.54 -38.45
CA ALA H 212 -24.61 -2.93 -39.63
C ALA H 212 -26.04 -2.40 -39.57
N ALA H 213 -26.58 -2.21 -38.36
CA ALA H 213 -27.99 -1.87 -38.18
C ALA H 213 -28.19 -0.60 -37.35
N THR H 214 -27.23 0.32 -37.40
CA THR H 214 -27.31 1.51 -36.55
C THR H 214 -28.24 2.54 -37.13
N PRO H 215 -29.25 2.98 -36.35
CA PRO H 215 -30.18 3.97 -36.87
C PRO H 215 -29.46 5.30 -37.06
N PRO H 216 -29.67 5.97 -38.20
CA PRO H 216 -29.17 7.36 -38.34
C PRO H 216 -30.09 8.35 -37.61
N VAL H 217 -29.50 9.43 -37.08
CA VAL H 217 -30.26 10.50 -36.45
C VAL H 217 -29.81 11.82 -37.05
N VAL H 218 -30.71 12.50 -37.75
CA VAL H 218 -30.38 13.76 -38.38
C VAL H 218 -31.32 14.87 -37.90
N SER H 219 -30.74 15.98 -37.41
CA SER H 219 -31.51 17.18 -37.09
C SER H 219 -31.30 18.25 -38.13
N TYR H 220 -32.28 19.12 -38.32
CA TYR H 220 -32.15 20.27 -39.23
C TYR H 220 -33.09 21.38 -38.80
N GLY H 221 -32.76 22.60 -39.18
CA GLY H 221 -33.52 23.76 -38.73
C GLY H 221 -32.99 24.94 -39.48
N ASN H 222 -33.49 26.13 -39.17
CA ASN H 222 -33.09 27.32 -39.90
C ASN H 222 -32.72 28.50 -39.01
N ASN H 223 -32.35 28.22 -37.77
CA ASN H 223 -31.94 29.27 -36.86
C ASN H 223 -30.67 28.92 -36.09
N SER H 224 -29.70 28.39 -36.80
CA SER H 224 -28.47 27.91 -36.18
C SER H 224 -27.28 28.14 -37.12
N THR H 225 -26.24 28.77 -36.60
CA THR H 225 -25.06 29.09 -37.38
C THR H 225 -23.80 28.41 -36.81
N ILE H 226 -22.82 28.18 -37.67
CA ILE H 226 -21.53 27.66 -37.25
C ILE H 226 -20.49 28.77 -37.43
N PRO H 227 -19.86 29.21 -36.33
CA PRO H 227 -18.77 30.19 -36.47
C PRO H 227 -17.54 29.46 -36.98
N LEU H 228 -16.70 30.18 -37.73
CA LEU H 228 -15.57 29.58 -38.45
C LEU H 228 -14.25 30.31 -38.19
N LEU H 229 -14.25 31.18 -37.18
CA LEU H 229 -13.04 31.86 -36.75
C LEU H 229 -12.14 30.91 -35.97
N ASP H 230 -10.83 31.03 -36.19
CA ASP H 230 -9.87 30.28 -35.40
C ASP H 230 -9.53 31.04 -34.13
N GLU H 231 -8.51 30.55 -33.42
CA GLU H 231 -8.06 31.13 -32.16
C GLU H 231 -7.72 32.62 -32.26
N ASN H 232 -7.37 33.07 -33.47
CA ASN H 232 -7.04 34.48 -33.73
C ASN H 232 -8.19 35.35 -34.22
N GLY H 233 -9.35 34.75 -34.45
CA GLY H 233 -10.50 35.49 -34.93
C GLY H 233 -10.48 35.61 -36.44
N ILE H 234 -9.81 34.66 -37.09
CA ILE H 234 -9.68 34.63 -38.53
C ILE H 234 -10.46 33.45 -39.14
N GLY H 235 -11.32 33.74 -40.10
CA GLY H 235 -12.06 32.71 -40.80
C GLY H 235 -11.27 32.13 -41.96
N ILE H 236 -11.99 31.58 -42.92
CA ILE H 236 -11.35 31.04 -44.12
C ILE H 236 -11.08 32.18 -45.12
N LEU H 237 -9.82 32.31 -45.53
CA LEU H 237 -9.41 33.34 -46.47
C LEU H 237 -9.33 32.79 -47.89
N CYS H 238 -10.00 33.45 -48.83
CA CYS H 238 -10.01 33.04 -50.23
C CYS H 238 -8.85 33.69 -50.97
N LEU H 239 -7.64 33.21 -50.69
CA LEU H 239 -6.43 33.82 -51.18
C LEU H 239 -6.28 33.77 -52.70
N GLN H 240 -6.91 32.77 -53.32
CA GLN H 240 -7.01 32.68 -54.77
C GLN H 240 -8.44 32.98 -55.23
N GLY H 241 -9.16 33.76 -54.42
CA GLY H 241 -10.50 34.23 -54.76
C GLY H 241 -11.59 33.16 -54.81
N ARG H 242 -11.31 31.99 -54.27
CA ARG H 242 -12.25 30.87 -54.29
C ARG H 242 -12.45 30.25 -52.91
N LEU H 243 -13.67 29.80 -52.64
CA LEU H 243 -13.93 28.95 -51.49
C LEU H 243 -14.29 27.52 -51.93
N TYR H 244 -13.56 26.55 -51.38
CA TYR H 244 -13.75 25.15 -51.71
C TYR H 244 -14.61 24.45 -50.67
N ILE H 245 -15.77 23.97 -51.12
CA ILE H 245 -16.65 23.18 -50.27
C ILE H 245 -16.52 21.73 -50.68
N THR H 246 -16.24 20.89 -49.71
CA THR H 246 -16.15 19.48 -49.95
C THR H 246 -16.87 18.79 -48.81
N CYS H 247 -17.71 17.79 -49.15
CA CYS H 247 -18.57 17.15 -48.15
C CYS H 247 -19.09 15.78 -48.57
N ALA H 248 -19.56 15.02 -47.57
CA ALA H 248 -20.06 13.66 -47.81
C ALA H 248 -20.88 13.21 -46.62
N ASP H 249 -21.99 12.54 -46.94
CA ASP H 249 -22.93 12.09 -45.91
C ASP H 249 -23.51 10.75 -46.32
N MET H 250 -23.57 9.84 -45.36
CA MET H 250 -24.09 8.51 -45.59
C MET H 250 -24.94 8.12 -44.40
N LEU H 251 -26.17 7.68 -44.67
CA LEU H 251 -27.15 7.42 -43.61
C LEU H 251 -27.22 5.94 -43.19
N GLY H 252 -26.63 5.06 -43.98
CA GLY H 252 -26.76 3.61 -43.76
C GLY H 252 -27.18 2.89 -45.04
N THR H 253 -27.61 1.64 -44.90
CA THR H 253 -28.17 0.90 -46.03
C THR H 253 -29.65 0.53 -45.83
N ALA H 254 -30.33 0.30 -46.94
CA ALA H 254 -31.67 -0.24 -46.94
C ALA H 254 -31.80 -1.15 -48.15
N ASN H 255 -32.19 -2.41 -47.90
CA ASN H 255 -32.27 -3.43 -48.95
C ASN H 255 -30.97 -3.52 -49.76
N SER H 256 -29.84 -3.48 -49.03
CA SER H 256 -28.48 -3.62 -49.59
C SER H 256 -27.97 -2.40 -50.36
N ARG H 257 -28.77 -1.34 -50.41
CA ARG H 257 -28.33 -0.12 -51.09
C ARG H 257 -28.05 0.97 -50.06
N ILE H 258 -26.93 1.67 -50.26
CA ILE H 258 -26.55 2.78 -49.41
C ILE H 258 -27.40 4.00 -49.70
N HIS H 259 -27.86 4.67 -48.63
CA HIS H 259 -28.57 5.91 -48.78
C HIS H 259 -27.79 7.11 -48.28
N THR H 260 -28.17 8.27 -48.78
CA THR H 260 -27.51 9.53 -48.56
C THR H 260 -28.62 10.55 -48.31
N PRO H 261 -28.31 11.73 -47.73
CA PRO H 261 -29.30 12.80 -47.80
C PRO H 261 -29.53 13.22 -49.26
N MET H 262 -30.68 13.82 -49.55
CA MET H 262 -30.93 14.29 -50.93
C MET H 262 -29.98 15.42 -51.32
N ALA H 263 -29.45 16.13 -50.31
CA ALA H 263 -28.46 17.18 -50.51
C ALA H 263 -27.95 17.72 -49.20
N ARG H 264 -26.82 18.42 -49.28
CA ARG H 264 -26.31 19.19 -48.15
C ARG H 264 -26.35 20.69 -48.51
N PHE H 265 -27.13 21.44 -47.75
CA PHE H 265 -27.34 22.87 -47.97
C PHE H 265 -26.29 23.68 -47.24
N PHE H 266 -25.83 24.74 -47.89
CA PHE H 266 -24.87 25.66 -47.28
C PHE H 266 -25.36 27.07 -47.51
N ARG H 267 -25.19 27.92 -46.50
CA ARG H 267 -25.27 29.36 -46.71
C ARG H 267 -23.99 29.94 -46.17
N LEU H 268 -23.27 30.65 -47.02
CA LEU H 268 -21.94 31.15 -46.69
C LEU H 268 -21.96 32.65 -46.50
N HIS H 269 -21.27 33.12 -45.45
CA HIS H 269 -21.21 34.53 -45.11
C HIS H 269 -19.78 35.04 -45.25
N PHE H 270 -19.57 35.94 -46.20
CA PHE H 270 -18.25 36.51 -46.45
C PHE H 270 -18.17 37.98 -46.04
N ARG H 271 -17.07 38.32 -45.39
CA ARG H 271 -16.69 39.72 -45.22
C ARG H 271 -15.33 39.90 -45.92
N GLN H 272 -14.77 41.09 -45.85
CA GLN H 272 -13.47 41.32 -46.45
C GLN H 272 -12.36 41.45 -45.41
N ARG H 273 -11.20 40.90 -45.73
CA ARG H 273 -10.03 40.91 -44.84
C ARG H 273 -8.82 41.50 -45.56
N ARG H 274 -8.03 42.33 -44.87
CA ARG H 274 -6.76 42.84 -45.43
C ARG H 274 -5.59 41.87 -45.18
N VAL H 275 -4.70 41.72 -46.17
CA VAL H 275 -3.57 40.77 -46.14
C VAL H 275 -2.27 41.36 -46.76
N LYS H 276 -1.15 41.24 -46.05
CA LYS H 276 0.17 41.71 -46.53
C LYS H 276 0.59 41.03 -47.82
N VAL I 9 -38.49 46.86 -40.82
CA VAL I 9 -38.96 46.54 -39.44
C VAL I 9 -38.45 47.58 -38.45
N LEU I 10 -39.36 48.17 -37.68
CA LEU I 10 -38.99 49.15 -36.65
C LEU I 10 -38.99 48.52 -35.25
N ALA I 11 -39.32 49.30 -34.23
CA ALA I 11 -39.25 48.83 -32.85
C ALA I 11 -40.51 48.08 -32.37
N ALA I 12 -40.32 47.24 -31.36
CA ALA I 12 -41.41 46.53 -30.69
C ALA I 12 -42.29 47.50 -29.91
N VAL I 13 -43.59 47.24 -29.88
CA VAL I 13 -44.51 48.05 -29.08
C VAL I 13 -44.40 47.61 -27.61
N PRO I 14 -44.31 48.59 -26.69
CA PRO I 14 -44.30 48.26 -25.26
C PRO I 14 -45.37 47.22 -24.88
N LEU I 15 -44.94 46.09 -24.31
CA LEU I 15 -45.84 44.99 -23.91
C LEU I 15 -46.96 45.43 -22.96
N SER I 16 -48.15 45.62 -23.50
CA SER I 16 -49.32 46.11 -22.79
C SER I 16 -50.44 45.06 -22.85
N GLU I 17 -51.57 45.32 -22.21
CA GLU I 17 -52.69 44.37 -22.21
C GLU I 17 -53.34 44.25 -23.59
N GLU I 18 -53.55 45.37 -24.26
CA GLU I 18 -54.17 45.34 -25.57
C GLU I 18 -53.17 45.24 -26.72
N THR I 19 -51.88 45.11 -26.38
CA THR I 19 -50.85 44.86 -27.38
C THR I 19 -50.30 43.44 -27.29
N GLU I 20 -50.81 42.66 -26.34
CA GLU I 20 -50.46 41.25 -26.19
C GLU I 20 -51.61 40.34 -26.63
N PHE I 21 -51.27 39.12 -27.05
CA PHE I 21 -52.26 38.12 -27.40
C PHE I 21 -51.71 36.70 -27.29
N LYS I 22 -52.50 35.81 -26.68
CA LYS I 22 -52.14 34.42 -26.46
C LYS I 22 -53.23 33.46 -26.95
N VAL I 23 -52.82 32.38 -27.60
CA VAL I 23 -53.73 31.29 -27.98
C VAL I 23 -53.09 29.95 -27.72
N GLU I 24 -53.94 29.02 -27.29
CA GLU I 24 -53.58 27.62 -27.15
C GLU I 24 -54.38 26.83 -28.18
N LEU I 25 -53.75 25.82 -28.78
CA LEU I 25 -54.45 24.94 -29.71
C LEU I 25 -53.75 23.59 -29.80
N PHE I 26 -54.53 22.58 -30.18
CA PHE I 26 -54.01 21.26 -30.45
C PHE I 26 -54.07 21.03 -31.95
N VAL I 27 -52.95 20.64 -32.56
CA VAL I 27 -52.98 20.30 -33.97
C VAL I 27 -53.02 18.78 -34.11
N LYS I 28 -54.02 18.31 -34.85
CA LYS I 28 -54.22 16.88 -35.11
C LYS I 28 -53.23 16.36 -36.14
N PRO I 29 -52.78 15.11 -35.98
CA PRO I 29 -51.99 14.43 -37.02
C PRO I 29 -52.83 14.13 -38.24
N VAL I 30 -52.19 14.01 -39.39
CA VAL I 30 -52.90 13.71 -40.63
C VAL I 30 -52.37 12.46 -41.30
N ILE I 31 -53.29 11.56 -41.64
CA ILE I 31 -52.97 10.42 -42.49
C ILE I 31 -53.81 10.47 -43.78
N GLY I 32 -53.21 10.01 -44.86
CA GLY I 32 -53.86 9.98 -46.17
C GLY I 32 -55.11 9.14 -46.23
N ASN I 33 -56.00 9.53 -47.15
CA ASN I 33 -57.32 8.96 -47.29
C ASN I 33 -57.46 8.32 -48.67
N THR I 34 -57.78 7.03 -48.71
CA THR I 34 -57.89 6.31 -49.99
C THR I 34 -59.18 6.58 -50.74
N THR I 35 -60.27 6.85 -50.01
CA THR I 35 -61.57 7.12 -50.65
C THR I 35 -61.50 8.41 -51.51
N ALA I 36 -61.96 8.32 -52.76
CA ALA I 36 -61.82 9.40 -53.74
C ALA I 36 -62.72 10.60 -53.46
N GLU I 42 -62.83 18.82 -52.40
CA GLU I 42 -61.54 18.57 -51.76
C GLU I 42 -61.50 17.23 -51.07
N PRO I 43 -60.39 16.47 -51.20
CA PRO I 43 -60.21 15.24 -50.43
C PRO I 43 -60.14 15.53 -48.94
N THR I 44 -60.67 14.61 -48.14
CA THR I 44 -60.76 14.77 -46.68
C THR I 44 -59.58 14.07 -46.00
N PRO I 45 -58.86 14.79 -45.12
CA PRO I 45 -57.82 14.13 -44.32
C PRO I 45 -58.41 13.16 -43.28
N HIS I 46 -57.67 12.11 -42.95
CA HIS I 46 -57.93 11.31 -41.76
C HIS I 46 -57.15 11.93 -40.60
N TYR I 47 -57.86 12.35 -39.57
CA TYR I 47 -57.19 12.71 -38.33
C TYR I 47 -57.07 11.47 -37.49
N TRP I 48 -55.98 10.73 -37.74
CA TRP I 48 -55.68 9.49 -37.05
C TRP I 48 -54.28 9.56 -36.44
N SER I 49 -54.08 8.92 -35.30
CA SER I 49 -52.72 8.72 -34.78
C SER I 49 -52.22 7.29 -35.03
N ILE I 50 -53.01 6.53 -35.77
CA ILE I 50 -52.69 5.15 -36.15
C ILE I 50 -53.15 4.90 -37.59
N SER I 51 -52.21 4.52 -38.45
CA SER I 51 -52.48 4.33 -39.88
C SER I 51 -53.01 2.93 -40.17
N SER I 52 -53.32 2.67 -41.44
CA SER I 52 -53.62 1.31 -41.90
C SER I 52 -52.34 0.50 -41.94
N ALA I 53 -52.48 -0.83 -41.99
CA ALA I 53 -51.34 -1.74 -42.01
C ALA I 53 -50.59 -1.63 -43.34
N ILE I 54 -49.26 -1.60 -43.26
CA ILE I 54 -48.41 -1.68 -44.43
C ILE I 54 -48.26 -3.16 -44.77
N HIS I 55 -48.65 -3.53 -45.99
CA HIS I 55 -48.54 -4.91 -46.48
C HIS I 55 -48.55 -4.92 -48.02
N ASP I 56 -47.85 -5.88 -48.63
CA ASP I 56 -47.95 -6.06 -50.08
C ASP I 56 -49.37 -6.43 -50.50
N LYS I 57 -49.70 -6.18 -51.76
CA LYS I 57 -50.95 -6.67 -52.32
C LYS I 57 -50.81 -8.18 -52.55
N GLU I 58 -51.91 -8.82 -52.94
CA GLU I 58 -51.93 -10.27 -53.17
C GLU I 58 -51.06 -10.69 -54.37
N SER I 59 -50.62 -11.95 -54.38
CA SER I 59 -49.66 -12.48 -55.37
C SER I 59 -49.82 -12.01 -56.83
N GLY I 60 -51.05 -12.00 -57.33
CA GLY I 60 -51.32 -11.60 -58.73
C GLY I 60 -51.16 -10.11 -59.04
N SER I 61 -51.29 -9.26 -58.02
CA SER I 61 -51.39 -7.81 -58.21
C SER I 61 -50.17 -7.14 -58.87
N SER I 62 -50.43 -6.07 -59.62
CA SER I 62 -49.37 -5.31 -60.27
C SER I 62 -49.09 -4.00 -59.52
N ILE I 63 -49.78 -3.78 -58.41
CA ILE I 63 -49.53 -2.61 -57.57
C ILE I 63 -48.34 -2.93 -56.66
N LYS I 64 -47.28 -2.13 -56.79
CA LYS I 64 -46.12 -2.29 -55.94
C LYS I 64 -46.15 -1.25 -54.83
N VAL I 65 -46.40 -1.76 -53.63
CA VAL I 65 -46.62 -1.00 -52.41
C VAL I 65 -45.44 -0.08 -51.99
N GLU I 66 -44.22 -0.47 -52.33
CA GLU I 66 -43.04 0.37 -52.12
C GLU I 66 -42.90 1.50 -53.17
N GLU I 67 -43.70 1.45 -54.22
CA GLU I 67 -43.70 2.50 -55.25
C GLU I 67 -44.94 3.40 -55.17
N THR I 68 -46.09 2.78 -55.00
CA THR I 68 -47.35 3.50 -54.81
C THR I 68 -48.07 2.93 -53.59
N PRO I 69 -47.73 3.43 -52.39
CA PRO I 69 -48.43 2.92 -51.22
C PRO I 69 -49.85 3.47 -51.16
N ASP I 70 -50.72 2.83 -50.38
CA ASP I 70 -52.02 3.41 -50.07
C ASP I 70 -51.83 4.72 -49.31
N ALA I 71 -52.65 5.73 -49.64
CA ALA I 71 -52.61 7.01 -48.93
C ALA I 71 -52.74 6.77 -47.41
N ASP I 72 -53.49 5.72 -47.11
CA ASP I 72 -53.69 5.11 -45.80
C ASP I 72 -52.46 4.93 -44.91
N THR I 73 -51.29 4.83 -45.52
CA THR I 73 -50.10 4.45 -44.80
C THR I 73 -49.03 5.51 -44.85
N THR I 74 -49.43 6.76 -45.10
CA THR I 74 -48.49 7.87 -45.03
C THR I 74 -49.01 9.06 -44.21
N VAL I 75 -48.08 9.73 -43.56
CA VAL I 75 -48.34 10.91 -42.75
C VAL I 75 -48.15 12.16 -43.63
N CYS I 76 -49.08 13.09 -43.55
CA CYS I 76 -48.92 14.37 -44.23
C CYS I 76 -48.78 15.48 -43.21
N TYR I 77 -48.18 16.58 -43.62
CA TYR I 77 -48.03 17.74 -42.73
C TYR I 77 -49.39 18.26 -42.29
N SER I 78 -49.49 18.56 -41.02
CA SER I 78 -50.72 19.10 -40.45
C SER I 78 -50.69 20.60 -40.56
N LEU I 79 -51.87 21.22 -40.65
CA LEU I 79 -51.96 22.67 -40.82
C LEU I 79 -52.87 23.33 -39.81
N ALA I 80 -52.51 24.55 -39.42
CA ALA I 80 -53.38 25.42 -38.64
C ALA I 80 -53.04 26.88 -38.90
N GLU I 81 -54.06 27.73 -38.91
CA GLU I 81 -53.86 29.16 -39.07
C GLU I 81 -54.39 29.91 -37.86
N ILE I 82 -53.69 30.95 -37.45
CA ILE I 82 -54.16 31.80 -36.36
C ILE I 82 -54.20 33.23 -36.84
N ALA I 83 -55.38 33.85 -36.72
CA ALA I 83 -55.54 35.26 -37.00
C ALA I 83 -55.79 36.00 -35.68
N PRO I 84 -54.77 36.65 -35.12
CA PRO I 84 -54.92 37.44 -33.90
C PRO I 84 -55.87 38.60 -34.13
N PRO I 85 -56.41 39.21 -33.05
CA PRO I 85 -57.44 40.25 -33.18
C PRO I 85 -56.98 41.43 -34.01
N ASP I 86 -57.94 42.12 -34.64
CA ASP I 86 -57.65 43.31 -35.43
C ASP I 86 -57.00 44.39 -34.60
N ILE I 87 -56.17 45.21 -35.26
CA ILE I 87 -55.47 46.31 -34.57
C ILE I 87 -56.12 47.67 -34.83
N MET I 96 -47.74 51.99 -38.93
CA MET I 96 -48.48 50.72 -38.94
C MET I 96 -47.89 49.67 -38.00
N LYS I 97 -48.80 48.91 -37.37
CA LYS I 97 -48.48 47.92 -36.35
C LYS I 97 -48.91 46.53 -36.81
N VAL I 98 -48.11 45.52 -36.49
CA VAL I 98 -48.36 44.16 -36.94
C VAL I 98 -48.06 43.15 -35.81
N TRP I 99 -48.79 42.03 -35.80
CA TRP I 99 -48.59 41.02 -34.76
C TRP I 99 -47.27 40.27 -34.95
N GLU I 100 -46.55 40.10 -33.84
CA GLU I 100 -45.26 39.42 -33.85
C GLU I 100 -45.23 38.26 -32.85
N LEU I 101 -45.04 37.05 -33.39
CA LEU I 101 -44.84 35.86 -32.57
C LEU I 101 -43.42 35.89 -32.05
N TYR I 102 -43.25 36.10 -30.74
CA TYR I 102 -41.91 36.23 -30.16
C TYR I 102 -41.45 35.03 -29.33
N ARG I 103 -42.41 34.24 -28.87
CA ARG I 103 -42.10 32.96 -28.19
C ARG I 103 -43.29 32.02 -28.26
N MET I 104 -43.03 30.75 -28.02
CA MET I 104 -44.07 29.76 -27.98
C MET I 104 -43.67 28.57 -27.11
N GLU I 105 -44.66 27.83 -26.65
CA GLU I 105 -44.37 26.49 -26.20
C GLU I 105 -45.07 25.51 -27.14
N THR I 106 -44.45 24.35 -27.35
CA THR I 106 -45.04 23.27 -28.10
C THR I 106 -44.70 21.96 -27.44
N GLU I 107 -45.65 21.07 -27.43
CA GLU I 107 -45.53 19.92 -26.57
C GLU I 107 -46.31 18.80 -27.22
N LEU I 108 -45.81 17.58 -27.13
CA LEU I 108 -46.49 16.45 -27.77
C LEU I 108 -47.44 15.76 -26.80
N LEU I 109 -48.58 15.35 -27.33
CA LEU I 109 -49.59 14.66 -26.56
C LEU I 109 -49.46 13.16 -26.82
N VAL I 110 -49.06 12.44 -25.78
CA VAL I 110 -48.48 11.13 -25.95
C VAL I 110 -48.72 10.25 -24.74
N VAL I 111 -48.97 8.96 -24.97
CA VAL I 111 -49.05 7.97 -23.89
C VAL I 111 -48.21 6.75 -24.28
N PRO I 112 -47.68 6.02 -23.27
CA PRO I 112 -46.98 4.79 -23.61
C PRO I 112 -47.92 3.74 -24.17
N LEU I 113 -47.53 3.09 -25.25
CA LEU I 113 -48.35 2.02 -25.83
C LEU I 113 -47.79 0.66 -25.40
N VAL I 114 -48.60 -0.09 -24.64
CA VAL I 114 -48.20 -1.39 -24.12
C VAL I 114 -49.30 -2.44 -24.44
N ASN I 115 -50.32 -2.55 -23.59
CA ASN I 115 -51.40 -3.51 -23.78
C ASN I 115 -52.10 -3.41 -25.14
N ALA I 116 -52.27 -2.18 -25.64
CA ALA I 116 -53.01 -1.97 -26.89
C ALA I 116 -52.34 -2.61 -28.11
N LEU I 117 -51.06 -2.92 -27.98
CA LEU I 117 -50.27 -3.44 -29.08
C LEU I 117 -50.33 -4.97 -29.18
N GLY I 118 -50.88 -5.61 -28.16
CA GLY I 118 -50.98 -7.05 -28.13
C GLY I 118 -49.67 -7.75 -27.79
N ASN I 119 -49.66 -9.07 -27.99
CA ASN I 119 -48.52 -9.90 -27.67
C ASN I 119 -48.54 -11.18 -28.51
N THR I 120 -47.38 -11.79 -28.68
CA THR I 120 -47.29 -13.10 -29.30
C THR I 120 -46.77 -14.08 -28.26
N ASN I 121 -47.68 -14.87 -27.71
CA ASN I 121 -47.35 -15.83 -26.65
C ASN I 121 -46.71 -15.18 -25.43
N GLY I 122 -47.28 -14.07 -25.00
CA GLY I 122 -46.77 -13.39 -23.82
C GLY I 122 -45.64 -12.42 -24.10
N VAL I 123 -45.04 -12.47 -25.29
CA VAL I 123 -43.99 -11.52 -25.67
C VAL I 123 -44.71 -10.25 -26.12
N VAL I 124 -44.56 -9.19 -25.32
CA VAL I 124 -45.20 -7.89 -25.52
C VAL I 124 -44.70 -7.18 -26.78
N HIS I 125 -45.64 -6.68 -27.58
CA HIS I 125 -45.30 -5.88 -28.77
C HIS I 125 -44.97 -4.43 -28.38
N GLY I 126 -44.14 -3.77 -29.18
CA GLY I 126 -43.76 -2.37 -28.91
C GLY I 126 -43.81 -1.45 -30.12
N LEU I 127 -43.85 -0.15 -29.85
CA LEU I 127 -43.83 0.84 -30.90
C LEU I 127 -42.38 1.22 -31.13
N ALA I 128 -41.93 1.05 -32.38
CA ALA I 128 -40.56 1.34 -32.76
C ALA I 128 -40.45 1.54 -34.28
N GLY I 129 -39.37 2.20 -34.70
CA GLY I 129 -39.12 2.42 -36.10
C GLY I 129 -38.70 3.84 -36.46
N THR I 130 -38.94 4.19 -37.72
CA THR I 130 -38.47 5.43 -38.29
C THR I 130 -39.36 6.57 -37.83
N GLN I 131 -38.74 7.69 -37.48
CA GLN I 131 -39.43 8.76 -36.77
C GLN I 131 -39.20 10.12 -37.42
N LEU I 132 -40.19 10.99 -37.26
CA LEU I 132 -40.06 12.40 -37.59
C LEU I 132 -40.62 13.25 -36.47
N TYR I 133 -39.92 14.30 -36.10
CA TYR I 133 -40.46 15.29 -35.19
C TYR I 133 -40.26 16.65 -35.85
N PHE I 134 -41.35 17.30 -36.25
CA PHE I 134 -41.24 18.53 -37.00
C PHE I 134 -42.31 19.54 -36.65
N TRP I 135 -41.87 20.79 -36.47
CA TRP I 135 -42.75 21.95 -36.39
C TRP I 135 -42.23 23.14 -37.20
N ALA I 136 -43.17 23.96 -37.67
CA ALA I 136 -42.86 25.19 -38.36
C ALA I 136 -43.90 26.23 -38.01
N VAL I 137 -43.43 27.47 -37.96
CA VAL I 137 -44.23 28.57 -37.51
C VAL I 137 -43.82 29.79 -38.36
N GLY I 138 -44.77 30.35 -39.12
CA GLY I 138 -44.44 31.40 -40.09
C GLY I 138 -45.57 32.35 -40.47
N GLY I 139 -45.20 33.52 -41.00
CA GLY I 139 -46.15 34.52 -41.48
C GLY I 139 -46.72 34.24 -42.87
N GLN I 140 -46.39 33.07 -43.41
CA GLN I 140 -46.86 32.59 -44.71
C GLN I 140 -46.75 31.07 -44.68
N PRO I 141 -47.35 30.37 -45.66
CA PRO I 141 -47.24 28.90 -45.62
C PRO I 141 -45.78 28.42 -45.71
N LEU I 142 -45.55 27.18 -45.27
CA LEU I 142 -44.23 26.60 -45.27
C LEU I 142 -43.76 26.33 -46.69
N ASP I 143 -42.56 26.80 -47.02
CA ASP I 143 -41.94 26.50 -48.31
C ASP I 143 -41.34 25.12 -48.24
N VAL I 144 -41.71 24.30 -49.21
CA VAL I 144 -41.33 22.92 -49.17
C VAL I 144 -40.69 22.53 -50.53
N VAL I 145 -39.90 21.45 -50.49
CA VAL I 145 -39.15 20.97 -51.64
C VAL I 145 -39.46 19.50 -51.94
N GLY I 146 -39.80 19.21 -53.19
CA GLY I 146 -40.23 17.86 -53.60
C GLY I 146 -39.10 16.91 -53.92
N VAL I 147 -39.19 15.72 -53.36
CA VAL I 147 -38.07 14.79 -53.34
C VAL I 147 -38.58 13.35 -53.44
N THR I 148 -37.74 12.45 -53.92
CA THR I 148 -38.07 11.02 -53.90
C THR I 148 -37.01 10.24 -53.11
N PRO I 149 -37.44 9.30 -52.27
CA PRO I 149 -36.53 8.46 -51.48
C PRO I 149 -35.85 7.37 -52.32
N THR I 150 -36.43 7.10 -53.49
CA THR I 150 -36.03 5.98 -54.33
C THR I 150 -36.11 6.43 -55.78
N ASP I 151 -35.43 5.72 -56.67
CA ASP I 151 -35.54 5.99 -58.11
C ASP I 151 -36.89 5.56 -58.69
N LYS I 152 -37.73 4.93 -57.87
CA LYS I 152 -38.99 4.33 -58.31
C LYS I 152 -40.23 4.75 -57.52
N TYR I 153 -40.05 5.66 -56.55
CA TYR I 153 -41.16 6.05 -55.67
C TYR I 153 -42.04 7.14 -56.25
N LYS I 154 -43.32 6.82 -56.46
CA LYS I 154 -44.28 7.75 -57.06
C LYS I 154 -45.21 8.36 -56.03
N GLY I 155 -45.38 7.68 -54.90
CA GLY I 155 -46.37 8.08 -53.89
C GLY I 155 -47.74 7.49 -54.17
N PRO I 156 -48.71 7.74 -53.28
CA PRO I 156 -50.07 7.23 -53.45
C PRO I 156 -50.78 7.77 -54.69
N THR I 157 -51.57 6.91 -55.33
CA THR I 157 -52.28 7.29 -56.55
C THR I 157 -53.52 8.17 -56.30
N THR I 158 -53.89 8.32 -55.03
CA THR I 158 -54.89 9.32 -54.63
C THR I 158 -54.47 10.15 -53.41
N TYR I 159 -55.27 11.18 -53.14
CA TYR I 159 -55.12 12.07 -51.99
C TYR I 159 -53.88 12.95 -52.02
N THR I 160 -52.70 12.34 -51.98
CA THR I 160 -51.46 13.11 -51.83
C THR I 160 -51.16 13.92 -53.08
N ILE I 161 -50.64 15.12 -52.88
CA ILE I 161 -50.00 15.88 -53.95
C ILE I 161 -48.56 15.38 -54.00
N ASN I 162 -48.25 14.57 -55.01
CA ASN I 162 -46.93 14.01 -55.19
C ASN I 162 -46.02 14.98 -55.95
N PRO I 163 -44.71 14.93 -55.67
CA PRO I 163 -43.77 15.78 -56.41
C PRO I 163 -43.84 15.50 -57.92
N PRO I 164 -44.07 16.55 -58.74
CA PRO I 164 -44.04 16.41 -60.19
C PRO I 164 -42.61 16.16 -60.67
N GLY I 165 -42.44 15.24 -61.61
CA GLY I 165 -41.14 14.93 -62.20
C GLY I 165 -40.90 13.44 -62.27
N ASP I 166 -39.87 13.04 -63.00
CA ASP I 166 -39.46 11.63 -63.03
C ASP I 166 -38.77 11.26 -61.71
N PRO I 167 -39.29 10.23 -61.01
CA PRO I 167 -38.72 9.76 -59.75
C PRO I 167 -37.24 9.43 -59.84
N ARG I 168 -36.76 9.07 -61.04
CA ARG I 168 -35.35 8.77 -61.24
C ARG I 168 -34.45 10.00 -61.10
N THR I 169 -35.05 11.19 -61.21
CA THR I 169 -34.28 12.43 -61.18
C THR I 169 -34.54 13.27 -59.93
N LEU I 170 -35.41 12.80 -59.04
CA LEU I 170 -35.82 13.62 -57.91
C LEU I 170 -35.22 13.17 -56.57
N HIS I 171 -34.41 12.11 -56.58
CA HIS I 171 -33.81 11.64 -55.33
C HIS I 171 -32.59 12.45 -54.90
N VAL I 172 -32.38 13.56 -55.59
CA VAL I 172 -31.29 14.47 -55.31
C VAL I 172 -31.83 15.86 -55.59
N TYR I 173 -31.37 16.87 -54.85
CA TYR I 173 -31.76 18.24 -55.14
C TYR I 173 -31.08 18.74 -56.43
N ASN I 174 -31.89 19.08 -57.43
CA ASN I 174 -31.36 19.58 -58.71
C ASN I 174 -32.34 20.57 -59.34
N SER I 175 -32.11 20.95 -60.59
CA SER I 175 -32.93 21.94 -61.28
C SER I 175 -34.36 21.48 -61.62
N ASN I 176 -34.58 20.16 -61.55
CA ASN I 176 -35.90 19.60 -61.76
C ASN I 176 -36.66 19.32 -60.44
N THR I 177 -36.04 19.71 -59.33
CA THR I 177 -36.66 19.63 -58.01
C THR I 177 -37.83 20.64 -57.91
N PRO I 178 -39.07 20.14 -57.74
CA PRO I 178 -40.24 21.03 -57.64
C PRO I 178 -40.37 21.71 -56.27
N LYS I 179 -40.88 22.93 -56.27
CA LYS I 179 -41.12 23.69 -55.05
C LYS I 179 -42.62 23.81 -54.87
N ALA I 180 -43.06 23.94 -53.62
CA ALA I 180 -44.47 24.08 -53.31
C ALA I 180 -44.62 24.74 -51.96
N LYS I 181 -45.84 25.19 -51.67
CA LYS I 181 -46.20 25.73 -50.37
C LYS I 181 -47.25 24.84 -49.69
N VAL I 182 -47.04 24.54 -48.41
CA VAL I 182 -47.96 23.65 -47.70
C VAL I 182 -49.25 24.41 -47.39
N THR I 183 -50.19 24.33 -48.34
CA THR I 183 -51.45 25.07 -48.28
C THR I 183 -52.66 24.12 -48.08
N SER I 184 -52.40 22.82 -48.11
CA SER I 184 -53.39 21.81 -47.76
C SER I 184 -52.74 20.68 -46.94
N GLU I 185 -53.55 19.78 -46.42
CA GLU I 185 -53.04 18.67 -45.60
C GLU I 185 -52.83 17.43 -46.47
N ARG I 186 -52.22 17.64 -47.64
CA ARG I 186 -52.04 16.59 -48.62
C ARG I 186 -50.58 16.35 -49.01
N TYR I 187 -49.66 16.99 -48.27
CA TYR I 187 -48.23 16.86 -48.56
C TYR I 187 -47.61 15.77 -47.70
N SER I 188 -47.34 14.62 -48.33
CA SER I 188 -46.74 13.51 -47.62
C SER I 188 -45.34 13.83 -47.14
N VAL I 189 -45.13 13.53 -45.87
CA VAL I 189 -43.88 13.73 -45.17
C VAL I 189 -42.71 12.92 -45.75
N GLU I 190 -43.04 11.93 -46.58
CA GLU I 190 -42.05 11.07 -47.22
C GLU I 190 -41.62 11.60 -48.58
N SER I 191 -42.25 12.67 -49.03
CA SER I 191 -42.00 13.23 -50.37
C SER I 191 -41.62 14.70 -50.38
N TRP I 192 -41.91 15.42 -49.30
CA TRP I 192 -41.67 16.85 -49.23
C TRP I 192 -40.88 17.22 -47.99
N ALA I 193 -39.79 17.96 -48.18
CA ALA I 193 -38.99 18.45 -47.05
C ALA I 193 -38.97 19.98 -47.05
N PRO I 194 -38.83 20.59 -45.86
CA PRO I 194 -38.75 22.06 -45.77
C PRO I 194 -37.63 22.59 -46.64
N ASP I 195 -37.87 23.71 -47.32
CA ASP I 195 -36.89 24.32 -48.19
C ASP I 195 -36.02 25.31 -47.41
N PRO I 196 -34.74 24.93 -47.16
CA PRO I 196 -33.85 25.81 -46.41
C PRO I 196 -33.41 27.06 -47.17
N SER I 197 -33.66 27.11 -48.48
CA SER I 197 -33.29 28.27 -49.31
C SER I 197 -34.37 29.35 -49.26
N ARG I 198 -35.56 28.97 -48.80
CA ARG I 198 -36.65 29.90 -48.61
C ARG I 198 -37.03 29.98 -47.14
N ASN I 199 -38.34 29.99 -46.84
CA ASN I 199 -38.84 30.08 -45.45
C ASN I 199 -38.27 31.23 -44.63
N ASP I 200 -38.20 32.41 -45.26
CA ASP I 200 -37.96 33.64 -44.54
C ASP I 200 -39.16 33.91 -43.64
N ASN I 201 -38.95 34.68 -42.57
CA ASN I 201 -40.02 35.00 -41.63
C ASN I 201 -40.72 33.71 -41.14
N CYS I 202 -39.91 32.74 -40.74
CA CYS I 202 -40.36 31.41 -40.38
C CYS I 202 -39.28 30.70 -39.56
N ARG I 203 -39.67 30.08 -38.45
CA ARG I 203 -38.79 29.13 -37.74
C ARG I 203 -39.33 27.73 -37.88
N TYR I 204 -38.47 26.81 -38.28
CA TYR I 204 -38.82 25.40 -38.26
C TYR I 204 -37.69 24.56 -37.65
N PHE I 205 -38.05 23.38 -37.18
CA PHE I 205 -37.08 22.44 -36.64
C PHE I 205 -37.53 21.01 -36.89
N GLY I 206 -36.62 20.17 -37.34
CA GLY I 206 -36.93 18.80 -37.74
C GLY I 206 -35.88 17.81 -37.28
N ARG I 207 -36.33 16.63 -36.88
CA ARG I 207 -35.44 15.54 -36.56
C ARG I 207 -35.98 14.27 -37.21
N VAL I 208 -35.11 13.61 -37.94
CA VAL I 208 -35.44 12.32 -38.55
C VAL I 208 -34.59 11.24 -37.90
N VAL I 209 -35.25 10.15 -37.50
CA VAL I 209 -34.57 8.99 -36.94
C VAL I 209 -34.91 7.79 -37.83
N GLY I 210 -33.89 7.13 -38.34
CA GLY I 210 -34.09 5.97 -39.22
C GLY I 210 -34.22 4.68 -38.42
N GLY I 211 -34.08 3.54 -39.10
CA GLY I 211 -34.14 2.24 -38.44
C GLY I 211 -35.54 1.66 -38.46
N ALA I 212 -35.61 0.33 -38.52
CA ALA I 212 -36.90 -0.37 -38.52
C ALA I 212 -37.45 -0.57 -37.09
N ALA I 213 -36.55 -0.67 -36.10
CA ALA I 213 -36.93 -1.00 -34.73
C ALA I 213 -36.45 0.06 -33.70
N THR I 214 -36.31 1.31 -34.13
CA THR I 214 -35.74 2.33 -33.25
C THR I 214 -36.77 2.84 -32.25
N PRO I 215 -36.48 2.75 -30.94
CA PRO I 215 -37.44 3.24 -29.96
C PRO I 215 -37.60 4.75 -30.06
N PRO I 216 -38.84 5.26 -30.02
CA PRO I 216 -39.03 6.71 -29.94
C PRO I 216 -38.86 7.18 -28.50
N VAL I 217 -38.31 8.38 -28.34
CA VAL I 217 -38.17 9.03 -27.03
C VAL I 217 -38.81 10.41 -27.09
N VAL I 218 -39.88 10.62 -26.33
CA VAL I 218 -40.58 11.89 -26.29
C VAL I 218 -40.63 12.42 -24.86
N SER I 219 -40.21 13.67 -24.68
CA SER I 219 -40.38 14.40 -23.42
C SER I 219 -41.48 15.43 -23.55
N TYR I 220 -42.17 15.70 -22.45
CA TYR I 220 -43.14 16.80 -22.40
C TYR I 220 -43.24 17.38 -20.99
N GLY I 221 -43.71 18.61 -20.89
CA GLY I 221 -43.79 19.32 -19.63
C GLY I 221 -44.51 20.64 -19.84
N ASN I 222 -44.56 21.48 -18.82
CA ASN I 222 -45.30 22.73 -18.94
C ASN I 222 -44.56 23.93 -18.39
N ASN I 223 -43.23 23.85 -18.33
CA ASN I 223 -42.45 24.98 -17.86
C ASN I 223 -41.25 25.28 -18.74
N SER I 224 -41.46 25.19 -20.05
CA SER I 224 -40.38 25.33 -20.99
C SER I 224 -40.86 26.06 -22.23
N THR I 225 -40.14 27.11 -22.61
CA THR I 225 -40.51 27.93 -23.76
C THR I 225 -39.46 27.88 -24.88
N ILE I 226 -39.88 28.14 -26.10
CA ILE I 226 -38.95 28.26 -27.22
C ILE I 226 -38.96 29.71 -27.69
N PRO I 227 -37.81 30.42 -27.56
CA PRO I 227 -37.73 31.78 -28.11
C PRO I 227 -37.66 31.70 -29.63
N LEU I 228 -38.19 32.72 -30.29
CA LEU I 228 -38.35 32.71 -31.75
C LEU I 228 -37.76 33.94 -32.43
N LEU I 229 -36.96 34.69 -31.69
CA LEU I 229 -36.30 35.86 -32.23
C LEU I 229 -35.10 35.45 -33.07
N ASP I 230 -34.89 36.14 -34.20
CA ASP I 230 -33.69 35.92 -35.00
C ASP I 230 -32.52 36.72 -34.46
N GLU I 231 -31.42 36.73 -35.23
CA GLU I 231 -30.21 37.48 -34.87
C GLU I 231 -30.45 38.97 -34.57
N ASN I 232 -31.53 39.52 -35.10
CA ASN I 232 -31.88 40.94 -34.88
C ASN I 232 -32.89 41.19 -33.76
N GLY I 233 -33.37 40.13 -33.13
CA GLY I 233 -34.37 40.27 -32.07
C GLY I 233 -35.78 40.41 -32.63
N ILE I 234 -36.00 39.84 -33.82
CA ILE I 234 -37.28 39.89 -34.51
C ILE I 234 -37.87 38.49 -34.61
N GLY I 235 -39.12 38.34 -34.15
CA GLY I 235 -39.84 37.08 -34.24
C GLY I 235 -40.56 36.95 -35.57
N ILE I 236 -41.59 36.11 -35.60
CA ILE I 236 -42.38 35.93 -36.81
C ILE I 236 -43.39 37.06 -36.93
N LEU I 237 -43.36 37.77 -38.06
CA LEU I 237 -44.29 38.87 -38.32
C LEU I 237 -45.48 38.42 -39.17
N CYS I 238 -46.68 38.72 -38.69
CA CYS I 238 -47.91 38.35 -39.40
C CYS I 238 -48.30 39.47 -40.34
N LEU I 239 -47.53 39.61 -41.43
CA LEU I 239 -47.70 40.70 -42.37
C LEU I 239 -49.05 40.72 -43.08
N GLN I 240 -49.67 39.55 -43.24
CA GLN I 240 -51.03 39.44 -43.76
C GLN I 240 -52.03 39.08 -42.63
N GLY I 241 -51.67 39.42 -41.39
CA GLY I 241 -52.52 39.20 -40.22
C GLY I 241 -52.70 37.74 -39.80
N ARG I 242 -51.90 36.84 -40.35
CA ARG I 242 -52.03 35.41 -40.06
C ARG I 242 -50.71 34.77 -39.62
N LEU I 243 -50.81 33.80 -38.71
CA LEU I 243 -49.70 32.93 -38.41
C LEU I 243 -50.00 31.52 -38.91
N TYR I 244 -49.05 30.96 -39.65
CA TYR I 244 -49.21 29.62 -40.21
C TYR I 244 -48.42 28.63 -39.39
N ILE I 245 -49.14 27.66 -38.85
CA ILE I 245 -48.52 26.55 -38.15
C ILE I 245 -48.59 25.32 -39.03
N THR I 246 -47.45 24.71 -39.24
CA THR I 246 -47.41 23.47 -39.97
C THR I 246 -46.47 22.50 -39.23
N CYS I 247 -46.89 21.24 -39.10
CA CYS I 247 -46.14 20.28 -38.30
C CYS I 247 -46.45 18.83 -38.66
N ALA I 248 -45.58 17.92 -38.24
CA ALA I 248 -45.77 16.49 -38.43
C ALA I 248 -44.88 15.71 -37.49
N ASP I 249 -45.41 14.60 -37.01
CA ASP I 249 -44.75 13.79 -36.00
C ASP I 249 -45.09 12.33 -36.22
N MET I 250 -44.06 11.50 -36.20
CA MET I 250 -44.19 10.08 -36.44
C MET I 250 -43.31 9.32 -35.42
N LEU I 251 -43.92 8.39 -34.70
CA LEU I 251 -43.25 7.71 -33.61
C LEU I 251 -42.63 6.37 -34.01
N GLY I 252 -43.00 5.85 -35.17
CA GLY I 252 -42.57 4.51 -35.60
C GLY I 252 -43.74 3.67 -36.05
N THR I 253 -43.55 2.36 -36.15
CA THR I 253 -44.67 1.45 -36.41
C THR I 253 -44.93 0.45 -35.27
N ALA I 254 -46.13 -0.10 -35.26
CA ALA I 254 -46.49 -1.22 -34.40
C ALA I 254 -47.51 -2.07 -35.15
N ASN I 255 -47.21 -3.36 -35.26
CA ASN I 255 -48.05 -4.28 -36.04
C ASN I 255 -48.32 -3.75 -37.45
N SER I 256 -47.27 -3.21 -38.07
CA SER I 256 -47.30 -2.74 -39.46
C SER I 256 -48.06 -1.43 -39.67
N ARG I 257 -48.57 -0.85 -38.58
CA ARG I 257 -49.23 0.45 -38.68
C ARG I 257 -48.37 1.56 -38.07
N ILE I 258 -48.30 2.69 -38.77
CA ILE I 258 -47.58 3.85 -38.30
C ILE I 258 -48.35 4.54 -37.17
N HIS I 259 -47.64 4.95 -36.13
CA HIS I 259 -48.24 5.73 -35.04
C HIS I 259 -47.69 7.13 -34.99
N THR I 260 -48.48 8.00 -34.37
CA THR I 260 -48.28 9.42 -34.31
C THR I 260 -48.62 9.82 -32.88
N PRO I 261 -48.15 11.00 -32.41
CA PRO I 261 -48.74 11.50 -31.15
C PRO I 261 -50.24 11.79 -31.34
N MET I 262 -51.03 11.78 -30.27
CA MET I 262 -52.46 12.10 -30.39
C MET I 262 -52.68 13.54 -30.90
N ALA I 263 -51.69 14.41 -30.67
CA ALA I 263 -51.74 15.80 -31.11
C ALA I 263 -50.44 16.51 -30.79
N ARG I 264 -50.27 17.66 -31.42
CA ARG I 264 -49.18 18.56 -31.08
C ARG I 264 -49.81 19.84 -30.54
N PHE I 265 -49.47 20.17 -29.30
CA PHE I 265 -49.98 21.35 -28.62
C PHE I 265 -49.07 22.55 -28.90
N PHE I 266 -49.70 23.70 -29.12
CA PHE I 266 -48.99 24.99 -29.22
C PHE I 266 -49.61 26.04 -28.30
N ARG I 267 -48.77 26.85 -27.68
CA ARG I 267 -49.25 28.09 -27.06
C ARG I 267 -48.42 29.19 -27.65
N LEU I 268 -49.09 30.15 -28.28
CA LEU I 268 -48.41 31.21 -29.03
C LEU I 268 -48.49 32.55 -28.33
N HIS I 269 -47.36 33.24 -28.28
CA HIS I 269 -47.29 34.54 -27.61
C HIS I 269 -47.00 35.62 -28.63
N PHE I 270 -47.98 36.51 -28.83
CA PHE I 270 -47.85 37.64 -29.73
C PHE I 270 -47.68 38.97 -29.00
N ARG I 271 -46.78 39.80 -29.51
CA ARG I 271 -46.74 41.21 -29.18
C ARG I 271 -46.94 42.00 -30.47
N GLN I 272 -46.90 43.32 -30.41
CA GLN I 272 -47.06 44.13 -31.61
C GLN I 272 -45.74 44.76 -32.06
N ARG I 273 -45.52 44.76 -33.36
CA ARG I 273 -44.30 45.28 -33.94
C ARG I 273 -44.63 46.41 -34.90
N ARG I 274 -43.92 47.54 -34.74
CA ARG I 274 -44.09 48.73 -35.55
C ARG I 274 -43.36 48.56 -36.88
N VAL I 275 -44.05 48.80 -37.99
CA VAL I 275 -43.50 48.47 -39.32
C VAL I 275 -43.24 49.69 -40.20
N LYS I 276 -42.36 49.49 -41.19
CA LYS I 276 -41.74 50.59 -41.94
C LYS I 276 -42.69 51.42 -42.82
N ASN I 277 -43.53 50.74 -43.62
CA ASN I 277 -44.44 51.43 -44.55
C ASN I 277 -45.92 51.41 -44.12
N GLU J 8 -54.97 36.79 -7.05
CA GLU J 8 -53.93 37.85 -7.24
C GLU J 8 -52.73 37.66 -6.30
N VAL J 9 -51.54 37.58 -6.88
CA VAL J 9 -50.36 37.16 -6.12
C VAL J 9 -49.47 38.34 -5.74
N LEU J 10 -49.18 38.44 -4.44
CA LEU J 10 -48.30 39.48 -3.93
C LEU J 10 -46.89 38.92 -3.67
N ALA J 11 -46.19 39.49 -2.69
CA ALA J 11 -44.80 39.13 -2.41
C ALA J 11 -44.66 37.88 -1.52
N ALA J 12 -43.51 37.21 -1.63
CA ALA J 12 -43.14 36.11 -0.75
C ALA J 12 -42.92 36.61 0.67
N VAL J 13 -43.28 35.78 1.65
CA VAL J 13 -42.99 36.10 3.06
C VAL J 13 -41.51 35.78 3.34
N PRO J 14 -40.80 36.68 4.04
CA PRO J 14 -39.41 36.41 4.46
C PRO J 14 -39.23 35.00 5.07
N LEU J 15 -38.31 34.22 4.49
CA LEU J 15 -38.02 32.83 4.90
C LEU J 15 -37.63 32.71 6.38
N SER J 16 -38.61 32.35 7.20
CA SER J 16 -38.47 32.25 8.66
C SER J 16 -38.72 30.80 9.11
N GLU J 17 -38.57 30.53 10.40
CA GLU J 17 -38.78 29.19 10.93
C GLU J 17 -40.24 28.74 10.89
N GLU J 18 -41.15 29.62 11.29
CA GLU J 18 -42.57 29.26 11.27
C GLU J 18 -43.25 29.59 9.93
N THR J 19 -42.49 30.14 8.98
CA THR J 19 -43.00 30.39 7.62
C THR J 19 -42.47 29.38 6.61
N GLU J 20 -41.62 28.46 7.07
CA GLU J 20 -41.12 27.36 6.26
C GLU J 20 -41.74 26.03 6.65
N PHE J 21 -41.80 25.10 5.71
CA PHE J 21 -42.30 23.76 5.98
C PHE J 21 -41.73 22.73 4.99
N LYS J 22 -41.28 21.58 5.52
CA LYS J 22 -40.70 20.51 4.70
C LYS J 22 -41.33 19.16 5.02
N VAL J 23 -41.63 18.39 3.98
CA VAL J 23 -42.08 17.00 4.14
C VAL J 23 -41.41 16.07 3.15
N GLU J 24 -41.13 14.87 3.62
CA GLU J 24 -40.61 13.79 2.81
C GLU J 24 -41.70 12.72 2.76
N LEU J 25 -41.86 12.09 1.60
CA LEU J 25 -42.80 10.99 1.46
C LEU J 25 -42.43 10.10 0.30
N PHE J 26 -42.84 8.84 0.38
CA PHE J 26 -42.68 7.88 -0.70
C PHE J 26 -44.05 7.63 -1.33
N VAL J 27 -44.14 7.76 -2.65
CA VAL J 27 -45.41 7.46 -3.32
C VAL J 27 -45.30 6.11 -3.98
N LYS J 28 -46.24 5.24 -3.64
CA LYS J 28 -46.27 3.88 -4.14
C LYS J 28 -46.82 3.84 -5.56
N PRO J 29 -46.25 2.95 -6.40
CA PRO J 29 -46.82 2.67 -7.73
C PRO J 29 -48.18 1.98 -7.62
N VAL J 30 -49.01 2.15 -8.66
CA VAL J 30 -50.34 1.60 -8.68
C VAL J 30 -50.57 0.70 -9.87
N ILE J 31 -51.03 -0.52 -9.61
CA ILE J 31 -51.48 -1.41 -10.67
C ILE J 31 -52.95 -1.76 -10.46
N GLY J 32 -53.65 -1.96 -11.56
CA GLY J 32 -55.09 -2.25 -11.53
C GLY J 32 -55.44 -3.57 -10.89
N ASN J 33 -56.65 -3.61 -10.33
CA ASN J 33 -57.15 -4.72 -9.52
C ASN J 33 -58.37 -5.34 -10.18
N THR J 34 -58.27 -6.62 -10.50
CA THR J 34 -59.35 -7.32 -11.20
C THR J 34 -60.54 -7.67 -10.30
N THR J 35 -60.28 -7.90 -9.01
CA THR J 35 -61.34 -8.26 -8.07
C THR J 35 -62.33 -7.13 -7.79
N ALA J 36 -63.56 -7.53 -7.49
CA ALA J 36 -64.65 -6.60 -7.18
C ALA J 36 -64.71 -6.35 -5.68
N GLU J 42 -65.51 1.62 -2.86
CA GLU J 42 -64.42 1.96 -3.78
C GLU J 42 -63.50 0.78 -4.10
N PRO J 43 -63.15 0.61 -5.39
CA PRO J 43 -62.16 -0.42 -5.77
C PRO J 43 -60.81 -0.11 -5.15
N THR J 44 -60.10 -1.16 -4.74
CA THR J 44 -58.79 -1.05 -4.07
C THR J 44 -57.64 -1.15 -5.06
N PRO J 45 -56.69 -0.18 -5.02
CA PRO J 45 -55.48 -0.28 -5.85
C PRO J 45 -54.55 -1.39 -5.39
N HIS J 46 -53.81 -1.98 -6.31
CA HIS J 46 -52.66 -2.82 -5.95
C HIS J 46 -51.44 -1.92 -5.91
N TYR J 47 -50.79 -1.87 -4.75
CA TYR J 47 -49.49 -1.22 -4.66
C TYR J 47 -48.43 -2.27 -4.96
N TRP J 48 -48.18 -2.45 -6.24
CA TRP J 48 -47.22 -3.42 -6.74
C TRP J 48 -46.19 -2.71 -7.62
N SER J 49 -44.96 -3.21 -7.63
CA SER J 49 -43.98 -2.78 -8.61
C SER J 49 -43.79 -3.83 -9.71
N ILE J 50 -44.65 -4.84 -9.69
CA ILE J 50 -44.61 -5.92 -10.66
C ILE J 50 -46.06 -6.36 -10.93
N SER J 51 -46.48 -6.28 -12.18
CA SER J 51 -47.85 -6.59 -12.58
C SER J 51 -48.05 -8.08 -12.80
N SER J 52 -49.27 -8.46 -13.16
CA SER J 52 -49.55 -9.81 -13.66
C SER J 52 -49.03 -9.95 -15.08
N ALA J 53 -48.85 -11.20 -15.53
CA ALA J 53 -48.34 -11.49 -16.87
C ALA J 53 -49.34 -11.07 -17.93
N ILE J 54 -48.82 -10.44 -18.99
CA ILE J 54 -49.60 -10.15 -20.19
C ILE J 54 -49.61 -11.38 -21.07
N HIS J 55 -50.79 -11.92 -21.35
CA HIS J 55 -50.96 -13.11 -22.19
C HIS J 55 -52.37 -13.16 -22.78
N ASP J 56 -52.51 -13.71 -23.99
CA ASP J 56 -53.85 -13.93 -24.58
C ASP J 56 -54.64 -14.96 -23.78
N LYS J 57 -55.95 -14.81 -23.78
CA LYS J 57 -56.81 -15.79 -23.17
C LYS J 57 -56.77 -17.09 -23.98
N GLU J 58 -57.24 -18.18 -23.38
CA GLU J 58 -57.39 -19.48 -24.06
C GLU J 58 -58.21 -19.42 -25.36
N SER J 59 -58.02 -20.44 -26.20
CA SER J 59 -58.59 -20.53 -27.56
C SER J 59 -60.06 -20.16 -27.72
N GLY J 60 -60.93 -20.79 -26.93
CA GLY J 60 -62.38 -20.57 -27.01
C GLY J 60 -62.85 -19.17 -26.66
N SER J 61 -61.99 -18.40 -25.99
CA SER J 61 -62.37 -17.09 -25.46
C SER J 61 -62.58 -16.00 -26.52
N SER J 62 -63.49 -15.08 -26.21
CA SER J 62 -63.73 -13.93 -27.06
C SER J 62 -63.34 -12.64 -26.34
N ILE J 63 -62.53 -12.75 -25.30
CA ILE J 63 -61.90 -11.57 -24.70
C ILE J 63 -60.61 -11.32 -25.46
N LYS J 64 -60.51 -10.14 -26.07
CA LYS J 64 -59.30 -9.76 -26.79
C LYS J 64 -58.45 -8.85 -25.90
N VAL J 65 -57.33 -9.39 -25.46
CA VAL J 65 -56.47 -8.79 -24.45
C VAL J 65 -55.85 -7.42 -24.90
N GLU J 66 -55.67 -7.24 -26.20
CA GLU J 66 -55.22 -5.96 -26.74
C GLU J 66 -56.31 -4.88 -26.77
N GLU J 67 -57.55 -5.28 -26.54
CA GLU J 67 -58.69 -4.35 -26.51
C GLU J 67 -59.19 -4.10 -25.09
N THR J 68 -59.33 -5.19 -24.33
CA THR J 68 -59.73 -5.12 -22.92
C THR J 68 -58.74 -5.94 -22.10
N PRO J 69 -57.61 -5.36 -21.70
CA PRO J 69 -56.67 -6.10 -20.88
C PRO J 69 -57.20 -6.24 -19.46
N ASP J 70 -56.66 -7.19 -18.70
CA ASP J 70 -56.93 -7.27 -17.27
C ASP J 70 -56.40 -6.01 -16.60
N ALA J 71 -57.17 -5.47 -15.64
CA ALA J 71 -56.73 -4.31 -14.88
C ALA J 71 -55.36 -4.58 -14.29
N ASP J 72 -55.14 -5.85 -13.96
CA ASP J 72 -53.88 -6.46 -13.54
C ASP J 72 -52.59 -6.08 -14.27
N THR J 73 -52.74 -5.65 -15.53
CA THR J 73 -51.59 -5.45 -16.39
C THR J 73 -51.46 -4.01 -16.85
N THR J 74 -52.01 -3.07 -16.10
CA THR J 74 -51.85 -1.67 -16.42
C THR J 74 -51.50 -0.84 -15.20
N VAL J 75 -50.73 0.21 -15.44
CA VAL J 75 -50.28 1.13 -14.40
C VAL J 75 -51.22 2.33 -14.37
N CYS J 76 -51.62 2.75 -13.19
CA CYS J 76 -52.42 3.95 -13.06
C CYS J 76 -51.61 5.01 -12.33
N TYR J 77 -51.97 6.27 -12.53
CA TYR J 77 -51.32 7.37 -11.83
C TYR J 77 -51.48 7.18 -10.33
N SER J 78 -50.39 7.41 -9.61
CA SER J 78 -50.37 7.37 -8.16
C SER J 78 -50.74 8.75 -7.62
N LEU J 79 -51.36 8.77 -6.45
CA LEU J 79 -51.81 10.01 -5.81
C LEU J 79 -51.33 10.17 -4.38
N ALA J 80 -51.04 11.42 -4.02
CA ALA J 80 -50.76 11.80 -2.64
C ALA J 80 -51.12 13.26 -2.44
N GLU J 81 -51.63 13.59 -1.26
CA GLU J 81 -51.98 14.96 -0.91
C GLU J 81 -51.18 15.38 0.33
N ILE J 82 -50.76 16.64 0.35
CA ILE J 82 -50.07 17.18 1.51
C ILE J 82 -50.77 18.45 1.95
N ALA J 83 -51.16 18.48 3.21
CA ALA J 83 -51.75 19.67 3.82
C ALA J 83 -50.77 20.20 4.84
N PRO J 84 -50.01 21.26 4.47
CA PRO J 84 -49.08 21.89 5.40
C PRO J 84 -49.83 22.48 6.61
N PRO J 85 -49.12 22.78 7.72
CA PRO J 85 -49.78 23.26 8.94
C PRO J 85 -50.60 24.52 8.72
N ASP J 86 -51.64 24.70 9.53
CA ASP J 86 -52.47 25.91 9.48
C ASP J 86 -51.68 27.18 9.72
N ILE J 87 -52.12 28.26 9.09
CA ILE J 87 -51.46 29.55 9.23
C ILE J 87 -52.20 30.44 10.23
N PRO J 88 -51.71 30.45 11.49
CA PRO J 88 -52.45 31.06 12.58
C PRO J 88 -53.12 32.37 12.19
N ASN J 89 -52.31 33.39 11.90
CA ASN J 89 -52.79 34.77 11.87
C ASN J 89 -53.83 35.05 10.79
N GLN J 90 -53.56 34.60 9.57
CA GLN J 90 -54.34 34.96 8.38
C GLN J 90 -54.36 36.47 8.10
N ASP J 95 -54.09 40.82 4.67
CA ASP J 95 -54.34 39.93 3.54
C ASP J 95 -54.21 38.45 3.91
N MET J 96 -54.25 37.58 2.91
CA MET J 96 -54.20 36.14 3.15
C MET J 96 -52.83 35.55 2.78
N LYS J 97 -52.23 34.88 3.74
CA LYS J 97 -51.01 34.12 3.50
C LYS J 97 -51.35 32.70 3.10
N VAL J 98 -50.60 32.16 2.14
CA VAL J 98 -50.84 30.83 1.59
C VAL J 98 -49.51 30.06 1.38
N TRP J 99 -49.56 28.73 1.51
CA TRP J 99 -48.35 27.92 1.32
C TRP J 99 -47.95 27.84 -0.14
N GLU J 100 -46.65 28.03 -0.39
CA GLU J 100 -46.09 28.02 -1.74
C GLU J 100 -44.95 27.01 -1.87
N LEU J 101 -45.15 26.02 -2.71
CA LEU J 101 -44.12 25.04 -3.04
C LEU J 101 -43.16 25.70 -4.01
N TYR J 102 -41.92 25.96 -3.57
CA TYR J 102 -40.98 26.70 -4.39
C TYR J 102 -39.84 25.85 -4.95
N ARG J 103 -39.57 24.71 -4.31
CA ARG J 103 -38.62 23.72 -4.84
C ARG J 103 -38.91 22.35 -4.27
N MET J 104 -38.37 21.33 -4.94
CA MET J 104 -38.52 19.98 -4.47
C MET J 104 -37.38 19.11 -4.95
N GLU J 105 -37.19 17.99 -4.28
CA GLU J 105 -36.42 16.94 -4.88
C GLU J 105 -37.32 15.72 -5.05
N THR J 106 -37.13 15.02 -6.15
CA THR J 106 -37.82 13.77 -6.40
C THR J 106 -36.83 12.77 -6.96
N GLU J 107 -36.99 11.52 -6.55
CA GLU J 107 -35.95 10.53 -6.76
C GLU J 107 -36.63 9.18 -6.82
N LEU J 108 -36.17 8.32 -7.72
CA LEU J 108 -36.77 7.01 -7.87
C LEU J 108 -36.08 5.97 -7.02
N LEU J 109 -36.88 5.09 -6.42
CA LEU J 109 -36.39 4.02 -5.58
C LEU J 109 -36.31 2.74 -6.40
N VAL J 110 -35.09 2.29 -6.62
CA VAL J 110 -34.82 1.36 -7.71
C VAL J 110 -33.62 0.47 -7.38
N VAL J 111 -33.70 -0.79 -7.80
CA VAL J 111 -32.55 -1.71 -7.74
C VAL J 111 -32.41 -2.41 -9.08
N PRO J 112 -31.18 -2.79 -9.46
CA PRO J 112 -31.03 -3.55 -10.69
C PRO J 112 -31.70 -4.92 -10.55
N LEU J 113 -32.43 -5.34 -11.56
CA LEU J 113 -33.05 -6.67 -11.56
C LEU J 113 -32.24 -7.63 -12.39
N VAL J 114 -31.67 -8.65 -11.72
CA VAL J 114 -30.84 -9.65 -12.40
C VAL J 114 -31.32 -11.08 -12.06
N ASN J 115 -30.86 -11.63 -10.94
CA ASN J 115 -31.24 -12.99 -10.53
C ASN J 115 -32.75 -13.23 -10.46
N ALA J 116 -33.48 -12.23 -9.95
CA ALA J 116 -34.91 -12.38 -9.74
C ALA J 116 -35.69 -12.63 -11.02
N LEU J 117 -35.09 -12.30 -12.16
CA LEU J 117 -35.75 -12.45 -13.46
C LEU J 117 -35.61 -13.84 -14.07
N GLY J 118 -34.68 -14.63 -13.52
CA GLY J 118 -34.44 -15.98 -14.00
C GLY J 118 -33.59 -16.03 -15.24
N ASN J 119 -33.52 -17.21 -15.85
CA ASN J 119 -32.67 -17.45 -17.02
C ASN J 119 -33.20 -18.60 -17.86
N THR J 120 -32.85 -18.62 -19.14
CA THR J 120 -33.21 -19.70 -20.04
C THR J 120 -31.89 -20.35 -20.44
N ASN J 121 -31.63 -21.53 -19.87
CA ASN J 121 -30.38 -22.27 -20.12
C ASN J 121 -29.10 -21.47 -19.85
N GLY J 122 -29.09 -20.71 -18.76
CA GLY J 122 -27.96 -19.85 -18.45
C GLY J 122 -27.99 -18.47 -19.08
N VAL J 123 -28.93 -18.19 -20.00
CA VAL J 123 -29.07 -16.86 -20.59
C VAL J 123 -29.91 -16.01 -19.66
N VAL J 124 -29.28 -15.00 -19.06
CA VAL J 124 -29.91 -14.12 -18.08
C VAL J 124 -31.02 -13.26 -18.71
N HIS J 125 -32.18 -13.22 -18.05
CA HIS J 125 -33.29 -12.39 -18.47
C HIS J 125 -33.09 -10.95 -17.97
N GLY J 126 -33.69 -10.00 -18.68
CA GLY J 126 -33.57 -8.59 -18.31
C GLY J 126 -34.86 -7.80 -18.36
N LEU J 127 -34.89 -6.68 -17.63
CA LEU J 127 -36.00 -5.77 -17.68
C LEU J 127 -35.81 -4.78 -18.81
N ALA J 128 -36.75 -4.71 -19.72
CA ALA J 128 -36.67 -3.83 -20.89
C ALA J 128 -38.05 -3.61 -21.47
N GLY J 129 -38.20 -2.55 -22.27
CA GLY J 129 -39.46 -2.26 -22.95
C GLY J 129 -39.90 -0.80 -22.85
N THR J 130 -41.20 -0.60 -23.05
CA THR J 130 -41.78 0.72 -23.10
C THR J 130 -41.87 1.32 -21.69
N GLN J 131 -41.50 2.59 -21.58
CA GLN J 131 -41.32 3.23 -20.28
C GLN J 131 -42.08 4.55 -20.19
N LEU J 132 -42.42 4.91 -18.96
CA LEU J 132 -42.95 6.23 -18.63
C LEU J 132 -42.27 6.73 -17.35
N TYR J 133 -41.91 8.01 -17.34
CA TYR J 133 -41.38 8.65 -16.14
C TYR J 133 -42.13 9.95 -15.98
N PHE J 134 -43.02 10.01 -15.00
CA PHE J 134 -43.88 11.17 -14.87
C PHE J 134 -44.08 11.62 -13.42
N TRP J 135 -43.98 12.93 -13.21
CA TRP J 135 -44.44 13.55 -11.98
C TRP J 135 -45.18 14.85 -12.23
N ALA J 136 -46.09 15.17 -11.31
CA ALA J 136 -46.88 16.39 -11.31
C ALA J 136 -47.08 16.86 -9.90
N VAL J 137 -47.12 18.18 -9.75
CA VAL J 137 -47.13 18.79 -8.45
C VAL J 137 -48.00 20.05 -8.60
N GLY J 138 -49.13 20.11 -7.88
CA GLY J 138 -50.10 21.19 -8.09
C GLY J 138 -51.00 21.55 -6.92
N GLY J 139 -51.60 22.73 -6.97
CA GLY J 139 -52.56 23.19 -5.95
C GLY J 139 -53.98 22.66 -6.11
N GLN J 140 -54.16 21.77 -7.08
CA GLN J 140 -55.45 21.14 -7.40
C GLN J 140 -55.10 19.83 -8.12
N PRO J 141 -56.08 18.92 -8.30
CA PRO J 141 -55.73 17.67 -8.98
C PRO J 141 -55.24 17.87 -10.41
N LEU J 142 -54.52 16.87 -10.93
CA LEU J 142 -53.97 16.95 -12.29
C LEU J 142 -55.09 16.91 -13.33
N ASP J 143 -55.07 17.88 -14.24
CA ASP J 143 -55.99 17.88 -15.37
C ASP J 143 -55.47 16.93 -16.42
N VAL J 144 -56.34 16.04 -16.85
CA VAL J 144 -55.92 14.97 -17.72
C VAL J 144 -56.88 14.87 -18.92
N VAL J 145 -56.38 14.27 -20.00
CA VAL J 145 -57.12 14.20 -21.25
C VAL J 145 -57.24 12.75 -21.72
N GLY J 146 -58.45 12.34 -22.08
CA GLY J 146 -58.74 10.94 -22.40
C GLY J 146 -58.47 10.59 -23.85
N VAL J 147 -57.78 9.49 -24.05
CA VAL J 147 -57.23 9.16 -25.35
C VAL J 147 -57.24 7.65 -25.57
N THR J 148 -57.27 7.23 -26.84
CA THR J 148 -57.07 5.82 -27.15
C THR J 148 -55.84 5.58 -28.02
N PRO J 149 -55.05 4.54 -27.72
CA PRO J 149 -53.85 4.22 -28.51
C PRO J 149 -54.18 3.57 -29.83
N THR J 150 -55.39 3.04 -29.95
CA THR J 150 -55.82 2.21 -31.06
C THR J 150 -57.26 2.56 -31.37
N ASP J 151 -57.72 2.24 -32.58
CA ASP J 151 -59.13 2.38 -32.92
C ASP J 151 -60.06 1.35 -32.21
N LYS J 152 -59.46 0.44 -31.45
CA LYS J 152 -60.19 -0.66 -30.83
C LYS J 152 -59.95 -0.83 -29.33
N TYR J 153 -59.19 0.08 -28.72
CA TYR J 153 -58.82 -0.07 -27.32
C TYR J 153 -59.86 0.51 -26.38
N LYS J 154 -60.42 -0.37 -25.54
CA LYS J 154 -61.48 0.02 -24.60
C LYS J 154 -60.97 0.20 -23.18
N GLY J 155 -59.88 -0.50 -22.85
CA GLY J 155 -59.40 -0.55 -21.48
C GLY J 155 -59.97 -1.73 -20.71
N PRO J 156 -59.53 -1.92 -19.46
CA PRO J 156 -60.05 -3.00 -18.63
C PRO J 156 -61.54 -2.85 -18.30
N THR J 157 -62.25 -3.97 -18.24
CA THR J 157 -63.70 -3.96 -17.97
C THR J 157 -64.02 -3.76 -16.48
N THR J 158 -63.00 -3.75 -15.62
CA THR J 158 -63.17 -3.33 -14.23
C THR J 158 -62.04 -2.38 -13.77
N TYR J 159 -62.24 -1.81 -12.58
CA TYR J 159 -61.28 -0.96 -11.89
C TYR J 159 -61.04 0.41 -12.56
N THR J 160 -60.47 0.39 -13.76
CA THR J 160 -60.08 1.63 -14.42
C THR J 160 -61.27 2.50 -14.83
N ILE J 161 -61.10 3.80 -14.68
CA ILE J 161 -62.02 4.75 -15.29
C ILE J 161 -61.51 4.95 -16.72
N ASN J 162 -62.25 4.40 -17.69
CA ASN J 162 -61.86 4.46 -19.08
C ASN J 162 -62.41 5.71 -19.73
N PRO J 163 -61.69 6.26 -20.73
CA PRO J 163 -62.20 7.44 -21.42
C PRO J 163 -63.55 7.17 -22.06
N PRO J 164 -64.55 8.00 -21.76
CA PRO J 164 -65.86 7.89 -22.41
C PRO J 164 -65.77 8.28 -23.88
N GLY J 165 -66.42 7.50 -24.75
CA GLY J 165 -66.46 7.79 -26.18
C GLY J 165 -66.14 6.57 -27.02
N ASP J 166 -66.44 6.64 -28.30
CA ASP J 166 -66.05 5.58 -29.22
C ASP J 166 -64.54 5.58 -29.46
N PRO J 167 -63.88 4.44 -29.20
CA PRO J 167 -62.43 4.30 -29.37
C PRO J 167 -61.95 4.69 -30.77
N ARG J 168 -62.83 4.58 -31.77
CA ARG J 168 -62.49 4.95 -33.13
C ARG J 168 -62.30 6.45 -33.31
N THR J 169 -62.80 7.24 -32.35
CA THR J 169 -62.74 8.70 -32.45
C THR J 169 -61.84 9.34 -31.39
N LEU J 170 -61.20 8.54 -30.56
CA LEU J 170 -60.43 9.07 -29.43
C LEU J 170 -58.92 8.94 -29.58
N HIS J 171 -58.46 8.38 -30.70
CA HIS J 171 -57.02 8.24 -30.92
C HIS J 171 -56.36 9.53 -31.43
N VAL J 172 -57.12 10.61 -31.42
CA VAL J 172 -56.65 11.91 -31.83
C VAL J 172 -57.33 12.90 -30.90
N TYR J 173 -56.68 14.02 -30.59
CA TYR J 173 -57.34 15.07 -29.81
C TYR J 173 -58.37 15.81 -30.65
N ASN J 174 -59.63 15.77 -30.25
CA ASN J 174 -60.71 16.44 -30.99
C ASN J 174 -61.77 16.92 -30.00
N SER J 175 -62.84 17.51 -30.51
CA SER J 175 -63.92 18.01 -29.67
C SER J 175 -64.59 16.94 -28.80
N ASN J 176 -64.56 15.69 -29.26
CA ASN J 176 -65.10 14.57 -28.48
C ASN J 176 -64.17 14.05 -27.36
N THR J 177 -62.97 14.61 -27.26
CA THR J 177 -61.97 14.21 -26.24
C THR J 177 -62.43 14.53 -24.80
N PRO J 178 -62.60 13.49 -23.98
CA PRO J 178 -63.07 13.74 -22.62
C PRO J 178 -61.97 14.29 -21.72
N LYS J 179 -62.36 15.17 -20.79
CA LYS J 179 -61.44 15.73 -19.80
C LYS J 179 -61.81 15.14 -18.46
N ALA J 180 -60.84 15.10 -17.55
CA ALA J 180 -61.04 14.55 -16.21
C ALA J 180 -59.94 15.05 -15.30
N LYS J 181 -60.16 14.92 -13.99
CA LYS J 181 -59.18 15.27 -12.98
C LYS J 181 -58.76 14.00 -12.24
N VAL J 182 -57.45 13.83 -12.04
CA VAL J 182 -56.99 12.63 -11.38
C VAL J 182 -57.26 12.73 -9.88
N THR J 183 -58.44 12.23 -9.49
CA THR J 183 -58.94 12.33 -8.11
C THR J 183 -59.00 10.96 -7.43
N SER J 184 -58.69 9.91 -8.19
CA SER J 184 -58.51 8.57 -7.67
C SER J 184 -57.34 7.87 -8.36
N GLU J 185 -56.96 6.70 -7.85
CA GLU J 185 -55.86 5.94 -8.41
C GLU J 185 -56.39 4.90 -9.42
N ARG J 186 -57.28 5.35 -10.29
CA ARG J 186 -57.95 4.48 -11.26
C ARG J 186 -57.81 4.95 -12.70
N TYR J 187 -56.92 5.92 -12.92
CA TYR J 187 -56.64 6.45 -14.26
C TYR J 187 -55.44 5.75 -14.91
N SER J 188 -55.72 4.86 -15.85
CA SER J 188 -54.66 4.13 -16.54
C SER J 188 -53.79 5.07 -17.38
N VAL J 189 -52.50 4.88 -17.21
CA VAL J 189 -51.47 5.66 -17.84
C VAL J 189 -51.45 5.47 -19.38
N GLU J 190 -52.12 4.41 -19.84
CA GLU J 190 -52.23 4.09 -21.24
C GLU J 190 -53.44 4.76 -21.90
N SER J 191 -54.28 5.42 -21.09
CA SER J 191 -55.52 6.02 -21.59
C SER J 191 -55.67 7.52 -21.31
N TRP J 192 -54.89 8.04 -20.37
CA TRP J 192 -55.03 9.43 -19.96
C TRP J 192 -53.68 10.11 -19.95
N ALA J 193 -53.61 11.26 -20.61
CA ALA J 193 -52.39 12.06 -20.64
C ALA J 193 -52.65 13.41 -20.03
N PRO J 194 -51.61 14.05 -19.45
CA PRO J 194 -51.76 15.39 -18.88
C PRO J 194 -52.26 16.36 -19.92
N ASP J 195 -53.15 17.26 -19.50
CA ASP J 195 -53.76 18.24 -20.39
C ASP J 195 -52.92 19.53 -20.41
N PRO J 196 -52.18 19.76 -21.51
CA PRO J 196 -51.34 20.96 -21.59
C PRO J 196 -52.13 22.25 -21.71
N SER J 197 -53.42 22.16 -22.03
CA SER J 197 -54.27 23.36 -22.15
C SER J 197 -54.78 23.84 -20.79
N ARG J 198 -54.69 22.96 -19.80
CA ARG J 198 -55.05 23.29 -18.43
C ARG J 198 -53.84 23.17 -17.52
N ASN J 199 -54.01 22.61 -16.34
CA ASN J 199 -52.93 22.48 -15.35
C ASN J 199 -52.20 23.78 -15.01
N ASP J 200 -52.94 24.88 -14.89
CA ASP J 200 -52.42 26.09 -14.26
C ASP J 200 -52.06 25.78 -12.82
N ASN J 201 -51.10 26.55 -12.28
CA ASN J 201 -50.68 26.39 -10.89
C ASN J 201 -50.24 24.93 -10.65
N CYS J 202 -49.42 24.42 -11.57
CA CYS J 202 -49.01 23.03 -11.59
C CYS J 202 -47.75 22.89 -12.45
N ARG J 203 -46.79 22.11 -11.97
CA ARG J 203 -45.66 21.67 -12.81
C ARG J 203 -45.68 20.18 -12.98
N TYR J 204 -45.56 19.77 -14.23
CA TYR J 204 -45.43 18.36 -14.52
C TYR J 204 -44.33 18.15 -15.57
N PHE J 205 -43.85 16.91 -15.63
CA PHE J 205 -42.83 16.52 -16.59
C PHE J 205 -42.99 15.04 -16.86
N GLY J 206 -42.96 14.70 -18.14
CA GLY J 206 -43.12 13.33 -18.57
C GLY J 206 -42.12 12.95 -19.65
N ARG J 207 -41.67 11.70 -19.61
CA ARG J 207 -40.87 11.15 -20.69
C ARG J 207 -41.46 9.78 -21.03
N VAL J 208 -41.78 9.58 -22.30
CA VAL J 208 -42.21 8.26 -22.82
C VAL J 208 -41.13 7.67 -23.72
N VAL J 209 -40.78 6.41 -23.48
CA VAL J 209 -39.84 5.66 -24.32
C VAL J 209 -40.60 4.45 -24.84
N GLY J 210 -40.64 4.30 -26.16
CA GLY J 210 -41.28 3.16 -26.81
C GLY J 210 -40.37 1.96 -26.94
N GLY J 211 -40.71 1.03 -27.83
CA GLY J 211 -39.91 -0.16 -28.06
C GLY J 211 -40.28 -1.30 -27.13
N ALA J 212 -40.15 -2.53 -27.62
CA ALA J 212 -40.44 -3.72 -26.83
C ALA J 212 -39.26 -4.12 -25.95
N ALA J 213 -38.04 -3.77 -26.35
CA ALA J 213 -36.83 -4.27 -25.66
C ALA J 213 -35.90 -3.13 -25.19
N THR J 214 -36.45 -1.95 -24.99
CA THR J 214 -35.63 -0.78 -24.68
C THR J 214 -35.18 -0.79 -23.24
N PRO J 215 -33.86 -0.75 -23.01
CA PRO J 215 -33.38 -0.73 -21.64
C PRO J 215 -33.78 0.56 -20.92
N PRO J 216 -34.26 0.46 -19.66
CA PRO J 216 -34.50 1.67 -18.85
C PRO J 216 -33.19 2.16 -18.24
N VAL J 217 -33.05 3.49 -18.13
CA VAL J 217 -31.89 4.11 -17.48
C VAL J 217 -32.39 5.05 -16.41
N VAL J 218 -32.08 4.78 -15.15
CA VAL J 218 -32.54 5.60 -14.06
C VAL J 218 -31.36 6.07 -13.23
N SER J 219 -31.27 7.38 -13.00
CA SER J 219 -30.30 7.94 -12.07
C SER J 219 -30.98 8.41 -10.78
N TYR J 220 -30.24 8.34 -9.67
CA TYR J 220 -30.70 8.88 -8.39
C TYR J 220 -29.54 9.34 -7.55
N GLY J 221 -29.82 10.25 -6.63
CA GLY J 221 -28.80 10.85 -5.78
C GLY J 221 -29.50 11.73 -4.78
N ASN J 222 -28.74 12.45 -3.97
CA ASN J 222 -29.32 13.19 -2.87
C ASN J 222 -28.79 14.61 -2.77
N ASN J 223 -28.29 15.14 -3.87
CA ASN J 223 -27.78 16.51 -3.88
C ASN J 223 -28.24 17.30 -5.10
N SER J 224 -29.52 17.15 -5.43
CA SER J 224 -30.04 17.73 -6.64
C SER J 224 -31.48 18.15 -6.43
N THR J 225 -31.77 19.41 -6.73
CA THR J 225 -33.10 19.96 -6.53
C THR J 225 -33.74 20.43 -7.83
N ILE J 226 -35.06 20.42 -7.87
CA ILE J 226 -35.82 20.94 -8.99
C ILE J 226 -36.51 22.23 -8.57
N PRO J 227 -36.15 23.38 -9.19
CA PRO J 227 -36.87 24.62 -8.90
C PRO J 227 -38.25 24.59 -9.57
N LEU J 228 -39.21 25.24 -8.96
CA LEU J 228 -40.60 25.15 -9.39
C LEU J 228 -41.25 26.51 -9.63
N LEU J 229 -40.43 27.56 -9.68
CA LEU J 229 -40.91 28.91 -9.96
C LEU J 229 -41.21 29.04 -11.44
N ASP J 230 -42.29 29.75 -11.76
CA ASP J 230 -42.59 30.09 -13.15
C ASP J 230 -41.85 31.36 -13.59
N GLU J 231 -42.16 31.84 -14.79
CA GLU J 231 -41.55 33.06 -15.34
C GLU J 231 -41.62 34.28 -14.40
N ASN J 232 -42.60 34.29 -13.50
CA ASN J 232 -42.77 35.39 -12.54
C ASN J 232 -42.11 35.18 -11.17
N GLY J 233 -41.52 34.01 -10.96
CA GLY J 233 -40.90 33.68 -9.66
C GLY J 233 -41.90 33.15 -8.65
N ILE J 234 -42.98 32.55 -9.17
CA ILE J 234 -44.06 32.02 -8.36
C ILE J 234 -44.11 30.51 -8.49
N GLY J 235 -44.11 29.84 -7.34
CA GLY J 235 -44.19 28.38 -7.30
C GLY J 235 -45.63 27.93 -7.32
N ILE J 236 -45.88 26.72 -6.83
CA ILE J 236 -47.22 26.18 -6.70
C ILE J 236 -47.89 26.72 -5.43
N LEU J 237 -49.06 27.33 -5.58
CA LEU J 237 -49.80 27.93 -4.47
C LEU J 237 -50.88 26.98 -4.00
N CYS J 238 -50.90 26.71 -2.70
CA CYS J 238 -51.91 25.82 -2.12
C CYS J 238 -53.15 26.63 -1.71
N LEU J 239 -53.92 27.06 -2.69
CA LEU J 239 -55.03 28.00 -2.47
C LEU J 239 -56.14 27.42 -1.60
N GLN J 240 -56.28 26.09 -1.62
CA GLN J 240 -57.22 25.39 -0.74
C GLN J 240 -56.45 24.62 0.34
N GLY J 241 -55.23 25.08 0.65
CA GLY J 241 -54.39 24.51 1.71
C GLY J 241 -53.81 23.13 1.44
N ARG J 242 -53.90 22.67 0.20
CA ARG J 242 -53.41 21.33 -0.17
C ARG J 242 -52.45 21.36 -1.35
N LEU J 243 -51.46 20.47 -1.31
CA LEU J 243 -50.65 20.19 -2.48
C LEU J 243 -50.95 18.79 -3.02
N TYR J 244 -51.24 18.73 -4.33
CA TYR J 244 -51.55 17.47 -4.98
C TYR J 244 -50.34 16.93 -5.71
N ILE J 245 -49.93 15.73 -5.32
CA ILE J 245 -48.86 15.04 -6.02
C ILE J 245 -49.50 13.91 -6.81
N THR J 246 -49.16 13.86 -8.08
CA THR J 246 -49.62 12.76 -8.90
C THR J 246 -48.46 12.34 -9.78
N CYS J 247 -48.25 11.04 -9.92
CA CYS J 247 -47.05 10.52 -10.59
C CYS J 247 -47.21 9.08 -11.07
N ALA J 248 -46.34 8.68 -12.00
CA ALA J 248 -46.34 7.32 -12.53
C ALA J 248 -45.04 7.02 -13.24
N ASP J 249 -44.58 5.80 -13.08
CA ASP J 249 -43.28 5.38 -13.59
C ASP J 249 -43.36 3.92 -14.00
N MET J 250 -42.83 3.64 -15.18
CA MET J 250 -42.86 2.30 -15.73
C MET J 250 -41.50 2.01 -16.37
N LEU J 251 -40.89 0.89 -16.01
CA LEU J 251 -39.52 0.62 -16.42
C LEU J 251 -39.44 -0.29 -17.63
N GLY J 252 -40.54 -0.93 -18.00
CA GLY J 252 -40.53 -1.95 -19.06
C GLY J 252 -41.20 -3.23 -18.57
N THR J 253 -41.00 -4.32 -19.31
CA THR J 253 -41.49 -5.63 -18.88
C THR J 253 -40.36 -6.63 -18.68
N ALA J 254 -40.64 -7.66 -17.88
CA ALA J 254 -39.76 -8.81 -17.70
C ALA J 254 -40.64 -10.03 -17.52
N ASN J 255 -40.43 -11.03 -18.37
CA ASN J 255 -41.24 -12.26 -18.33
C ASN J 255 -42.72 -11.92 -18.42
N SER J 256 -43.04 -10.99 -19.31
CA SER J 256 -44.41 -10.58 -19.63
C SER J 256 -45.08 -9.75 -18.55
N ARG J 257 -44.37 -9.44 -17.47
CA ARG J 257 -44.94 -8.58 -16.42
C ARG J 257 -44.28 -7.19 -16.43
N ILE J 258 -45.11 -6.15 -16.30
CA ILE J 258 -44.62 -4.79 -16.23
C ILE J 258 -43.96 -4.54 -14.87
N HIS J 259 -42.80 -3.89 -14.88
CA HIS J 259 -42.18 -3.43 -13.65
C HIS J 259 -42.20 -1.92 -13.49
N THR J 260 -42.03 -1.51 -12.23
CA THR J 260 -42.17 -0.14 -11.79
C THR J 260 -41.05 0.09 -10.77
N PRO J 261 -40.66 1.36 -10.52
CA PRO J 261 -39.81 1.57 -9.34
C PRO J 261 -40.55 1.13 -8.09
N MET J 262 -39.83 0.78 -7.03
CA MET J 262 -40.48 0.43 -5.75
C MET J 262 -41.26 1.60 -5.15
N ALA J 263 -40.83 2.82 -5.49
CA ALA J 263 -41.49 4.05 -5.06
C ALA J 263 -40.89 5.27 -5.75
N ARG J 264 -41.64 6.37 -5.68
CA ARG J 264 -41.12 7.67 -6.06
C ARG J 264 -41.07 8.56 -4.82
N PHE J 265 -39.86 8.98 -4.46
CA PHE J 265 -39.63 9.80 -3.30
C PHE J 265 -39.79 11.28 -3.64
N PHE J 266 -40.39 12.03 -2.73
CA PHE J 266 -40.48 13.48 -2.83
C PHE J 266 -40.05 14.14 -1.52
N ARG J 267 -39.31 15.24 -1.64
CA ARG J 267 -39.13 16.16 -0.53
C ARG J 267 -39.62 17.52 -1.00
N LEU J 268 -40.58 18.08 -0.28
CA LEU J 268 -41.26 19.30 -0.69
C LEU J 268 -40.87 20.46 0.20
N HIS J 269 -40.54 21.60 -0.41
CA HIS J 269 -40.14 22.79 0.32
C HIS J 269 -41.16 23.88 0.14
N PHE J 270 -41.84 24.25 1.23
CA PHE J 270 -42.83 25.30 1.22
C PHE J 270 -42.34 26.57 1.94
N ARG J 271 -42.64 27.71 1.33
CA ARG J 271 -42.58 28.99 2.01
C ARG J 271 -43.99 29.58 2.02
N GLN J 272 -44.16 30.78 2.56
CA GLN J 272 -45.46 31.42 2.56
C GLN J 272 -45.53 32.56 1.53
N ARG J 273 -46.69 32.67 0.87
CA ARG J 273 -46.91 33.69 -0.14
C ARG J 273 -48.14 34.51 0.20
N ARG J 274 -48.06 35.83 0.00
CA ARG J 274 -49.21 36.70 0.22
C ARG J 274 -50.14 36.72 -0.98
N VAL J 275 -51.44 36.62 -0.70
CA VAL J 275 -52.49 36.58 -1.71
C VAL J 275 -53.66 37.49 -1.30
N LYS J 276 -54.10 38.36 -2.22
CA LYS J 276 -55.30 39.18 -2.00
C LYS J 276 -56.50 38.53 -2.69
N ASN J 277 -57.57 38.30 -1.92
CA ASN J 277 -58.73 37.46 -2.32
C ASN J 277 -58.39 35.97 -2.49
#